data_6ESQ
#
_entry.id   6ESQ
#
_cell.length_a   107.603
_cell.length_b   145.176
_cell.length_c   230.891
_cell.angle_alpha   90.00
_cell.angle_beta   90.00
_cell.angle_gamma   90.00
#
_symmetry.space_group_name_H-M   'P 21 21 21'
#
loop_
_entity.id
_entity.type
_entity.pdbx_description
1 polymer 'acetoacetyl-CoA thiolase'
2 polymer 'Pfam DUF35'
3 polymer 'HydroxyMethylGlutaryl-CoA synthase'
4 non-polymer 'COENZYME A'
5 non-polymer 'POTASSIUM ION'
6 non-polymer 'ZINC ION'
7 non-polymer 'CHLORIDE ION'
8 non-polymer 'SODIUM ION'
9 water water
#
loop_
_entity_poly.entity_id
_entity_poly.type
_entity_poly.pdbx_seq_one_letter_code
_entity_poly.pdbx_strand_id
1 'polypeptide(L)'
;MRDVAIIGYGQTKFGELWEDSFRDLIVEAGVKAIKDANVDGGDIDAMYIGNMSGGLFVGQEHIASLIADHAGLNPVPCTR
VEAACASGSLALRSAVLSVASGHHDVVLAGGVEKMTDVEDATAAIASASDQEWEAFFGATFPSLYAMMARRYMYQYGLTI
EELSMWSVIAHENATKNKYAQFGFKTTLEQVMNASPVADPLTLMHCSPVSDGASALIVCDADKAEEFAPKDEIIYIKAST
QASDTIALHDREDMTTLNAAKVASEKAYKLAKIAPEKIDVAEVHDCFAINGLILVEDLGFCKKGDAGKVIDEGKIRIDYD
DFVTVNPSGGLKAAGHALGATGIRQVGELYWQLKQDKECKDRQATIKNGYGIAANVGGTGGTVCVHLLSDKR
;
A,B,C,D
2 'polypeptide(L)'
;MVVRSWRHMKERYNLIGTRCKTCGKVYFPSRTVCPDCRRKGELEEFQLSGKGKIYTYSIVYAPPKEFNKLTPYVIAIVEL
EEGPKVTAQVDCDINKISIGIPVEAAFRRIKEDGKDGIISYGYKFVPITE
;
E,F,G,H
3 'polypeptide(L)'
;MKDIGIVGYGSYIPKYRIKVEEIAKVWGKDPEAIKKGLVVNEKSVPSPDEDTATIAVEAARNAVKRAGINAEKIGAVYVG
SESHPYAVKPTSATVAEAIGATPDLTAADLEFACKAGTAGIQMCMGLVGSGLIEYGMAIGADTAQGAPGDALEYTASAGG
AAYIIGNKKDEMIAVFNGTYSYTTDTPDFWRREGQSYPKHGGRFTGEPAYFKHVLNAAKGIMEKMGTTVKDYDYCVFHQP
NGKFYIKAAKSLGFTNEQYKYGLLTPYLGNTYSGAVPLGLSNILDHAEEGARILAVSYGSGAGSDAFDITVTERIKEVVD
KAPKTLDLLNRKKYIDYAVYVKYRGKIKI
;
I,J,K,L
#
loop_
_chem_comp.id
_chem_comp.type
_chem_comp.name
_chem_comp.formula
CL non-polymer 'CHLORIDE ION' 'Cl -1'
COA non-polymer 'COENZYME A' 'C21 H36 N7 O16 P3 S'
K non-polymer 'POTASSIUM ION' 'K 1'
NA non-polymer 'SODIUM ION' 'Na 1'
ZN non-polymer 'ZINC ION' 'Zn 2'
#
# COMPACT_ATOMS: atom_id res chain seq x y z
N MET A 1 20.30 63.54 -14.94
CA MET A 1 19.51 62.67 -15.80
C MET A 1 20.18 62.52 -17.17
N ARG A 2 21.14 61.60 -17.28
CA ARG A 2 21.83 61.35 -18.54
C ARG A 2 20.92 60.61 -19.53
N ASP A 3 21.02 60.95 -20.83
CA ASP A 3 20.28 60.22 -21.85
C ASP A 3 20.88 58.83 -22.04
N VAL A 4 20.03 57.83 -22.23
CA VAL A 4 20.47 56.45 -22.36
C VAL A 4 20.18 55.95 -23.76
N ALA A 5 21.11 55.17 -24.33
CA ALA A 5 20.94 54.55 -25.63
C ALA A 5 21.36 53.09 -25.59
N ILE A 6 21.02 52.33 -26.63
CA ILE A 6 21.38 50.92 -26.71
C ILE A 6 22.43 50.73 -27.80
N ILE A 7 23.59 50.16 -27.43
CA ILE A 7 24.66 49.94 -28.39
C ILE A 7 24.57 48.56 -29.07
N GLY A 8 23.99 47.59 -28.39
CA GLY A 8 23.94 46.21 -28.88
C GLY A 8 22.79 45.38 -28.37
N TYR A 9 22.57 44.22 -29.03
CA TYR A 9 21.51 43.28 -28.68
C TYR A 9 21.88 41.85 -29.14
N GLY A 10 21.81 40.90 -28.21
CA GLY A 10 22.09 39.49 -28.47
C GLY A 10 20.96 38.61 -28.01
N GLN A 11 20.59 37.60 -28.80
CA GLN A 11 19.42 36.78 -28.54
C GLN A 11 19.68 35.32 -28.90
N THR A 12 19.38 34.40 -27.97
CA THR A 12 19.44 32.99 -28.28
C THR A 12 18.21 32.58 -29.09
N LYS A 13 18.23 31.38 -29.63
CA LYS A 13 17.03 30.83 -30.25
C LYS A 13 15.98 30.61 -29.16
N PHE A 14 14.69 30.57 -29.54
CA PHE A 14 13.60 30.45 -28.58
C PHE A 14 12.85 29.12 -28.76
N GLY A 15 12.53 28.47 -27.64
CA GLY A 15 11.70 27.28 -27.65
C GLY A 15 12.34 26.05 -27.03
N GLU A 16 11.76 24.88 -27.29
CA GLU A 16 12.24 23.61 -26.78
C GLU A 16 13.74 23.46 -27.00
N LEU A 17 14.56 24.01 -26.10
CA LEU A 17 16.01 23.87 -26.17
C LEU A 17 16.51 22.82 -25.21
N TRP A 18 16.70 21.59 -25.70
CA TRP A 18 17.11 20.48 -24.84
C TRP A 18 18.62 20.47 -24.70
N GLU A 19 19.34 20.71 -25.80
CA GLU A 19 20.79 20.62 -25.81
C GLU A 19 21.43 21.72 -24.99
N ASP A 20 20.91 22.95 -25.09
CA ASP A 20 21.55 24.11 -24.47
C ASP A 20 21.36 24.09 -22.96
N SER A 21 22.46 24.02 -22.21
CA SER A 21 22.42 24.12 -20.75
C SER A 21 21.99 25.53 -20.36
N PHE A 22 21.59 25.75 -19.10
CA PHE A 22 21.20 27.09 -18.67
C PHE A 22 22.37 28.09 -18.81
N ARG A 23 23.59 27.69 -18.41
CA ARG A 23 24.77 28.54 -18.52
C ARG A 23 25.12 28.83 -19.97
N ASP A 24 24.86 27.90 -20.90
CA ASP A 24 25.12 28.13 -22.31
C ASP A 24 24.16 29.20 -22.87
N LEU A 25 22.92 29.25 -22.35
CA LEU A 25 21.94 30.21 -22.86
C LEU A 25 22.36 31.63 -22.53
N ILE A 26 22.67 31.89 -21.25
CA ILE A 26 23.06 33.23 -20.85
C ILE A 26 24.38 33.66 -21.52
N VAL A 27 25.32 32.73 -21.67
CA VAL A 27 26.57 33.03 -22.37
C VAL A 27 26.25 33.36 -23.81
N GLU A 28 25.49 32.49 -24.48
CA GLU A 28 25.16 32.67 -25.89
C GLU A 28 24.50 34.04 -26.15
N ALA A 29 23.55 34.47 -25.30
CA ALA A 29 22.94 35.80 -25.45
C ALA A 29 23.95 36.89 -25.14
N GLY A 30 24.69 36.71 -24.06
CA GLY A 30 25.64 37.72 -23.58
C GLY A 30 26.76 37.98 -24.55
N VAL A 31 27.37 36.92 -25.08
CA VAL A 31 28.46 37.05 -26.05
C VAL A 31 27.94 37.66 -27.35
N LYS A 32 26.75 37.27 -27.81
CA LYS A 32 26.22 37.84 -29.06
C LYS A 32 25.97 39.33 -28.90
N ALA A 33 25.45 39.73 -27.74
CA ALA A 33 25.19 41.13 -27.45
C ALA A 33 26.50 41.92 -27.38
N ILE A 34 27.53 41.32 -26.79
CA ILE A 34 28.85 41.95 -26.67
C ILE A 34 29.46 42.18 -28.04
N LYS A 35 29.31 41.21 -28.97
CA LYS A 35 29.84 41.35 -30.32
C LYS A 35 29.14 42.49 -31.03
N ASP A 36 27.82 42.53 -30.95
CA ASP A 36 27.07 43.58 -31.62
C ASP A 36 27.43 44.93 -30.99
N ALA A 37 27.52 44.94 -29.67
CA ALA A 37 27.87 46.13 -28.92
C ALA A 37 29.31 46.56 -29.17
N ASN A 38 30.18 45.59 -29.48
CA ASN A 38 31.61 45.84 -29.61
C ASN A 38 32.15 46.46 -28.33
N VAL A 39 31.80 45.88 -27.20
CA VAL A 39 32.43 46.22 -25.92
C VAL A 39 33.13 44.98 -25.39
N ASP A 40 34.16 45.16 -24.55
CA ASP A 40 34.79 44.02 -23.90
C ASP A 40 34.05 43.75 -22.59
N GLY A 41 34.11 42.52 -22.11
CA GLY A 41 33.44 42.15 -20.88
C GLY A 41 33.80 43.07 -19.72
N GLY A 42 35.06 43.51 -19.68
CA GLY A 42 35.54 44.43 -18.66
C GLY A 42 34.90 45.79 -18.71
N ASP A 43 34.33 46.15 -19.86
CA ASP A 43 33.68 47.45 -20.03
C ASP A 43 32.32 47.50 -19.34
N ILE A 44 31.74 46.34 -18.98
CA ILE A 44 30.44 46.30 -18.31
C ILE A 44 30.58 46.64 -16.82
N ASP A 45 29.96 47.75 -16.40
CA ASP A 45 30.05 48.23 -15.02
C ASP A 45 29.14 47.44 -14.09
N ALA A 46 28.03 46.89 -14.64
CA ALA A 46 27.01 46.21 -13.84
C ALA A 46 26.09 45.36 -14.73
N MET A 47 25.47 44.32 -14.17
CA MET A 47 24.48 43.54 -14.92
C MET A 47 23.15 43.60 -14.21
N TYR A 48 22.07 43.75 -15.00
CA TYR A 48 20.72 43.68 -14.45
C TYR A 48 19.91 42.58 -15.13
N ILE A 49 19.52 41.56 -14.37
CA ILE A 49 18.77 40.45 -14.96
C ILE A 49 17.46 40.28 -14.25
N GLY A 50 16.41 40.03 -15.00
CA GLY A 50 15.13 39.71 -14.43
C GLY A 50 14.69 38.31 -14.79
N ASN A 51 14.23 37.53 -13.78
CA ASN A 51 13.72 36.19 -13.98
C ASN A 51 12.50 35.97 -13.13
N MET A 52 11.37 35.67 -13.77
CA MET A 52 10.12 35.35 -13.08
C MET A 52 10.21 33.97 -12.45
N SER A 53 10.68 32.95 -13.22
CA SER A 53 10.74 31.57 -12.73
C SER A 53 11.55 31.45 -11.43
N GLY A 54 12.70 32.10 -11.40
CA GLY A 54 13.58 32.07 -10.24
C GLY A 54 13.96 30.67 -9.82
N GLY A 55 14.33 29.84 -10.78
CA GLY A 55 14.53 28.44 -10.52
C GLY A 55 13.38 27.88 -9.72
N LEU A 56 12.16 28.06 -10.20
CA LEU A 56 11.02 27.31 -9.70
C LEU A 56 11.19 25.91 -10.23
N PHE A 57 11.53 25.83 -11.53
CA PHE A 57 11.92 24.58 -12.18
C PHE A 57 13.22 24.06 -11.58
N VAL A 58 14.24 24.93 -11.55
CA VAL A 58 15.59 24.56 -11.12
C VAL A 58 15.69 24.36 -9.60
N GLY A 59 14.98 25.19 -8.85
CA GLY A 59 15.09 25.22 -7.39
C GLY A 59 16.10 26.24 -6.90
N GLN A 60 16.60 27.08 -7.81
CA GLN A 60 17.74 27.95 -7.57
C GLN A 60 17.33 29.42 -7.45
N GLU A 61 17.58 30.00 -6.27
CA GLU A 61 17.48 31.45 -6.11
C GLU A 61 18.91 32.02 -6.14
N HIS A 62 19.06 33.33 -6.01
CA HIS A 62 20.37 33.96 -6.06
C HIS A 62 21.00 33.69 -7.42
N ILE A 63 20.19 33.82 -8.46
CA ILE A 63 20.58 33.48 -9.81
C ILE A 63 21.61 34.49 -10.30
N ALA A 64 21.50 35.74 -9.86
CA ALA A 64 22.38 36.82 -10.29
C ALA A 64 23.83 36.49 -9.94
N SER A 65 24.08 36.07 -8.71
CA SER A 65 25.44 35.72 -8.29
C SER A 65 25.98 34.62 -9.18
N LEU A 66 25.16 33.59 -9.39
CA LEU A 66 25.50 32.44 -10.22
C LEU A 66 25.89 32.90 -11.61
N ILE A 67 25.07 33.75 -12.21
CA ILE A 67 25.30 34.21 -13.57
C ILE A 67 26.60 35.00 -13.66
N ALA A 68 26.85 35.92 -12.73
CA ALA A 68 28.06 36.72 -12.75
C ALA A 68 29.26 35.81 -12.53
N ASP A 69 29.14 34.86 -11.60
CA ASP A 69 30.22 33.95 -11.29
C ASP A 69 30.61 33.18 -12.56
N HIS A 70 29.62 32.58 -13.24
CA HIS A 70 29.88 31.76 -14.41
C HIS A 70 30.28 32.60 -15.62
N ALA A 71 29.82 33.84 -15.67
CA ALA A 71 30.23 34.75 -16.72
C ALA A 71 31.70 35.14 -16.55
N GLY A 72 32.20 35.03 -15.32
CA GLY A 72 33.57 35.41 -14.99
C GLY A 72 33.74 36.92 -14.89
N LEU A 73 32.67 37.62 -14.46
CA LEU A 73 32.73 39.07 -14.34
C LEU A 73 32.75 39.54 -12.89
N ASN A 74 32.90 38.62 -11.93
CA ASN A 74 33.10 39.05 -10.55
C ASN A 74 34.30 39.99 -10.47
N PRO A 75 34.20 41.10 -9.73
CA PRO A 75 33.21 41.42 -8.70
C PRO A 75 32.17 42.44 -9.15
N VAL A 76 31.89 42.53 -10.46
CA VAL A 76 30.88 43.50 -10.88
C VAL A 76 29.54 43.18 -10.22
N PRO A 77 28.78 44.20 -9.85
CA PRO A 77 27.46 43.96 -9.27
C PRO A 77 26.50 43.37 -10.29
N CYS A 78 25.73 42.36 -9.86
CA CYS A 78 24.66 41.79 -10.68
C CYS A 78 23.40 41.74 -9.85
N THR A 79 22.26 42.15 -10.41
CA THR A 79 21.02 42.21 -9.65
C THR A 79 19.90 41.53 -10.42
N ARG A 80 18.98 40.87 -9.69
CA ARG A 80 17.83 40.21 -10.29
C ARG A 80 16.52 40.94 -10.03
N VAL A 81 15.81 41.26 -11.11
CA VAL A 81 14.53 41.95 -11.05
C VAL A 81 13.38 41.00 -11.42
N GLU A 82 12.23 41.11 -10.74
CA GLU A 82 11.16 40.14 -10.93
C GLU A 82 9.82 40.84 -11.07
N ALA A 83 9.02 40.44 -12.08
CA ALA A 83 7.68 40.97 -12.26
C ALA A 83 6.92 40.06 -13.21
N ALA A 84 7.00 38.76 -13.00
CA ALA A 84 6.34 37.80 -13.87
C ALA A 84 6.83 37.91 -15.32
N CYS A 85 5.91 37.88 -16.30
CA CYS A 85 6.27 37.91 -17.71
C CYS A 85 6.99 39.21 -18.07
N ALA A 86 6.88 40.24 -17.21
CA ALA A 86 7.52 41.52 -17.46
C ALA A 86 8.93 41.66 -16.84
N SER A 87 9.50 40.58 -16.31
CA SER A 87 10.82 40.66 -15.68
C SER A 87 11.91 41.25 -16.60
N GLY A 88 11.83 40.98 -17.89
CA GLY A 88 12.82 41.47 -18.85
C GLY A 88 12.87 42.98 -18.94
N SER A 89 11.73 43.60 -19.31
CA SER A 89 11.63 45.04 -19.43
C SER A 89 12.02 45.70 -18.13
N LEU A 90 11.65 45.09 -17.01
CA LEU A 90 11.95 45.69 -15.72
C LEU A 90 13.46 45.68 -15.47
N ALA A 91 14.15 44.63 -15.93
CA ALA A 91 15.61 44.57 -15.87
C ALA A 91 16.18 45.68 -16.75
N LEU A 92 15.63 45.87 -17.93
CA LEU A 92 16.04 46.95 -18.80
C LEU A 92 15.84 48.31 -18.11
N ARG A 93 14.62 48.57 -17.61
CA ARG A 93 14.30 49.85 -16.97
C ARG A 93 15.24 50.12 -15.80
N SER A 94 15.56 49.08 -14.99
CA SER A 94 16.51 49.24 -13.90
C SER A 94 17.88 49.61 -14.45
N ALA A 95 18.23 49.06 -15.62
CA ALA A 95 19.54 49.32 -16.23
C ALA A 95 19.61 50.75 -16.75
N VAL A 96 18.51 51.20 -17.35
CA VAL A 96 18.37 52.59 -17.78
C VAL A 96 18.53 53.56 -16.60
N LEU A 97 17.89 53.27 -15.48
CA LEU A 97 17.91 54.20 -14.35
C LEU A 97 19.28 54.29 -13.67
N SER A 98 20.09 53.24 -13.74
CA SER A 98 21.45 53.34 -13.21
C SER A 98 22.31 54.22 -14.12
N VAL A 99 22.25 54.01 -15.45
CA VAL A 99 22.98 54.83 -16.41
C VAL A 99 22.60 56.29 -16.23
N ALA A 100 21.28 56.55 -16.22
CA ALA A 100 20.74 57.88 -16.03
C ALA A 100 21.28 58.54 -14.76
N SER A 101 21.49 57.77 -13.68
CA SER A 101 22.02 58.33 -12.44
C SER A 101 23.47 58.76 -12.59
N GLY A 102 24.20 58.04 -13.41
CA GLY A 102 25.62 58.31 -13.60
C GLY A 102 26.53 57.40 -12.81
N HIS A 103 25.94 56.48 -12.03
CA HIS A 103 26.73 55.52 -11.25
C HIS A 103 27.38 54.45 -12.13
N HIS A 104 26.74 54.11 -13.27
CA HIS A 104 27.30 53.17 -14.24
C HIS A 104 27.18 53.74 -15.65
N ASP A 105 28.20 53.51 -16.48
CA ASP A 105 28.23 54.03 -17.85
C ASP A 105 27.78 52.95 -18.84
N VAL A 106 28.23 51.71 -18.63
CA VAL A 106 27.84 50.60 -19.48
C VAL A 106 27.27 49.47 -18.64
N VAL A 107 25.99 49.12 -18.89
CA VAL A 107 25.26 48.13 -18.11
C VAL A 107 24.65 47.09 -19.06
N LEU A 108 24.63 45.82 -18.65
CA LEU A 108 23.96 44.78 -19.44
C LEU A 108 22.61 44.46 -18.82
N ALA A 109 21.55 44.56 -19.62
CA ALA A 109 20.22 44.13 -19.21
C ALA A 109 19.85 42.85 -19.94
N GLY A 110 19.74 41.76 -19.18
CA GLY A 110 19.48 40.45 -19.77
C GLY A 110 18.26 39.76 -19.19
N GLY A 111 17.77 38.79 -19.93
CA GLY A 111 16.66 37.94 -19.51
C GLY A 111 16.85 36.52 -20.00
N VAL A 112 16.58 35.55 -19.13
CA VAL A 112 16.81 34.13 -19.45
C VAL A 112 15.74 33.29 -18.77
N GLU A 113 15.33 32.19 -19.39
CA GLU A 113 14.29 31.35 -18.81
C GLU A 113 14.50 29.91 -19.24
N LYS A 114 14.29 28.99 -18.31
CA LYS A 114 14.35 27.55 -18.58
C LYS A 114 13.11 26.88 -18.01
N MET A 115 12.17 26.47 -18.89
CA MET A 115 10.93 25.85 -18.45
C MET A 115 10.79 24.41 -18.97
N THR A 116 11.69 23.97 -19.86
CA THR A 116 11.66 22.61 -20.38
C THR A 116 12.02 21.57 -19.32
N ASP A 117 12.81 21.99 -18.30
CA ASP A 117 13.34 21.07 -17.30
C ASP A 117 12.25 20.52 -16.38
N VAL A 118 11.18 21.29 -16.15
CA VAL A 118 10.10 20.81 -15.30
C VAL A 118 9.01 20.14 -16.16
N GLU A 119 8.41 19.06 -15.65
CA GLU A 119 7.41 18.32 -16.40
C GLU A 119 6.13 19.15 -16.57
N ASP A 120 5.72 19.89 -15.54
CA ASP A 120 4.51 20.72 -15.63
C ASP A 120 4.80 22.19 -15.37
N ALA A 121 4.91 22.96 -16.45
CA ALA A 121 5.18 24.39 -16.38
C ALA A 121 3.95 25.15 -15.92
N THR A 122 2.76 24.55 -16.10
CA THR A 122 1.50 25.19 -15.75
C THR A 122 1.52 25.76 -14.33
N ALA A 123 2.09 25.02 -13.38
CA ALA A 123 2.05 25.43 -11.98
C ALA A 123 2.89 26.69 -11.74
N ALA A 124 4.04 26.79 -12.43
CA ALA A 124 4.91 27.95 -12.28
C ALA A 124 4.32 29.18 -12.95
N ILE A 125 3.78 29.02 -14.16
CA ILE A 125 3.20 30.16 -14.90
C ILE A 125 2.05 30.77 -14.11
N ALA A 126 1.25 29.91 -13.48
CA ALA A 126 0.13 30.33 -12.63
C ALA A 126 0.59 31.15 -11.43
N SER A 127 1.87 31.06 -11.08
CA SER A 127 2.41 31.78 -9.92
C SER A 127 2.22 33.30 -10.05
N ALA A 128 2.14 33.80 -11.29
CA ALA A 128 1.94 35.23 -11.53
C ALA A 128 0.54 35.70 -11.09
N SER A 129 -0.44 34.79 -11.09
CA SER A 129 -1.78 35.14 -10.65
C SER A 129 -1.86 35.11 -9.14
N ASP A 130 -2.94 35.66 -8.55
CA ASP A 130 -3.10 35.62 -7.09
C ASP A 130 -3.30 34.16 -6.68
N GLN A 131 -2.35 33.57 -5.92
CA GLN A 131 -2.48 32.15 -5.59
C GLN A 131 -3.63 31.91 -4.66
N GLU A 132 -3.88 32.84 -3.72
CA GLU A 132 -4.91 32.61 -2.70
C GLU A 132 -6.32 32.69 -3.31
N TRP A 133 -6.51 33.53 -4.34
CA TRP A 133 -7.85 33.88 -4.78
C TRP A 133 -8.13 33.62 -6.25
N GLU A 134 -7.16 33.10 -6.99
CA GLU A 134 -7.42 32.68 -8.36
C GLU A 134 -6.92 31.25 -8.57
N ALA A 135 -5.61 31.06 -8.48
CA ALA A 135 -4.98 29.76 -8.67
C ALA A 135 -5.63 28.74 -7.76
N PHE A 136 -5.76 29.07 -6.48
CA PHE A 136 -6.37 28.19 -5.48
C PHE A 136 -7.66 27.55 -5.99
N PHE A 137 -8.48 28.31 -6.71
CA PHE A 137 -9.80 27.85 -7.11
C PHE A 137 -9.81 27.15 -8.47
N GLY A 138 -8.65 27.09 -9.10
CA GLY A 138 -8.48 26.34 -10.34
C GLY A 138 -8.44 27.25 -11.54
N ALA A 139 -8.11 28.53 -11.33
CA ALA A 139 -8.08 29.49 -12.44
C ALA A 139 -6.72 29.43 -13.09
N THR A 140 -6.66 28.73 -14.23
CA THR A 140 -5.41 28.61 -14.97
C THR A 140 -5.16 29.91 -15.69
N PHE A 141 -3.92 30.13 -16.09
CA PHE A 141 -3.54 31.36 -16.76
C PHE A 141 -4.29 31.56 -18.08
N PRO A 142 -4.40 30.53 -18.93
CA PRO A 142 -5.20 30.68 -20.15
C PRO A 142 -6.67 30.94 -19.86
N SER A 143 -7.18 30.39 -18.77
CA SER A 143 -8.59 30.59 -18.44
C SER A 143 -8.85 32.03 -17.99
N LEU A 144 -7.83 32.70 -17.41
CA LEU A 144 -8.01 34.09 -17.00
C LEU A 144 -8.09 34.98 -18.21
N TYR A 145 -7.19 34.77 -19.17
CA TYR A 145 -7.21 35.53 -20.41
C TYR A 145 -8.40 35.12 -21.26
N ALA A 146 -8.87 33.88 -21.17
CA ALA A 146 -10.09 33.50 -21.87
C ALA A 146 -11.30 34.24 -21.31
N MET A 147 -11.29 34.49 -20.00
CA MET A 147 -12.37 35.23 -19.34
C MET A 147 -12.33 36.72 -19.73
N MET A 148 -11.14 37.27 -19.99
CA MET A 148 -10.98 38.61 -20.54
C MET A 148 -11.58 38.65 -21.95
N ALA A 149 -11.12 37.75 -22.82
CA ALA A 149 -11.64 37.60 -24.18
C ALA A 149 -13.17 37.48 -24.18
N ARG A 150 -13.74 36.67 -23.30
CA ARG A 150 -15.18 36.51 -23.25
C ARG A 150 -15.87 37.85 -22.96
N ARG A 151 -15.42 38.57 -21.92
CA ARG A 151 -16.04 39.83 -21.53
C ARG A 151 -15.88 40.88 -22.62
N TYR A 152 -14.75 40.82 -23.34
CA TYR A 152 -14.49 41.73 -24.45
C TYR A 152 -15.47 41.47 -25.58
N MET A 153 -15.74 40.20 -25.88
CA MET A 153 -16.69 39.82 -26.92
C MET A 153 -18.09 40.25 -26.50
N TYR A 154 -18.43 40.01 -25.25
CA TYR A 154 -19.75 40.38 -24.73
C TYR A 154 -19.99 41.89 -24.83
N GLN A 155 -18.93 42.71 -24.62
CA GLN A 155 -19.06 44.17 -24.57
C GLN A 155 -18.90 44.82 -25.93
N TYR A 156 -18.03 44.27 -26.78
CA TYR A 156 -17.66 44.93 -28.03
C TYR A 156 -17.95 44.07 -29.27
N GLY A 157 -18.56 42.92 -29.07
CA GLY A 157 -19.01 42.06 -30.17
C GLY A 157 -17.91 41.44 -31.00
N LEU A 158 -16.72 41.30 -30.44
CA LEU A 158 -15.63 40.61 -31.14
C LEU A 158 -16.03 39.16 -31.41
N THR A 159 -15.73 38.67 -32.62
CA THR A 159 -16.04 37.29 -32.98
C THR A 159 -14.77 36.46 -32.92
N ILE A 160 -14.93 35.14 -32.87
CA ILE A 160 -13.79 34.24 -32.81
C ILE A 160 -12.97 34.30 -34.09
N GLU A 161 -13.64 34.58 -35.21
CA GLU A 161 -12.95 34.69 -36.50
C GLU A 161 -12.03 35.90 -36.50
N GLU A 162 -12.50 37.02 -35.96
CA GLU A 162 -11.68 38.22 -35.85
C GLU A 162 -10.47 37.97 -34.98
N LEU A 163 -10.69 37.41 -33.80
CA LEU A 163 -9.63 37.13 -32.82
C LEU A 163 -8.57 36.17 -33.41
N SER A 164 -9.02 35.20 -34.22
CA SER A 164 -8.13 34.20 -34.80
C SER A 164 -7.26 34.80 -35.91
N MET A 165 -7.68 35.93 -36.48
CA MET A 165 -6.93 36.60 -37.53
C MET A 165 -5.61 37.13 -36.97
N TRP A 166 -5.57 37.40 -35.67
CA TRP A 166 -4.37 37.91 -35.02
C TRP A 166 -3.24 36.87 -35.10
N SER A 167 -3.61 35.58 -35.06
CA SER A 167 -2.65 34.49 -35.02
C SER A 167 -2.05 34.23 -36.39
N VAL A 168 -2.87 34.30 -37.47
CA VAL A 168 -2.37 34.02 -38.81
C VAL A 168 -1.33 35.06 -39.21
N ILE A 169 -1.55 36.32 -38.82
CA ILE A 169 -0.57 37.37 -39.08
C ILE A 169 0.73 37.06 -38.34
N ALA A 170 0.61 36.69 -37.06
CA ALA A 170 1.77 36.42 -36.20
C ALA A 170 2.62 35.32 -36.79
N HIS A 171 1.98 34.23 -37.21
CA HIS A 171 2.69 33.06 -37.74
C HIS A 171 3.27 33.35 -39.11
N GLU A 172 2.58 34.17 -39.91
CA GLU A 172 3.09 34.63 -41.19
C GLU A 172 4.37 35.43 -40.97
N ASN A 173 4.35 36.34 -40.01
CA ASN A 173 5.50 37.19 -39.70
C ASN A 173 6.66 36.36 -39.14
N ALA A 174 6.37 35.29 -38.40
CA ALA A 174 7.40 34.48 -37.73
C ALA A 174 8.25 33.67 -38.72
N THR A 175 7.71 33.38 -39.91
CA THR A 175 8.46 32.66 -40.93
C THR A 175 9.66 33.48 -41.40
N LYS A 176 9.59 34.81 -41.24
CA LYS A 176 10.69 35.70 -41.56
C LYS A 176 11.68 35.88 -40.37
N ASN A 177 11.51 35.07 -39.30
CA ASN A 177 12.35 35.19 -38.11
C ASN A 177 13.09 33.88 -37.83
N LYS A 178 14.44 33.92 -37.90
CA LYS A 178 15.25 32.72 -37.68
C LYS A 178 15.26 32.29 -36.22
N TYR A 179 15.07 33.24 -35.30
CA TYR A 179 15.09 32.95 -33.86
C TYR A 179 13.72 32.51 -33.35
N ALA A 180 12.70 32.51 -34.24
CA ALA A 180 11.34 32.17 -33.85
C ALA A 180 11.21 30.69 -33.52
N GLN A 181 10.32 30.39 -32.56
CA GLN A 181 10.01 29.02 -32.17
C GLN A 181 9.25 28.30 -33.28
N PHE A 182 8.29 29.00 -33.93
CA PHE A 182 7.50 28.43 -35.03
C PHE A 182 7.73 29.18 -36.34
N GLY A 183 8.22 28.45 -37.34
CA GLY A 183 8.43 29.00 -38.66
C GLY A 183 7.47 28.43 -39.69
N PHE A 184 6.18 28.32 -39.34
CA PHE A 184 5.18 27.82 -40.27
C PHE A 184 4.00 28.78 -40.38
N LYS A 185 3.28 28.71 -41.51
CA LYS A 185 2.10 29.54 -41.71
C LYS A 185 0.85 28.75 -41.35
N THR A 186 -0.24 29.46 -41.03
CA THR A 186 -1.48 28.79 -40.61
C THR A 186 -2.70 29.51 -41.19
N THR A 187 -3.84 28.82 -41.28
CA THR A 187 -5.08 29.40 -41.78
C THR A 187 -6.04 29.70 -40.64
N LEU A 188 -7.13 30.40 -40.92
CA LEU A 188 -8.13 30.72 -39.90
C LEU A 188 -8.81 29.44 -39.39
N GLU A 189 -9.09 28.50 -40.30
CA GLU A 189 -9.71 27.23 -39.94
C GLU A 189 -8.80 26.43 -39.01
N GLN A 190 -7.49 26.46 -39.28
CA GLN A 190 -6.53 25.73 -38.46
C GLN A 190 -6.47 26.32 -37.04
N VAL A 191 -6.55 27.65 -36.92
CA VAL A 191 -6.49 28.33 -35.63
C VAL A 191 -7.74 27.99 -34.81
N MET A 192 -8.90 28.04 -35.45
CA MET A 192 -10.17 27.83 -34.76
C MET A 192 -10.40 26.36 -34.43
N ASN A 193 -9.95 25.45 -35.31
CA ASN A 193 -10.19 24.02 -35.11
C ASN A 193 -8.99 23.36 -34.41
N ALA A 194 -8.13 24.16 -33.77
CA ALA A 194 -7.06 23.62 -32.94
C ALA A 194 -7.62 23.14 -31.60
N SER A 195 -6.85 22.32 -30.89
CA SER A 195 -7.29 21.77 -29.60
C SER A 195 -7.57 22.88 -28.59
N PRO A 196 -8.76 22.90 -27.97
CA PRO A 196 -9.05 24.01 -27.03
C PRO A 196 -8.33 23.85 -25.70
N VAL A 197 -7.78 24.96 -25.20
CA VAL A 197 -7.14 24.99 -23.88
C VAL A 197 -8.15 25.49 -22.86
N ALA A 198 -8.74 26.68 -23.13
CA ALA A 198 -9.79 27.27 -22.31
C ALA A 198 -10.76 28.08 -23.19
N ASP A 199 -12.04 27.68 -23.23
CA ASP A 199 -13.03 28.34 -24.09
C ASP A 199 -13.08 29.84 -23.78
N PRO A 200 -12.95 30.72 -24.79
CA PRO A 200 -13.01 30.47 -26.25
C PRO A 200 -11.66 30.17 -26.90
N LEU A 201 -10.56 30.33 -26.14
CA LEU A 201 -9.21 30.16 -26.68
C LEU A 201 -8.90 28.71 -27.03
N THR A 202 -8.18 28.51 -28.13
CA THR A 202 -7.65 27.20 -28.53
C THR A 202 -6.15 27.22 -28.33
N LEU A 203 -5.48 26.12 -28.68
CA LEU A 203 -4.02 26.03 -28.62
C LEU A 203 -3.40 27.10 -29.51
N MET A 204 -4.04 27.39 -30.64
CA MET A 204 -3.50 28.36 -31.60
C MET A 204 -3.84 29.80 -31.23
N HIS A 205 -4.38 30.04 -30.04
CA HIS A 205 -4.55 31.41 -29.56
C HIS A 205 -3.52 31.70 -28.47
N CYS A 206 -2.81 30.65 -28.01
CA CYS A 206 -1.88 30.75 -26.88
C CYS A 206 -0.44 30.75 -27.36
N SER A 207 0.40 31.55 -26.69
CA SER A 207 1.84 31.43 -26.83
C SER A 207 2.32 30.17 -26.14
N PRO A 208 3.44 29.59 -26.60
CA PRO A 208 3.91 28.35 -25.98
C PRO A 208 4.85 28.62 -24.82
N VAL A 209 5.09 27.59 -24.01
CA VAL A 209 6.14 27.63 -23.01
C VAL A 209 7.45 27.44 -23.73
N SER A 210 8.47 28.22 -23.40
CA SER A 210 9.71 28.10 -24.15
C SER A 210 10.96 28.55 -23.39
N ASP A 211 12.12 28.07 -23.83
CA ASP A 211 13.41 28.44 -23.25
C ASP A 211 14.07 29.47 -24.14
N GLY A 212 15.01 30.20 -23.58
CA GLY A 212 15.78 31.17 -24.34
C GLY A 212 16.39 32.26 -23.50
N ALA A 213 17.03 33.22 -24.16
CA ALA A 213 17.69 34.32 -23.48
C ALA A 213 17.96 35.47 -24.45
N SER A 214 17.95 36.69 -23.93
CA SER A 214 18.24 37.88 -24.72
C SER A 214 18.90 38.90 -23.80
N ALA A 215 19.87 39.65 -24.33
CA ALA A 215 20.58 40.66 -23.55
C ALA A 215 20.78 41.90 -24.38
N LEU A 216 20.54 43.06 -23.77
CA LEU A 216 20.81 44.36 -24.37
C LEU A 216 22.01 44.97 -23.67
N ILE A 217 22.75 45.85 -24.36
CA ILE A 217 23.82 46.61 -23.72
C ILE A 217 23.43 48.09 -23.73
N VAL A 218 23.20 48.66 -22.54
CA VAL A 218 22.84 50.07 -22.44
C VAL A 218 24.08 50.87 -22.12
N CYS A 219 24.19 52.06 -22.69
CA CYS A 219 25.31 52.94 -22.40
C CYS A 219 24.85 54.39 -22.45
N ASP A 220 25.65 55.31 -21.87
CA ASP A 220 25.36 56.73 -21.91
C ASP A 220 25.40 57.23 -23.36
N ALA A 221 24.46 58.11 -23.74
CA ALA A 221 24.35 58.57 -25.12
C ALA A 221 25.64 59.21 -25.62
N ASP A 222 26.37 59.88 -24.74
CA ASP A 222 27.62 60.53 -25.11
C ASP A 222 28.71 59.48 -25.33
N LYS A 223 28.83 58.54 -24.39
CA LYS A 223 29.83 57.48 -24.47
C LYS A 223 29.53 56.50 -25.59
N ALA A 224 28.27 56.42 -26.00
CA ALA A 224 27.83 55.49 -27.03
C ALA A 224 28.57 55.70 -28.35
N GLU A 225 29.01 56.92 -28.60
CA GLU A 225 29.71 57.26 -29.84
C GLU A 225 31.10 56.64 -29.88
N GLU A 226 31.68 56.35 -28.71
CA GLU A 226 32.98 55.73 -28.63
C GLU A 226 32.94 54.32 -29.22
N PHE A 227 31.93 53.53 -28.85
CA PHE A 227 31.88 52.11 -29.19
C PHE A 227 31.19 51.87 -30.53
N ALA A 228 30.21 52.71 -30.89
CA ALA A 228 29.41 52.44 -32.08
C ALA A 228 29.28 53.66 -33.00
N PRO A 229 28.94 53.41 -34.27
CA PRO A 229 28.63 54.53 -35.17
C PRO A 229 27.26 55.13 -34.90
N LYS A 230 27.13 56.45 -35.07
CA LYS A 230 25.90 57.18 -34.80
C LYS A 230 24.67 56.52 -35.44
N ASP A 231 24.82 56.00 -36.67
CA ASP A 231 23.68 55.42 -37.38
C ASP A 231 23.22 54.08 -36.78
N GLU A 232 24.09 53.41 -36.01
CA GLU A 232 23.72 52.15 -35.36
C GLU A 232 23.50 52.32 -33.85
N ILE A 233 23.25 53.56 -33.42
CA ILE A 233 22.85 53.86 -32.04
C ILE A 233 21.37 54.17 -32.00
N ILE A 234 20.62 53.48 -31.14
CA ILE A 234 19.20 53.78 -30.94
C ILE A 234 18.99 54.28 -29.51
N TYR A 235 18.19 55.34 -29.37
CA TYR A 235 18.07 56.09 -28.13
C TYR A 235 16.81 55.71 -27.38
N ILE A 236 16.93 55.50 -26.06
CA ILE A 236 15.76 55.23 -25.23
C ILE A 236 15.18 56.56 -24.78
N LYS A 237 14.05 56.94 -25.35
CA LYS A 237 13.42 58.21 -25.03
C LYS A 237 12.89 58.20 -23.59
N ALA A 238 12.12 57.15 -23.25
CA ALA A 238 11.52 57.02 -21.92
C ALA A 238 11.27 55.55 -21.57
N SER A 239 11.39 55.21 -20.27
CA SER A 239 11.07 53.88 -19.77
C SER A 239 10.08 54.00 -18.61
N THR A 240 8.82 53.65 -18.87
CA THR A 240 7.74 53.88 -17.90
C THR A 240 7.26 52.57 -17.34
N GLN A 241 6.63 52.63 -16.17
CA GLN A 241 6.12 51.44 -15.50
C GLN A 241 4.90 51.83 -14.67
N ALA A 242 3.88 50.96 -14.63
CA ALA A 242 2.69 51.23 -13.83
C ALA A 242 2.17 49.93 -13.27
N SER A 243 1.22 50.02 -12.36
CA SER A 243 0.69 48.84 -11.70
C SER A 243 -0.83 48.79 -11.73
N ASP A 244 -1.37 47.58 -11.60
CA ASP A 244 -2.80 47.34 -11.54
C ASP A 244 -3.06 46.21 -10.53
N THR A 245 -4.34 45.90 -10.32
CA THR A 245 -4.67 44.84 -9.39
C THR A 245 -4.13 43.51 -9.92
N ILE A 246 -3.55 42.71 -9.03
CA ILE A 246 -3.00 41.42 -9.42
C ILE A 246 -4.11 40.49 -9.93
N ALA A 247 -5.24 40.45 -9.22
CA ALA A 247 -6.37 39.61 -9.63
C ALA A 247 -7.22 40.33 -10.68
N LEU A 248 -7.62 39.60 -11.71
CA LEU A 248 -8.49 40.12 -12.76
C LEU A 248 -9.86 40.50 -12.18
N HIS A 249 -10.35 39.74 -11.21
CA HIS A 249 -11.66 40.01 -10.62
C HIS A 249 -11.68 41.30 -9.79
N ASP A 250 -10.51 41.93 -9.57
CA ASP A 250 -10.42 43.17 -8.80
C ASP A 250 -10.29 44.40 -9.73
N ARG A 251 -10.33 44.19 -11.05
CA ARG A 251 -10.15 45.29 -12.00
C ARG A 251 -11.45 46.10 -12.17
N GLU A 252 -11.31 47.42 -12.39
CA GLU A 252 -12.47 48.27 -12.64
C GLU A 252 -13.10 47.92 -13.98
N ASP A 253 -12.26 47.71 -15.00
CA ASP A 253 -12.69 47.19 -16.29
C ASP A 253 -11.71 46.11 -16.75
N MET A 254 -12.23 44.92 -17.03
CA MET A 254 -11.44 43.76 -17.43
C MET A 254 -10.91 43.89 -18.86
N THR A 255 -11.70 44.51 -19.75
CA THR A 255 -11.34 44.61 -21.16
C THR A 255 -10.14 45.50 -21.39
N THR A 256 -9.73 46.24 -20.39
CA THR A 256 -8.60 47.13 -20.56
C THR A 256 -7.51 46.87 -19.55
N LEU A 257 -6.28 47.19 -19.94
CA LEU A 257 -5.13 47.19 -19.04
C LEU A 257 -4.81 48.63 -18.68
N ASN A 258 -5.29 49.09 -17.52
CA ASN A 258 -5.05 50.46 -17.09
C ASN A 258 -3.56 50.73 -16.99
N ALA A 259 -2.80 49.81 -16.39
CA ALA A 259 -1.35 49.97 -16.22
C ALA A 259 -0.64 50.23 -17.55
N ALA A 260 -1.19 49.71 -18.65
CA ALA A 260 -0.67 50.02 -19.98
C ALA A 260 -1.08 51.42 -20.40
N LYS A 261 -2.34 51.81 -20.16
CA LYS A 261 -2.77 53.17 -20.47
C LYS A 261 -1.93 54.17 -19.70
N VAL A 262 -1.74 53.92 -18.40
CA VAL A 262 -0.95 54.81 -17.55
C VAL A 262 0.50 54.89 -18.04
N ALA A 263 1.14 53.75 -18.26
CA ALA A 263 2.54 53.73 -18.65
C ALA A 263 2.74 54.29 -20.06
N SER A 264 1.88 53.91 -21.01
CA SER A 264 2.02 54.40 -22.38
C SER A 264 1.83 55.92 -22.45
N GLU A 265 0.86 56.46 -21.72
CA GLU A 265 0.62 57.90 -21.70
C GLU A 265 1.84 58.64 -21.17
N LYS A 266 2.40 58.18 -20.04
CA LYS A 266 3.58 58.80 -19.47
C LYS A 266 4.74 58.74 -20.48
N ALA A 267 4.82 57.67 -21.27
CA ALA A 267 5.93 57.52 -22.22
C ALA A 267 5.76 58.46 -23.41
N TYR A 268 4.51 58.66 -23.84
CA TYR A 268 4.23 59.60 -24.93
C TYR A 268 4.49 61.03 -24.49
N LYS A 269 4.22 61.35 -23.21
CA LYS A 269 4.42 62.69 -22.66
C LYS A 269 5.90 63.06 -22.64
N LEU A 270 6.77 62.17 -22.16
CA LEU A 270 8.19 62.46 -22.06
C LEU A 270 8.83 62.53 -23.44
N ALA A 271 8.39 61.68 -24.36
CA ALA A 271 8.88 61.71 -25.73
C ALA A 271 8.27 62.86 -26.52
N LYS A 272 7.17 63.44 -26.00
CA LYS A 272 6.48 64.54 -26.67
C LYS A 272 5.99 64.09 -28.04
N ILE A 273 5.41 62.88 -28.08
CA ILE A 273 4.98 62.20 -29.29
C ILE A 273 3.54 61.73 -29.12
N ALA A 274 2.81 61.58 -30.23
CA ALA A 274 1.49 60.96 -30.19
C ALA A 274 1.60 59.55 -30.74
N PRO A 275 0.62 58.68 -30.42
CA PRO A 275 0.67 57.30 -30.95
C PRO A 275 0.68 57.22 -32.47
N GLU A 276 0.20 58.27 -33.15
CA GLU A 276 0.14 58.30 -34.61
C GLU A 276 1.54 58.36 -35.21
N LYS A 277 2.55 58.68 -34.40
CA LYS A 277 3.94 58.79 -34.85
C LYS A 277 4.70 57.46 -34.71
N ILE A 278 4.12 56.47 -34.01
CA ILE A 278 4.82 55.21 -33.77
C ILE A 278 4.80 54.37 -35.06
N ASP A 279 5.99 53.97 -35.53
CA ASP A 279 6.11 53.23 -36.78
C ASP A 279 5.95 51.75 -36.52
N VAL A 280 6.60 51.26 -35.46
CA VAL A 280 6.61 49.85 -35.12
C VAL A 280 6.36 49.65 -33.62
N ALA A 281 5.61 48.61 -33.26
CA ALA A 281 5.29 48.35 -31.86
C ALA A 281 5.41 46.86 -31.54
N GLU A 282 5.94 46.54 -30.36
CA GLU A 282 6.02 45.15 -29.90
C GLU A 282 5.16 44.99 -28.64
N VAL A 283 4.07 44.23 -28.75
CA VAL A 283 3.13 44.07 -27.64
C VAL A 283 3.08 42.64 -27.11
N HIS A 284 2.70 42.51 -25.85
CA HIS A 284 2.60 41.24 -25.15
C HIS A 284 1.35 40.47 -25.59
N ASP A 285 1.48 39.61 -26.61
CA ASP A 285 0.34 38.87 -27.16
C ASP A 285 0.39 37.40 -26.75
N CYS A 286 0.49 37.15 -25.45
CA CYS A 286 0.54 35.77 -24.96
C CYS A 286 -0.74 35.05 -25.29
N PHE A 287 -1.88 35.77 -25.36
CA PHE A 287 -3.13 35.09 -25.66
C PHE A 287 -3.98 35.78 -26.73
N ALA A 288 -3.35 36.53 -27.64
CA ALA A 288 -4.06 37.13 -28.77
C ALA A 288 -5.01 38.26 -28.34
N ILE A 289 -5.94 37.98 -27.41
CA ILE A 289 -6.80 39.02 -26.89
C ILE A 289 -5.94 40.11 -26.26
N ASN A 290 -4.83 39.69 -25.66
CA ASN A 290 -3.87 40.61 -25.06
C ASN A 290 -3.21 41.49 -26.12
N GLY A 291 -3.12 40.96 -27.34
CA GLY A 291 -2.67 41.71 -28.49
C GLY A 291 -3.64 42.78 -28.94
N LEU A 292 -4.93 42.43 -29.04
CA LEU A 292 -5.96 43.40 -29.38
C LEU A 292 -5.99 44.50 -28.34
N ILE A 293 -6.12 44.13 -27.06
CA ILE A 293 -6.34 45.10 -26.00
C ILE A 293 -5.19 46.11 -25.91
N LEU A 294 -3.94 45.64 -26.03
CA LEU A 294 -2.80 46.56 -25.95
C LEU A 294 -2.77 47.52 -27.13
N VAL A 295 -3.20 47.06 -28.32
CA VAL A 295 -3.28 47.96 -29.48
C VAL A 295 -4.18 49.14 -29.15
N GLU A 296 -5.28 48.90 -28.44
CA GLU A 296 -6.21 49.94 -28.04
C GLU A 296 -5.64 50.79 -26.90
N ASP A 297 -5.00 50.14 -25.92
CA ASP A 297 -4.52 50.82 -24.72
C ASP A 297 -3.29 51.65 -24.99
N LEU A 298 -2.51 51.30 -26.03
CA LEU A 298 -1.40 52.13 -26.47
C LEU A 298 -1.86 53.25 -27.40
N GLY A 299 -3.16 53.28 -27.67
CA GLY A 299 -3.78 54.41 -28.34
C GLY A 299 -3.70 54.35 -29.85
N PHE A 300 -3.54 53.16 -30.42
CA PHE A 300 -3.49 53.01 -31.86
C PHE A 300 -4.89 52.92 -32.43
N CYS A 301 -5.88 52.69 -31.57
CA CYS A 301 -7.28 52.72 -31.99
C CYS A 301 -8.21 52.83 -30.77
N LYS A 302 -9.48 53.11 -31.00
CA LYS A 302 -10.42 53.32 -29.91
C LYS A 302 -10.87 51.98 -29.35
N LYS A 303 -11.39 51.99 -28.12
CA LYS A 303 -11.82 50.77 -27.44
C LYS A 303 -12.95 50.12 -28.24
N GLY A 304 -12.80 48.82 -28.51
CA GLY A 304 -13.81 48.05 -29.22
C GLY A 304 -13.47 47.78 -30.66
N ASP A 305 -12.93 48.76 -31.38
CA ASP A 305 -12.65 48.56 -32.80
C ASP A 305 -11.23 48.07 -33.02
N ALA A 306 -10.79 47.08 -32.24
CA ALA A 306 -9.54 46.38 -32.50
C ALA A 306 -9.77 45.27 -33.52
N GLY A 307 -10.91 44.61 -33.40
CA GLY A 307 -11.28 43.52 -34.29
C GLY A 307 -11.31 43.92 -35.75
N LYS A 308 -11.81 45.13 -36.02
CA LYS A 308 -11.90 45.65 -37.38
C LYS A 308 -10.50 45.92 -37.91
N VAL A 309 -9.63 46.42 -37.02
CA VAL A 309 -8.27 46.81 -37.37
C VAL A 309 -7.45 45.62 -37.86
N ILE A 310 -7.65 44.43 -37.29
CA ILE A 310 -6.86 43.26 -37.68
C ILE A 310 -7.53 42.49 -38.82
N ASP A 311 -8.86 42.35 -38.76
CA ASP A 311 -9.61 41.59 -39.76
C ASP A 311 -9.41 42.25 -41.13
N GLU A 312 -9.12 43.56 -41.14
CA GLU A 312 -8.73 44.27 -42.34
C GLU A 312 -7.24 44.03 -42.64
N GLY A 313 -6.42 44.02 -41.60
CA GLY A 313 -5.00 43.73 -41.74
C GLY A 313 -4.12 44.97 -41.65
N LYS A 314 -4.62 46.03 -41.03
CA LYS A 314 -3.93 47.31 -40.93
C LYS A 314 -2.52 47.17 -40.34
N ILE A 315 -2.34 46.24 -39.40
CA ILE A 315 -1.10 46.11 -38.63
C ILE A 315 -0.04 45.28 -39.37
N ARG A 316 -0.37 44.78 -40.57
CA ARG A 316 0.56 43.93 -41.31
C ARG A 316 1.78 44.74 -41.77
N ILE A 317 2.90 44.05 -42.04
CA ILE A 317 4.12 44.67 -42.54
C ILE A 317 3.92 45.23 -43.95
N ASP A 318 3.09 44.55 -44.77
CA ASP A 318 2.78 45.00 -46.12
C ASP A 318 1.94 46.28 -46.09
N TYR A 319 1.17 46.48 -45.01
CA TYR A 319 0.39 47.71 -44.85
C TYR A 319 1.31 48.90 -44.63
N ASP A 320 0.91 50.06 -45.15
CA ASP A 320 1.76 51.25 -45.15
C ASP A 320 1.24 52.33 -44.20
N ASP A 321 -0.07 52.59 -44.24
CA ASP A 321 -0.65 53.74 -43.53
C ASP A 321 -1.10 53.38 -42.11
N PHE A 322 -0.38 52.48 -41.44
CA PHE A 322 -0.66 52.19 -40.03
C PHE A 322 0.51 51.52 -39.34
N VAL A 323 0.54 51.62 -38.01
CA VAL A 323 1.62 51.06 -37.20
C VAL A 323 1.76 49.55 -37.46
N THR A 324 3.00 49.06 -37.56
CA THR A 324 3.29 47.64 -37.76
C THR A 324 3.55 46.98 -36.40
N VAL A 325 2.71 46.01 -35.99
CA VAL A 325 2.76 45.42 -34.65
C VAL A 325 3.35 44.01 -34.69
N ASN A 326 4.32 43.74 -33.80
CA ASN A 326 4.94 42.41 -33.70
C ASN A 326 5.40 41.89 -35.07
N PRO A 327 6.34 42.60 -35.71
CA PRO A 327 6.87 42.11 -36.99
C PRO A 327 7.63 40.80 -36.85
N SER A 328 8.34 40.63 -35.71
CA SER A 328 8.82 39.33 -35.27
C SER A 328 7.61 38.51 -34.85
N GLY A 329 7.71 37.19 -34.95
CA GLY A 329 6.63 36.30 -34.58
C GLY A 329 5.80 36.73 -33.37
N GLY A 330 6.47 37.31 -32.38
CA GLY A 330 5.83 37.71 -31.13
C GLY A 330 5.69 36.52 -30.21
N LEU A 331 5.04 36.73 -29.06
CA LEU A 331 4.93 35.67 -28.05
C LEU A 331 4.26 34.48 -28.65
N LYS A 332 3.31 34.70 -29.57
CA LYS A 332 2.55 33.60 -30.13
C LYS A 332 3.43 32.69 -31.00
N ALA A 333 4.17 33.29 -31.94
CA ALA A 333 4.93 32.52 -32.92
C ALA A 333 6.44 32.53 -32.67
N ALA A 334 7.00 33.67 -32.26
CA ALA A 334 8.43 33.73 -31.96
C ALA A 334 8.74 32.92 -30.73
N GLY A 335 7.79 32.92 -29.80
CA GLY A 335 7.96 32.23 -28.53
C GLY A 335 7.92 33.16 -27.34
N HIS A 336 7.67 32.59 -26.16
CA HIS A 336 7.54 33.38 -24.94
C HIS A 336 8.42 32.80 -23.84
N ALA A 337 9.67 33.27 -23.72
CA ALA A 337 10.51 32.99 -22.57
C ALA A 337 10.27 34.12 -21.56
N LEU A 338 9.56 33.83 -20.48
CA LEU A 338 9.03 34.86 -19.58
C LEU A 338 10.03 35.95 -19.23
N GLY A 339 11.20 35.56 -18.74
CA GLY A 339 12.20 36.54 -18.31
C GLY A 339 12.88 37.26 -19.47
N ALA A 340 12.99 36.60 -20.63
CA ALA A 340 13.72 37.14 -21.78
C ALA A 340 12.81 37.93 -22.73
N THR A 341 11.49 37.72 -22.66
CA THR A 341 10.55 38.35 -23.58
C THR A 341 10.62 39.88 -23.51
N GLY A 342 10.66 40.40 -22.30
CA GLY A 342 10.74 41.85 -22.08
C GLY A 342 11.92 42.52 -22.75
N ILE A 343 13.07 41.83 -22.76
CA ILE A 343 14.27 42.26 -23.48
C ILE A 343 14.08 42.09 -24.99
N ARG A 344 13.61 40.92 -25.40
CA ARG A 344 13.49 40.59 -26.83
C ARG A 344 12.66 41.63 -27.56
N GLN A 345 11.55 42.07 -26.95
CA GLN A 345 10.66 43.04 -27.59
C GLN A 345 11.44 44.28 -27.98
N VAL A 346 12.28 44.79 -27.06
CA VAL A 346 13.03 46.02 -27.26
C VAL A 346 14.15 45.82 -28.28
N GLY A 347 14.85 44.69 -28.20
CA GLY A 347 15.85 44.32 -29.18
C GLY A 347 15.31 44.21 -30.59
N GLU A 348 14.01 43.94 -30.74
CA GLU A 348 13.40 43.94 -32.06
C GLU A 348 13.24 45.37 -32.57
N LEU A 349 12.79 46.28 -31.69
CA LEU A 349 12.64 47.70 -32.04
C LEU A 349 14.00 48.27 -32.43
N TYR A 350 15.02 47.93 -31.65
CA TYR A 350 16.40 48.28 -31.97
C TYR A 350 16.72 47.89 -33.42
N TRP A 351 16.51 46.62 -33.78
CA TRP A 351 16.78 46.14 -35.13
C TRP A 351 15.94 46.87 -36.18
N GLN A 352 14.65 47.08 -35.88
CA GLN A 352 13.74 47.71 -36.84
C GLN A 352 14.09 49.18 -37.08
N LEU A 353 14.38 49.93 -36.01
CA LEU A 353 14.70 51.36 -36.13
C LEU A 353 16.11 51.60 -36.67
N LYS A 354 17.04 50.66 -36.50
CA LYS A 354 18.38 50.79 -37.09
C LYS A 354 18.49 50.07 -38.46
N GLN A 355 17.35 49.71 -39.08
CA GLN A 355 17.28 48.82 -40.24
C GLN A 355 18.43 47.81 -40.28
N ASP A 356 18.48 46.91 -39.29
CA ASP A 356 19.52 45.89 -39.15
C ASP A 356 19.37 44.76 -40.18
N LYS A 357 20.45 44.00 -40.40
CA LYS A 357 20.48 42.86 -41.33
C LYS A 357 19.66 41.70 -40.79
N GLU A 358 19.38 41.72 -39.49
CA GLU A 358 18.65 40.62 -38.84
C GLU A 358 17.17 40.61 -39.24
N CYS A 359 16.55 41.79 -39.38
CA CYS A 359 15.13 41.86 -39.72
C CYS A 359 14.92 42.35 -41.16
N LYS A 360 15.81 41.95 -42.07
CA LYS A 360 15.74 42.36 -43.48
C LYS A 360 14.45 41.91 -44.14
N ASP A 361 14.00 40.69 -43.82
CA ASP A 361 12.85 40.09 -44.48
C ASP A 361 11.53 40.56 -43.85
N ARG A 362 11.59 41.06 -42.61
CA ARG A 362 10.40 41.54 -41.90
C ARG A 362 10.56 43.01 -41.57
N GLN A 363 11.28 43.75 -42.40
CA GLN A 363 11.57 45.15 -42.13
C GLN A 363 10.32 46.00 -42.34
N ALA A 364 9.89 46.69 -41.29
CA ALA A 364 8.76 47.59 -41.34
C ALA A 364 9.21 48.94 -41.89
N THR A 365 8.29 49.71 -42.48
CA THR A 365 8.63 51.03 -43.01
C THR A 365 8.65 52.06 -41.90
N ILE A 366 9.79 52.74 -41.73
CA ILE A 366 10.00 53.68 -40.63
C ILE A 366 9.91 55.11 -41.15
N LYS A 367 8.78 55.76 -40.88
CA LYS A 367 8.54 57.13 -41.33
C LYS A 367 9.10 58.14 -40.32
N ASN A 368 8.67 58.03 -39.05
CA ASN A 368 8.99 59.02 -38.02
C ASN A 368 10.19 58.62 -37.15
N GLY A 369 10.60 57.35 -37.21
CA GLY A 369 11.73 56.86 -36.43
C GLY A 369 11.41 56.59 -34.98
N TYR A 370 10.20 56.07 -34.71
CA TYR A 370 9.77 55.78 -33.36
C TYR A 370 9.22 54.36 -33.24
N GLY A 371 9.49 53.74 -32.10
CA GLY A 371 8.95 52.43 -31.76
C GLY A 371 8.62 52.31 -30.29
N ILE A 372 7.53 51.61 -29.97
CA ILE A 372 7.13 51.39 -28.57
C ILE A 372 7.05 49.91 -28.26
N ALA A 373 7.37 49.55 -27.01
CA ALA A 373 7.22 48.18 -26.53
C ALA A 373 6.31 48.15 -25.30
N ALA A 374 5.48 47.10 -25.18
CA ALA A 374 4.63 46.92 -23.99
C ALA A 374 4.77 45.50 -23.46
N ASN A 375 5.41 45.38 -22.29
CA ASN A 375 5.60 44.10 -21.61
C ASN A 375 4.64 44.06 -20.45
N VAL A 376 3.98 42.91 -20.22
CA VAL A 376 2.96 42.79 -19.19
C VAL A 376 3.29 41.62 -18.29
N GLY A 377 3.11 41.82 -16.98
CA GLY A 377 3.26 40.75 -16.01
C GLY A 377 1.91 40.23 -15.58
N GLY A 378 1.73 38.92 -15.66
CA GLY A 378 0.47 38.28 -15.31
C GLY A 378 -0.67 38.68 -16.23
N THR A 379 -1.81 39.04 -15.64
CA THR A 379 -2.99 39.47 -16.40
C THR A 379 -3.00 40.99 -16.62
N GLY A 380 -1.95 41.69 -16.20
CA GLY A 380 -1.91 43.14 -16.31
C GLY A 380 -1.56 43.90 -15.04
N GLY A 381 -1.25 43.16 -13.98
CA GLY A 381 -0.88 43.78 -12.70
C GLY A 381 0.36 44.65 -12.80
N THR A 382 1.18 44.41 -13.82
CA THR A 382 2.38 45.17 -14.05
C THR A 382 2.55 45.38 -15.55
N VAL A 383 2.79 46.62 -15.96
CA VAL A 383 3.11 46.89 -17.35
C VAL A 383 4.30 47.82 -17.43
N CYS A 384 5.24 47.51 -18.33
CA CYS A 384 6.43 48.32 -18.49
C CYS A 384 6.59 48.72 -19.96
N VAL A 385 6.63 50.01 -20.22
CA VAL A 385 6.63 50.51 -21.59
C VAL A 385 7.95 51.20 -21.90
N HIS A 386 8.54 50.86 -23.04
CA HIS A 386 9.79 51.46 -23.49
C HIS A 386 9.56 52.08 -24.85
N LEU A 387 9.93 53.36 -25.00
CA LEU A 387 9.81 54.05 -26.27
C LEU A 387 11.19 54.37 -26.83
N LEU A 388 11.46 53.93 -28.06
CA LEU A 388 12.77 54.08 -28.66
C LEU A 388 12.73 55.01 -29.87
N SER A 389 13.85 55.69 -30.16
CA SER A 389 13.92 56.57 -31.33
C SER A 389 15.31 56.49 -31.97
N ASP A 390 15.37 56.65 -33.29
CA ASP A 390 16.66 56.71 -34.01
C ASP A 390 17.37 58.04 -33.74
N LYS A 391 16.62 59.08 -33.39
CA LYS A 391 17.16 60.39 -33.08
C LYS A 391 17.09 60.67 -31.58
N ARG A 392 18.17 61.22 -31.02
CA ARG A 392 18.25 61.57 -29.61
C ARG A 392 17.25 62.68 -29.28
N MET B 1 -19.81 -63.75 14.51
CA MET B 1 -18.56 -63.11 14.90
C MET B 1 -17.39 -63.93 14.42
N ARG B 2 -17.05 -63.79 13.14
CA ARG B 2 -15.88 -64.43 12.54
C ARG B 2 -14.60 -64.02 13.24
N ASP B 3 -13.61 -64.91 13.26
CA ASP B 3 -12.24 -64.55 13.61
C ASP B 3 -11.56 -63.91 12.40
N VAL B 4 -10.78 -62.85 12.64
CA VAL B 4 -10.14 -62.12 11.55
C VAL B 4 -8.64 -62.30 11.59
N ALA B 5 -8.02 -62.25 10.41
CA ALA B 5 -6.60 -62.52 10.26
C ALA B 5 -5.95 -61.50 9.34
N ILE B 6 -4.63 -61.31 9.53
CA ILE B 6 -3.82 -60.55 8.59
C ILE B 6 -3.09 -61.48 7.62
N ILE B 7 -3.23 -61.23 6.33
CA ILE B 7 -2.60 -62.08 5.34
C ILE B 7 -1.63 -61.31 4.45
N GLY B 8 -1.52 -60.00 4.66
CA GLY B 8 -0.58 -59.20 3.90
C GLY B 8 -0.31 -57.83 4.50
N TYR B 9 0.89 -57.30 4.26
CA TYR B 9 1.23 -55.96 4.68
C TYR B 9 2.17 -55.32 3.65
N GLY B 10 1.92 -54.06 3.36
CA GLY B 10 2.72 -53.30 2.42
C GLY B 10 2.95 -51.88 2.91
N GLN B 11 4.14 -51.35 2.61
CA GLN B 11 4.50 -50.05 3.15
C GLN B 11 5.47 -49.33 2.22
N THR B 12 5.27 -48.02 2.06
CA THR B 12 6.25 -47.14 1.44
C THR B 12 7.29 -46.72 2.47
N LYS B 13 8.43 -46.26 2.02
CA LYS B 13 9.38 -45.62 2.91
C LYS B 13 8.70 -44.40 3.56
N PHE B 14 8.89 -44.21 4.86
CA PHE B 14 8.31 -43.06 5.54
C PHE B 14 9.35 -41.94 5.57
N GLY B 15 8.97 -40.76 5.14
CA GLY B 15 9.87 -39.61 5.17
C GLY B 15 9.41 -38.49 4.28
N GLU B 16 10.34 -37.72 3.73
CA GLU B 16 10.02 -36.63 2.80
C GLU B 16 10.18 -37.14 1.39
N LEU B 17 9.08 -37.24 0.66
CA LEU B 17 9.14 -37.91 -0.63
C LEU B 17 9.03 -36.95 -1.79
N TRP B 18 10.16 -36.81 -2.48
CA TRP B 18 10.32 -35.92 -3.61
C TRP B 18 10.22 -36.76 -4.87
N GLU B 19 9.75 -36.17 -5.96
CA GLU B 19 9.43 -36.92 -7.17
C GLU B 19 8.64 -38.17 -6.77
N ASP B 20 7.69 -37.99 -5.81
CA ASP B 20 6.76 -39.03 -5.36
C ASP B 20 5.42 -38.38 -5.10
N SER B 21 4.37 -39.02 -5.56
CA SER B 21 3.04 -38.43 -5.55
C SER B 21 2.21 -39.02 -4.43
N PHE B 22 1.05 -38.43 -4.16
CA PHE B 22 0.06 -39.04 -3.27
C PHE B 22 -0.48 -40.32 -3.88
N ARG B 23 -0.69 -40.32 -5.20
CA ARG B 23 -1.16 -41.50 -5.93
C ARG B 23 -0.10 -42.58 -5.87
N ASP B 24 1.14 -42.21 -6.21
CA ASP B 24 2.26 -43.15 -6.18
C ASP B 24 2.37 -43.87 -4.83
N LEU B 25 2.06 -43.18 -3.73
CA LEU B 25 2.22 -43.73 -2.39
C LEU B 25 1.18 -44.77 -2.09
N ILE B 26 -0.08 -44.44 -2.31
CA ILE B 26 -1.16 -45.37 -2.02
C ILE B 26 -1.07 -46.62 -2.93
N VAL B 27 -0.65 -46.44 -4.17
CA VAL B 27 -0.44 -47.57 -5.05
C VAL B 27 0.67 -48.44 -4.48
N GLU B 28 1.84 -47.84 -4.19
CA GLU B 28 2.99 -48.57 -3.71
C GLU B 28 2.63 -49.38 -2.47
N ALA B 29 1.91 -48.80 -1.50
CA ALA B 29 1.54 -49.56 -0.32
C ALA B 29 0.53 -50.65 -0.68
N GLY B 30 -0.45 -50.30 -1.50
CA GLY B 30 -1.54 -51.20 -1.87
C GLY B 30 -1.10 -52.40 -2.68
N VAL B 31 -0.25 -52.17 -3.68
CA VAL B 31 0.31 -53.25 -4.48
C VAL B 31 1.23 -54.12 -3.62
N LYS B 32 2.01 -53.50 -2.76
CA LYS B 32 2.88 -54.26 -1.87
C LYS B 32 2.04 -55.20 -1.00
N ALA B 33 0.99 -54.69 -0.40
CA ALA B 33 0.15 -55.50 0.48
C ALA B 33 -0.52 -56.62 -0.32
N ILE B 34 -0.97 -56.32 -1.54
CA ILE B 34 -1.61 -57.30 -2.40
C ILE B 34 -0.64 -58.45 -2.72
N LYS B 35 0.58 -58.10 -3.13
CA LYS B 35 1.61 -59.09 -3.43
C LYS B 35 1.88 -59.98 -2.21
N ASP B 36 2.02 -59.38 -1.00
CA ASP B 36 2.29 -60.14 0.22
C ASP B 36 1.12 -61.08 0.52
N ALA B 37 -0.10 -60.58 0.30
CA ALA B 37 -1.31 -61.33 0.66
C ALA B 37 -1.59 -62.41 -0.38
N ASN B 38 -0.89 -62.36 -1.53
CA ASN B 38 -1.09 -63.32 -2.61
C ASN B 38 -2.57 -63.34 -3.03
N VAL B 39 -3.16 -62.15 -3.20
CA VAL B 39 -4.54 -62.00 -3.66
C VAL B 39 -4.54 -61.16 -4.95
N ASP B 40 -5.65 -61.22 -5.69
CA ASP B 40 -5.82 -60.35 -6.85
C ASP B 40 -6.67 -59.16 -6.42
N GLY B 41 -6.54 -58.04 -7.13
CA GLY B 41 -7.31 -56.85 -6.82
C GLY B 41 -8.81 -57.11 -6.74
N GLY B 42 -9.28 -58.01 -7.60
CA GLY B 42 -10.69 -58.38 -7.60
C GLY B 42 -11.12 -59.08 -6.34
N ASP B 43 -10.16 -59.63 -5.59
CA ASP B 43 -10.46 -60.37 -4.36
C ASP B 43 -10.79 -59.40 -3.23
N ILE B 44 -10.38 -58.11 -3.37
CA ILE B 44 -10.68 -57.10 -2.36
C ILE B 44 -12.19 -56.74 -2.40
N ASP B 45 -12.88 -56.98 -1.28
CA ASP B 45 -14.31 -56.77 -1.19
C ASP B 45 -14.63 -55.34 -0.76
N ALA B 46 -13.75 -54.73 0.01
CA ALA B 46 -13.96 -53.37 0.47
C ALA B 46 -12.65 -52.75 0.94
N MET B 47 -12.63 -51.43 1.09
CA MET B 47 -11.45 -50.70 1.55
C MET B 47 -11.81 -49.70 2.61
N TYR B 48 -10.92 -49.53 3.58
CA TYR B 48 -11.07 -48.54 4.64
C TYR B 48 -9.77 -47.75 4.73
N ILE B 49 -9.86 -46.45 4.51
CA ILE B 49 -8.67 -45.61 4.43
C ILE B 49 -8.74 -44.53 5.50
N GLY B 50 -7.57 -44.11 6.00
CA GLY B 50 -7.45 -42.95 6.85
C GLY B 50 -6.37 -42.01 6.32
N ASN B 51 -6.74 -40.73 6.06
CA ASN B 51 -5.83 -39.73 5.48
C ASN B 51 -6.24 -38.33 5.87
N MET B 52 -5.30 -37.58 6.44
CA MET B 52 -5.53 -36.22 6.93
C MET B 52 -5.11 -35.14 5.92
N SER B 53 -4.02 -35.39 5.17
CA SER B 53 -3.34 -34.46 4.27
C SER B 53 -4.30 -33.87 3.23
N GLY B 54 -5.23 -34.69 2.77
CA GLY B 54 -6.29 -34.23 1.88
C GLY B 54 -7.26 -33.33 2.61
N GLY B 55 -7.46 -32.15 2.07
CA GLY B 55 -8.42 -31.21 2.62
C GLY B 55 -7.72 -30.16 3.43
N LEU B 56 -6.73 -30.59 4.22
CA LEU B 56 -5.89 -29.70 5.01
C LEU B 56 -4.96 -28.87 4.11
N PHE B 57 -4.41 -29.47 3.05
CA PHE B 57 -3.54 -28.77 2.12
C PHE B 57 -4.15 -28.75 0.72
N VAL B 58 -4.58 -29.91 0.23
CA VAL B 58 -5.10 -30.04 -1.13
C VAL B 58 -6.43 -29.30 -1.26
N GLY B 59 -7.19 -29.31 -0.17
CA GLY B 59 -8.58 -28.89 -0.19
C GLY B 59 -9.47 -30.00 -0.71
N GLN B 60 -8.97 -31.25 -0.69
CA GLN B 60 -9.66 -32.41 -1.24
C GLN B 60 -10.32 -33.25 -0.16
N GLU B 61 -11.66 -33.31 -0.17
CA GLU B 61 -12.42 -34.25 0.62
C GLU B 61 -12.86 -35.36 -0.31
N HIS B 62 -13.55 -36.37 0.22
CA HIS B 62 -13.98 -37.50 -0.59
C HIS B 62 -12.78 -38.21 -1.17
N ILE B 63 -11.70 -38.36 -0.39
CA ILE B 63 -10.48 -39.02 -0.88
C ILE B 63 -10.72 -40.49 -1.10
N ALA B 64 -11.60 -41.10 -0.31
CA ALA B 64 -11.87 -42.52 -0.48
C ALA B 64 -12.26 -42.81 -1.92
N SER B 65 -13.20 -42.02 -2.48
CA SER B 65 -13.64 -42.23 -3.86
C SER B 65 -12.45 -42.11 -4.80
N LEU B 66 -11.67 -41.05 -4.60
CA LEU B 66 -10.47 -40.76 -5.38
C LEU B 66 -9.52 -41.94 -5.34
N ILE B 67 -9.23 -42.43 -4.14
CA ILE B 67 -8.32 -43.54 -3.96
C ILE B 67 -8.81 -44.81 -4.66
N ALA B 68 -10.09 -45.15 -4.49
CA ALA B 68 -10.66 -46.32 -5.13
C ALA B 68 -10.61 -46.17 -6.64
N ASP B 69 -10.92 -44.97 -7.13
CA ASP B 69 -10.92 -44.66 -8.56
C ASP B 69 -9.53 -44.89 -9.13
N HIS B 70 -8.52 -44.30 -8.50
CA HIS B 70 -7.17 -44.38 -9.02
C HIS B 70 -6.54 -45.76 -8.82
N ALA B 71 -6.97 -46.47 -7.79
CA ALA B 71 -6.53 -47.85 -7.57
C ALA B 71 -7.08 -48.76 -8.66
N GLY B 72 -8.18 -48.34 -9.28
CA GLY B 72 -8.83 -49.14 -10.31
C GLY B 72 -9.66 -50.27 -9.73
N LEU B 73 -10.23 -50.06 -8.53
CA LEU B 73 -11.04 -51.08 -7.86
C LEU B 73 -12.53 -50.72 -7.84
N ASN B 74 -12.92 -49.65 -8.51
CA ASN B 74 -14.35 -49.37 -8.62
C ASN B 74 -15.07 -50.59 -9.19
N PRO B 75 -16.23 -50.97 -8.65
CA PRO B 75 -17.09 -50.19 -7.74
C PRO B 75 -17.04 -50.69 -6.30
N VAL B 76 -15.92 -51.29 -5.88
CA VAL B 76 -15.86 -51.76 -4.49
C VAL B 76 -16.09 -50.58 -3.57
N PRO B 77 -16.78 -50.79 -2.45
CA PRO B 77 -16.94 -49.70 -1.48
C PRO B 77 -15.61 -49.31 -0.83
N CYS B 78 -15.38 -48.01 -0.71
CA CYS B 78 -14.21 -47.47 -0.03
C CYS B 78 -14.71 -46.43 0.97
N THR B 79 -14.20 -46.46 2.20
CA THR B 79 -14.66 -45.55 3.24
C THR B 79 -13.46 -44.89 3.91
N ARG B 80 -13.59 -43.62 4.28
CA ARG B 80 -12.55 -42.90 4.99
C ARG B 80 -12.92 -42.80 6.44
N VAL B 81 -12.06 -43.30 7.32
CA VAL B 81 -12.21 -43.11 8.76
C VAL B 81 -11.30 -41.98 9.22
N GLU B 82 -11.72 -41.20 10.24
CA GLU B 82 -10.94 -40.10 10.76
C GLU B 82 -10.95 -40.08 12.27
N ALA B 83 -9.76 -39.93 12.85
CA ALA B 83 -9.57 -39.79 14.29
C ALA B 83 -8.18 -39.23 14.54
N ALA B 84 -7.82 -38.18 13.81
CA ALA B 84 -6.51 -37.56 13.98
C ALA B 84 -5.38 -38.57 13.70
N CYS B 85 -4.32 -38.60 14.55
CA CYS B 85 -3.16 -39.50 14.38
C CYS B 85 -3.61 -40.96 14.41
N ALA B 86 -4.83 -41.22 14.92
CA ALA B 86 -5.31 -42.59 15.10
C ALA B 86 -6.21 -43.07 13.98
N SER B 87 -6.28 -42.32 12.88
CA SER B 87 -7.17 -42.71 11.78
C SER B 87 -6.79 -44.07 11.21
N GLY B 88 -5.52 -44.43 11.26
CA GLY B 88 -5.05 -45.69 10.70
C GLY B 88 -5.57 -46.91 11.43
N SER B 89 -5.42 -46.93 12.75
CA SER B 89 -5.98 -47.99 13.58
C SER B 89 -7.49 -48.12 13.39
N LEU B 90 -8.21 -47.00 13.35
CA LEU B 90 -9.64 -47.06 13.16
C LEU B 90 -10.01 -47.59 11.79
N ALA B 91 -9.22 -47.28 10.77
CA ALA B 91 -9.42 -47.90 9.45
C ALA B 91 -9.31 -49.41 9.53
N LEU B 92 -8.34 -49.90 10.29
CA LEU B 92 -8.17 -51.33 10.48
C LEU B 92 -9.28 -51.91 11.35
N ARG B 93 -9.70 -51.19 12.40
CA ARG B 93 -10.78 -51.67 13.25
C ARG B 93 -12.08 -51.73 12.47
N SER B 94 -12.32 -50.75 11.60
CA SER B 94 -13.51 -50.78 10.75
C SER B 94 -13.43 -51.95 9.79
N ALA B 95 -12.23 -52.24 9.30
CA ALA B 95 -12.03 -53.35 8.39
C ALA B 95 -12.25 -54.68 9.11
N VAL B 96 -11.76 -54.76 10.35
CA VAL B 96 -11.92 -55.95 11.20
C VAL B 96 -13.39 -56.22 11.41
N LEU B 97 -14.16 -55.19 11.76
CA LEU B 97 -15.58 -55.36 12.05
C LEU B 97 -16.34 -55.77 10.83
N SER B 98 -15.96 -55.31 9.63
CA SER B 98 -16.69 -55.68 8.43
C SER B 98 -16.46 -57.16 8.05
N VAL B 99 -15.26 -57.70 8.36
CA VAL B 99 -14.97 -59.11 8.14
C VAL B 99 -15.66 -59.96 9.20
N ALA B 100 -15.58 -59.53 10.46
CA ALA B 100 -16.26 -60.20 11.58
C ALA B 100 -17.75 -60.33 11.35
N SER B 101 -18.37 -59.30 10.74
CA SER B 101 -19.81 -59.29 10.49
C SER B 101 -20.23 -60.33 9.46
N GLY B 102 -19.32 -60.68 8.57
CA GLY B 102 -19.61 -61.63 7.50
C GLY B 102 -20.01 -60.95 6.20
N HIS B 103 -20.12 -59.62 6.22
CA HIS B 103 -20.47 -58.83 5.04
C HIS B 103 -19.34 -58.80 4.02
N HIS B 104 -18.07 -58.83 4.47
CA HIS B 104 -16.90 -58.85 3.59
C HIS B 104 -15.91 -59.92 4.03
N ASP B 105 -15.27 -60.60 3.06
CA ASP B 105 -14.36 -61.69 3.38
C ASP B 105 -12.91 -61.20 3.34
N VAL B 106 -12.58 -60.34 2.36
CA VAL B 106 -11.24 -59.76 2.23
C VAL B 106 -11.32 -58.25 2.13
N VAL B 107 -10.68 -57.55 3.08
CA VAL B 107 -10.75 -56.10 3.16
C VAL B 107 -9.34 -55.53 3.28
N LEU B 108 -9.15 -54.35 2.71
CA LEU B 108 -7.87 -53.69 2.81
C LEU B 108 -8.01 -52.46 3.68
N ALA B 109 -7.17 -52.40 4.71
CA ALA B 109 -7.11 -51.29 5.63
C ALA B 109 -5.79 -50.59 5.38
N GLY B 110 -5.85 -49.37 4.89
CA GLY B 110 -4.67 -48.60 4.54
C GLY B 110 -4.70 -47.19 5.10
N GLY B 111 -3.57 -46.52 5.03
CA GLY B 111 -3.42 -45.14 5.48
C GLY B 111 -2.31 -44.44 4.73
N VAL B 112 -2.47 -43.14 4.49
CA VAL B 112 -1.55 -42.42 3.65
C VAL B 112 -1.42 -40.99 4.11
N GLU B 113 -0.34 -40.33 3.72
CA GLU B 113 -0.14 -38.93 4.03
C GLU B 113 0.86 -38.29 3.08
N LYS B 114 0.72 -36.98 2.85
CA LYS B 114 1.62 -36.23 1.96
C LYS B 114 1.76 -34.81 2.46
N MET B 115 2.45 -34.62 3.60
CA MET B 115 2.47 -33.32 4.29
C MET B 115 3.63 -32.43 3.86
N THR B 116 4.51 -32.91 2.98
CA THR B 116 5.58 -32.08 2.46
C THR B 116 5.12 -31.27 1.23
N ASP B 117 3.80 -31.18 1.04
CA ASP B 117 3.20 -30.35 0.00
C ASP B 117 2.89 -28.93 0.52
N VAL B 118 3.12 -28.70 1.81
CA VAL B 118 2.92 -27.39 2.41
C VAL B 118 4.19 -26.98 3.18
N GLU B 119 4.49 -25.67 3.20
CA GLU B 119 5.69 -25.17 3.88
C GLU B 119 5.57 -25.34 5.40
N ASP B 120 4.36 -25.13 5.95
CA ASP B 120 4.08 -25.36 7.37
C ASP B 120 2.89 -26.29 7.55
N ALA B 121 3.13 -27.42 8.22
CA ALA B 121 2.12 -28.43 8.51
C ALA B 121 1.60 -28.28 9.95
N THR B 122 2.03 -27.22 10.65
CA THR B 122 1.67 -27.00 12.05
C THR B 122 0.15 -26.92 12.18
N ALA B 123 -0.49 -26.25 11.23
CA ALA B 123 -1.94 -26.03 11.27
C ALA B 123 -2.71 -27.35 11.28
N ALA B 124 -2.24 -28.34 10.51
CA ALA B 124 -2.92 -29.63 10.40
C ALA B 124 -2.80 -30.45 11.68
N ILE B 125 -1.58 -30.60 12.21
CA ILE B 125 -1.42 -31.37 13.44
C ILE B 125 -2.22 -30.75 14.58
N ALA B 126 -2.37 -29.42 14.57
CA ALA B 126 -3.05 -28.71 15.64
C ALA B 126 -4.56 -28.90 15.58
N SER B 127 -5.10 -29.27 14.42
CA SER B 127 -6.55 -29.42 14.28
C SER B 127 -7.10 -30.56 15.14
N ALA B 128 -6.22 -31.47 15.57
CA ALA B 128 -6.59 -32.55 16.47
C ALA B 128 -6.89 -32.04 17.88
N SER B 129 -6.29 -30.90 18.26
CA SER B 129 -6.56 -30.30 19.56
C SER B 129 -7.85 -29.47 19.51
N ASP B 130 -8.33 -28.99 20.67
CA ASP B 130 -9.55 -28.18 20.68
C ASP B 130 -9.27 -26.83 20.06
N GLN B 131 -9.90 -26.54 18.91
CA GLN B 131 -9.64 -25.30 18.20
C GLN B 131 -10.05 -24.11 19.03
N GLU B 132 -11.23 -24.19 19.65
CA GLU B 132 -11.78 -23.07 20.42
C GLU B 132 -11.00 -22.81 21.73
N TRP B 133 -10.47 -23.85 22.37
CA TRP B 133 -10.00 -23.73 23.75
C TRP B 133 -8.54 -24.13 23.97
N GLU B 134 -7.80 -24.50 22.93
CA GLU B 134 -6.39 -24.82 23.07
C GLU B 134 -5.59 -24.15 21.96
N ALA B 135 -5.94 -24.46 20.71
CA ALA B 135 -5.29 -23.87 19.55
C ALA B 135 -5.42 -22.36 19.59
N PHE B 136 -6.66 -21.91 19.81
CA PHE B 136 -7.01 -20.49 19.87
C PHE B 136 -6.05 -19.69 20.75
N PHE B 137 -5.64 -20.23 21.88
CA PHE B 137 -4.83 -19.50 22.85
C PHE B 137 -3.34 -19.70 22.62
N GLY B 138 -2.97 -20.47 21.60
CA GLY B 138 -1.58 -20.61 21.22
C GLY B 138 -0.95 -21.91 21.66
N ALA B 139 -1.78 -22.91 21.95
CA ALA B 139 -1.28 -24.20 22.41
C ALA B 139 -0.95 -25.08 21.21
N THR B 140 0.35 -25.16 20.89
CA THR B 140 0.83 -25.98 19.79
C THR B 140 0.80 -27.42 20.23
N PHE B 141 0.88 -28.33 19.28
CA PHE B 141 0.81 -29.75 19.60
C PHE B 141 1.99 -30.21 20.49
N PRO B 142 3.21 -29.77 20.21
CA PRO B 142 4.32 -30.17 21.08
C PRO B 142 4.21 -29.53 22.46
N SER B 143 3.54 -28.38 22.56
CA SER B 143 3.43 -27.68 23.85
C SER B 143 2.44 -28.38 24.76
N LEU B 144 1.46 -29.07 24.18
CA LEU B 144 0.50 -29.86 24.96
C LEU B 144 1.18 -31.09 25.52
N TYR B 145 1.94 -31.80 24.68
CA TYR B 145 2.66 -32.97 25.17
C TYR B 145 3.80 -32.56 26.09
N ALA B 146 4.40 -31.39 25.88
CA ALA B 146 5.40 -30.91 26.82
C ALA B 146 4.75 -30.70 28.18
N MET B 147 3.53 -30.17 28.18
CA MET B 147 2.83 -29.87 29.42
C MET B 147 2.49 -31.17 30.16
N MET B 148 2.23 -32.24 29.40
CA MET B 148 2.02 -33.57 29.99
C MET B 148 3.32 -34.01 30.66
N ALA B 149 4.43 -33.87 29.94
CA ALA B 149 5.73 -34.31 30.42
C ALA B 149 6.10 -33.56 31.67
N ARG B 150 5.81 -32.25 31.70
CA ARG B 150 6.10 -31.44 32.87
C ARG B 150 5.32 -31.94 34.09
N ARG B 151 4.00 -32.14 33.96
CA ARG B 151 3.16 -32.59 35.07
C ARG B 151 3.58 -33.99 35.54
N TYR B 152 4.03 -34.83 34.61
CA TYR B 152 4.51 -36.16 34.92
C TYR B 152 5.76 -36.07 35.76
N MET B 153 6.67 -35.16 35.39
CA MET B 153 7.92 -34.98 36.13
C MET B 153 7.61 -34.43 37.51
N TYR B 154 6.70 -33.46 37.58
CA TYR B 154 6.28 -32.84 38.83
C TYR B 154 5.68 -33.86 39.79
N GLN B 155 4.95 -34.85 39.25
CA GLN B 155 4.23 -35.82 40.08
C GLN B 155 5.06 -37.05 40.39
N TYR B 156 5.90 -37.50 39.44
CA TYR B 156 6.60 -38.79 39.56
C TYR B 156 8.12 -38.66 39.51
N GLY B 157 8.64 -37.44 39.45
CA GLY B 157 10.06 -37.18 39.49
C GLY B 157 10.87 -37.71 38.31
N LEU B 158 10.25 -37.84 37.15
CA LEU B 158 10.98 -38.19 35.95
C LEU B 158 11.98 -37.10 35.60
N THR B 159 13.19 -37.49 35.22
CA THR B 159 14.23 -36.53 34.83
C THR B 159 14.33 -36.45 33.31
N ILE B 160 14.97 -35.40 32.82
CA ILE B 160 15.13 -35.20 31.38
C ILE B 160 16.05 -36.26 30.80
N GLU B 161 17.01 -36.73 31.60
CA GLU B 161 17.92 -37.78 31.17
C GLU B 161 17.15 -39.07 30.92
N GLU B 162 16.23 -39.43 31.82
CA GLU B 162 15.43 -40.64 31.68
C GLU B 162 14.56 -40.55 30.44
N LEU B 163 13.87 -39.43 30.28
CA LEU B 163 12.99 -39.20 29.14
C LEU B 163 13.75 -39.29 27.82
N SER B 164 14.99 -38.77 27.79
CA SER B 164 15.82 -38.71 26.57
C SER B 164 16.34 -40.08 26.15
N MET B 165 16.35 -41.04 27.07
CA MET B 165 16.84 -42.37 26.76
C MET B 165 15.86 -43.11 25.84
N TRP B 166 14.60 -42.71 25.86
CA TRP B 166 13.60 -43.28 24.97
C TRP B 166 14.00 -43.02 23.51
N SER B 167 14.41 -41.81 23.20
CA SER B 167 14.79 -41.45 21.83
C SER B 167 16.10 -42.13 21.42
N VAL B 168 16.97 -42.41 22.38
CA VAL B 168 18.24 -43.06 22.05
C VAL B 168 17.98 -44.49 21.59
N ILE B 169 17.14 -45.21 22.35
CA ILE B 169 16.71 -46.55 21.99
C ILE B 169 16.01 -46.54 20.64
N ALA B 170 15.11 -45.58 20.44
CA ALA B 170 14.32 -45.48 19.22
C ALA B 170 15.20 -45.37 18.00
N HIS B 171 16.20 -44.49 18.07
CA HIS B 171 17.08 -44.22 16.93
C HIS B 171 18.05 -45.37 16.71
N GLU B 172 18.44 -46.06 17.77
CA GLU B 172 19.24 -47.26 17.66
C GLU B 172 18.46 -48.33 16.91
N ASN B 173 17.20 -48.53 17.29
CA ASN B 173 16.34 -49.52 16.68
C ASN B 173 16.04 -49.18 15.22
N ALA B 174 15.96 -47.90 14.89
CA ALA B 174 15.59 -47.45 13.55
C ALA B 174 16.66 -47.72 12.49
N THR B 175 17.93 -47.83 12.92
CA THR B 175 19.02 -48.15 12.00
C THR B 175 18.82 -49.56 11.40
N LYS B 176 18.08 -50.42 12.11
CA LYS B 176 17.74 -51.75 11.61
C LYS B 176 16.48 -51.75 10.75
N ASN B 177 15.96 -50.56 10.39
CA ASN B 177 14.71 -50.45 9.63
C ASN B 177 14.92 -49.68 8.32
N LYS B 178 14.72 -50.36 7.17
CA LYS B 178 14.95 -49.73 5.86
C LYS B 178 13.88 -48.71 5.52
N TYR B 179 12.67 -48.88 6.06
CA TYR B 179 11.56 -47.98 5.77
C TYR B 179 11.55 -46.78 6.73
N ALA B 180 12.51 -46.74 7.69
CA ALA B 180 12.59 -45.65 8.68
C ALA B 180 13.02 -44.35 8.05
N GLN B 181 12.51 -43.24 8.58
CA GLN B 181 12.86 -41.90 8.15
C GLN B 181 14.30 -41.56 8.56
N PHE B 182 14.69 -41.94 9.78
CA PHE B 182 16.04 -41.70 10.31
C PHE B 182 16.81 -43.00 10.59
N GLY B 183 17.92 -43.18 9.89
CA GLY B 183 18.77 -44.33 10.08
C GLY B 183 20.10 -43.97 10.71
N PHE B 184 20.08 -43.13 11.76
CA PHE B 184 21.31 -42.76 12.46
C PHE B 184 21.18 -43.00 13.96
N LYS B 185 22.34 -43.14 14.62
CA LYS B 185 22.44 -43.35 16.06
C LYS B 185 22.59 -41.99 16.77
N THR B 186 22.13 -41.90 18.02
CA THR B 186 22.27 -40.65 18.76
C THR B 186 22.62 -40.92 20.22
N THR B 187 23.18 -39.91 20.89
CA THR B 187 23.56 -40.03 22.30
C THR B 187 22.58 -39.22 23.15
N LEU B 188 22.62 -39.37 24.49
CA LEU B 188 21.76 -38.55 25.36
C LEU B 188 22.12 -37.07 25.21
N GLU B 189 23.41 -36.76 25.17
CA GLU B 189 23.85 -35.38 25.06
C GLU B 189 23.28 -34.74 23.79
N GLN B 190 23.23 -35.50 22.70
CA GLN B 190 22.70 -35.01 21.44
C GLN B 190 21.19 -34.77 21.52
N VAL B 191 20.47 -35.64 22.23
CA VAL B 191 19.02 -35.51 22.40
C VAL B 191 18.70 -34.29 23.26
N MET B 192 19.44 -34.11 24.35
CA MET B 192 19.18 -33.05 25.31
C MET B 192 19.63 -31.69 24.77
N ASN B 193 20.71 -31.67 23.99
CA ASN B 193 21.27 -30.41 23.49
C ASN B 193 20.77 -30.12 22.08
N ALA B 194 19.67 -30.77 21.66
CA ALA B 194 19.02 -30.46 20.40
C ALA B 194 18.20 -29.18 20.53
N SER B 195 17.85 -28.56 19.39
CA SER B 195 17.11 -27.31 19.39
C SER B 195 15.75 -27.48 20.07
N PRO B 196 15.40 -26.63 21.04
CA PRO B 196 14.14 -26.84 21.77
C PRO B 196 12.93 -26.40 20.96
N VAL B 197 11.87 -27.22 21.00
CA VAL B 197 10.60 -26.89 20.38
C VAL B 197 9.67 -26.32 21.43
N ALA B 198 9.51 -27.02 22.56
CA ALA B 198 8.61 -26.62 23.64
C ALA B 198 9.11 -27.20 24.95
N ASP B 199 9.61 -26.34 25.84
CA ASP B 199 10.23 -26.78 27.09
C ASP B 199 9.29 -27.72 27.85
N PRO B 200 9.74 -28.92 28.25
CA PRO B 200 11.11 -29.44 28.27
C PRO B 200 11.57 -30.12 26.99
N LEU B 201 10.64 -30.41 26.06
CA LEU B 201 10.95 -31.17 24.86
C LEU B 201 11.89 -30.40 23.92
N THR B 202 12.79 -31.17 23.28
CA THR B 202 13.66 -30.67 22.22
C THR B 202 13.25 -31.31 20.93
N LEU B 203 13.89 -30.90 19.84
CA LEU B 203 13.64 -31.46 18.52
C LEU B 203 13.79 -32.99 18.54
N MET B 204 14.72 -33.50 19.36
CA MET B 204 14.99 -34.92 19.43
C MET B 204 14.05 -35.65 20.37
N HIS B 205 13.02 -34.99 20.89
CA HIS B 205 11.95 -35.66 21.64
C HIS B 205 10.70 -35.76 20.79
N CYS B 206 10.71 -35.15 19.59
CA CYS B 206 9.53 -35.06 18.74
C CYS B 206 9.67 -35.95 17.52
N SER B 207 8.57 -36.59 17.14
CA SER B 207 8.48 -37.26 15.86
C SER B 207 8.36 -36.22 14.75
N PRO B 208 8.87 -36.53 13.55
CA PRO B 208 8.84 -35.52 12.48
C PRO B 208 7.55 -35.56 11.68
N VAL B 209 7.36 -34.52 10.89
CA VAL B 209 6.30 -34.55 9.90
C VAL B 209 6.77 -35.36 8.69
N SER B 210 5.95 -36.28 8.23
CA SER B 210 6.40 -37.17 7.18
C SER B 210 5.26 -37.65 6.29
N ASP B 211 5.58 -38.09 5.09
CA ASP B 211 4.56 -38.61 4.22
C ASP B 211 4.87 -40.05 3.83
N GLY B 212 3.84 -40.87 3.90
CA GLY B 212 3.96 -42.29 3.62
C GLY B 212 2.61 -42.97 3.46
N ALA B 213 2.65 -44.24 3.08
CA ALA B 213 1.45 -45.05 2.96
C ALA B 213 1.75 -46.46 3.49
N SER B 214 0.81 -47.02 4.24
CA SER B 214 0.92 -48.40 4.69
C SER B 214 -0.46 -49.06 4.59
N ALA B 215 -0.48 -50.34 4.18
CA ALA B 215 -1.72 -51.06 3.97
C ALA B 215 -1.63 -52.48 4.55
N LEU B 216 -2.69 -52.92 5.21
CA LEU B 216 -2.90 -54.30 5.59
C LEU B 216 -4.00 -54.88 4.73
N ILE B 217 -4.02 -56.20 4.60
CA ILE B 217 -5.13 -56.92 3.99
C ILE B 217 -5.64 -57.93 5.01
N VAL B 218 -6.87 -57.75 5.47
CA VAL B 218 -7.43 -58.63 6.48
C VAL B 218 -8.40 -59.57 5.82
N CYS B 219 -8.57 -60.74 6.43
CA CYS B 219 -9.33 -61.83 5.84
C CYS B 219 -9.94 -62.68 6.96
N ASP B 220 -11.07 -63.34 6.67
CA ASP B 220 -11.67 -64.30 7.59
C ASP B 220 -10.70 -65.47 7.86
N ALA B 221 -10.49 -65.81 9.14
CA ALA B 221 -9.45 -66.78 9.53
C ALA B 221 -9.56 -68.07 8.73
N ASP B 222 -10.78 -68.48 8.38
CA ASP B 222 -11.00 -69.71 7.64
C ASP B 222 -10.61 -69.52 6.18
N LYS B 223 -10.99 -68.40 5.58
CA LYS B 223 -10.67 -68.12 4.18
C LYS B 223 -9.17 -67.85 4.01
N ALA B 224 -8.50 -67.42 5.10
CA ALA B 224 -7.08 -67.02 5.09
C ALA B 224 -6.18 -68.15 4.60
N GLU B 225 -6.60 -69.38 4.82
CA GLU B 225 -5.81 -70.55 4.43
C GLU B 225 -5.77 -70.70 2.90
N GLU B 226 -6.77 -70.14 2.18
CA GLU B 226 -6.79 -70.12 0.72
C GLU B 226 -5.62 -69.36 0.12
N PHE B 227 -5.24 -68.23 0.72
CA PHE B 227 -4.25 -67.33 0.12
C PHE B 227 -2.86 -67.51 0.71
N ALA B 228 -2.79 -67.86 2.01
CA ALA B 228 -1.51 -67.94 2.69
C ALA B 228 -1.29 -69.26 3.42
N PRO B 229 -0.02 -69.61 3.65
CA PRO B 229 0.27 -70.76 4.52
C PRO B 229 -0.01 -70.44 5.99
N LYS B 230 -0.47 -71.44 6.75
CA LYS B 230 -0.80 -71.26 8.16
C LYS B 230 0.32 -70.57 8.94
N ASP B 231 1.58 -70.94 8.69
CA ASP B 231 2.72 -70.39 9.43
C ASP B 231 2.87 -68.88 9.22
N GLU B 232 2.40 -68.38 8.07
CA GLU B 232 2.50 -66.97 7.74
C GLU B 232 1.29 -66.16 8.22
N ILE B 233 0.23 -66.83 8.72
CA ILE B 233 -0.99 -66.14 9.13
C ILE B 233 -0.85 -65.61 10.56
N ILE B 234 -1.25 -64.32 10.78
CA ILE B 234 -1.32 -63.76 12.12
C ILE B 234 -2.74 -63.32 12.42
N TYR B 235 -3.20 -63.63 13.65
CA TYR B 235 -4.61 -63.55 14.01
C TYR B 235 -4.84 -62.30 14.85
N ILE B 236 -5.91 -61.55 14.52
CA ILE B 236 -6.32 -60.41 15.33
C ILE B 236 -7.23 -60.88 16.46
N LYS B 237 -6.73 -60.87 17.69
CA LYS B 237 -7.47 -61.35 18.85
C LYS B 237 -8.46 -60.29 19.35
N ALA B 238 -8.05 -59.01 19.33
CA ALA B 238 -8.89 -57.93 19.84
C ALA B 238 -8.63 -56.63 19.07
N SER B 239 -9.70 -55.85 18.84
CA SER B 239 -9.62 -54.60 18.11
C SER B 239 -10.49 -53.56 18.84
N THR B 240 -9.97 -52.97 19.92
CA THR B 240 -10.76 -52.16 20.84
C THR B 240 -10.52 -50.69 20.61
N GLN B 241 -11.42 -49.86 21.15
CA GLN B 241 -11.36 -48.42 21.01
C GLN B 241 -12.05 -47.73 22.19
N ALA B 242 -11.49 -46.60 22.66
CA ALA B 242 -12.07 -45.85 23.78
C ALA B 242 -11.80 -44.37 23.59
N SER B 243 -12.52 -43.53 24.36
CA SER B 243 -12.48 -42.09 24.16
C SER B 243 -12.19 -41.34 25.44
N ASP B 244 -11.65 -40.13 25.29
CA ASP B 244 -11.30 -39.27 26.40
C ASP B 244 -11.56 -37.84 26.00
N THR B 245 -11.42 -36.91 26.94
CA THR B 245 -11.66 -35.50 26.65
C THR B 245 -10.72 -35.03 25.57
N ILE B 246 -11.22 -34.24 24.62
CA ILE B 246 -10.37 -33.73 23.55
C ILE B 246 -9.30 -32.79 24.09
N ALA B 247 -9.68 -31.91 25.02
CA ALA B 247 -8.72 -30.98 25.61
C ALA B 247 -7.98 -31.64 26.76
N LEU B 248 -6.68 -31.39 26.87
CA LEU B 248 -5.86 -31.92 27.96
C LEU B 248 -6.30 -31.32 29.29
N HIS B 249 -6.70 -30.04 29.28
CA HIS B 249 -7.08 -29.35 30.52
C HIS B 249 -8.39 -29.89 31.11
N ASP B 250 -9.12 -30.76 30.35
CA ASP B 250 -10.38 -31.35 30.81
C ASP B 250 -10.20 -32.78 31.35
N ARG B 251 -8.97 -33.31 31.33
CA ARG B 251 -8.67 -34.62 31.87
C ARG B 251 -8.69 -34.64 33.40
N GLU B 252 -9.14 -35.77 33.99
CA GLU B 252 -9.09 -35.98 35.43
C GLU B 252 -7.62 -36.12 35.85
N ASP B 253 -6.84 -36.88 35.09
CA ASP B 253 -5.40 -36.97 35.30
C ASP B 253 -4.69 -36.86 33.95
N MET B 254 -3.79 -35.86 33.80
CA MET B 254 -3.04 -35.61 32.58
C MET B 254 -1.90 -36.60 32.37
N THR B 255 -1.37 -37.17 33.44
CA THR B 255 -0.23 -38.05 33.34
C THR B 255 -0.66 -39.43 32.80
N THR B 256 -1.96 -39.65 32.63
CA THR B 256 -2.43 -40.92 32.10
C THR B 256 -3.39 -40.73 30.92
N LEU B 257 -3.41 -41.70 30.02
CA LEU B 257 -4.41 -41.74 28.95
C LEU B 257 -5.45 -42.80 29.28
N ASN B 258 -6.56 -42.38 29.91
CA ASN B 258 -7.59 -43.31 30.35
C ASN B 258 -8.07 -44.19 29.18
N ALA B 259 -8.32 -43.58 28.02
CA ALA B 259 -8.81 -44.31 26.88
C ALA B 259 -7.89 -45.47 26.55
N ALA B 260 -6.57 -45.33 26.78
CA ALA B 260 -5.65 -46.44 26.59
C ALA B 260 -5.87 -47.50 27.66
N LYS B 261 -6.04 -47.10 28.92
CA LYS B 261 -6.33 -48.06 29.99
C LYS B 261 -7.62 -48.82 29.67
N VAL B 262 -8.66 -48.07 29.27
CA VAL B 262 -9.94 -48.68 28.94
C VAL B 262 -9.80 -49.65 27.76
N ALA B 263 -9.20 -49.20 26.67
CA ALA B 263 -9.10 -50.02 25.46
C ALA B 263 -8.18 -51.22 25.69
N SER B 264 -7.03 -51.01 26.32
CA SER B 264 -6.09 -52.10 26.56
C SER B 264 -6.71 -53.18 27.46
N GLU B 265 -7.44 -52.76 28.51
CA GLU B 265 -8.08 -53.71 29.41
C GLU B 265 -9.11 -54.57 28.65
N LYS B 266 -9.97 -53.92 27.86
CA LYS B 266 -10.95 -54.66 27.07
C LYS B 266 -10.26 -55.64 26.12
N ALA B 267 -9.08 -55.27 25.59
CA ALA B 267 -8.39 -56.13 24.64
C ALA B 267 -7.77 -57.32 25.34
N TYR B 268 -7.28 -57.11 26.57
CA TYR B 268 -6.71 -58.20 27.36
C TYR B 268 -7.81 -59.17 27.78
N LYS B 269 -9.01 -58.66 28.05
CA LYS B 269 -10.14 -59.48 28.49
C LYS B 269 -10.59 -60.42 27.37
N LEU B 270 -10.73 -59.92 26.14
CA LEU B 270 -11.20 -60.75 25.03
C LEU B 270 -10.14 -61.78 24.63
N ALA B 271 -8.87 -61.39 24.71
CA ALA B 271 -7.78 -62.31 24.44
C ALA B 271 -7.55 -63.27 25.61
N LYS B 272 -8.11 -62.95 26.77
CA LYS B 272 -7.95 -63.78 27.97
C LYS B 272 -6.48 -63.93 28.30
N ILE B 273 -5.70 -62.86 28.15
CA ILE B 273 -4.31 -62.87 28.57
C ILE B 273 -4.00 -61.63 29.39
N ALA B 274 -2.82 -61.65 30.03
CA ALA B 274 -2.34 -60.55 30.85
C ALA B 274 -1.24 -59.81 30.10
N PRO B 275 -0.94 -58.57 30.52
CA PRO B 275 0.16 -57.84 29.86
C PRO B 275 1.51 -58.53 29.95
N GLU B 276 1.73 -59.35 30.98
CA GLU B 276 3.00 -60.07 31.09
C GLU B 276 3.26 -60.90 29.84
N LYS B 277 2.18 -61.34 29.17
CA LYS B 277 2.26 -62.28 28.06
C LYS B 277 2.58 -61.59 26.72
N ILE B 278 2.56 -60.27 26.69
CA ILE B 278 2.84 -59.54 25.46
C ILE B 278 4.33 -59.57 25.19
N ASP B 279 4.73 -60.05 24.01
CA ASP B 279 6.13 -60.16 23.65
C ASP B 279 6.62 -58.87 23.04
N VAL B 280 5.79 -58.24 22.20
CA VAL B 280 6.18 -57.02 21.50
C VAL B 280 5.07 -55.99 21.58
N ALA B 281 5.44 -54.72 21.75
CA ALA B 281 4.46 -53.65 21.76
C ALA B 281 4.92 -52.45 20.93
N GLU B 282 3.97 -51.85 20.23
CA GLU B 282 4.24 -50.79 19.30
C GLU B 282 3.29 -49.66 19.68
N VAL B 283 3.85 -48.65 20.38
CA VAL B 283 3.09 -47.59 21.03
C VAL B 283 3.32 -46.25 20.33
N HIS B 284 2.35 -45.35 20.48
CA HIS B 284 2.37 -44.03 19.88
C HIS B 284 3.34 -43.12 20.63
N ASP B 285 4.59 -43.05 20.18
CA ASP B 285 5.63 -42.25 20.83
C ASP B 285 5.94 -41.01 19.99
N CYS B 286 4.93 -40.26 19.56
CA CYS B 286 5.14 -38.99 18.86
C CYS B 286 6.02 -38.01 19.68
N PHE B 287 5.98 -38.09 21.02
CA PHE B 287 6.71 -37.14 21.85
C PHE B 287 7.39 -37.79 23.03
N ALA B 288 7.74 -39.07 22.94
CA ALA B 288 8.57 -39.74 23.95
C ALA B 288 7.82 -39.89 25.29
N ILE B 289 7.32 -38.80 25.87
CA ILE B 289 6.53 -38.91 27.07
C ILE B 289 5.33 -39.85 26.87
N ASN B 290 4.62 -39.80 25.72
CA ASN B 290 3.50 -40.73 25.60
C ASN B 290 3.95 -42.17 25.26
N GLY B 291 5.20 -42.34 24.86
CA GLY B 291 5.81 -43.67 24.89
C GLY B 291 5.90 -44.21 26.31
N LEU B 292 6.40 -43.39 27.23
CA LEU B 292 6.41 -43.73 28.66
C LEU B 292 4.99 -43.96 29.16
N ILE B 293 4.10 -42.96 28.99
CA ILE B 293 2.75 -43.06 29.55
C ILE B 293 2.12 -44.38 29.11
N LEU B 294 2.19 -44.69 27.82
CA LEU B 294 1.52 -45.86 27.27
C LEU B 294 2.09 -47.17 27.82
N VAL B 295 3.40 -47.23 28.06
CA VAL B 295 3.98 -48.42 28.65
C VAL B 295 3.31 -48.72 30.01
N GLU B 296 2.99 -47.68 30.78
CA GLU B 296 2.33 -47.83 32.07
C GLU B 296 0.84 -48.14 31.87
N ASP B 297 0.19 -47.47 30.92
CA ASP B 297 -1.26 -47.60 30.74
C ASP B 297 -1.62 -48.93 30.08
N LEU B 298 -0.69 -49.53 29.33
CA LEU B 298 -0.91 -50.86 28.79
C LEU B 298 -0.54 -51.94 29.81
N GLY B 299 -0.10 -51.49 30.99
CA GLY B 299 0.05 -52.37 32.14
C GLY B 299 1.35 -53.11 32.18
N PHE B 300 2.38 -52.58 31.52
CA PHE B 300 3.69 -53.23 31.54
C PHE B 300 4.47 -52.82 32.77
N CYS B 301 3.98 -51.77 33.47
CA CYS B 301 4.57 -51.36 34.74
C CYS B 301 3.66 -50.41 35.48
N LYS B 302 4.01 -50.10 36.73
CA LYS B 302 3.23 -49.24 37.61
C LYS B 302 3.38 -47.80 37.18
N LYS B 303 2.32 -47.01 37.41
CA LYS B 303 2.34 -45.58 37.18
C LYS B 303 3.47 -44.92 37.96
N GLY B 304 4.28 -44.14 37.26
CA GLY B 304 5.44 -43.48 37.83
C GLY B 304 6.74 -44.21 37.51
N ASP B 305 6.64 -45.53 37.28
CA ASP B 305 7.82 -46.40 37.22
C ASP B 305 8.35 -46.63 35.81
N ALA B 306 7.87 -45.83 34.84
CA ALA B 306 8.29 -45.97 33.45
C ALA B 306 9.71 -45.45 33.20
N GLY B 307 10.09 -44.38 33.89
CA GLY B 307 11.43 -43.83 33.77
C GLY B 307 12.50 -44.81 34.18
N LYS B 308 12.27 -45.55 35.26
CA LYS B 308 13.21 -46.60 35.68
C LYS B 308 13.25 -47.71 34.62
N VAL B 309 12.09 -48.07 34.06
CA VAL B 309 12.03 -49.12 33.05
C VAL B 309 12.90 -48.77 31.85
N ILE B 310 12.99 -47.49 31.50
CA ILE B 310 13.76 -47.07 30.35
C ILE B 310 15.22 -46.86 30.69
N ASP B 311 15.49 -46.36 31.91
CA ASP B 311 16.85 -46.21 32.42
C ASP B 311 17.54 -47.59 32.48
N GLU B 312 16.76 -48.65 32.75
CA GLU B 312 17.28 -50.01 32.80
C GLU B 312 17.32 -50.66 31.40
N GLY B 313 16.67 -50.05 30.42
CA GLY B 313 16.67 -50.57 29.05
C GLY B 313 15.82 -51.81 28.88
N LYS B 314 14.94 -52.06 29.85
CA LYS B 314 14.05 -53.22 29.82
C LYS B 314 13.37 -53.40 28.47
N ILE B 315 12.96 -52.30 27.83
CA ILE B 315 12.18 -52.39 26.58
C ILE B 315 13.08 -52.60 25.36
N ARG B 316 14.35 -52.96 25.56
CA ARG B 316 15.26 -53.21 24.43
C ARG B 316 15.04 -54.59 23.84
N ILE B 317 15.44 -54.76 22.58
CA ILE B 317 15.24 -56.02 21.87
C ILE B 317 16.12 -57.05 22.52
N ASP B 318 17.34 -56.62 22.87
CA ASP B 318 18.31 -57.47 23.57
C ASP B 318 17.86 -57.84 25.00
N TYR B 319 17.09 -56.98 25.67
CA TYR B 319 16.72 -57.22 27.07
C TYR B 319 15.69 -58.35 27.22
N ASP B 320 15.94 -59.26 28.17
CA ASP B 320 15.17 -60.50 28.31
C ASP B 320 14.08 -60.45 29.40
N ASP B 321 13.04 -61.28 29.23
CA ASP B 321 11.91 -61.35 30.16
C ASP B 321 11.27 -59.96 30.39
N PHE B 322 11.15 -59.17 29.32
CA PHE B 322 10.42 -57.92 29.37
C PHE B 322 10.03 -57.47 27.96
N VAL B 323 8.80 -56.95 27.84
CA VAL B 323 8.20 -56.54 26.57
C VAL B 323 9.14 -55.67 25.75
N THR B 324 9.30 -56.03 24.46
CA THR B 324 10.08 -55.22 23.54
C THR B 324 9.18 -54.17 22.87
N VAL B 325 9.50 -52.89 23.08
CA VAL B 325 8.65 -51.81 22.63
C VAL B 325 9.25 -51.05 21.42
N ASN B 326 8.44 -50.85 20.36
CA ASN B 326 8.84 -50.14 19.15
C ASN B 326 10.17 -50.63 18.61
N PRO B 327 10.26 -51.92 18.26
CA PRO B 327 11.52 -52.44 17.69
C PRO B 327 11.88 -51.79 16.37
N SER B 328 10.86 -51.28 15.63
CA SER B 328 11.04 -50.58 14.35
C SER B 328 11.81 -49.27 14.53
N GLY B 329 11.53 -48.58 15.63
CA GLY B 329 12.01 -47.23 15.88
C GLY B 329 10.89 -46.28 16.26
N GLY B 330 9.67 -46.80 16.32
CA GLY B 330 8.51 -46.00 16.72
C GLY B 330 8.21 -44.84 15.79
N LEU B 331 7.40 -43.89 16.26
CA LEU B 331 7.11 -42.70 15.47
C LEU B 331 8.32 -41.81 15.39
N LYS B 332 9.11 -41.79 16.46
CA LYS B 332 10.21 -40.85 16.62
C LYS B 332 11.21 -40.97 15.49
N ALA B 333 11.65 -42.20 15.21
CA ALA B 333 12.74 -42.44 14.28
C ALA B 333 12.28 -43.13 12.98
N ALA B 334 11.29 -44.01 13.06
CA ALA B 334 10.72 -44.58 11.84
C ALA B 334 9.91 -43.55 11.04
N GLY B 335 9.33 -42.57 11.73
CA GLY B 335 8.53 -41.53 11.09
C GLY B 335 7.07 -41.59 11.50
N HIS B 336 6.36 -40.48 11.33
CA HIS B 336 4.95 -40.38 11.73
C HIS B 336 4.10 -39.81 10.59
N ALA B 337 3.35 -40.67 9.88
CA ALA B 337 2.51 -40.22 8.78
C ALA B 337 1.03 -40.11 9.15
N LEU B 338 0.71 -40.05 10.44
CA LEU B 338 -0.67 -39.86 10.87
C LEU B 338 -1.59 -41.01 10.45
N GLY B 339 -2.30 -40.84 9.34
CA GLY B 339 -3.25 -41.84 8.86
C GLY B 339 -2.61 -43.18 8.51
N ALA B 340 -1.32 -43.17 8.14
CA ALA B 340 -0.59 -44.40 7.88
C ALA B 340 0.03 -45.00 9.15
N THR B 341 0.23 -44.21 10.21
CA THR B 341 0.93 -44.73 11.39
C THR B 341 0.25 -45.94 12.02
N GLY B 342 -1.05 -45.83 12.28
CA GLY B 342 -1.81 -46.90 12.93
C GLY B 342 -1.63 -48.23 12.24
N ILE B 343 -1.71 -48.23 10.90
CA ILE B 343 -1.50 -49.42 10.07
C ILE B 343 -0.05 -49.91 10.23
N ARG B 344 0.92 -49.00 10.22
CA ARG B 344 2.31 -49.39 10.30
C ARG B 344 2.57 -50.10 11.61
N GLN B 345 1.96 -49.66 12.71
CA GLN B 345 2.26 -50.26 14.00
C GLN B 345 1.91 -51.73 13.97
N VAL B 346 0.73 -52.03 13.44
CA VAL B 346 0.23 -53.40 13.41
C VAL B 346 1.06 -54.27 12.45
N GLY B 347 1.45 -53.70 11.31
CA GLY B 347 2.30 -54.37 10.34
C GLY B 347 3.66 -54.76 10.87
N GLU B 348 4.16 -54.09 11.93
CA GLU B 348 5.38 -54.54 12.60
C GLU B 348 5.08 -55.71 13.52
N LEU B 349 3.93 -55.68 14.20
CA LEU B 349 3.49 -56.81 15.01
C LEU B 349 3.33 -58.04 14.11
N TYR B 350 2.72 -57.85 12.94
CA TYR B 350 2.58 -58.90 11.93
C TYR B 350 3.96 -59.48 11.63
N TRP B 351 4.91 -58.61 11.26
CA TRP B 351 6.25 -59.06 10.93
C TRP B 351 6.94 -59.72 12.11
N GLN B 352 6.79 -59.14 13.32
CA GLN B 352 7.47 -59.65 14.50
C GLN B 352 6.92 -61.02 14.92
N LEU B 353 5.60 -61.15 14.87
CA LEU B 353 4.96 -62.39 15.28
C LEU B 353 5.11 -63.51 14.26
N LYS B 354 5.20 -63.19 12.97
CA LYS B 354 5.41 -64.19 11.94
C LYS B 354 6.91 -64.34 11.67
N GLN B 355 7.73 -63.58 12.39
CA GLN B 355 9.18 -63.69 12.28
C GLN B 355 9.58 -63.54 10.83
N ASP B 356 9.09 -62.48 10.23
CA ASP B 356 9.34 -62.16 8.83
C ASP B 356 10.78 -61.75 8.61
N LYS B 357 11.23 -61.85 7.38
CA LYS B 357 12.58 -61.46 6.99
C LYS B 357 12.72 -59.95 7.09
N GLU B 358 11.60 -59.21 6.99
CA GLU B 358 11.68 -57.75 7.00
C GLU B 358 12.27 -57.23 8.30
N CYS B 359 11.97 -57.89 9.42
CA CYS B 359 12.48 -57.46 10.72
C CYS B 359 13.50 -58.44 11.27
N LYS B 360 14.27 -59.05 10.37
CA LYS B 360 15.32 -60.01 10.72
C LYS B 360 16.33 -59.39 11.70
N ASP B 361 16.74 -58.13 11.45
CA ASP B 361 17.82 -57.48 12.21
C ASP B 361 17.30 -56.89 13.51
N ARG B 362 15.97 -56.68 13.60
CA ARG B 362 15.36 -56.11 14.80
C ARG B 362 14.35 -57.08 15.38
N GLN B 363 14.59 -58.38 15.22
CA GLN B 363 13.63 -59.39 15.65
C GLN B 363 13.62 -59.53 17.16
N ALA B 364 12.45 -59.30 17.76
CA ALA B 364 12.26 -59.46 19.20
C ALA B 364 12.02 -60.92 19.52
N THR B 365 12.35 -61.35 20.75
CA THR B 365 12.15 -62.74 21.16
C THR B 365 10.70 -62.97 21.53
N ILE B 366 10.05 -63.87 20.82
CA ILE B 366 8.62 -64.13 20.95
C ILE B 366 8.39 -65.39 21.77
N LYS B 367 8.08 -65.24 23.06
CA LYS B 367 7.87 -66.38 23.96
C LYS B 367 6.44 -66.89 23.89
N ASN B 368 5.45 -65.99 24.11
CA ASN B 368 4.04 -66.37 24.22
C ASN B 368 3.26 -66.20 22.90
N GLY B 369 3.85 -65.51 21.94
CA GLY B 369 3.23 -65.31 20.64
C GLY B 369 2.14 -64.26 20.66
N TYR B 370 2.36 -63.15 21.40
CA TYR B 370 1.35 -62.09 21.47
C TYR B 370 1.98 -60.74 21.24
N GLY B 371 1.24 -59.87 20.58
CA GLY B 371 1.66 -58.49 20.40
C GLY B 371 0.50 -57.53 20.56
N ILE B 372 0.78 -56.35 21.08
CA ILE B 372 -0.25 -55.32 21.22
C ILE B 372 0.19 -54.02 20.55
N ALA B 373 -0.76 -53.27 20.01
CA ALA B 373 -0.47 -51.96 19.44
C ALA B 373 -1.37 -50.90 20.07
N ALA B 374 -0.86 -49.69 20.28
CA ALA B 374 -1.67 -48.58 20.81
C ALA B 374 -1.49 -47.36 19.95
N ASN B 375 -2.57 -46.96 19.23
CA ASN B 375 -2.57 -45.78 18.39
C ASN B 375 -3.35 -44.71 19.10
N VAL B 376 -2.83 -43.48 19.10
CA VAL B 376 -3.45 -42.37 19.83
C VAL B 376 -3.84 -41.25 18.88
N GLY B 377 -5.06 -40.74 19.06
CA GLY B 377 -5.52 -39.58 18.32
C GLY B 377 -5.41 -38.32 19.16
N GLY B 378 -4.69 -37.34 18.67
CA GLY B 378 -4.49 -36.10 19.41
C GLY B 378 -3.63 -36.28 20.64
N THR B 379 -4.09 -35.76 21.78
CA THR B 379 -3.37 -35.91 23.05
C THR B 379 -3.93 -37.05 23.89
N GLY B 380 -4.80 -37.86 23.31
CA GLY B 380 -5.41 -38.96 24.03
C GLY B 380 -6.92 -39.03 23.94
N GLY B 381 -7.54 -38.10 23.25
CA GLY B 381 -8.98 -38.10 23.10
C GLY B 381 -9.54 -39.37 22.47
N THR B 382 -8.68 -40.10 21.76
CA THR B 382 -9.05 -41.33 21.09
C THR B 382 -7.89 -42.28 21.18
N VAL B 383 -8.15 -43.52 21.58
CA VAL B 383 -7.11 -44.54 21.56
C VAL B 383 -7.69 -45.82 20.98
N CYS B 384 -6.94 -46.45 20.08
CA CYS B 384 -7.38 -47.68 19.47
C CYS B 384 -6.32 -48.76 19.65
N VAL B 385 -6.71 -49.86 20.29
CA VAL B 385 -5.78 -50.95 20.57
C VAL B 385 -6.06 -52.18 19.68
N HIS B 386 -4.99 -52.82 19.21
CA HIS B 386 -5.07 -54.06 18.44
C HIS B 386 -4.11 -55.07 19.05
N LEU B 387 -4.60 -56.26 19.38
CA LEU B 387 -3.78 -57.30 19.99
C LEU B 387 -3.74 -58.50 19.06
N LEU B 388 -2.56 -58.89 18.64
CA LEU B 388 -2.42 -59.95 17.67
C LEU B 388 -1.85 -61.20 18.33
N SER B 389 -1.94 -62.33 17.65
CA SER B 389 -1.33 -63.56 18.12
C SER B 389 -0.98 -64.44 16.93
N ASP B 390 0.07 -65.25 17.06
CA ASP B 390 0.45 -66.21 16.02
C ASP B 390 -0.50 -67.40 15.98
N LYS B 391 -1.12 -67.69 17.13
CA LYS B 391 -2.08 -68.79 17.25
C LYS B 391 -3.49 -68.21 17.38
N ARG B 392 -4.43 -68.81 16.66
CA ARG B 392 -5.83 -68.41 16.66
C ARG B 392 -6.46 -68.60 18.03
N MET C 1 23.45 63.13 -11.12
CA MET C 1 23.69 62.28 -9.95
C MET C 1 23.38 63.03 -8.66
N ARG C 2 22.09 63.23 -8.37
CA ARG C 2 21.72 63.98 -7.18
C ARG C 2 21.80 63.13 -5.90
N ASP C 3 22.08 63.82 -4.79
CA ASP C 3 22.32 63.19 -3.50
C ASP C 3 21.01 62.67 -2.95
N VAL C 4 21.05 61.50 -2.30
CA VAL C 4 19.84 60.88 -1.76
C VAL C 4 19.90 60.85 -0.25
N ALA C 5 18.72 60.94 0.38
CA ALA C 5 18.64 60.95 1.83
C ALA C 5 17.48 60.11 2.32
N ILE C 6 17.56 59.69 3.58
CA ILE C 6 16.49 58.94 4.25
C ILE C 6 15.64 59.91 5.08
N ILE C 7 14.33 59.90 4.85
CA ILE C 7 13.45 60.79 5.59
C ILE C 7 12.43 60.02 6.43
N GLY C 8 12.45 58.69 6.36
CA GLY C 8 11.56 57.86 7.16
C GLY C 8 11.96 56.39 7.26
N TYR C 9 11.63 55.75 8.39
CA TYR C 9 11.87 54.32 8.58
C TYR C 9 10.75 53.69 9.42
N GLY C 10 10.29 52.52 9.00
CA GLY C 10 9.22 51.79 9.67
C GLY C 10 9.47 50.30 9.72
N GLN C 11 9.02 49.65 10.78
CA GLN C 11 9.37 48.25 10.98
C GLN C 11 8.33 47.53 11.84
N THR C 12 8.04 46.29 11.45
CA THR C 12 7.28 45.37 12.29
C THR C 12 8.23 44.66 13.25
N LYS C 13 7.68 44.04 14.28
CA LYS C 13 8.46 43.17 15.15
C LYS C 13 8.90 41.92 14.35
N PHE C 14 10.15 41.45 14.52
CA PHE C 14 10.62 40.26 13.81
C PHE C 14 10.45 39.00 14.66
N GLY C 15 9.83 37.96 14.11
CA GLY C 15 9.68 36.69 14.82
C GLY C 15 8.67 35.75 14.20
N GLU C 16 8.05 34.91 15.04
CA GLU C 16 6.99 34.02 14.59
C GLU C 16 5.65 34.71 14.71
N LEU C 17 5.23 35.35 13.60
CA LEU C 17 4.00 36.13 13.56
C LEU C 17 2.92 35.40 12.77
N TRP C 18 2.14 34.56 13.47
CA TRP C 18 1.12 33.71 12.86
C TRP C 18 -0.12 34.52 12.48
N GLU C 19 -0.62 35.34 13.42
CA GLU C 19 -1.80 36.15 13.17
C GLU C 19 -1.50 37.17 12.09
N ASP C 20 -0.39 37.92 12.25
CA ASP C 20 0.05 38.93 11.27
C ASP C 20 0.33 38.27 9.94
N SER C 21 -0.60 38.39 9.00
CA SER C 21 -0.39 37.81 7.68
C SER C 21 0.77 38.51 7.00
N PHE C 22 1.08 38.09 5.80
CA PHE C 22 2.03 38.76 4.93
C PHE C 22 1.60 40.22 4.65
N ARG C 23 0.33 40.43 4.28
CA ARG C 23 -0.17 41.77 3.98
C ARG C 23 -0.07 42.67 5.20
N ASP C 24 -0.53 42.19 6.36
CA ASP C 24 -0.47 42.98 7.60
C ASP C 24 0.93 43.51 7.84
N LEU C 25 1.95 42.76 7.41
CA LEU C 25 3.36 43.10 7.69
C LEU C 25 3.82 44.24 6.80
N ILE C 26 3.60 44.14 5.49
CA ILE C 26 4.06 45.17 4.58
C ILE C 26 3.23 46.47 4.71
N VAL C 27 2.00 46.38 5.22
CA VAL C 27 1.23 47.56 5.58
C VAL C 27 1.87 48.19 6.81
N GLU C 28 2.03 47.40 7.89
CA GLU C 28 2.54 47.91 9.15
C GLU C 28 3.88 48.61 8.95
N ALA C 29 4.76 48.01 8.15
CA ALA C 29 6.06 48.61 7.85
C ALA C 29 5.88 49.87 7.02
N GLY C 30 5.05 49.77 6.00
CA GLY C 30 4.85 50.86 5.05
C GLY C 30 4.20 52.09 5.66
N VAL C 31 3.14 51.89 6.43
CA VAL C 31 2.46 52.98 7.12
C VAL C 31 3.38 53.60 8.16
N LYS C 32 4.13 52.78 8.89
CA LYS C 32 5.08 53.30 9.88
C LYS C 32 6.08 54.21 9.21
N ALA C 33 6.65 53.77 8.08
CA ALA C 33 7.67 54.55 7.38
C ALA C 33 7.07 55.83 6.82
N ILE C 34 5.83 55.77 6.34
CA ILE C 34 5.13 56.93 5.81
C ILE C 34 4.94 57.97 6.89
N LYS C 35 4.48 57.56 8.08
CA LYS C 35 4.30 58.48 9.21
C LYS C 35 5.63 59.15 9.55
N ASP C 36 6.68 58.35 9.71
CA ASP C 36 7.98 58.89 10.09
C ASP C 36 8.45 59.90 9.03
N ALA C 37 8.29 59.54 7.75
CA ALA C 37 8.67 60.40 6.63
C ALA C 37 7.79 61.64 6.57
N ASN C 38 6.56 61.53 7.10
CA ASN C 38 5.56 62.59 7.05
C ASN C 38 5.24 62.93 5.60
N VAL C 39 5.04 61.89 4.80
CA VAL C 39 4.59 62.04 3.43
C VAL C 39 3.23 61.37 3.34
N ASP C 40 2.51 61.63 2.25
CA ASP C 40 1.23 60.99 1.98
C ASP C 40 1.50 59.90 0.96
N GLY C 41 0.64 58.88 0.96
CA GLY C 41 0.81 57.77 0.04
C GLY C 41 0.95 58.20 -1.41
N GLY C 42 0.23 59.27 -1.77
CA GLY C 42 0.28 59.82 -3.12
C GLY C 42 1.63 60.45 -3.45
N ASP C 43 2.43 60.77 -2.42
CA ASP C 43 3.74 61.36 -2.65
C ASP C 43 4.74 60.29 -3.07
N ILE C 44 4.45 59.02 -2.82
CA ILE C 44 5.33 57.93 -3.24
C ILE C 44 5.28 57.81 -4.75
N ASP C 45 6.42 58.00 -5.41
CA ASP C 45 6.50 57.98 -6.86
C ASP C 45 6.75 56.56 -7.36
N ALA C 46 7.44 55.74 -6.57
CA ALA C 46 7.74 54.36 -6.95
C ALA C 46 8.10 53.52 -5.73
N MET C 47 8.12 52.20 -5.89
CA MET C 47 8.40 51.25 -4.82
C MET C 47 9.36 50.20 -5.30
N TYR C 48 10.28 49.81 -4.43
CA TYR C 48 11.21 48.72 -4.69
C TYR C 48 11.16 47.75 -3.51
N ILE C 49 10.83 46.49 -3.80
CA ILE C 49 10.54 45.51 -2.75
C ILE C 49 11.57 44.40 -2.76
N GLY C 50 12.10 44.13 -1.57
CA GLY C 50 13.00 43.02 -1.34
C GLY C 50 12.28 41.77 -0.87
N ASN C 51 12.34 40.73 -1.68
CA ASN C 51 11.87 39.41 -1.25
C ASN C 51 12.81 38.33 -1.76
N MET C 52 13.33 37.52 -0.83
CA MET C 52 14.27 36.45 -1.12
C MET C 52 13.50 35.19 -1.46
N SER C 53 12.56 34.79 -0.58
CA SER C 53 11.77 33.56 -0.75
C SER C 53 10.93 33.62 -2.01
N GLY C 54 10.05 34.61 -2.06
CA GLY C 54 9.08 34.77 -3.13
C GLY C 54 8.06 33.65 -3.22
N GLY C 55 8.15 32.90 -4.31
CA GLY C 55 7.26 31.80 -4.59
C GLY C 55 7.53 30.57 -3.79
N LEU C 56 8.78 30.39 -3.33
CA LEU C 56 9.14 29.14 -2.67
C LEU C 56 8.43 29.02 -1.31
N PHE C 57 8.29 30.14 -0.60
CA PHE C 57 7.60 30.15 0.69
C PHE C 57 6.10 29.91 0.53
N VAL C 58 5.45 30.67 -0.37
CA VAL C 58 3.99 30.78 -0.43
C VAL C 58 3.37 30.38 -1.80
N GLY C 59 4.21 30.06 -2.79
CA GLY C 59 3.75 29.74 -4.14
C GLY C 59 3.52 30.94 -5.06
N GLN C 60 3.90 32.15 -4.62
CA GLN C 60 3.51 33.38 -5.33
C GLN C 60 4.70 34.15 -5.89
N GLU C 61 4.68 34.36 -7.21
CA GLU C 61 5.58 35.30 -7.87
C GLU C 61 4.79 36.56 -8.22
N HIS C 62 5.43 37.56 -8.82
CA HIS C 62 4.75 38.82 -9.11
C HIS C 62 4.22 39.47 -7.83
N ILE C 63 5.00 39.38 -6.74
CA ILE C 63 4.57 39.95 -5.46
C ILE C 63 4.52 41.47 -5.52
N ALA C 64 5.39 42.08 -6.32
CA ALA C 64 5.39 43.53 -6.40
C ALA C 64 4.00 44.06 -6.76
N SER C 65 3.37 43.46 -7.77
CA SER C 65 2.01 43.87 -8.16
C SER C 65 1.07 43.70 -6.99
N LEU C 66 1.13 42.54 -6.35
CA LEU C 66 0.31 42.21 -5.19
C LEU C 66 0.48 43.26 -4.10
N ILE C 67 1.73 43.57 -3.77
CA ILE C 67 2.02 44.52 -2.72
C ILE C 67 1.49 45.90 -3.05
N ALA C 68 1.72 46.38 -4.26
CA ALA C 68 1.23 47.68 -4.67
C ALA C 68 -0.29 47.70 -4.64
N ASP C 69 -0.91 46.62 -5.11
CA ASP C 69 -2.37 46.51 -5.13
C ASP C 69 -2.92 46.64 -3.72
N HIS C 70 -2.38 45.86 -2.79
CA HIS C 70 -2.90 45.84 -1.43
C HIS C 70 -2.53 47.09 -0.65
N ALA C 71 -1.40 47.69 -0.98
CA ALA C 71 -1.02 48.96 -0.38
C ALA C 71 -1.99 50.07 -0.80
N GLY C 72 -2.67 49.86 -1.92
CA GLY C 72 -3.58 50.86 -2.47
C GLY C 72 -2.85 52.01 -3.13
N LEU C 73 -1.67 51.72 -3.72
CA LEU C 73 -0.88 52.74 -4.38
C LEU C 73 -0.86 52.56 -5.90
N ASN C 74 -1.68 51.65 -6.43
CA ASN C 74 -1.81 51.58 -7.89
C ASN C 74 -2.22 52.97 -8.43
N PRO C 75 -1.59 53.45 -9.52
CA PRO C 75 -0.77 52.69 -10.47
C PRO C 75 0.72 52.97 -10.36
N VAL C 76 1.20 53.33 -9.16
CA VAL C 76 2.64 53.61 -9.05
C VAL C 76 3.43 52.37 -9.41
N PRO C 77 4.57 52.55 -10.07
CA PRO C 77 5.39 51.38 -10.40
C PRO C 77 5.97 50.72 -9.15
N CYS C 78 5.94 49.38 -9.15
CA CYS C 78 6.43 48.55 -8.06
C CYS C 78 7.35 47.49 -8.63
N THR C 79 8.57 47.37 -8.11
CA THR C 79 9.52 46.43 -8.68
C THR C 79 10.10 45.54 -7.58
N ARG C 80 10.29 44.25 -7.89
CA ARG C 80 10.89 43.32 -6.94
C ARG C 80 12.34 43.08 -7.28
N VAL C 81 13.23 43.23 -6.28
CA VAL C 81 14.65 42.96 -6.44
C VAL C 81 15.02 41.73 -5.62
N GLU C 82 15.87 40.85 -6.16
CA GLU C 82 16.23 39.59 -5.50
C GLU C 82 17.74 39.35 -5.49
N ALA C 83 18.25 38.99 -4.31
CA ALA C 83 19.65 38.63 -4.13
C ALA C 83 19.80 37.81 -2.86
N ALA C 84 18.93 36.81 -2.68
CA ALA C 84 18.96 35.99 -1.49
C ALA C 84 18.85 36.86 -0.21
N CYS C 85 19.77 36.68 0.75
CA CYS C 85 19.66 37.33 2.05
C CYS C 85 19.83 38.85 1.95
N ALA C 86 20.50 39.33 0.91
CA ALA C 86 20.64 40.77 0.75
C ALA C 86 19.79 41.31 -0.38
N SER C 87 18.47 41.10 -0.27
CA SER C 87 17.51 41.63 -1.23
C SER C 87 17.02 43.02 -0.80
N GLY C 88 16.88 43.22 0.51
CA GLY C 88 16.49 44.52 1.04
C GLY C 88 17.48 45.61 0.72
N SER C 89 18.77 45.34 0.94
CA SER C 89 19.84 46.26 0.55
C SER C 89 19.79 46.56 -0.95
N LEU C 90 19.59 45.54 -1.82
CA LEU C 90 19.56 45.78 -3.25
C LEU C 90 18.36 46.59 -3.68
N ALA C 91 17.24 46.43 -2.98
CA ALA C 91 16.06 47.25 -3.25
C ALA C 91 16.29 48.68 -2.76
N LEU C 92 17.06 48.85 -1.67
CA LEU C 92 17.44 50.18 -1.20
C LEU C 92 18.33 50.82 -2.25
N ARG C 93 19.27 50.04 -2.77
CA ARG C 93 20.20 50.55 -3.77
C ARG C 93 19.47 50.87 -5.08
N SER C 94 18.50 50.05 -5.50
CA SER C 94 17.70 50.37 -6.69
C SER C 94 16.89 51.63 -6.46
N ALA C 95 16.37 51.80 -5.23
CA ALA C 95 15.62 52.99 -4.88
C ALA C 95 16.52 54.21 -4.92
N VAL C 96 17.73 54.08 -4.37
CA VAL C 96 18.73 55.16 -4.38
C VAL C 96 19.03 55.59 -5.82
N LEU C 97 19.25 54.63 -6.72
CA LEU C 97 19.61 54.95 -8.09
C LEU C 97 18.45 55.57 -8.86
N SER C 98 17.21 55.28 -8.48
CA SER C 98 16.08 55.89 -9.18
C SER C 98 15.88 57.35 -8.73
N VAL C 99 16.25 57.67 -7.49
CA VAL C 99 16.17 59.05 -7.00
C VAL C 99 17.34 59.84 -7.58
N ALA C 100 18.54 59.24 -7.57
CA ALA C 100 19.74 59.84 -8.14
C ALA C 100 19.55 60.20 -9.63
N SER C 101 18.81 59.38 -10.37
CA SER C 101 18.56 59.58 -11.80
C SER C 101 17.67 60.78 -12.08
N GLY C 102 16.83 61.13 -11.11
CA GLY C 102 15.89 62.23 -11.25
C GLY C 102 14.51 61.79 -11.68
N HIS C 103 14.35 60.49 -11.97
CA HIS C 103 13.06 59.96 -12.44
C HIS C 103 12.00 59.93 -11.34
N HIS C 104 12.42 59.62 -10.11
CA HIS C 104 11.51 59.64 -8.98
C HIS C 104 12.12 60.47 -7.86
N ASP C 105 11.31 61.28 -7.17
CA ASP C 105 11.81 62.16 -6.11
C ASP C 105 11.67 61.45 -4.79
N VAL C 106 10.57 60.71 -4.62
CA VAL C 106 10.31 59.96 -3.40
C VAL C 106 10.06 58.51 -3.71
N VAL C 107 10.91 57.64 -3.19
CA VAL C 107 10.77 56.22 -3.42
C VAL C 107 10.79 55.44 -2.12
N LEU C 108 9.96 54.39 -2.05
CA LEU C 108 9.94 53.53 -0.89
C LEU C 108 10.73 52.27 -1.16
N ALA C 109 11.73 51.98 -0.31
CA ALA C 109 12.46 50.73 -0.38
C ALA C 109 12.04 49.88 0.81
N GLY C 110 11.34 48.79 0.53
CA GLY C 110 10.84 47.90 1.57
C GLY C 110 11.30 46.48 1.41
N GLY C 111 11.18 45.71 2.49
CA GLY C 111 11.55 44.31 2.50
C GLY C 111 10.65 43.52 3.43
N VAL C 112 10.21 42.34 2.99
CA VAL C 112 9.26 41.55 3.76
C VAL C 112 9.56 40.08 3.59
N GLU C 113 9.22 39.26 4.60
CA GLU C 113 9.39 37.83 4.53
C GLU C 113 8.43 37.13 5.44
N LYS C 114 7.97 35.96 5.01
CA LYS C 114 7.01 35.20 5.80
C LYS C 114 7.35 33.72 5.72
N MET C 115 8.40 33.31 6.42
CA MET C 115 8.89 31.95 6.32
C MET C 115 8.15 30.99 7.23
N THR C 116 7.36 31.49 8.18
CA THR C 116 6.61 30.58 9.05
C THR C 116 5.36 30.04 8.36
N ASP C 117 5.27 30.22 7.02
CA ASP C 117 4.14 29.77 6.22
C ASP C 117 4.42 28.42 5.55
N VAL C 118 5.65 27.90 5.69
CA VAL C 118 6.06 26.64 5.09
C VAL C 118 6.52 25.68 6.18
N GLU C 119 6.28 24.37 6.00
CA GLU C 119 6.64 23.38 7.00
C GLU C 119 8.16 23.29 7.18
N ASP C 120 8.92 23.36 6.08
CA ASP C 120 10.37 23.28 6.17
C ASP C 120 11.05 24.43 5.45
N ALA C 121 11.54 25.41 6.23
CA ALA C 121 12.21 26.58 5.67
C ALA C 121 13.59 26.24 5.15
N THR C 122 14.19 25.16 5.68
CA THR C 122 15.53 24.74 5.30
C THR C 122 15.70 24.63 3.79
N ALA C 123 14.70 24.10 3.09
CA ALA C 123 14.82 23.88 1.65
C ALA C 123 14.89 25.19 0.89
N ALA C 124 14.12 26.20 1.33
CA ALA C 124 14.12 27.51 0.67
C ALA C 124 15.43 28.27 0.93
N ILE C 125 15.92 28.27 2.18
CA ILE C 125 17.15 28.99 2.55
C ILE C 125 18.33 28.43 1.76
N ALA C 126 18.32 27.11 1.53
CA ALA C 126 19.36 26.42 0.77
C ALA C 126 19.32 26.81 -0.70
N SER C 127 18.20 27.39 -1.16
CA SER C 127 18.08 27.83 -2.54
C SER C 127 19.12 28.88 -2.93
N ALA C 128 19.63 29.65 -1.95
CA ALA C 128 20.66 30.66 -2.20
C ALA C 128 21.99 30.02 -2.58
N SER C 129 22.25 28.78 -2.12
CA SER C 129 23.48 28.09 -2.45
C SER C 129 23.38 27.44 -3.84
N ASP C 130 24.49 26.92 -4.38
CA ASP C 130 24.43 26.28 -5.68
C ASP C 130 23.63 25.00 -5.56
N GLN C 131 22.48 24.94 -6.23
CA GLN C 131 21.62 23.76 -6.12
C GLN C 131 22.34 22.54 -6.65
N GLU C 132 22.99 22.67 -7.80
CA GLU C 132 23.59 21.54 -8.51
C GLU C 132 24.81 21.00 -7.78
N TRP C 133 25.59 21.88 -7.12
CA TRP C 133 26.92 21.49 -6.66
C TRP C 133 27.16 21.66 -5.17
N GLU C 134 26.18 22.19 -4.43
CA GLU C 134 26.32 22.33 -2.99
C GLU C 134 25.17 21.63 -2.30
N ALA C 135 23.95 22.12 -2.54
CA ALA C 135 22.73 21.58 -1.96
C ALA C 135 22.56 20.11 -2.34
N PHE C 136 22.67 19.81 -3.63
CA PHE C 136 22.52 18.46 -4.16
C PHE C 136 23.26 17.41 -3.33
N PHE C 137 24.46 17.74 -2.85
CA PHE C 137 25.30 16.77 -2.16
C PHE C 137 25.10 16.77 -0.64
N GLY C 138 24.19 17.60 -0.16
CA GLY C 138 23.81 17.60 1.25
C GLY C 138 24.46 18.72 2.03
N ALA C 139 24.84 19.79 1.34
CA ALA C 139 25.45 20.93 2.01
C ALA C 139 24.38 21.90 2.45
N THR C 140 24.04 21.86 3.74
CA THR C 140 23.05 22.75 4.29
C THR C 140 23.68 24.12 4.48
N PHE C 141 22.86 25.14 4.60
CA PHE C 141 23.36 26.50 4.75
C PHE C 141 24.21 26.66 6.01
N PRO C 142 23.77 26.15 7.18
CA PRO C 142 24.63 26.22 8.37
C PRO C 142 25.92 25.43 8.23
N SER C 143 25.90 24.34 7.46
CA SER C 143 27.10 23.53 7.28
C SER C 143 28.11 24.27 6.39
N LEU C 144 27.64 25.15 5.50
CA LEU C 144 28.57 25.92 4.65
C LEU C 144 29.31 26.94 5.48
N TYR C 145 28.58 27.66 6.34
CA TYR C 145 29.21 28.66 7.21
C TYR C 145 30.03 27.99 8.30
N ALA C 146 29.64 26.78 8.74
CA ALA C 146 30.43 26.00 9.69
C ALA C 146 31.74 25.59 9.07
N MET C 147 31.74 25.34 7.75
CA MET C 147 32.96 25.00 7.04
C MET C 147 33.87 26.21 6.87
N MET C 148 33.29 27.40 6.66
CA MET C 148 34.07 28.63 6.65
C MET C 148 34.73 28.82 8.00
N ALA C 149 33.95 28.69 9.09
CA ALA C 149 34.47 28.89 10.43
C ALA C 149 35.55 27.87 10.76
N ARG C 150 35.41 26.64 10.30
CA ARG C 150 36.45 25.65 10.56
C ARG C 150 37.76 26.10 9.91
N ARG C 151 37.70 26.51 8.63
CA ARG C 151 38.89 26.95 7.91
C ARG C 151 39.49 28.21 8.54
N TYR C 152 38.64 29.09 9.08
CA TYR C 152 39.09 30.29 9.77
C TYR C 152 39.84 29.92 11.03
N MET C 153 39.32 28.96 11.80
CA MET C 153 39.97 28.49 13.02
C MET C 153 41.30 27.84 12.67
N TYR C 154 41.31 27.02 11.61
CA TYR C 154 42.52 26.34 11.17
C TYR C 154 43.61 27.33 10.78
N GLN C 155 43.23 28.45 10.15
CA GLN C 155 44.19 29.41 9.61
C GLN C 155 44.59 30.46 10.63
N TYR C 156 43.66 30.88 11.50
CA TYR C 156 43.88 32.03 12.38
C TYR C 156 43.73 31.68 13.87
N GLY C 157 43.50 30.41 14.18
CA GLY C 157 43.48 29.93 15.56
C GLY C 157 42.34 30.45 16.41
N LEU C 158 41.24 30.82 15.78
CA LEU C 158 40.04 31.23 16.52
C LEU C 158 39.51 30.05 17.34
N THR C 159 39.15 30.31 18.59
CA THR C 159 38.60 29.29 19.46
C THR C 159 37.09 29.41 19.52
N ILE C 160 36.43 28.34 19.97
CA ILE C 160 34.97 28.33 20.07
C ILE C 160 34.50 29.31 21.14
N GLU C 161 35.31 29.52 22.17
CA GLU C 161 34.98 30.47 23.24
C GLU C 161 34.95 31.89 22.68
N GLU C 162 35.92 32.23 21.84
CA GLU C 162 35.97 33.55 21.22
C GLU C 162 34.76 33.76 20.33
N LEU C 163 34.50 32.81 19.45
CA LEU C 163 33.37 32.88 18.51
C LEU C 163 32.04 33.02 19.25
N SER C 164 31.89 32.33 20.37
CA SER C 164 30.64 32.34 21.13
C SER C 164 30.33 33.72 21.68
N MET C 165 31.37 34.50 21.98
CA MET C 165 31.20 35.77 22.67
C MET C 165 30.38 36.74 21.82
N TRP C 166 30.48 36.61 20.50
CA TRP C 166 29.69 37.41 19.56
C TRP C 166 28.21 37.30 19.87
N SER C 167 27.74 36.08 20.16
CA SER C 167 26.32 35.83 20.45
C SER C 167 25.89 36.36 21.81
N VAL C 168 26.83 36.40 22.77
CA VAL C 168 26.51 36.90 24.10
C VAL C 168 26.24 38.41 24.03
N ILE C 169 27.09 39.15 23.29
CA ILE C 169 26.89 40.60 23.16
C ILE C 169 25.68 40.92 22.28
N ALA C 170 25.37 40.04 21.31
CA ALA C 170 24.20 40.20 20.45
C ALA C 170 22.92 40.11 21.28
N HIS C 171 22.81 39.08 22.12
CA HIS C 171 21.61 38.88 22.93
C HIS C 171 21.50 39.92 24.03
N GLU C 172 22.63 40.39 24.55
CA GLU C 172 22.63 41.46 25.52
C GLU C 172 22.05 42.72 24.88
N ASN C 173 22.52 43.04 23.68
CA ASN C 173 22.06 44.23 22.95
C ASN C 173 20.58 44.11 22.59
N ALA C 174 20.11 42.90 22.28
CA ALA C 174 18.74 42.69 21.79
C ALA C 174 17.68 42.94 22.87
N THR C 175 18.06 42.82 24.15
CA THR C 175 17.12 43.06 25.25
C THR C 175 16.65 44.53 25.27
N LYS C 176 17.46 45.44 24.70
CA LYS C 176 17.11 46.85 24.60
C LYS C 176 16.31 47.14 23.32
N ASN C 177 15.96 46.10 22.55
CA ASN C 177 15.26 46.27 21.28
C ASN C 177 13.87 45.65 21.34
N LYS C 178 12.82 46.47 21.25
CA LYS C 178 11.44 46.00 21.34
C LYS C 178 11.03 45.22 20.07
N TYR C 179 11.69 45.51 18.94
CA TYR C 179 11.36 44.84 17.69
C TYR C 179 12.15 43.53 17.50
N ALA C 180 13.02 43.20 18.48
CA ALA C 180 13.85 41.99 18.42
C ALA C 180 13.03 40.72 18.62
N GLN C 181 13.46 39.63 17.97
CA GLN C 181 12.84 38.32 18.10
C GLN C 181 13.13 37.75 19.49
N PHE C 182 14.38 37.91 19.97
CA PHE C 182 14.80 37.40 21.27
C PHE C 182 15.18 38.53 22.22
N GLY C 183 14.45 38.64 23.32
CA GLY C 183 14.75 39.61 24.36
C GLY C 183 15.29 38.98 25.63
N PHE C 184 16.20 38.02 25.50
CA PHE C 184 16.79 37.38 26.67
C PHE C 184 18.31 37.40 26.61
N LYS C 185 18.94 37.21 27.76
CA LYS C 185 20.39 37.20 27.89
C LYS C 185 20.89 35.77 27.91
N THR C 186 22.18 35.56 27.59
CA THR C 186 22.79 34.24 27.70
C THR C 186 24.24 34.34 28.14
N THR C 187 24.79 33.22 28.57
CA THR C 187 26.19 33.10 28.98
C THR C 187 26.97 32.35 27.91
N LEU C 188 28.29 32.29 28.07
CA LEU C 188 29.15 31.59 27.14
C LEU C 188 28.87 30.08 27.17
N GLU C 189 28.64 29.54 28.38
CA GLU C 189 28.34 28.12 28.57
C GLU C 189 27.03 27.76 27.87
N GLN C 190 26.05 28.67 27.93
CA GLN C 190 24.75 28.43 27.29
C GLN C 190 24.88 28.40 25.78
N VAL C 191 25.73 29.27 25.22
CA VAL C 191 25.94 29.33 23.78
C VAL C 191 26.64 28.07 23.28
N MET C 192 27.67 27.62 24.02
CA MET C 192 28.47 26.47 23.61
C MET C 192 27.75 25.16 23.85
N ASN C 193 26.94 25.09 24.90
CA ASN C 193 26.24 23.85 25.25
C ASN C 193 24.82 23.84 24.67
N ALA C 194 24.56 24.69 23.68
CA ALA C 194 23.29 24.66 22.95
C ALA C 194 23.30 23.50 21.96
N SER C 195 22.12 23.10 21.48
CA SER C 195 22.02 21.97 20.56
C SER C 195 22.79 22.24 19.27
N PRO C 196 23.68 21.32 18.84
CA PRO C 196 24.48 21.59 17.65
C PRO C 196 23.70 21.43 16.36
N VAL C 197 23.88 22.38 15.43
CA VAL C 197 23.27 22.31 14.11
C VAL C 197 24.26 21.70 13.14
N ALA C 198 25.46 22.29 13.04
CA ALA C 198 26.52 21.84 12.15
C ALA C 198 27.88 22.18 12.74
N ASP C 199 28.60 21.17 13.25
CA ASP C 199 29.88 21.37 13.92
C ASP C 199 30.76 22.34 13.12
N PRO C 200 31.34 23.39 13.74
CA PRO C 200 31.38 23.70 15.18
C PRO C 200 30.19 24.49 15.70
N LEU C 201 29.34 25.01 14.82
CA LEU C 201 28.23 25.89 15.20
C LEU C 201 27.18 25.14 16.01
N THR C 202 26.60 25.84 17.00
CA THR C 202 25.44 25.36 17.73
C THR C 202 24.25 26.22 17.36
N LEU C 203 23.09 25.89 17.90
CA LEU C 203 21.87 26.64 17.67
C LEU C 203 22.05 28.12 18.02
N MET C 204 22.87 28.42 19.04
CA MET C 204 23.05 29.80 19.48
C MET C 204 24.09 30.55 18.64
N HIS C 205 24.66 29.89 17.62
CA HIS C 205 25.56 30.58 16.70
C HIS C 205 24.79 30.95 15.43
N CYS C 206 23.53 30.51 15.31
CA CYS C 206 22.73 30.68 14.10
C CYS C 206 21.60 31.67 14.32
N SER C 207 21.32 32.46 13.28
CA SER C 207 20.13 33.30 13.28
C SER C 207 18.90 32.44 13.03
N PRO C 208 17.73 32.88 13.50
CA PRO C 208 16.53 32.05 13.29
C PRO C 208 15.82 32.41 11.99
N VAL C 209 14.92 31.52 11.55
CA VAL C 209 13.99 31.82 10.48
C VAL C 209 12.84 32.64 11.05
N SER C 210 12.56 33.80 10.45
CA SER C 210 11.60 34.73 11.03
C SER C 210 10.80 35.49 9.99
N ASP C 211 9.54 35.77 10.33
CA ASP C 211 8.72 36.69 9.58
C ASP C 211 9.13 38.11 9.97
N GLY C 212 8.85 39.08 9.11
CA GLY C 212 9.02 40.48 9.46
C GLY C 212 9.18 41.39 8.26
N ALA C 213 8.82 42.67 8.43
CA ALA C 213 8.89 43.63 7.34
C ALA C 213 9.49 44.93 7.82
N SER C 214 10.21 45.61 6.93
CA SER C 214 10.80 46.92 7.23
C SER C 214 10.83 47.76 5.97
N ALA C 215 10.65 49.07 6.10
CA ALA C 215 10.57 49.96 4.96
C ALA C 215 11.29 51.25 5.22
N LEU C 216 12.01 51.76 4.21
CA LEU C 216 12.65 53.07 4.26
C LEU C 216 11.99 53.99 3.25
N ILE C 217 12.02 55.30 3.51
CA ILE C 217 11.62 56.29 2.54
C ILE C 217 12.85 57.10 2.14
N VAL C 218 13.35 56.89 0.91
CA VAL C 218 14.46 57.70 0.41
C VAL C 218 13.91 58.90 -0.35
N CYS C 219 14.71 59.98 -0.40
CA CYS C 219 14.26 61.25 -0.96
C CYS C 219 15.46 62.04 -1.50
N ASP C 220 15.23 62.87 -2.53
CA ASP C 220 16.28 63.76 -3.04
C ASP C 220 16.70 64.78 -1.96
N ALA C 221 18.02 64.96 -1.75
CA ALA C 221 18.52 65.78 -0.64
C ALA C 221 17.89 67.17 -0.64
N ASP C 222 17.66 67.74 -1.82
CA ASP C 222 17.04 69.06 -1.92
C ASP C 222 15.57 68.97 -1.51
N LYS C 223 14.86 67.95 -2.00
CA LYS C 223 13.44 67.74 -1.67
C LYS C 223 13.28 67.37 -0.20
N ALA C 224 14.32 66.74 0.40
CA ALA C 224 14.24 66.25 1.77
C ALA C 224 14.02 67.39 2.73
N GLU C 225 14.71 68.51 2.50
CA GLU C 225 14.64 69.68 3.36
C GLU C 225 13.19 70.16 3.48
N GLU C 226 12.44 70.09 2.38
CA GLU C 226 11.04 70.50 2.35
C GLU C 226 10.18 69.57 3.20
N PHE C 227 10.47 68.26 3.15
CA PHE C 227 9.64 67.24 3.79
C PHE C 227 9.93 67.10 5.31
N ALA C 228 11.18 67.34 5.71
CA ALA C 228 11.65 67.10 7.08
C ALA C 228 12.62 68.18 7.58
N PRO C 229 12.80 68.28 8.90
CA PRO C 229 13.85 69.18 9.43
C PRO C 229 15.24 68.60 9.23
N LYS C 230 16.24 69.47 8.99
CA LYS C 230 17.62 69.05 8.75
C LYS C 230 18.10 68.03 9.79
N ASP C 231 17.72 68.24 11.06
CA ASP C 231 18.15 67.42 12.18
C ASP C 231 17.80 65.94 11.96
N GLU C 232 16.58 65.66 11.48
CA GLU C 232 16.08 64.29 11.32
C GLU C 232 16.38 63.70 9.93
N ILE C 233 17.16 64.39 9.09
CA ILE C 233 17.53 63.87 7.77
C ILE C 233 18.90 63.19 7.88
N ILE C 234 19.02 61.96 7.37
CA ILE C 234 20.31 61.27 7.27
C ILE C 234 20.60 60.98 5.80
N TYR C 235 21.81 61.32 5.34
CA TYR C 235 22.15 61.30 3.92
C TYR C 235 22.87 60.01 3.56
N ILE C 236 22.55 59.44 2.40
CA ILE C 236 23.24 58.24 1.93
C ILE C 236 24.47 58.65 1.16
N LYS C 237 25.65 58.39 1.72
CA LYS C 237 26.92 58.79 1.11
C LYS C 237 27.35 57.81 0.02
N ALA C 238 27.14 56.51 0.23
CA ALA C 238 27.53 55.50 -0.75
C ALA C 238 26.58 54.30 -0.74
N SER C 239 26.29 53.75 -1.91
CA SER C 239 25.42 52.58 -2.03
C SER C 239 26.02 51.60 -3.02
N THR C 240 27.00 50.80 -2.56
CA THR C 240 27.83 49.98 -3.43
C THR C 240 27.38 48.52 -3.40
N GLN C 241 27.84 47.76 -4.39
CA GLN C 241 27.48 46.35 -4.54
C GLN C 241 28.59 45.62 -5.29
N ALA C 242 28.86 44.37 -4.91
CA ALA C 242 29.87 43.58 -5.60
C ALA C 242 29.46 42.12 -5.61
N SER C 243 30.20 41.29 -6.36
CA SER C 243 29.83 39.89 -6.52
C SER C 243 31.01 38.96 -6.29
N ASP C 244 30.72 37.72 -5.90
CA ASP C 244 31.72 36.68 -5.68
C ASP C 244 31.16 35.37 -6.24
N THR C 245 31.91 34.27 -6.13
CA THR C 245 31.44 32.97 -6.62
C THR C 245 30.28 32.49 -5.75
N ILE C 246 29.25 31.92 -6.38
CA ILE C 246 28.07 31.45 -5.66
C ILE C 246 28.45 30.30 -4.73
N ALA C 247 29.28 29.36 -5.21
CA ALA C 247 29.72 28.22 -4.40
C ALA C 247 30.93 28.60 -3.55
N LEU C 248 30.94 28.16 -2.28
CA LEU C 248 32.05 28.42 -1.37
C LEU C 248 33.30 27.71 -1.85
N HIS C 249 33.13 26.53 -2.45
CA HIS C 249 34.28 25.75 -2.92
C HIS C 249 34.96 26.39 -4.13
N ASP C 250 34.38 27.46 -4.70
CA ASP C 250 34.98 28.16 -5.84
C ASP C 250 35.68 29.45 -5.42
N ARG C 251 35.72 29.75 -4.11
CA ARG C 251 36.36 30.98 -3.62
C ARG C 251 37.88 30.84 -3.56
N GLU C 252 38.60 31.93 -3.84
CA GLU C 252 40.05 31.92 -3.73
C GLU C 252 40.46 31.80 -2.27
N ASP C 253 39.78 32.54 -1.39
CA ASP C 253 39.98 32.40 0.05
C ASP C 253 38.60 32.36 0.73
N MET C 254 38.32 31.27 1.47
CA MET C 254 37.04 31.06 2.14
C MET C 254 36.89 31.90 3.41
N THR C 255 38.01 32.29 4.01
CA THR C 255 37.98 33.01 5.28
C THR C 255 37.65 34.48 5.05
N THR C 256 37.52 34.91 3.78
CA THR C 256 37.15 36.29 3.48
C THR C 256 36.00 36.37 2.48
N LEU C 257 35.21 37.45 2.56
CA LEU C 257 34.20 37.76 1.56
C LEU C 257 34.70 38.89 0.69
N ASN C 258 35.30 38.55 -0.46
CA ASN C 258 35.89 39.54 -1.34
C ASN C 258 34.90 40.62 -1.72
N ALA C 259 33.68 40.22 -2.07
CA ALA C 259 32.65 41.16 -2.49
C ALA C 259 32.45 42.24 -1.41
N ALA C 260 32.60 41.88 -0.13
CA ALA C 260 32.52 42.86 0.95
C ALA C 260 33.73 43.79 0.90
N LYS C 261 34.93 43.24 0.70
CA LYS C 261 36.13 44.07 0.58
C LYS C 261 35.97 45.03 -0.60
N VAL C 262 35.52 44.51 -1.75
CA VAL C 262 35.34 45.32 -2.94
C VAL C 262 34.29 46.42 -2.69
N ALA C 263 33.12 46.05 -2.17
CA ALA C 263 32.03 47.00 -1.97
C ALA C 263 32.38 48.04 -0.90
N SER C 264 32.97 47.59 0.22
CA SER C 264 33.30 48.50 1.32
C SER C 264 34.36 49.52 0.91
N GLU C 265 35.44 49.09 0.23
CA GLU C 265 36.49 50.03 -0.20
C GLU C 265 35.95 51.01 -1.23
N LYS C 266 35.04 50.58 -2.10
CA LYS C 266 34.38 51.49 -3.02
C LYS C 266 33.56 52.54 -2.25
N ALA C 267 32.89 52.14 -1.17
CA ALA C 267 32.02 53.02 -0.38
C ALA C 267 32.84 54.02 0.42
N TYR C 268 34.01 53.58 0.90
CA TYR C 268 34.91 54.47 1.63
C TYR C 268 35.51 55.52 0.69
N LYS C 269 35.76 55.13 -0.56
CA LYS C 269 36.34 56.02 -1.58
C LYS C 269 35.39 57.17 -1.91
N LEU C 270 34.10 56.88 -2.14
CA LEU C 270 33.13 57.91 -2.51
C LEU C 270 32.85 58.83 -1.33
N ALA C 271 32.81 58.27 -0.11
CA ALA C 271 32.61 59.06 1.10
C ALA C 271 33.88 59.79 1.48
N LYS C 272 35.02 59.38 0.90
CA LYS C 272 36.32 59.99 1.20
C LYS C 272 36.61 59.84 2.68
N ILE C 273 36.31 58.66 3.23
CA ILE C 273 36.39 58.38 4.66
C ILE C 273 37.25 57.14 4.86
N ALA C 274 37.78 56.96 6.08
CA ALA C 274 38.44 55.71 6.42
C ALA C 274 37.58 54.93 7.39
N PRO C 275 37.81 53.62 7.52
CA PRO C 275 37.01 52.83 8.48
C PRO C 275 37.12 53.31 9.93
N GLU C 276 38.21 54.02 10.26
CA GLU C 276 38.43 54.52 11.61
C GLU C 276 37.41 55.61 11.99
N LYS C 277 36.70 56.15 11.00
CA LYS C 277 35.72 57.20 11.20
C LYS C 277 34.31 56.64 11.45
N ILE C 278 34.09 55.34 11.19
CA ILE C 278 32.77 54.74 11.32
C ILE C 278 32.43 54.57 12.81
N ASP C 279 31.30 55.14 13.24
CA ASP C 279 30.91 55.11 14.65
C ASP C 279 30.14 53.84 14.94
N VAL C 280 29.23 53.48 14.03
CA VAL C 280 28.33 52.35 14.22
C VAL C 280 28.24 51.56 12.92
N ALA C 281 28.12 50.24 13.02
CA ALA C 281 27.97 49.38 11.85
C ALA C 281 26.92 48.29 12.05
N GLU C 282 26.31 47.87 10.96
CA GLU C 282 25.36 46.77 11.01
C GLU C 282 25.81 45.72 10.00
N VAL C 283 26.27 44.56 10.49
CA VAL C 283 26.80 43.51 9.61
C VAL C 283 25.93 42.26 9.62
N HIS C 284 26.03 41.50 8.54
CA HIS C 284 25.29 40.26 8.36
C HIS C 284 25.87 39.13 9.22
N ASP C 285 25.32 38.96 10.43
CA ASP C 285 25.78 37.94 11.37
C ASP C 285 24.79 36.77 11.43
N CYS C 286 24.37 36.24 10.27
CA CYS C 286 23.49 35.07 10.26
C CYS C 286 24.18 33.95 11.04
N PHE C 287 25.51 33.89 10.98
CA PHE C 287 26.30 33.01 11.84
C PHE C 287 27.39 33.84 12.49
N ALA C 288 27.91 33.37 13.62
CA ALA C 288 28.91 34.13 14.36
C ALA C 288 30.15 34.43 13.53
N ILE C 289 30.59 33.48 12.68
CA ILE C 289 31.80 33.70 11.89
C ILE C 289 31.58 34.83 10.90
N ASN C 290 30.37 34.95 10.37
CA ASN C 290 30.07 35.93 9.34
C ASN C 290 30.19 37.34 9.89
N GLY C 291 29.85 37.51 11.16
CA GLY C 291 30.06 38.76 11.87
C GLY C 291 31.53 39.10 12.03
N LEU C 292 32.35 38.12 12.45
CA LEU C 292 33.79 38.34 12.60
C LEU C 292 34.40 38.72 11.27
N ILE C 293 34.16 37.89 10.26
CA ILE C 293 34.81 38.08 8.98
C ILE C 293 34.48 39.45 8.40
N LEU C 294 33.21 39.89 8.52
CA LEU C 294 32.83 41.21 8.00
C LEU C 294 33.52 42.35 8.75
N VAL C 295 33.71 42.20 10.07
CA VAL C 295 34.42 43.21 10.84
C VAL C 295 35.81 43.43 10.24
N GLU C 296 36.45 42.35 9.78
CA GLU C 296 37.76 42.40 9.15
C GLU C 296 37.67 42.97 7.74
N ASP C 297 36.69 42.49 6.97
CA ASP C 297 36.59 42.85 5.55
C ASP C 297 36.12 44.29 5.38
N LEU C 298 35.43 44.86 6.37
CA LEU C 298 35.08 46.28 6.36
C LEU C 298 36.23 47.13 6.90
N GLY C 299 37.31 46.49 7.30
CA GLY C 299 38.56 47.16 7.59
C GLY C 299 38.63 47.71 9.00
N PHE C 300 37.86 47.15 9.92
CA PHE C 300 37.92 47.58 11.32
C PHE C 300 39.03 46.85 12.04
N CYS C 301 39.60 45.83 11.39
CA CYS C 301 40.69 45.06 11.95
C CYS C 301 41.42 44.30 10.84
N LYS C 302 42.61 43.80 11.15
CA LYS C 302 43.38 42.97 10.23
C LYS C 302 42.78 41.57 10.21
N LYS C 303 42.97 40.86 9.09
CA LYS C 303 42.51 39.47 8.99
C LYS C 303 43.16 38.63 10.09
N GLY C 304 42.34 37.86 10.79
CA GLY C 304 42.82 36.99 11.85
C GLY C 304 42.59 37.56 13.23
N ASP C 305 42.78 38.88 13.37
CA ASP C 305 42.87 39.54 14.67
C ASP C 305 41.52 39.91 15.24
N ALA C 306 40.52 40.17 14.39
CA ALA C 306 39.19 40.55 14.86
C ALA C 306 38.68 39.50 15.83
N GLY C 307 39.02 38.25 15.56
CA GLY C 307 38.71 37.15 16.45
C GLY C 307 39.39 37.28 17.80
N LYS C 308 40.60 37.83 17.81
CA LYS C 308 41.32 38.04 19.06
C LYS C 308 40.70 39.20 19.85
N VAL C 309 40.55 40.38 19.22
CA VAL C 309 40.10 41.57 19.92
C VAL C 309 38.61 41.59 20.23
N ILE C 310 37.82 40.81 19.50
CA ILE C 310 36.41 40.68 19.88
C ILE C 310 36.34 40.34 21.36
N ASP C 311 37.23 39.45 21.83
CA ASP C 311 37.28 39.04 23.23
C ASP C 311 37.85 40.18 24.07
N GLU C 312 37.62 40.15 25.39
CA GLU C 312 38.09 41.19 26.29
C GLU C 312 37.64 42.58 25.79
N GLY C 313 36.36 42.70 25.46
CA GLY C 313 35.74 43.99 25.17
C GLY C 313 35.59 44.35 23.71
N LYS C 314 35.31 45.63 23.45
CA LYS C 314 35.19 46.22 22.12
C LYS C 314 33.86 45.87 21.48
N ILE C 315 33.40 46.74 20.57
CA ILE C 315 32.12 46.57 19.87
C ILE C 315 30.97 46.47 20.85
N ARG C 316 31.02 47.24 21.92
CA ARG C 316 29.90 47.35 22.85
C ARG C 316 29.61 48.85 23.01
N ILE C 317 28.45 49.21 23.59
CA ILE C 317 28.17 50.62 23.87
C ILE C 317 29.14 51.06 24.98
N ASP C 318 29.50 50.11 25.86
CA ASP C 318 30.48 50.33 26.92
C ASP C 318 31.82 50.81 26.36
N TYR C 319 32.35 50.11 25.35
CA TYR C 319 33.64 50.50 24.75
C TYR C 319 33.53 51.86 24.08
N ASP C 320 34.41 52.80 24.44
CA ASP C 320 34.29 54.18 23.99
C ASP C 320 35.13 54.42 22.74
N ASP C 321 36.28 53.76 22.65
CA ASP C 321 37.25 54.05 21.59
C ASP C 321 36.87 53.42 20.24
N PHE C 322 36.23 52.25 20.26
CA PHE C 322 36.12 51.40 19.08
C PHE C 322 34.74 51.50 18.37
N VAL C 323 34.65 51.14 17.06
CA VAL C 323 33.37 51.07 16.34
C VAL C 323 32.43 50.16 17.11
N THR C 324 31.14 50.47 17.06
CA THR C 324 30.12 49.61 17.63
C THR C 324 29.36 48.94 16.49
N VAL C 325 29.20 47.60 16.55
CA VAL C 325 28.52 46.85 15.50
C VAL C 325 27.29 46.16 16.07
N ASN C 326 26.23 46.10 15.25
CA ASN C 326 24.97 45.46 15.61
C ASN C 326 24.51 45.91 17.00
N PRO C 327 24.15 47.19 17.11
CA PRO C 327 23.58 47.67 18.38
C PRO C 327 22.27 46.98 18.73
N SER C 328 21.41 46.77 17.73
CA SER C 328 20.31 45.82 17.86
C SER C 328 20.95 44.45 17.84
N GLY C 329 20.23 43.44 18.29
CA GLY C 329 20.76 42.09 18.34
C GLY C 329 21.53 41.62 17.10
N GLY C 330 21.37 42.31 15.98
CA GLY C 330 21.85 41.79 14.70
C GLY C 330 20.86 40.79 14.14
N LEU C 331 21.28 40.03 13.13
CA LEU C 331 20.43 38.96 12.60
C LEU C 331 20.20 37.91 13.66
N LYS C 332 21.21 37.66 14.51
CA LYS C 332 21.16 36.56 15.47
C LYS C 332 20.03 36.76 16.48
N ALA C 333 19.97 37.90 17.15
CA ALA C 333 19.02 38.09 18.24
C ALA C 333 17.84 38.99 17.86
N ALA C 334 18.04 39.98 16.96
CA ALA C 334 16.92 40.78 16.47
C ALA C 334 16.05 39.99 15.50
N GLY C 335 16.64 39.01 14.81
CA GLY C 335 15.91 38.19 13.85
C GLY C 335 16.38 38.41 12.43
N HIS C 336 16.18 37.42 11.55
CA HIS C 336 16.63 37.49 10.16
C HIS C 336 15.48 37.19 9.21
N ALA C 337 14.73 38.23 8.83
CA ALA C 337 13.65 38.11 7.88
C ALA C 337 14.20 38.50 6.52
N LEU C 338 14.56 37.50 5.71
CA LEU C 338 15.60 37.58 4.68
C LEU C 338 15.57 38.85 3.83
N GLY C 339 14.44 39.12 3.18
CA GLY C 339 14.26 40.30 2.34
C GLY C 339 14.27 41.62 3.09
N ALA C 340 13.89 41.61 4.36
CA ALA C 340 13.75 42.83 5.14
C ALA C 340 15.04 43.17 5.87
N THR C 341 15.89 42.18 6.10
CA THR C 341 17.09 42.39 6.89
C THR C 341 17.93 43.58 6.37
N GLY C 342 18.17 43.62 5.06
CA GLY C 342 18.95 44.69 4.44
C GLY C 342 18.40 46.06 4.74
N ILE C 343 17.07 46.21 4.65
CA ILE C 343 16.39 47.45 4.98
C ILE C 343 16.56 47.76 6.47
N ARG C 344 16.34 46.76 7.34
CA ARG C 344 16.40 46.94 8.78
C ARG C 344 17.77 47.44 9.22
N GLN C 345 18.84 46.86 8.64
CA GLN C 345 20.20 47.24 9.00
C GLN C 345 20.39 48.75 8.84
N VAL C 346 19.93 49.28 7.70
CA VAL C 346 20.08 50.70 7.37
C VAL C 346 19.18 51.56 8.24
N GLY C 347 17.95 51.14 8.43
CA GLY C 347 17.00 51.79 9.33
C GLY C 347 17.47 51.88 10.77
N GLU C 348 18.42 51.01 11.17
CA GLU C 348 19.04 51.10 12.49
C GLU C 348 20.09 52.20 12.51
N LEU C 349 20.90 52.28 11.44
CA LEU C 349 21.90 53.35 11.29
C LEU C 349 21.21 54.70 11.29
N TYR C 350 20.11 54.80 10.55
CA TYR C 350 19.28 55.99 10.53
C TYR C 350 18.95 56.41 11.97
N TRP C 351 18.40 55.49 12.75
CA TRP C 351 18.04 55.79 14.15
C TRP C 351 19.25 56.18 14.98
N GLN C 352 20.36 55.46 14.81
CA GLN C 352 21.56 55.69 15.61
C GLN C 352 22.19 57.04 15.28
N LEU C 353 22.31 57.39 13.99
CA LEU C 353 22.90 58.67 13.60
C LEU C 353 21.92 59.83 13.87
N LYS C 354 20.62 59.49 13.88
CA LYS C 354 19.53 60.41 14.16
C LYS C 354 19.36 60.64 15.67
N GLN C 355 20.01 59.78 16.48
CA GLN C 355 19.79 59.76 17.92
C GLN C 355 18.30 59.72 18.21
N ASP C 356 17.59 58.78 17.56
CA ASP C 356 16.15 58.65 17.66
C ASP C 356 15.76 58.10 19.02
N LYS C 357 14.48 58.26 19.39
CA LYS C 357 13.95 57.76 20.66
C LYS C 357 13.88 56.24 20.63
N GLU C 358 13.82 55.66 19.43
CA GLU C 358 13.67 54.22 19.29
C GLU C 358 14.86 53.46 19.83
N CYS C 359 16.08 54.00 19.65
CA CYS C 359 17.28 53.33 20.12
C CYS C 359 17.91 54.05 21.31
N LYS C 360 17.09 54.68 22.15
CA LYS C 360 17.61 55.41 23.31
C LYS C 360 18.33 54.51 24.30
N ASP C 361 17.87 53.26 24.47
CA ASP C 361 18.49 52.37 25.45
C ASP C 361 19.75 51.70 24.89
N ARG C 362 19.88 51.67 23.55
CA ARG C 362 21.02 51.05 22.89
C ARG C 362 21.76 52.09 22.05
N GLN C 363 21.72 53.35 22.48
CA GLN C 363 22.33 54.42 21.70
C GLN C 363 23.85 54.36 21.75
N ALA C 364 24.48 54.22 20.58
CA ALA C 364 25.93 54.19 20.49
C ALA C 364 26.46 55.61 20.48
N THR C 365 27.71 55.80 20.90
CA THR C 365 28.31 57.13 20.90
C THR C 365 28.80 57.49 19.50
N ILE C 366 28.25 58.58 18.95
CA ILE C 366 28.50 58.99 17.58
C ILE C 366 29.45 60.19 17.58
N LYS C 367 30.72 59.99 17.25
CA LYS C 367 31.66 61.10 17.23
C LYS C 367 31.78 61.72 15.84
N ASN C 368 31.97 60.91 14.80
CA ASN C 368 32.19 61.44 13.46
C ASN C 368 30.91 61.55 12.63
N GLY C 369 29.84 60.89 13.08
CA GLY C 369 28.55 60.94 12.38
C GLY C 369 28.49 60.05 11.16
N TYR C 370 29.10 58.87 11.24
CA TYR C 370 29.12 57.92 10.12
C TYR C 370 28.70 56.53 10.58
N GLY C 371 28.00 55.83 9.69
CA GLY C 371 27.62 54.44 9.89
C GLY C 371 27.65 53.63 8.62
N ILE C 372 28.08 52.36 8.69
CA ILE C 372 28.10 51.47 7.53
C ILE C 372 27.24 50.23 7.76
N ALA C 373 26.66 49.66 6.68
CA ALA C 373 25.89 48.41 6.79
C ALA C 373 26.32 47.39 5.71
N ALA C 374 26.59 46.15 6.11
CA ALA C 374 27.00 45.11 5.18
C ALA C 374 25.96 44.00 5.08
N ASN C 375 25.33 43.86 3.91
CA ASN C 375 24.28 42.88 3.69
C ASN C 375 24.81 41.84 2.74
N VAL C 376 24.75 40.56 3.12
CA VAL C 376 25.34 39.49 2.34
C VAL C 376 24.26 38.58 1.81
N GLY C 377 24.36 38.23 0.54
CA GLY C 377 23.50 37.23 -0.09
C GLY C 377 24.16 35.86 -0.17
N GLY C 378 23.49 34.85 0.37
CA GLY C 378 24.04 33.51 0.38
C GLY C 378 25.25 33.40 1.28
N THR C 379 26.34 32.80 0.78
CA THR C 379 27.58 32.66 1.54
C THR C 379 28.58 33.74 1.18
N GLY C 380 28.15 34.74 0.42
CA GLY C 380 29.01 35.84 0.01
C GLY C 380 29.02 36.15 -1.47
N GLY C 381 28.24 35.41 -2.25
CA GLY C 381 28.15 35.62 -3.69
C GLY C 381 27.67 37.01 -4.06
N THR C 382 27.03 37.71 -3.11
CA THR C 382 26.55 39.07 -3.31
C THR C 382 26.72 39.82 -2.00
N VAL C 383 27.30 41.02 -2.06
CA VAL C 383 27.36 41.89 -0.90
C VAL C 383 26.98 43.31 -1.29
N CYS C 384 26.15 43.95 -0.47
CA CYS C 384 25.72 45.31 -0.75
C CYS C 384 26.01 46.20 0.45
N VAL C 385 26.80 47.25 0.23
CA VAL C 385 27.19 48.13 1.31
C VAL C 385 26.51 49.50 1.19
N HIS C 386 26.07 50.05 2.32
CA HIS C 386 25.47 51.38 2.39
C HIS C 386 26.17 52.16 3.48
N LEU C 387 26.67 53.35 3.12
CA LEU C 387 27.35 54.20 4.10
C LEU C 387 26.53 55.47 4.32
N LEU C 388 26.17 55.71 5.58
CA LEU C 388 25.28 56.81 5.95
C LEU C 388 26.03 57.89 6.71
N SER C 389 25.51 59.12 6.70
CA SER C 389 26.10 60.21 7.47
C SER C 389 25.03 61.21 7.90
N ASP C 390 25.28 61.91 9.02
CA ASP C 390 24.38 62.97 9.48
C ASP C 390 24.59 64.24 8.65
N LYS C 391 25.78 64.39 8.07
CA LYS C 391 26.11 65.54 7.23
C LYS C 391 26.10 65.16 5.75
N ARG C 392 25.58 66.04 4.90
CA ARG C 392 25.59 65.87 3.44
C ARG C 392 27.03 65.96 2.93
N MET D 1 -23.39 -63.12 11.83
CA MET D 1 -24.06 -62.07 11.06
C MET D 1 -25.47 -61.86 11.59
N ARG D 2 -25.59 -61.15 12.70
CA ARG D 2 -26.90 -60.97 13.28
C ARG D 2 -27.59 -59.79 12.67
N ASP D 3 -28.92 -59.86 12.74
CA ASP D 3 -29.80 -58.92 12.09
C ASP D 3 -29.83 -57.62 12.86
N VAL D 4 -29.87 -56.49 12.14
CA VAL D 4 -29.84 -55.19 12.79
C VAL D 4 -31.16 -54.47 12.61
N ALA D 5 -31.53 -53.66 13.60
CA ALA D 5 -32.79 -52.94 13.58
C ALA D 5 -32.59 -51.52 14.09
N ILE D 6 -33.52 -50.64 13.70
CA ILE D 6 -33.57 -49.28 14.21
C ILE D 6 -34.60 -49.20 15.32
N ILE D 7 -34.21 -48.66 16.47
CA ILE D 7 -35.11 -48.56 17.60
C ILE D 7 -35.35 -47.11 18.02
N GLY D 8 -34.67 -46.16 17.37
CA GLY D 8 -34.85 -44.74 17.68
C GLY D 8 -34.35 -43.79 16.60
N TYR D 9 -35.03 -42.65 16.45
CA TYR D 9 -34.60 -41.60 15.54
C TYR D 9 -34.86 -40.20 16.12
N GLY D 10 -33.92 -39.29 15.91
CA GLY D 10 -33.99 -37.96 16.44
C GLY D 10 -33.38 -36.93 15.50
N GLN D 11 -33.94 -35.72 15.48
CA GLN D 11 -33.53 -34.74 14.49
C GLN D 11 -33.80 -33.33 14.97
N THR D 12 -32.86 -32.43 14.68
CA THR D 12 -33.07 -30.99 14.79
C THR D 12 -33.75 -30.46 13.53
N LYS D 13 -34.33 -29.27 13.60
CA LYS D 13 -34.72 -28.61 12.36
C LYS D 13 -33.48 -28.45 11.48
N PHE D 14 -33.66 -28.46 10.15
CA PHE D 14 -32.58 -28.09 9.24
C PHE D 14 -32.82 -26.66 8.80
N GLY D 15 -31.75 -25.88 8.72
CA GLY D 15 -31.83 -24.53 8.18
C GLY D 15 -30.73 -23.60 8.62
N GLU D 16 -31.03 -22.30 8.70
CA GLU D 16 -30.12 -21.31 9.25
C GLU D 16 -30.39 -21.14 10.74
N LEU D 17 -29.64 -21.88 11.55
CA LEU D 17 -29.90 -21.92 12.98
C LEU D 17 -28.78 -21.17 13.68
N TRP D 18 -28.96 -19.86 13.88
CA TRP D 18 -27.90 -19.02 14.44
C TRP D 18 -27.94 -19.16 15.95
N GLU D 19 -29.17 -19.23 16.50
CA GLU D 19 -29.43 -19.41 17.93
C GLU D 19 -28.86 -20.75 18.44
N ASP D 20 -28.91 -21.80 17.60
CA ASP D 20 -28.38 -23.13 17.94
C ASP D 20 -26.88 -23.24 17.60
N SER D 21 -26.07 -23.64 18.57
CA SER D 21 -24.65 -23.90 18.37
C SER D 21 -24.44 -25.26 17.73
N PHE D 22 -23.19 -25.62 17.39
CA PHE D 22 -22.85 -26.99 17.00
C PHE D 22 -23.21 -27.98 18.13
N ARG D 23 -22.86 -27.66 19.38
CA ARG D 23 -23.12 -28.55 20.51
C ARG D 23 -24.61 -28.72 20.71
N ASP D 24 -25.36 -27.61 20.68
CA ASP D 24 -26.82 -27.65 20.86
C ASP D 24 -27.46 -28.59 19.86
N LEU D 25 -26.83 -28.80 18.71
CA LEU D 25 -27.41 -29.60 17.63
C LEU D 25 -27.15 -31.11 17.82
N ILE D 26 -25.90 -31.51 18.07
CA ILE D 26 -25.60 -32.93 18.32
C ILE D 26 -26.36 -33.38 19.57
N VAL D 27 -26.55 -32.47 20.51
CA VAL D 27 -27.27 -32.84 21.71
C VAL D 27 -28.73 -33.05 21.37
N GLU D 28 -29.34 -32.03 20.78
CA GLU D 28 -30.77 -32.08 20.45
C GLU D 28 -31.12 -33.33 19.65
N ALA D 29 -30.33 -33.68 18.62
CA ALA D 29 -30.61 -34.88 17.84
C ALA D 29 -30.33 -36.15 18.66
N GLY D 30 -29.25 -36.13 19.44
CA GLY D 30 -28.85 -37.29 20.20
C GLY D 30 -29.82 -37.65 21.30
N VAL D 31 -30.23 -36.65 22.06
CA VAL D 31 -31.18 -36.85 23.13
C VAL D 31 -32.52 -37.25 22.56
N LYS D 32 -32.91 -36.63 21.45
CA LYS D 32 -34.18 -36.99 20.81
C LYS D 32 -34.18 -38.47 20.46
N ALA D 33 -33.09 -38.95 19.83
CA ALA D 33 -32.98 -40.34 19.39
C ALA D 33 -32.96 -41.29 20.59
N ILE D 34 -32.31 -40.88 21.66
CA ILE D 34 -32.26 -41.67 22.89
C ILE D 34 -33.64 -41.87 23.49
N LYS D 35 -34.40 -40.79 23.58
CA LYS D 35 -35.74 -40.82 24.14
C LYS D 35 -36.66 -41.68 23.25
N ASP D 36 -36.51 -41.60 21.93
CA ASP D 36 -37.32 -42.42 21.03
C ASP D 36 -37.00 -43.90 21.22
N ALA D 37 -35.74 -44.23 21.44
CA ALA D 37 -35.32 -45.62 21.52
C ALA D 37 -35.62 -46.18 22.90
N ASN D 38 -35.86 -45.29 23.87
CA ASN D 38 -36.11 -45.70 25.24
C ASN D 38 -34.89 -46.43 25.79
N VAL D 39 -33.72 -45.84 25.54
CA VAL D 39 -32.47 -46.37 26.08
C VAL D 39 -31.82 -45.30 26.96
N ASP D 40 -30.90 -45.71 27.81
CA ASP D 40 -30.12 -44.77 28.58
C ASP D 40 -28.79 -44.55 27.86
N GLY D 41 -28.16 -43.41 28.10
CA GLY D 41 -26.87 -43.11 27.48
C GLY D 41 -25.83 -44.19 27.70
N GLY D 42 -25.87 -44.82 28.87
CA GLY D 42 -24.98 -45.92 29.21
C GLY D 42 -25.23 -47.16 28.39
N ASP D 43 -26.40 -47.24 27.73
CA ASP D 43 -26.72 -48.39 26.89
C ASP D 43 -26.02 -48.29 25.55
N ILE D 44 -25.58 -47.07 25.16
CA ILE D 44 -24.86 -46.86 23.90
C ILE D 44 -23.46 -47.46 24.02
N ASP D 45 -23.15 -48.41 23.13
CA ASP D 45 -21.88 -49.13 23.16
C ASP D 45 -20.84 -48.42 22.32
N ALA D 46 -21.29 -47.73 21.26
CA ALA D 46 -20.39 -47.03 20.35
C ALA D 46 -21.14 -46.00 19.54
N MET D 47 -20.40 -45.08 18.91
CA MET D 47 -20.98 -44.04 18.08
C MET D 47 -20.25 -43.93 16.76
N TYR D 48 -20.99 -43.61 15.71
CA TYR D 48 -20.41 -43.37 14.39
C TYR D 48 -20.99 -42.06 13.84
N ILE D 49 -20.12 -41.09 13.53
CA ILE D 49 -20.52 -39.73 13.20
C ILE D 49 -20.11 -39.37 11.76
N GLY D 50 -20.86 -38.45 11.15
CA GLY D 50 -20.47 -37.80 9.91
C GLY D 50 -20.56 -36.29 10.05
N ASN D 51 -19.55 -35.55 9.51
CA ASN D 51 -19.53 -34.08 9.63
C ASN D 51 -18.40 -33.48 8.86
N MET D 52 -18.72 -32.44 8.07
CA MET D 52 -17.77 -31.72 7.23
C MET D 52 -17.44 -30.32 7.77
N SER D 53 -18.48 -29.56 8.19
CA SER D 53 -18.32 -28.16 8.62
C SER D 53 -17.12 -27.95 9.54
N GLY D 54 -17.00 -28.78 10.56
CA GLY D 54 -15.95 -28.64 11.55
C GLY D 54 -14.55 -28.48 10.98
N GLY D 55 -14.14 -29.41 10.14
CA GLY D 55 -12.79 -29.40 9.59
C GLY D 55 -12.54 -28.23 8.66
N LEU D 56 -13.42 -28.00 7.69
CA LEU D 56 -13.18 -26.99 6.66
C LEU D 56 -13.59 -25.61 7.10
N PHE D 57 -14.67 -25.49 7.86
CA PHE D 57 -15.08 -24.18 8.36
C PHE D 57 -14.32 -23.82 9.64
N VAL D 58 -14.52 -24.60 10.71
CA VAL D 58 -13.86 -24.34 12.00
C VAL D 58 -12.36 -24.57 11.98
N GLY D 59 -11.91 -25.53 11.19
CA GLY D 59 -10.52 -25.98 11.23
C GLY D 59 -10.32 -27.07 12.27
N GLN D 60 -11.43 -27.72 12.66
CA GLN D 60 -11.43 -28.72 13.72
C GLN D 60 -11.48 -30.13 13.16
N GLU D 61 -10.39 -30.88 13.33
CA GLU D 61 -10.42 -32.31 13.06
C GLU D 61 -10.60 -33.02 14.39
N HIS D 62 -10.71 -34.34 14.36
CA HIS D 62 -10.92 -35.12 15.58
C HIS D 62 -12.26 -34.73 16.22
N ILE D 63 -13.29 -34.50 15.40
CA ILE D 63 -14.60 -34.11 15.93
C ILE D 63 -15.26 -35.24 16.70
N ALA D 64 -14.98 -36.48 16.32
CA ALA D 64 -15.59 -37.60 17.02
C ALA D 64 -15.27 -37.51 18.50
N SER D 65 -14.00 -37.30 18.84
CA SER D 65 -13.62 -37.20 20.25
C SER D 65 -14.40 -36.08 20.92
N LEU D 66 -14.44 -34.93 20.24
CA LEU D 66 -15.13 -33.73 20.72
C LEU D 66 -16.60 -34.05 20.99
N ILE D 67 -17.25 -34.68 20.02
CA ILE D 67 -18.67 -35.00 20.13
C ILE D 67 -18.92 -35.97 21.28
N ALA D 68 -18.12 -37.02 21.40
CA ALA D 68 -18.27 -37.97 22.50
C ALA D 68 -18.05 -37.29 23.84
N ASP D 69 -17.03 -36.42 23.90
CA ASP D 69 -16.69 -35.69 25.11
C ASP D 69 -17.87 -34.82 25.52
N HIS D 70 -18.43 -34.07 24.58
CA HIS D 70 -19.47 -33.11 24.93
C HIS D 70 -20.85 -33.76 25.10
N ALA D 71 -21.03 -34.95 24.50
CA ALA D 71 -22.18 -35.79 24.75
C ALA D 71 -22.16 -36.37 26.17
N GLY D 72 -20.97 -36.45 26.74
CA GLY D 72 -20.79 -37.03 28.06
C GLY D 72 -20.88 -38.53 28.04
N LEU D 73 -20.44 -39.15 26.94
CA LEU D 73 -20.48 -40.61 26.82
C LEU D 73 -19.08 -41.23 26.86
N ASN D 74 -18.05 -40.44 27.17
CA ASN D 74 -16.72 -41.02 27.34
C ASN D 74 -16.81 -42.09 28.41
N PRO D 75 -16.19 -43.27 28.21
CA PRO D 75 -15.14 -43.55 27.23
C PRO D 75 -15.61 -44.39 26.06
N VAL D 76 -16.88 -44.31 25.70
CA VAL D 76 -17.36 -45.12 24.58
C VAL D 76 -16.61 -44.74 23.31
N PRO D 77 -16.28 -45.71 22.48
CA PRO D 77 -15.62 -45.37 21.21
C PRO D 77 -16.54 -44.56 20.31
N CYS D 78 -15.98 -43.52 19.70
CA CYS D 78 -16.70 -42.72 18.70
C CYS D 78 -15.81 -42.65 17.46
N THR D 79 -16.40 -42.81 16.28
CA THR D 79 -15.62 -42.80 15.06
C THR D 79 -16.26 -41.85 14.05
N ARG D 80 -15.45 -41.10 13.30
CA ARG D 80 -15.94 -40.26 12.24
C ARG D 80 -15.74 -40.93 10.87
N VAL D 81 -16.81 -40.97 10.08
CA VAL D 81 -16.76 -41.52 8.73
C VAL D 81 -16.92 -40.39 7.73
N GLU D 82 -16.18 -40.43 6.62
CA GLU D 82 -16.21 -39.33 5.65
C GLU D 82 -16.41 -39.83 4.22
N ALA D 83 -17.38 -39.23 3.52
CA ALA D 83 -17.63 -39.53 2.11
C ALA D 83 -18.41 -38.38 1.52
N ALA D 84 -17.96 -37.14 1.78
CA ALA D 84 -18.64 -35.96 1.27
C ALA D 84 -20.09 -35.93 1.77
N CYS D 85 -21.07 -35.86 0.86
CA CYS D 85 -22.47 -35.80 1.22
C CYS D 85 -22.98 -37.16 1.67
N ALA D 86 -22.22 -38.23 1.41
CA ALA D 86 -22.65 -39.57 1.79
C ALA D 86 -22.14 -39.97 3.19
N SER D 87 -21.62 -39.02 3.95
CA SER D 87 -21.05 -39.34 5.24
C SER D 87 -22.11 -39.86 6.23
N GLY D 88 -23.36 -39.40 6.12
CA GLY D 88 -24.41 -39.83 7.03
C GLY D 88 -24.72 -41.32 6.89
N SER D 89 -24.83 -41.78 5.65
CA SER D 89 -25.13 -43.16 5.35
C SER D 89 -23.97 -44.08 5.72
N LEU D 90 -22.74 -43.61 5.53
CA LEU D 90 -21.59 -44.46 5.85
C LEU D 90 -21.38 -44.56 7.36
N ALA D 91 -21.78 -43.54 8.13
CA ALA D 91 -21.80 -43.69 9.59
C ALA D 91 -22.78 -44.79 9.96
N LEU D 92 -23.96 -44.77 9.33
CA LEU D 92 -25.00 -45.74 9.63
C LEU D 92 -24.54 -47.16 9.23
N ARG D 93 -24.01 -47.30 8.02
CA ARG D 93 -23.55 -48.58 7.54
C ARG D 93 -22.42 -49.11 8.45
N SER D 94 -21.55 -48.23 8.91
CA SER D 94 -20.51 -48.64 9.83
C SER D 94 -21.14 -49.10 11.13
N ALA D 95 -22.20 -48.43 11.56
CA ALA D 95 -22.90 -48.80 12.79
C ALA D 95 -23.55 -50.17 12.65
N VAL D 96 -24.13 -50.43 11.48
CA VAL D 96 -24.78 -51.68 11.17
C VAL D 96 -23.79 -52.83 11.15
N LEU D 97 -22.62 -52.62 10.55
CA LEU D 97 -21.63 -53.67 10.52
C LEU D 97 -21.06 -53.94 11.90
N SER D 98 -21.03 -52.96 12.79
CA SER D 98 -20.47 -53.21 14.12
C SER D 98 -21.45 -54.02 14.98
N VAL D 99 -22.76 -53.86 14.74
CA VAL D 99 -23.77 -54.62 15.45
C VAL D 99 -23.84 -56.04 14.88
N ALA D 100 -23.82 -56.14 13.53
CA ALA D 100 -23.80 -57.43 12.83
C ALA D 100 -22.62 -58.30 13.28
N SER D 101 -21.45 -57.68 13.54
CA SER D 101 -20.24 -58.41 13.93
C SER D 101 -20.38 -59.04 15.30
N GLY D 102 -21.21 -58.43 16.15
CA GLY D 102 -21.38 -58.90 17.52
C GLY D 102 -20.50 -58.17 18.51
N HIS D 103 -19.68 -57.24 18.01
CA HIS D 103 -18.82 -56.42 18.85
C HIS D 103 -19.58 -55.38 19.65
N HIS D 104 -20.69 -54.86 19.08
CA HIS D 104 -21.52 -53.88 19.78
C HIS D 104 -22.98 -54.25 19.63
N ASP D 105 -23.79 -54.05 20.69
CA ASP D 105 -25.22 -54.41 20.66
C ASP D 105 -26.06 -53.17 20.36
N VAL D 106 -25.74 -52.03 20.96
CA VAL D 106 -26.47 -50.78 20.71
C VAL D 106 -25.50 -49.69 20.24
N VAL D 107 -25.72 -49.17 19.03
CA VAL D 107 -24.82 -48.21 18.40
C VAL D 107 -25.60 -46.99 17.93
N LEU D 108 -25.05 -45.78 18.11
CA LEU D 108 -25.66 -44.55 17.61
C LEU D 108 -24.97 -44.10 16.33
N ALA D 109 -25.74 -43.92 15.27
CA ALA D 109 -25.22 -43.37 14.02
C ALA D 109 -25.77 -41.96 13.86
N GLY D 110 -24.87 -40.99 13.92
CA GLY D 110 -25.25 -39.59 13.88
C GLY D 110 -24.60 -38.81 12.76
N GLY D 111 -25.18 -37.66 12.46
CA GLY D 111 -24.67 -36.77 11.44
C GLY D 111 -25.03 -35.34 11.76
N VAL D 112 -24.07 -34.43 11.59
CA VAL D 112 -24.26 -33.04 12.01
C VAL D 112 -23.53 -32.10 11.07
N GLU D 113 -24.00 -30.86 10.97
CA GLU D 113 -23.36 -29.83 10.16
C GLU D 113 -23.70 -28.44 10.70
N LYS D 114 -22.71 -27.53 10.69
CA LYS D 114 -22.91 -26.13 11.02
C LYS D 114 -22.22 -25.25 9.97
N MET D 115 -22.78 -25.20 8.75
CA MET D 115 -22.18 -24.51 7.62
C MET D 115 -22.40 -23.02 7.68
N THR D 116 -23.38 -22.54 8.46
CA THR D 116 -23.64 -21.10 8.56
C THR D 116 -22.61 -20.39 9.46
N ASP D 117 -21.44 -21.03 9.70
CA ASP D 117 -20.40 -20.41 10.51
C ASP D 117 -19.29 -19.83 9.64
N VAL D 118 -19.44 -19.90 8.31
CA VAL D 118 -18.45 -19.29 7.44
C VAL D 118 -19.07 -18.77 6.14
N GLU D 119 -18.45 -17.72 5.57
CA GLU D 119 -18.79 -17.21 4.25
C GLU D 119 -18.09 -18.03 3.18
N ASP D 120 -18.52 -17.91 1.92
CA ASP D 120 -18.00 -18.75 0.84
C ASP D 120 -18.13 -20.23 1.23
N ALA D 121 -19.37 -20.65 1.49
CA ALA D 121 -19.68 -22.04 1.84
C ALA D 121 -19.38 -22.97 0.67
N THR D 122 -19.59 -22.50 -0.56
CA THR D 122 -19.40 -23.31 -1.76
C THR D 122 -17.98 -23.87 -1.87
N ALA D 123 -16.98 -23.14 -1.39
CA ALA D 123 -15.59 -23.59 -1.47
C ALA D 123 -15.41 -24.94 -0.78
N ALA D 124 -16.14 -25.14 0.31
CA ALA D 124 -16.07 -26.41 1.03
C ALA D 124 -16.82 -27.52 0.26
N ILE D 125 -18.00 -27.19 -0.28
CA ILE D 125 -18.80 -28.13 -1.08
C ILE D 125 -18.02 -28.64 -2.31
N ALA D 126 -17.24 -27.74 -2.93
CA ALA D 126 -16.43 -28.09 -4.10
C ALA D 126 -15.34 -29.09 -3.75
N SER D 127 -15.01 -29.20 -2.46
CA SER D 127 -13.98 -30.11 -1.98
C SER D 127 -14.27 -31.57 -2.36
N ALA D 128 -15.55 -31.91 -2.52
CA ALA D 128 -15.96 -33.27 -2.88
C ALA D 128 -15.57 -33.62 -4.32
N SER D 129 -15.45 -32.62 -5.20
CA SER D 129 -15.06 -32.85 -6.58
C SER D 129 -13.55 -32.98 -6.69
N ASP D 130 -13.03 -33.35 -7.87
CA ASP D 130 -11.58 -33.47 -8.01
C ASP D 130 -10.97 -32.09 -7.97
N GLN D 131 -10.18 -31.82 -6.94
CA GLN D 131 -9.55 -30.52 -6.79
C GLN D 131 -8.63 -30.21 -7.97
N GLU D 132 -7.81 -31.18 -8.38
CA GLU D 132 -6.80 -30.96 -9.41
C GLU D 132 -7.41 -30.80 -10.80
N TRP D 133 -8.53 -31.50 -11.09
CA TRP D 133 -9.00 -31.65 -12.47
C TRP D 133 -10.44 -31.18 -12.71
N GLU D 134 -11.19 -30.80 -11.66
CA GLU D 134 -12.53 -30.23 -11.84
C GLU D 134 -12.57 -28.82 -11.24
N ALA D 135 -12.35 -28.72 -9.93
CA ALA D 135 -12.41 -27.47 -9.21
C ALA D 135 -11.38 -26.49 -9.77
N PHE D 136 -10.14 -26.93 -9.88
CA PHE D 136 -9.01 -26.10 -10.37
C PHE D 136 -9.41 -25.26 -11.57
N PHE D 137 -10.20 -25.82 -12.48
CA PHE D 137 -10.50 -25.16 -13.75
C PHE D 137 -11.76 -24.30 -13.68
N GLY D 138 -12.39 -24.25 -12.51
CA GLY D 138 -13.57 -23.42 -12.31
C GLY D 138 -14.89 -24.17 -12.39
N ALA D 139 -14.85 -25.50 -12.17
CA ALA D 139 -16.05 -26.31 -12.20
C ALA D 139 -16.69 -26.32 -10.82
N THR D 140 -17.76 -25.52 -10.67
CA THR D 140 -18.47 -25.45 -9.41
C THR D 140 -19.35 -26.69 -9.28
N PHE D 141 -19.77 -26.99 -8.08
CA PHE D 141 -20.59 -28.16 -7.84
C PHE D 141 -21.90 -28.09 -8.60
N PRO D 142 -22.62 -26.95 -8.56
CA PRO D 142 -23.87 -26.86 -9.33
C PRO D 142 -23.63 -26.95 -10.84
N SER D 143 -22.45 -26.51 -11.32
CA SER D 143 -22.16 -26.58 -12.73
C SER D 143 -21.91 -28.03 -13.15
N LEU D 144 -21.39 -28.86 -12.25
CA LEU D 144 -21.16 -30.26 -12.59
C LEU D 144 -22.49 -30.97 -12.76
N TYR D 145 -23.41 -30.76 -11.81
CA TYR D 145 -24.74 -31.35 -11.91
C TYR D 145 -25.52 -30.69 -13.06
N ALA D 146 -25.26 -29.42 -13.38
CA ALA D 146 -25.92 -28.82 -14.54
C ALA D 146 -25.43 -29.47 -15.83
N MET D 147 -24.16 -29.87 -15.85
CA MET D 147 -23.59 -30.55 -17.01
C MET D 147 -24.19 -31.95 -17.15
N MET D 148 -24.49 -32.62 -16.03
CA MET D 148 -25.23 -33.88 -16.04
C MET D 148 -26.62 -33.66 -16.63
N ALA D 149 -27.28 -32.60 -16.15
CA ALA D 149 -28.65 -32.28 -16.53
C ALA D 149 -28.72 -31.88 -17.99
N ARG D 150 -27.66 -31.26 -18.52
CA ARG D 150 -27.60 -30.95 -19.96
C ARG D 150 -27.46 -32.24 -20.79
N ARG D 151 -26.52 -33.12 -20.43
CA ARG D 151 -26.28 -34.35 -21.19
C ARG D 151 -27.50 -35.26 -21.14
N TYR D 152 -28.23 -35.23 -20.03
CA TYR D 152 -29.45 -36.02 -19.88
C TYR D 152 -30.52 -35.50 -20.84
N MET D 153 -30.65 -34.18 -20.92
CA MET D 153 -31.63 -33.56 -21.82
C MET D 153 -31.24 -33.85 -23.26
N TYR D 154 -29.94 -33.76 -23.57
CA TYR D 154 -29.44 -34.01 -24.92
C TYR D 154 -29.73 -35.44 -25.36
N GLN D 155 -29.63 -36.40 -24.42
CA GLN D 155 -29.77 -37.82 -24.75
C GLN D 155 -31.21 -38.31 -24.65
N TYR D 156 -32.00 -37.79 -23.72
CA TYR D 156 -33.33 -38.32 -23.43
C TYR D 156 -34.45 -37.29 -23.62
N GLY D 157 -34.11 -36.09 -24.04
CA GLY D 157 -35.10 -35.08 -24.39
C GLY D 157 -35.87 -34.52 -23.21
N LEU D 158 -35.30 -34.57 -22.02
CA LEU D 158 -35.94 -33.97 -20.86
C LEU D 158 -36.07 -32.46 -21.06
N THR D 159 -37.23 -31.90 -20.70
CA THR D 159 -37.47 -30.48 -20.79
C THR D 159 -37.39 -29.79 -19.43
N ILE D 160 -37.09 -28.50 -19.43
CA ILE D 160 -36.91 -27.74 -18.20
C ILE D 160 -38.20 -27.73 -17.38
N GLU D 161 -39.34 -27.80 -18.06
CA GLU D 161 -40.63 -27.86 -17.39
C GLU D 161 -40.74 -29.17 -16.59
N GLU D 162 -40.32 -30.28 -17.19
CA GLU D 162 -40.38 -31.58 -16.51
C GLU D 162 -39.46 -31.57 -15.30
N LEU D 163 -38.21 -31.14 -15.50
CA LEU D 163 -37.22 -31.10 -14.42
C LEU D 163 -37.70 -30.23 -13.25
N SER D 164 -38.42 -29.15 -13.56
CA SER D 164 -38.87 -28.19 -12.56
C SER D 164 -40.03 -28.74 -11.72
N MET D 165 -40.73 -29.76 -12.23
CA MET D 165 -41.86 -30.32 -11.50
C MET D 165 -41.38 -31.08 -10.25
N TRP D 166 -40.12 -31.55 -10.26
CA TRP D 166 -39.51 -32.24 -9.13
C TRP D 166 -39.50 -31.32 -7.92
N SER D 167 -39.05 -30.08 -8.11
CA SER D 167 -38.96 -29.10 -7.03
C SER D 167 -40.34 -28.68 -6.54
N VAL D 168 -41.35 -28.69 -7.42
CA VAL D 168 -42.70 -28.30 -7.02
C VAL D 168 -43.27 -29.33 -6.06
N ILE D 169 -43.13 -30.61 -6.41
CA ILE D 169 -43.54 -31.72 -5.56
C ILE D 169 -42.79 -31.67 -4.23
N ALA D 170 -41.48 -31.45 -4.30
CA ALA D 170 -40.63 -31.43 -3.11
C ALA D 170 -41.12 -30.39 -2.12
N HIS D 171 -41.39 -29.17 -2.62
CA HIS D 171 -41.78 -28.05 -1.77
C HIS D 171 -43.20 -28.25 -1.24
N GLU D 172 -44.07 -28.87 -2.05
CA GLU D 172 -45.42 -29.21 -1.60
C GLU D 172 -45.33 -30.18 -0.44
N ASN D 173 -44.49 -31.21 -0.58
CA ASN D 173 -44.34 -32.23 0.46
C ASN D 173 -43.72 -31.63 1.73
N ALA D 174 -42.81 -30.64 1.56
CA ALA D 174 -42.07 -30.05 2.68
C ALA D 174 -42.96 -29.24 3.62
N THR D 175 -44.10 -28.72 3.13
CA THR D 175 -45.03 -27.95 3.97
C THR D 175 -45.62 -28.84 5.05
N LYS D 176 -45.64 -30.17 4.82
CA LYS D 176 -46.09 -31.16 5.80
C LYS D 176 -44.95 -31.59 6.75
N ASN D 177 -43.80 -30.92 6.69
CA ASN D 177 -42.64 -31.28 7.52
C ASN D 177 -42.21 -30.10 8.41
N LYS D 178 -42.35 -30.28 9.73
CA LYS D 178 -41.99 -29.23 10.69
C LYS D 178 -40.48 -29.03 10.77
N TYR D 179 -39.69 -30.06 10.45
CA TYR D 179 -38.23 -29.98 10.52
C TYR D 179 -37.62 -29.44 9.21
N ALA D 180 -38.48 -29.18 8.20
CA ALA D 180 -38.01 -28.72 6.90
C ALA D 180 -37.51 -27.28 6.95
N GLN D 181 -36.48 -26.98 6.16
CA GLN D 181 -35.97 -25.64 6.02
C GLN D 181 -36.99 -24.73 5.32
N PHE D 182 -37.62 -25.23 4.26
CA PHE D 182 -38.62 -24.45 3.52
C PHE D 182 -40.02 -25.04 3.65
N GLY D 183 -40.91 -24.27 4.25
CA GLY D 183 -42.31 -24.66 4.39
C GLY D 183 -43.25 -23.86 3.51
N PHE D 184 -42.86 -23.63 2.26
CA PHE D 184 -43.71 -22.89 1.34
C PHE D 184 -43.92 -23.68 0.05
N LYS D 185 -45.08 -23.50 -0.58
CA LYS D 185 -45.39 -24.08 -1.89
C LYS D 185 -44.80 -23.19 -2.98
N THR D 186 -44.57 -23.77 -4.16
CA THR D 186 -44.06 -23.01 -5.30
C THR D 186 -44.72 -23.50 -6.59
N THR D 187 -44.70 -22.67 -7.63
CA THR D 187 -45.25 -23.03 -8.92
C THR D 187 -44.13 -23.35 -9.89
N LEU D 188 -44.49 -23.86 -11.07
CA LEU D 188 -43.50 -24.15 -12.11
C LEU D 188 -42.85 -22.87 -12.62
N GLU D 189 -43.63 -21.81 -12.78
CA GLU D 189 -43.12 -20.52 -13.24
C GLU D 189 -42.13 -19.95 -12.24
N GLN D 190 -42.39 -20.13 -10.95
CA GLN D 190 -41.49 -19.64 -9.90
C GLN D 190 -40.16 -20.38 -9.93
N VAL D 191 -40.20 -21.69 -10.18
CA VAL D 191 -38.99 -22.52 -10.22
C VAL D 191 -38.12 -22.13 -11.43
N MET D 192 -38.77 -21.94 -12.58
CA MET D 192 -38.06 -21.64 -13.82
C MET D 192 -37.57 -20.20 -13.87
N ASN D 193 -38.33 -19.27 -13.27
CA ASN D 193 -37.96 -17.86 -13.29
C ASN D 193 -37.18 -17.47 -12.05
N ALA D 194 -36.60 -18.44 -11.35
CA ALA D 194 -35.69 -18.18 -10.26
C ALA D 194 -34.30 -17.86 -10.80
N SER D 195 -33.46 -17.20 -9.99
CA SER D 195 -32.13 -16.78 -10.41
C SER D 195 -31.27 -17.98 -10.79
N PRO D 196 -30.64 -17.98 -11.96
CA PRO D 196 -29.87 -19.15 -12.36
C PRO D 196 -28.52 -19.20 -11.68
N VAL D 197 -28.15 -20.38 -11.19
CA VAL D 197 -26.87 -20.61 -10.55
C VAL D 197 -25.90 -21.09 -11.61
N ALA D 198 -26.29 -22.15 -12.33
CA ALA D 198 -25.53 -22.69 -13.45
C ALA D 198 -26.48 -23.26 -14.50
N ASP D 199 -26.43 -22.75 -15.74
CA ASP D 199 -27.38 -23.14 -16.79
C ASP D 199 -27.31 -24.63 -17.04
N PRO D 200 -28.44 -25.38 -17.01
CA PRO D 200 -29.85 -24.93 -16.99
C PRO D 200 -30.46 -24.73 -15.62
N LEU D 201 -29.79 -25.20 -14.57
CA LEU D 201 -30.35 -25.16 -13.23
C LEU D 201 -30.47 -23.74 -12.70
N THR D 202 -31.56 -23.48 -11.96
CA THR D 202 -31.76 -22.22 -11.27
C THR D 202 -31.60 -22.44 -9.78
N LEU D 203 -31.78 -21.38 -9.00
CA LEU D 203 -31.72 -21.44 -7.55
C LEU D 203 -32.75 -22.44 -7.03
N MET D 204 -33.90 -22.54 -7.71
CA MET D 204 -34.99 -23.41 -7.26
C MET D 204 -34.80 -24.84 -7.74
N HIS D 205 -33.64 -25.16 -8.29
CA HIS D 205 -33.29 -26.55 -8.60
C HIS D 205 -32.25 -27.06 -7.62
N CYS D 206 -31.70 -26.15 -6.79
CA CYS D 206 -30.59 -26.50 -5.90
C CYS D 206 -31.06 -26.60 -4.49
N SER D 207 -30.51 -27.58 -3.77
CA SER D 207 -30.66 -27.64 -2.33
C SER D 207 -29.83 -26.54 -1.68
N PRO D 208 -30.23 -26.06 -0.49
CA PRO D 208 -29.46 -24.99 0.16
C PRO D 208 -28.37 -25.53 1.08
N VAL D 209 -27.34 -24.73 1.35
CA VAL D 209 -26.42 -25.04 2.45
C VAL D 209 -27.16 -24.83 3.77
N SER D 210 -27.06 -25.78 4.71
CA SER D 210 -27.86 -25.72 5.93
C SER D 210 -27.17 -26.33 7.15
N ASP D 211 -27.52 -25.79 8.33
CA ASP D 211 -27.26 -26.40 9.64
C ASP D 211 -28.25 -27.53 9.93
N GLY D 212 -27.86 -28.41 10.85
CA GLY D 212 -28.75 -29.42 11.41
C GLY D 212 -28.05 -30.71 11.81
N ALA D 213 -28.75 -31.53 12.60
CA ALA D 213 -28.24 -32.81 13.08
C ALA D 213 -29.33 -33.86 13.11
N SER D 214 -28.93 -35.13 12.88
CA SER D 214 -29.82 -36.29 12.83
C SER D 214 -29.12 -37.46 13.46
N ALA D 215 -29.85 -38.28 14.21
CA ALA D 215 -29.23 -39.41 14.86
C ALA D 215 -30.17 -40.60 14.86
N LEU D 216 -29.64 -41.80 14.56
CA LEU D 216 -30.38 -43.04 14.64
C LEU D 216 -29.81 -43.88 15.76
N ILE D 217 -30.62 -44.75 16.37
CA ILE D 217 -30.14 -45.75 17.31
C ILE D 217 -30.35 -47.11 16.70
N VAL D 218 -29.28 -47.78 16.28
CA VAL D 218 -29.41 -49.13 15.77
C VAL D 218 -29.07 -50.15 16.86
N CYS D 219 -29.55 -51.38 16.65
CA CYS D 219 -29.63 -52.38 17.69
C CYS D 219 -29.62 -53.77 17.06
N ASP D 220 -29.21 -54.79 17.82
CA ASP D 220 -29.41 -56.18 17.42
C ASP D 220 -30.91 -56.51 17.48
N ALA D 221 -31.46 -57.09 16.39
CA ALA D 221 -32.90 -57.32 16.26
C ALA D 221 -33.50 -57.98 17.49
N ASP D 222 -32.73 -58.88 18.13
CA ASP D 222 -33.21 -59.62 19.29
C ASP D 222 -33.21 -58.73 20.54
N LYS D 223 -32.15 -57.96 20.74
CA LYS D 223 -32.08 -57.02 21.85
C LYS D 223 -33.11 -55.90 21.70
N ALA D 224 -33.49 -55.55 20.46
CA ALA D 224 -34.44 -54.46 20.24
C ALA D 224 -35.75 -54.65 21.01
N GLU D 225 -36.23 -55.91 21.15
CA GLU D 225 -37.50 -56.23 21.83
C GLU D 225 -37.40 -55.86 23.32
N GLU D 226 -36.18 -55.66 23.78
CA GLU D 226 -35.85 -55.33 25.16
C GLU D 226 -36.19 -53.88 25.44
N PHE D 227 -36.07 -53.01 24.42
CA PHE D 227 -36.29 -51.57 24.58
C PHE D 227 -37.61 -51.12 23.98
N ALA D 228 -38.03 -51.76 22.88
CA ALA D 228 -39.16 -51.26 22.10
C ALA D 228 -40.21 -52.32 21.81
N PRO D 229 -41.43 -51.88 21.49
CA PRO D 229 -42.45 -52.82 21.05
C PRO D 229 -42.20 -53.28 19.61
N LYS D 230 -42.53 -54.53 19.30
CA LYS D 230 -42.30 -55.11 17.99
C LYS D 230 -42.82 -54.22 16.86
N ASP D 231 -43.97 -53.58 17.04
CA ASP D 231 -44.52 -52.75 15.98
C ASP D 231 -43.77 -51.42 15.81
N GLU D 232 -42.94 -51.05 16.80
CA GLU D 232 -42.12 -49.84 16.72
C GLU D 232 -40.65 -50.16 16.36
N ILE D 233 -40.41 -51.38 15.85
CA ILE D 233 -39.08 -51.80 15.43
C ILE D 233 -39.03 -51.94 13.92
N ILE D 234 -38.04 -51.31 13.30
CA ILE D 234 -37.86 -51.41 11.87
C ILE D 234 -36.55 -52.12 11.60
N TYR D 235 -36.58 -53.05 10.64
CA TYR D 235 -35.44 -53.93 10.40
C TYR D 235 -34.63 -53.42 9.21
N ILE D 236 -33.30 -53.37 9.35
CA ILE D 236 -32.42 -53.06 8.24
C ILE D 236 -32.13 -54.32 7.45
N LYS D 237 -32.69 -54.43 6.24
CA LYS D 237 -32.55 -55.62 5.40
C LYS D 237 -31.24 -55.60 4.65
N ALA D 238 -30.81 -54.43 4.17
CA ALA D 238 -29.57 -54.33 3.39
C ALA D 238 -28.89 -52.98 3.61
N SER D 239 -27.56 -52.99 3.73
CA SER D 239 -26.80 -51.76 3.92
C SER D 239 -25.59 -51.77 3.00
N THR D 240 -25.78 -51.36 1.73
CA THR D 240 -24.78 -51.56 0.69
C THR D 240 -24.07 -50.28 0.32
N GLN D 241 -22.96 -50.44 -0.40
CA GLN D 241 -22.14 -49.30 -0.77
C GLN D 241 -21.33 -49.64 -2.02
N ALA D 242 -21.12 -48.65 -2.89
CA ALA D 242 -20.34 -48.86 -4.12
C ALA D 242 -19.65 -47.59 -4.50
N SER D 243 -18.72 -47.68 -5.46
CA SER D 243 -17.87 -46.54 -5.80
C SER D 243 -17.82 -46.30 -7.28
N ASP D 244 -17.48 -45.07 -7.66
CA ASP D 244 -17.40 -44.64 -9.04
C ASP D 244 -16.27 -43.65 -9.17
N THR D 245 -16.03 -43.16 -10.39
CA THR D 245 -14.97 -42.19 -10.59
C THR D 245 -15.31 -40.89 -9.89
N ILE D 246 -14.34 -40.30 -9.22
CA ILE D 246 -14.57 -39.04 -8.51
C ILE D 246 -14.95 -37.92 -9.50
N ALA D 247 -14.24 -37.85 -10.65
CA ALA D 247 -14.56 -36.87 -11.69
C ALA D 247 -15.72 -37.32 -12.54
N LEU D 248 -16.57 -36.37 -12.93
CA LEU D 248 -17.67 -36.65 -13.86
C LEU D 248 -17.15 -36.94 -15.26
N HIS D 249 -16.05 -36.29 -15.65
CA HIS D 249 -15.49 -36.49 -16.99
C HIS D 249 -14.86 -37.87 -17.16
N ASP D 250 -14.72 -38.63 -16.06
CA ASP D 250 -14.13 -39.98 -16.11
C ASP D 250 -15.20 -41.07 -16.10
N ARG D 251 -16.49 -40.69 -16.11
CA ARG D 251 -17.59 -41.66 -16.06
C ARG D 251 -17.85 -42.28 -17.43
N GLU D 252 -18.26 -43.56 -17.46
CA GLU D 252 -18.62 -44.22 -18.71
C GLU D 252 -19.86 -43.58 -19.28
N ASP D 253 -20.86 -43.35 -18.43
CA ASP D 253 -22.07 -42.64 -18.80
C ASP D 253 -22.43 -41.65 -17.71
N MET D 254 -22.52 -40.37 -18.04
CA MET D 254 -22.78 -39.28 -17.10
C MET D 254 -24.24 -39.23 -16.67
N THR D 255 -25.14 -39.76 -17.49
CA THR D 255 -26.56 -39.66 -17.21
C THR D 255 -26.97 -40.71 -16.18
N THR D 256 -26.03 -41.57 -15.78
CA THR D 256 -26.33 -42.57 -14.75
C THR D 256 -25.29 -42.56 -13.62
N LEU D 257 -25.72 -42.97 -12.43
CA LEU D 257 -24.79 -43.20 -11.31
C LEU D 257 -24.64 -44.69 -11.12
N ASN D 258 -23.57 -45.26 -11.72
CA ASN D 258 -23.34 -46.70 -11.66
C ASN D 258 -23.32 -47.21 -10.24
N ALA D 259 -22.63 -46.50 -9.33
CA ALA D 259 -22.49 -46.91 -7.95
C ALA D 259 -23.86 -47.09 -7.33
N ALA D 260 -24.87 -46.31 -7.76
CA ALA D 260 -26.24 -46.50 -7.29
C ALA D 260 -26.82 -47.78 -7.87
N LYS D 261 -26.60 -48.02 -9.17
CA LYS D 261 -27.08 -49.26 -9.79
C LYS D 261 -26.45 -50.46 -9.08
N VAL D 262 -25.14 -50.41 -8.85
CA VAL D 262 -24.43 -51.49 -8.18
C VAL D 262 -24.96 -51.69 -6.76
N ALA D 263 -25.05 -50.61 -5.97
CA ALA D 263 -25.47 -50.71 -4.58
C ALA D 263 -26.93 -51.12 -4.47
N SER D 264 -27.81 -50.53 -5.28
CA SER D 264 -29.25 -50.85 -5.21
C SER D 264 -29.52 -52.29 -5.59
N GLU D 265 -28.82 -52.79 -6.62
CA GLU D 265 -28.98 -54.17 -7.05
C GLU D 265 -28.57 -55.14 -5.94
N LYS D 266 -27.43 -54.90 -5.31
CA LYS D 266 -26.98 -55.74 -4.21
C LYS D 266 -27.99 -55.70 -3.06
N ALA D 267 -28.63 -54.55 -2.84
CA ALA D 267 -29.59 -54.44 -1.75
C ALA D 267 -30.88 -55.18 -2.05
N TYR D 268 -31.30 -55.17 -3.32
CA TYR D 268 -32.49 -55.90 -3.73
C TYR D 268 -32.26 -57.40 -3.64
N LYS D 269 -31.04 -57.85 -3.97
CA LYS D 269 -30.68 -59.26 -3.94
C LYS D 269 -30.72 -59.83 -2.51
N LEU D 270 -30.15 -59.10 -1.53
CA LEU D 270 -30.12 -59.58 -0.15
C LEU D 270 -31.51 -59.57 0.46
N ALA D 271 -32.30 -58.56 0.12
CA ALA D 271 -33.68 -58.49 0.60
C ALA D 271 -34.58 -59.45 -0.15
N LYS D 272 -34.11 -59.94 -1.29
CA LYS D 272 -34.88 -60.86 -2.11
C LYS D 272 -36.20 -60.25 -2.54
N ILE D 273 -36.19 -58.97 -2.94
CA ILE D 273 -37.37 -58.31 -3.47
C ILE D 273 -36.98 -57.51 -4.70
N ALA D 274 -38.00 -57.09 -5.43
CA ALA D 274 -37.83 -56.26 -6.62
C ALA D 274 -38.19 -54.80 -6.29
N PRO D 275 -37.77 -53.85 -7.15
CA PRO D 275 -38.11 -52.44 -6.90
C PRO D 275 -39.62 -52.16 -6.88
N GLU D 276 -40.41 -53.03 -7.50
CA GLU D 276 -41.87 -52.88 -7.54
C GLU D 276 -42.49 -53.07 -6.15
N LYS D 277 -41.72 -53.62 -5.20
CA LYS D 277 -42.18 -53.84 -3.83
C LYS D 277 -41.90 -52.64 -2.91
N ILE D 278 -41.08 -51.69 -3.36
CA ILE D 278 -40.68 -50.57 -2.50
C ILE D 278 -41.83 -49.58 -2.39
N ASP D 279 -42.25 -49.28 -1.17
CA ASP D 279 -43.39 -48.39 -0.95
C ASP D 279 -42.94 -46.95 -0.91
N VAL D 280 -41.83 -46.66 -0.19
CA VAL D 280 -41.30 -45.31 -0.07
C VAL D 280 -39.83 -45.32 -0.39
N ALA D 281 -39.31 -44.22 -0.90
CA ALA D 281 -37.88 -44.11 -1.17
C ALA D 281 -37.39 -42.69 -0.86
N GLU D 282 -36.18 -42.59 -0.31
CA GLU D 282 -35.58 -41.30 -0.03
C GLU D 282 -34.31 -41.18 -0.84
N VAL D 283 -34.28 -40.28 -1.84
CA VAL D 283 -33.15 -40.15 -2.74
C VAL D 283 -32.45 -38.81 -2.63
N HIS D 284 -31.17 -38.79 -3.00
CA HIS D 284 -30.31 -37.61 -2.93
C HIS D 284 -30.64 -36.64 -4.05
N ASP D 285 -31.55 -35.70 -3.79
CA ASP D 285 -31.98 -34.74 -4.81
C ASP D 285 -31.38 -33.36 -4.53
N CYS D 286 -30.04 -33.30 -4.39
CA CYS D 286 -29.33 -32.04 -4.17
C CYS D 286 -29.54 -31.08 -5.31
N PHE D 287 -29.83 -31.59 -6.53
CA PHE D 287 -29.98 -30.75 -7.72
C PHE D 287 -31.07 -31.24 -8.65
N ALA D 288 -32.09 -31.90 -8.14
CA ALA D 288 -33.28 -32.26 -8.95
C ALA D 288 -32.98 -33.28 -10.02
N ILE D 289 -32.02 -33.00 -10.93
CA ILE D 289 -31.61 -34.00 -11.92
C ILE D 289 -31.15 -35.27 -11.20
N ASN D 290 -30.50 -35.10 -10.05
CA ASN D 290 -30.01 -36.20 -9.25
C ASN D 290 -31.16 -37.04 -8.68
N GLY D 291 -32.28 -36.41 -8.41
CA GLY D 291 -33.51 -37.09 -8.05
C GLY D 291 -34.07 -37.95 -9.18
N LEU D 292 -34.19 -37.35 -10.38
CA LEU D 292 -34.65 -38.07 -11.57
C LEU D 292 -33.81 -39.30 -11.84
N ILE D 293 -32.47 -39.11 -11.88
CA ILE D 293 -31.54 -40.17 -12.25
C ILE D 293 -31.60 -41.31 -11.25
N LEU D 294 -31.66 -41.00 -9.96
CA LEU D 294 -31.72 -42.07 -8.95
C LEU D 294 -33.02 -42.86 -9.04
N VAL D 295 -34.13 -42.21 -9.38
CA VAL D 295 -35.39 -42.92 -9.55
C VAL D 295 -35.22 -44.01 -10.62
N GLU D 296 -34.46 -43.71 -11.68
CA GLU D 296 -34.19 -44.68 -12.74
C GLU D 296 -33.17 -45.73 -12.29
N ASP D 297 -32.11 -45.30 -11.58
CA ASP D 297 -31.01 -46.19 -11.21
C ASP D 297 -31.41 -47.13 -10.10
N LEU D 298 -32.40 -46.74 -9.28
CA LEU D 298 -32.97 -47.65 -8.28
C LEU D 298 -34.05 -48.56 -8.91
N GLY D 299 -34.30 -48.38 -10.19
CA GLY D 299 -35.10 -49.32 -10.96
C GLY D 299 -36.59 -49.09 -10.85
N PHE D 300 -36.99 -47.86 -10.53
CA PHE D 300 -38.42 -47.55 -10.44
C PHE D 300 -38.98 -47.19 -11.79
N CYS D 301 -38.10 -46.93 -12.76
CA CYS D 301 -38.50 -46.72 -14.15
C CYS D 301 -37.31 -46.85 -15.11
N LYS D 302 -37.58 -46.91 -16.42
CA LYS D 302 -36.54 -47.14 -17.42
C LYS D 302 -35.77 -45.85 -17.68
N LYS D 303 -34.47 -45.98 -17.98
CA LYS D 303 -33.65 -44.78 -18.22
C LYS D 303 -34.26 -43.97 -19.35
N GLY D 304 -34.36 -42.67 -19.10
CA GLY D 304 -34.98 -41.72 -20.01
C GLY D 304 -36.40 -41.33 -19.60
N ASP D 305 -37.13 -42.25 -18.95
CA ASP D 305 -38.55 -42.06 -18.67
C ASP D 305 -38.86 -41.26 -17.41
N ALA D 306 -37.83 -40.86 -16.65
CA ALA D 306 -38.03 -40.23 -15.33
C ALA D 306 -38.82 -38.93 -15.43
N GLY D 307 -38.60 -38.18 -16.49
CA GLY D 307 -39.34 -36.94 -16.72
C GLY D 307 -40.83 -37.14 -16.81
N LYS D 308 -41.26 -38.20 -17.50
CA LYS D 308 -42.67 -38.55 -17.59
C LYS D 308 -43.19 -38.99 -16.22
N VAL D 309 -42.41 -39.79 -15.50
CA VAL D 309 -42.79 -40.27 -14.18
C VAL D 309 -43.06 -39.11 -13.22
N ILE D 310 -42.27 -38.04 -13.34
CA ILE D 310 -42.45 -36.88 -12.48
C ILE D 310 -43.59 -36.00 -12.99
N ASP D 311 -43.66 -35.75 -14.30
CA ASP D 311 -44.69 -34.89 -14.84
C ASP D 311 -46.09 -35.49 -14.63
N GLU D 312 -46.18 -36.80 -14.45
CA GLU D 312 -47.46 -37.44 -14.10
C GLU D 312 -47.64 -37.46 -12.59
N GLY D 313 -46.58 -37.12 -11.86
CA GLY D 313 -46.59 -37.09 -10.40
C GLY D 313 -46.75 -38.47 -9.78
N LYS D 314 -46.22 -39.50 -10.44
CA LYS D 314 -46.38 -40.86 -9.93
C LYS D 314 -45.73 -40.98 -8.55
N ILE D 315 -44.70 -40.14 -8.29
CA ILE D 315 -43.93 -40.16 -7.04
C ILE D 315 -44.63 -39.42 -5.90
N ARG D 316 -45.80 -38.80 -6.17
CA ARG D 316 -46.53 -38.03 -5.15
C ARG D 316 -47.16 -38.97 -4.11
N ILE D 317 -47.27 -38.49 -2.85
CA ILE D 317 -47.81 -39.30 -1.75
C ILE D 317 -49.24 -39.70 -2.10
N ASP D 318 -50.02 -38.78 -2.68
CA ASP D 318 -51.42 -39.04 -3.01
C ASP D 318 -51.55 -40.11 -4.11
N TYR D 319 -50.57 -40.20 -5.03
CA TYR D 319 -50.61 -41.11 -6.17
C TYR D 319 -50.47 -42.57 -5.73
N ASP D 320 -51.30 -43.46 -6.31
CA ASP D 320 -51.38 -44.87 -5.86
C ASP D 320 -50.63 -45.85 -6.77
N ASP D 321 -50.30 -47.03 -6.19
CA ASP D 321 -49.64 -48.12 -6.90
C ASP D 321 -48.38 -47.66 -7.61
N PHE D 322 -47.66 -46.73 -6.98
CA PHE D 322 -46.33 -46.33 -7.41
C PHE D 322 -45.59 -45.74 -6.22
N VAL D 323 -44.28 -45.96 -6.21
CA VAL D 323 -43.44 -45.59 -5.09
C VAL D 323 -43.50 -44.10 -4.79
N THR D 324 -43.56 -43.76 -3.49
CA THR D 324 -43.55 -42.38 -3.03
C THR D 324 -42.13 -41.94 -2.74
N VAL D 325 -41.68 -40.86 -3.38
CA VAL D 325 -40.29 -40.42 -3.27
C VAL D 325 -40.22 -39.06 -2.56
N ASN D 326 -39.31 -38.96 -1.58
CA ASN D 326 -39.10 -37.73 -0.81
C ASN D 326 -40.39 -37.16 -0.27
N PRO D 327 -41.14 -37.95 0.51
CA PRO D 327 -42.37 -37.44 1.13
C PRO D 327 -42.08 -36.30 2.12
N SER D 328 -40.88 -36.29 2.69
CA SER D 328 -40.42 -35.25 3.58
C SER D 328 -40.26 -33.90 2.86
N GLY D 329 -39.77 -33.94 1.63
CA GLY D 329 -39.40 -32.74 0.88
C GLY D 329 -38.02 -32.85 0.25
N GLY D 330 -37.24 -33.83 0.70
CA GLY D 330 -35.95 -34.10 0.09
C GLY D 330 -34.89 -33.11 0.51
N LEU D 331 -33.74 -33.13 -0.18
CA LEU D 331 -32.63 -32.21 0.11
C LEU D 331 -33.02 -30.83 -0.35
N LYS D 332 -33.86 -30.77 -1.38
CA LYS D 332 -34.24 -29.51 -1.96
C LYS D 332 -34.99 -28.64 -0.95
N ALA D 333 -36.01 -29.18 -0.30
CA ALA D 333 -36.91 -28.37 0.51
C ALA D 333 -36.78 -28.65 2.00
N ALA D 334 -36.46 -29.88 2.38
CA ALA D 334 -36.28 -30.17 3.80
C ALA D 334 -34.89 -29.73 4.27
N GLY D 335 -33.97 -29.50 3.33
CA GLY D 335 -32.63 -29.02 3.63
C GLY D 335 -31.56 -30.08 3.43
N HIS D 336 -30.31 -29.63 3.21
CA HIS D 336 -29.20 -30.55 3.02
C HIS D 336 -28.08 -30.24 3.99
N ALA D 337 -28.11 -30.85 5.17
CA ALA D 337 -27.00 -30.77 6.11
C ALA D 337 -26.08 -31.93 5.81
N LEU D 338 -24.95 -31.65 5.17
CA LEU D 338 -24.23 -32.67 4.41
C LEU D 338 -24.07 -33.99 5.17
N GLY D 339 -23.52 -33.90 6.38
CA GLY D 339 -23.24 -35.08 7.20
C GLY D 339 -24.49 -35.74 7.77
N ALA D 340 -25.56 -34.96 7.98
CA ALA D 340 -26.78 -35.46 8.61
C ALA D 340 -27.78 -36.00 7.60
N THR D 341 -27.66 -35.60 6.34
CA THR D 341 -28.61 -35.99 5.30
C THR D 341 -28.77 -37.52 5.17
N GLY D 342 -27.66 -38.25 5.09
CA GLY D 342 -27.73 -39.70 5.00
C GLY D 342 -28.50 -40.37 6.13
N ILE D 343 -28.28 -39.89 7.36
CA ILE D 343 -29.04 -40.36 8.52
C ILE D 343 -30.52 -39.94 8.37
N ARG D 344 -30.78 -38.67 8.04
CA ARG D 344 -32.15 -38.17 7.94
C ARG D 344 -32.98 -39.01 6.98
N GLN D 345 -32.41 -39.36 5.83
CA GLN D 345 -33.14 -40.11 4.81
C GLN D 345 -33.69 -41.39 5.43
N VAL D 346 -32.85 -42.11 6.18
CA VAL D 346 -33.22 -43.39 6.78
C VAL D 346 -34.23 -43.20 7.92
N GLY D 347 -34.00 -42.21 8.77
CA GLY D 347 -34.97 -41.84 9.81
C GLY D 347 -36.34 -41.49 9.27
N GLU D 348 -36.42 -41.04 8.03
CA GLU D 348 -37.72 -40.79 7.41
C GLU D 348 -38.40 -42.10 7.06
N LEU D 349 -37.63 -43.06 6.50
CA LEU D 349 -38.15 -44.39 6.18
C LEU D 349 -38.61 -45.07 7.45
N TYR D 350 -37.83 -44.95 8.51
CA TYR D 350 -38.21 -45.43 9.83
C TYR D 350 -39.62 -44.94 10.19
N TRP D 351 -39.81 -43.61 10.14
CA TRP D 351 -41.11 -43.02 10.46
C TRP D 351 -42.20 -43.51 9.52
N GLN D 352 -41.91 -43.59 8.22
CA GLN D 352 -42.91 -43.97 7.23
C GLN D 352 -43.33 -45.43 7.39
N LEU D 353 -42.38 -46.34 7.62
CA LEU D 353 -42.68 -47.76 7.76
C LEU D 353 -43.33 -48.09 9.10
N LYS D 354 -42.97 -47.35 10.16
CA LYS D 354 -43.59 -47.59 11.46
C LYS D 354 -44.83 -46.71 11.61
N GLN D 355 -45.21 -45.98 10.55
CA GLN D 355 -46.41 -45.17 10.59
C GLN D 355 -46.37 -44.23 11.78
N ASP D 356 -45.23 -43.57 11.99
CA ASP D 356 -45.09 -42.67 13.14
C ASP D 356 -45.96 -41.42 12.97
N LYS D 357 -46.41 -40.84 14.09
CA LYS D 357 -47.14 -39.59 14.05
C LYS D 357 -46.34 -38.47 13.38
N GLU D 358 -45.01 -38.49 13.48
CA GLU D 358 -44.20 -37.41 12.92
C GLU D 358 -44.49 -37.19 11.46
N CYS D 359 -44.73 -38.25 10.68
CA CYS D 359 -44.97 -38.08 9.25
C CYS D 359 -46.45 -38.29 8.87
N LYS D 360 -47.35 -38.08 9.83
CA LYS D 360 -48.77 -38.37 9.60
C LYS D 360 -49.35 -37.51 8.49
N ASP D 361 -48.91 -36.26 8.36
CA ASP D 361 -49.50 -35.41 7.33
C ASP D 361 -48.90 -35.76 5.98
N ARG D 362 -47.74 -36.44 5.96
CA ARG D 362 -47.07 -36.83 4.71
C ARG D 362 -46.92 -38.34 4.66
N GLN D 363 -47.84 -39.07 5.28
CA GLN D 363 -47.74 -40.52 5.36
C GLN D 363 -48.02 -41.14 4.01
N ALA D 364 -47.05 -41.90 3.51
CA ALA D 364 -47.18 -42.63 2.25
C ALA D 364 -47.92 -43.92 2.50
N THR D 365 -48.50 -44.47 1.45
CA THR D 365 -49.17 -45.74 1.52
C THR D 365 -48.15 -46.88 1.56
N ILE D 366 -48.23 -47.73 2.59
CA ILE D 366 -47.28 -48.81 2.74
C ILE D 366 -47.95 -50.15 2.52
N LYS D 367 -47.80 -50.72 1.32
CA LYS D 367 -48.43 -51.99 0.97
C LYS D 367 -47.55 -53.17 1.40
N ASN D 368 -46.29 -53.18 0.96
CA ASN D 368 -45.38 -54.32 1.15
C ASN D 368 -44.48 -54.16 2.37
N GLY D 369 -44.39 -52.97 2.93
CA GLY D 369 -43.60 -52.73 4.12
C GLY D 369 -42.11 -52.61 3.84
N TYR D 370 -41.76 -51.98 2.71
CA TYR D 370 -40.37 -51.82 2.32
C TYR D 370 -40.08 -50.37 1.99
N GLY D 371 -38.88 -49.93 2.33
CA GLY D 371 -38.39 -48.61 1.95
C GLY D 371 -36.91 -48.63 1.62
N ILE D 372 -36.49 -47.83 0.62
CA ILE D 372 -35.08 -47.76 0.25
C ILE D 372 -34.57 -46.31 0.37
N ALA D 373 -33.29 -46.16 0.73
CA ALA D 373 -32.64 -44.86 0.77
C ALA D 373 -31.40 -44.85 -0.12
N ALA D 374 -31.12 -43.74 -0.80
CA ALA D 374 -29.92 -43.62 -1.62
C ALA D 374 -29.20 -42.31 -1.32
N ASN D 375 -28.03 -42.42 -0.68
CA ASN D 375 -27.22 -41.26 -0.32
C ASN D 375 -26.05 -41.22 -1.28
N VAL D 376 -25.69 -40.04 -1.78
CA VAL D 376 -24.64 -39.92 -2.76
C VAL D 376 -23.58 -38.95 -2.30
N GLY D 377 -22.33 -39.35 -2.42
CA GLY D 377 -21.22 -38.45 -2.13
C GLY D 377 -20.67 -37.82 -3.40
N GLY D 378 -20.57 -36.50 -3.39
CA GLY D 378 -20.09 -35.77 -4.55
C GLY D 378 -21.05 -35.83 -5.71
N THR D 379 -20.54 -36.15 -6.90
CA THR D 379 -21.37 -36.28 -8.10
C THR D 379 -21.73 -37.73 -8.38
N GLY D 380 -21.41 -38.62 -7.46
CA GLY D 380 -21.67 -40.04 -7.64
C GLY D 380 -20.50 -40.96 -7.38
N GLY D 381 -19.35 -40.41 -7.00
CA GLY D 381 -18.18 -41.21 -6.70
C GLY D 381 -18.41 -42.22 -5.60
N THR D 382 -19.43 -41.99 -4.78
CA THR D 382 -19.78 -42.85 -3.67
C THR D 382 -21.28 -42.90 -3.57
N VAL D 383 -21.85 -44.08 -3.44
CA VAL D 383 -23.29 -44.20 -3.17
C VAL D 383 -23.50 -45.25 -2.10
N CYS D 384 -24.37 -44.94 -1.14
CA CYS D 384 -24.67 -45.87 -0.07
C CYS D 384 -26.16 -46.11 0.03
N VAL D 385 -26.58 -47.37 -0.12
CA VAL D 385 -27.99 -47.72 -0.11
C VAL D 385 -28.37 -48.47 1.16
N HIS D 386 -29.56 -48.15 1.70
CA HIS D 386 -30.12 -48.83 2.87
C HIS D 386 -31.55 -49.25 2.56
N LEU D 387 -31.88 -50.51 2.80
CA LEU D 387 -33.21 -51.01 2.51
C LEU D 387 -33.82 -51.52 3.79
N LEU D 388 -35.04 -51.07 4.10
CA LEU D 388 -35.64 -51.34 5.38
C LEU D 388 -36.95 -52.03 5.18
N SER D 389 -37.40 -52.78 6.19
CA SER D 389 -38.66 -53.52 6.16
C SER D 389 -39.22 -53.58 7.58
N ASP D 390 -40.56 -53.47 7.70
CA ASP D 390 -41.26 -53.58 8.98
C ASP D 390 -41.20 -55.02 9.51
N LYS D 391 -41.01 -55.99 8.62
CA LYS D 391 -40.84 -57.41 8.94
C LYS D 391 -39.36 -57.81 8.89
N ARG D 392 -38.95 -58.65 9.85
CA ARG D 392 -37.59 -59.15 9.89
C ARG D 392 -37.33 -60.15 8.76
N VAL E 2 3.49 -23.76 -4.48
CA VAL E 2 2.97 -25.03 -4.00
C VAL E 2 3.44 -26.17 -4.90
N VAL E 3 3.51 -27.38 -4.34
CA VAL E 3 4.10 -28.56 -4.97
C VAL E 3 3.11 -29.26 -5.90
N ARG E 4 1.82 -29.17 -5.56
CA ARG E 4 0.76 -29.87 -6.28
C ARG E 4 0.69 -29.40 -7.74
N SER E 5 0.81 -28.08 -7.95
CA SER E 5 0.86 -27.48 -9.28
C SER E 5 2.06 -27.99 -10.07
N TRP E 6 3.20 -28.11 -9.38
CA TRP E 6 4.48 -28.48 -9.98
C TRP E 6 4.46 -29.88 -10.59
N ARG E 7 3.64 -30.79 -10.05
CA ARG E 7 3.65 -32.18 -10.51
C ARG E 7 2.89 -32.37 -11.82
N HIS E 8 1.76 -31.69 -12.02
CA HIS E 8 0.94 -31.90 -13.21
C HIS E 8 1.09 -30.76 -14.23
N MET E 9 2.29 -30.21 -14.33
CA MET E 9 2.55 -29.10 -15.24
C MET E 9 2.54 -29.57 -16.70
N LYS E 10 3.26 -30.64 -17.00
CA LYS E 10 3.37 -31.15 -18.36
C LYS E 10 2.00 -31.56 -18.90
N GLU E 11 1.11 -31.96 -17.99
CA GLU E 11 -0.27 -32.30 -18.38
C GLU E 11 -1.06 -31.03 -18.66
N ARG E 12 -1.12 -30.12 -17.69
CA ARG E 12 -1.87 -28.88 -17.82
C ARG E 12 -1.36 -28.03 -18.97
N TYR E 13 -0.03 -27.94 -19.11
CA TYR E 13 0.59 -27.09 -20.13
C TYR E 13 0.48 -27.72 -21.51
N ASN E 14 0.91 -28.98 -21.65
CA ASN E 14 1.14 -29.59 -22.95
C ASN E 14 0.18 -30.73 -23.28
N LEU E 15 -0.75 -31.06 -22.38
CA LEU E 15 -1.64 -32.19 -22.60
C LEU E 15 -0.86 -33.44 -22.94
N ILE E 16 0.07 -33.84 -22.08
CA ILE E 16 0.73 -35.11 -22.30
C ILE E 16 0.20 -36.17 -21.33
N GLY E 17 -0.49 -37.14 -21.90
CA GLY E 17 -1.08 -38.26 -21.18
C GLY E 17 -0.29 -39.53 -21.39
N THR E 18 -0.93 -40.69 -21.16
CA THR E 18 -0.28 -41.98 -21.36
C THR E 18 -1.10 -42.86 -22.29
N ARG E 19 -0.42 -43.81 -22.94
CA ARG E 19 -1.07 -44.78 -23.81
C ARG E 19 -0.77 -46.19 -23.32
N CYS E 20 -1.81 -47.03 -23.14
CA CYS E 20 -1.60 -48.43 -22.81
C CYS E 20 -1.24 -49.18 -24.09
N LYS E 21 -0.02 -49.74 -24.13
CA LYS E 21 0.54 -50.40 -25.31
C LYS E 21 -0.19 -51.73 -25.59
N THR E 22 -0.74 -52.35 -24.54
CA THR E 22 -1.50 -53.60 -24.67
C THR E 22 -2.88 -53.32 -25.31
N CYS E 23 -3.60 -52.32 -24.76
CA CYS E 23 -4.94 -51.96 -25.25
C CYS E 23 -4.83 -51.15 -26.54
N GLY E 24 -4.07 -50.07 -26.48
CA GLY E 24 -4.03 -49.04 -27.50
C GLY E 24 -4.77 -47.79 -27.05
N LYS E 25 -5.44 -47.90 -25.89
CA LYS E 25 -6.27 -46.84 -25.33
C LYS E 25 -5.40 -45.69 -24.85
N VAL E 26 -5.89 -44.45 -24.97
CA VAL E 26 -5.17 -43.28 -24.50
C VAL E 26 -5.84 -42.74 -23.25
N TYR E 27 -5.03 -42.35 -22.25
CA TYR E 27 -5.51 -41.83 -20.97
C TYR E 27 -5.00 -40.41 -20.73
N PHE E 28 -5.91 -39.50 -20.37
CA PHE E 28 -5.54 -38.18 -19.91
C PHE E 28 -6.55 -37.66 -18.89
N PRO E 29 -6.12 -37.29 -17.68
CA PRO E 29 -4.71 -37.19 -17.24
C PRO E 29 -4.02 -38.54 -17.14
N SER E 30 -2.69 -38.52 -17.27
CA SER E 30 -1.88 -39.72 -17.21
C SER E 30 -2.17 -40.51 -15.93
N ARG E 31 -2.29 -41.83 -16.05
CA ARG E 31 -2.58 -42.69 -14.92
C ARG E 31 -1.38 -43.55 -14.57
N THR E 32 -1.19 -43.80 -13.26
CA THR E 32 -0.09 -44.65 -12.79
C THR E 32 -0.50 -46.12 -12.91
N VAL E 33 -1.78 -46.40 -12.67
CA VAL E 33 -2.32 -47.76 -12.73
C VAL E 33 -3.51 -47.80 -13.70
N CYS E 34 -3.45 -48.69 -14.70
CA CYS E 34 -4.50 -48.80 -15.71
C CYS E 34 -5.76 -49.40 -15.07
N PRO E 35 -6.94 -48.78 -15.27
CA PRO E 35 -8.15 -49.30 -14.60
C PRO E 35 -8.58 -50.69 -15.07
N ASP E 36 -8.24 -51.07 -16.30
CA ASP E 36 -8.62 -52.37 -16.86
C ASP E 36 -7.55 -53.41 -16.56
N CYS E 37 -6.30 -53.04 -16.86
CA CYS E 37 -5.16 -53.94 -16.72
C CYS E 37 -4.71 -54.00 -15.25
N ARG E 38 -4.45 -52.83 -14.64
CA ARG E 38 -3.90 -52.69 -13.30
C ARG E 38 -2.41 -53.03 -13.26
N ARG E 39 -2.05 -54.32 -13.38
CA ARG E 39 -0.65 -54.73 -13.39
C ARG E 39 -0.22 -55.22 -14.78
N LYS E 40 -1.08 -55.98 -15.46
CA LYS E 40 -0.79 -56.54 -16.78
C LYS E 40 -1.02 -55.50 -17.89
N GLY E 41 -0.29 -54.39 -17.82
CA GLY E 41 -0.43 -53.30 -18.77
C GLY E 41 0.79 -52.41 -18.85
N GLU E 42 1.25 -52.09 -20.07
CA GLU E 42 2.45 -51.30 -20.28
C GLU E 42 2.09 -49.84 -20.56
N LEU E 43 2.69 -48.91 -19.79
CA LEU E 43 2.39 -47.48 -19.90
C LEU E 43 3.48 -46.76 -20.73
N GLU E 44 3.04 -45.95 -21.71
CA GLU E 44 3.93 -45.15 -22.56
C GLU E 44 3.41 -43.71 -22.59
N GLU E 45 4.31 -42.71 -22.57
CA GLU E 45 3.89 -41.31 -22.60
C GLU E 45 3.39 -40.92 -23.99
N PHE E 46 2.32 -40.12 -24.05
CA PHE E 46 1.70 -39.76 -25.31
C PHE E 46 1.22 -38.31 -25.30
N GLN E 47 1.62 -37.55 -26.33
CA GLN E 47 1.27 -36.14 -26.46
C GLN E 47 -0.02 -36.00 -27.24
N LEU E 48 -1.06 -35.47 -26.60
CA LEU E 48 -2.35 -35.31 -27.26
C LEU E 48 -2.39 -34.02 -28.05
N SER E 49 -3.17 -34.01 -29.14
CA SER E 49 -3.55 -32.77 -29.79
C SER E 49 -4.61 -32.10 -28.92
N GLY E 50 -4.58 -30.78 -28.90
CA GLY E 50 -5.54 -30.02 -28.11
C GLY E 50 -6.95 -30.07 -28.67
N LYS E 51 -7.14 -30.71 -29.82
CA LYS E 51 -8.42 -30.72 -30.50
C LYS E 51 -9.41 -31.59 -29.74
N GLY E 52 -10.68 -31.18 -29.75
CA GLY E 52 -11.76 -31.91 -29.10
C GLY E 52 -13.13 -31.34 -29.42
N LYS E 53 -14.18 -31.91 -28.81
CA LYS E 53 -15.56 -31.45 -29.04
C LYS E 53 -16.30 -31.31 -27.71
N ILE E 54 -17.25 -30.38 -27.66
CA ILE E 54 -18.06 -30.20 -26.46
C ILE E 54 -18.93 -31.42 -26.24
N TYR E 55 -18.74 -32.09 -25.10
CA TYR E 55 -19.58 -33.24 -24.73
C TYR E 55 -20.77 -32.75 -23.92
N THR E 56 -20.51 -31.83 -22.98
CA THR E 56 -21.59 -31.13 -22.28
C THR E 56 -21.05 -29.81 -21.79
N TYR E 57 -21.94 -28.93 -21.35
CA TYR E 57 -21.52 -27.60 -20.92
C TYR E 57 -22.52 -26.97 -19.95
N SER E 58 -22.08 -25.92 -19.27
CA SER E 58 -22.93 -25.17 -18.36
C SER E 58 -22.43 -23.74 -18.31
N ILE E 59 -23.30 -22.80 -17.91
CA ILE E 59 -22.91 -21.40 -17.80
C ILE E 59 -22.96 -21.01 -16.35
N VAL E 60 -21.82 -20.63 -15.78
CA VAL E 60 -21.73 -20.31 -14.36
C VAL E 60 -22.03 -18.83 -14.12
N TYR E 61 -23.18 -18.54 -13.48
CA TYR E 61 -23.62 -17.16 -13.29
C TYR E 61 -23.17 -16.57 -11.97
N ALA E 62 -22.94 -17.42 -10.95
CA ALA E 62 -22.55 -16.92 -9.63
C ALA E 62 -21.35 -17.70 -9.10
N PRO E 63 -20.14 -17.31 -9.51
CA PRO E 63 -18.98 -18.12 -9.18
C PRO E 63 -18.31 -17.66 -7.90
N PRO E 64 -17.15 -18.25 -7.57
CA PRO E 64 -16.35 -17.65 -6.50
C PRO E 64 -15.88 -16.25 -6.88
N LYS E 65 -15.78 -15.35 -5.90
CA LYS E 65 -15.43 -13.96 -6.13
C LYS E 65 -14.20 -13.81 -7.01
N GLU E 66 -13.28 -14.78 -6.98
CA GLU E 66 -12.05 -14.65 -7.73
C GLU E 66 -12.30 -14.60 -9.24
N PHE E 67 -13.37 -15.27 -9.71
CA PHE E 67 -13.70 -15.29 -11.13
C PHE E 67 -14.65 -14.14 -11.52
N ASN E 68 -14.69 -13.06 -10.71
CA ASN E 68 -15.60 -11.93 -10.91
C ASN E 68 -15.50 -11.31 -12.31
N LYS E 69 -14.29 -11.23 -12.86
CA LYS E 69 -14.07 -10.63 -14.17
C LYS E 69 -14.66 -11.49 -15.30
N LEU E 70 -14.61 -12.81 -15.14
CA LEU E 70 -15.04 -13.74 -16.19
C LEU E 70 -16.55 -13.97 -16.19
N THR E 71 -17.24 -13.66 -15.10
CA THR E 71 -18.66 -13.94 -14.97
C THR E 71 -19.50 -13.24 -16.02
N PRO E 72 -20.48 -13.94 -16.62
CA PRO E 72 -20.72 -15.40 -16.62
C PRO E 72 -19.77 -16.14 -17.55
N TYR E 73 -19.42 -17.37 -17.22
CA TYR E 73 -18.47 -18.10 -18.03
C TYR E 73 -18.94 -19.52 -18.33
N VAL E 74 -18.47 -20.04 -19.46
CA VAL E 74 -18.81 -21.37 -19.91
C VAL E 74 -17.81 -22.33 -19.31
N ILE E 75 -18.32 -23.28 -18.55
CA ILE E 75 -17.57 -24.45 -18.14
C ILE E 75 -18.07 -25.62 -18.99
N ALA E 76 -17.19 -26.55 -19.34
CA ALA E 76 -17.60 -27.65 -20.21
C ALA E 76 -16.77 -28.90 -19.97
N ILE E 77 -17.30 -30.04 -20.44
CA ILE E 77 -16.54 -31.26 -20.51
C ILE E 77 -16.25 -31.54 -21.97
N VAL E 78 -14.97 -31.57 -22.33
CA VAL E 78 -14.57 -31.70 -23.72
C VAL E 78 -14.14 -33.14 -23.97
N GLU E 79 -14.71 -33.76 -25.00
CA GLU E 79 -14.19 -35.04 -25.48
C GLU E 79 -13.09 -34.76 -26.48
N LEU E 80 -11.86 -35.15 -26.14
CA LEU E 80 -10.72 -34.91 -27.01
C LEU E 80 -10.73 -35.94 -28.13
N GLU E 81 -10.09 -35.62 -29.26
CA GLU E 81 -10.04 -36.52 -30.42
C GLU E 81 -9.59 -37.92 -30.00
N GLU E 82 -8.56 -37.99 -29.17
CA GLU E 82 -7.94 -39.24 -28.76
C GLU E 82 -8.88 -40.11 -27.93
N GLY E 83 -9.84 -39.48 -27.25
CA GLY E 83 -10.83 -40.22 -26.47
C GLY E 83 -11.08 -39.66 -25.09
N PRO E 84 -10.02 -39.32 -24.35
CA PRO E 84 -10.20 -38.75 -23.00
C PRO E 84 -11.11 -37.53 -22.95
N LYS E 85 -11.85 -37.40 -21.84
CA LYS E 85 -12.65 -36.21 -21.60
C LYS E 85 -12.01 -35.37 -20.49
N VAL E 86 -12.13 -34.04 -20.57
CA VAL E 86 -11.56 -33.13 -19.59
C VAL E 86 -12.54 -32.04 -19.29
N THR E 87 -12.48 -31.52 -18.06
CA THR E 87 -13.29 -30.40 -17.64
C THR E 87 -12.44 -29.15 -17.76
N ALA E 88 -12.99 -28.11 -18.38
CA ALA E 88 -12.27 -26.86 -18.62
C ALA E 88 -13.24 -25.74 -18.99
N GLN E 89 -12.79 -24.49 -18.91
CA GLN E 89 -13.62 -23.39 -19.39
C GLN E 89 -13.51 -23.27 -20.90
N VAL E 90 -14.47 -22.59 -21.54
CA VAL E 90 -14.42 -22.35 -22.97
C VAL E 90 -14.53 -20.85 -23.25
N ASP E 91 -13.55 -20.29 -23.99
CA ASP E 91 -13.55 -18.86 -24.33
C ASP E 91 -14.45 -18.62 -25.53
N CYS E 92 -15.72 -18.33 -25.26
CA CYS E 92 -16.68 -18.05 -26.31
C CYS E 92 -17.89 -17.33 -25.71
N ASP E 93 -18.75 -16.77 -26.56
CA ASP E 93 -19.99 -16.14 -26.10
C ASP E 93 -20.95 -17.21 -25.61
N ILE E 94 -21.67 -16.91 -24.53
CA ILE E 94 -22.55 -17.88 -23.90
C ILE E 94 -23.65 -18.34 -24.86
N ASN E 95 -24.02 -17.50 -25.83
CA ASN E 95 -25.03 -17.88 -26.82
C ASN E 95 -24.46 -18.77 -27.91
N LYS E 96 -23.13 -18.81 -28.06
CA LYS E 96 -22.48 -19.53 -29.17
C LYS E 96 -22.12 -20.96 -28.80
N ILE E 97 -22.25 -21.33 -27.53
CA ILE E 97 -21.86 -22.67 -27.09
C ILE E 97 -23.01 -23.66 -27.26
N SER E 98 -22.67 -24.88 -27.68
CA SER E 98 -23.63 -25.98 -27.84
C SER E 98 -22.87 -27.32 -27.87
N ILE E 99 -23.57 -28.45 -27.60
CA ILE E 99 -22.90 -29.75 -27.60
C ILE E 99 -22.45 -30.13 -29.02
N GLY E 100 -21.20 -30.56 -29.14
CA GLY E 100 -20.64 -31.01 -30.41
C GLY E 100 -19.74 -30.00 -31.09
N ILE E 101 -19.68 -28.78 -30.55
CA ILE E 101 -18.83 -27.75 -31.11
C ILE E 101 -17.36 -28.18 -31.06
N PRO E 102 -16.64 -28.10 -32.18
CA PRO E 102 -15.21 -28.40 -32.16
C PRO E 102 -14.43 -27.30 -31.47
N VAL E 103 -13.46 -27.68 -30.63
CA VAL E 103 -12.67 -26.71 -29.86
C VAL E 103 -11.22 -27.16 -29.82
N GLU E 104 -10.34 -26.26 -29.40
CA GLU E 104 -8.89 -26.49 -29.37
C GLU E 104 -8.30 -25.86 -28.10
N ALA E 105 -7.41 -26.59 -27.41
CA ALA E 105 -6.84 -26.15 -26.13
C ALA E 105 -6.01 -24.89 -26.28
N ALA E 106 -6.01 -24.05 -25.25
CA ALA E 106 -5.26 -22.81 -25.23
C ALA E 106 -4.58 -22.66 -23.90
N PHE E 107 -3.36 -22.14 -23.89
CA PHE E 107 -2.60 -21.92 -22.67
C PHE E 107 -3.06 -20.64 -22.03
N ARG E 108 -3.62 -20.72 -20.81
CA ARG E 108 -4.17 -19.53 -20.15
C ARG E 108 -3.82 -19.50 -18.68
N ARG E 109 -4.05 -18.35 -18.06
CA ARG E 109 -3.85 -18.15 -16.63
C ARG E 109 -5.11 -18.62 -15.89
N ILE E 110 -5.05 -19.83 -15.34
CA ILE E 110 -6.23 -20.50 -14.79
C ILE E 110 -6.58 -19.92 -13.44
N LYS E 111 -5.57 -19.69 -12.62
CA LYS E 111 -5.78 -19.43 -11.21
C LYS E 111 -4.61 -18.65 -10.66
N GLU E 112 -4.81 -18.00 -9.52
CA GLU E 112 -3.73 -17.40 -8.78
C GLU E 112 -4.04 -17.52 -7.30
N ASP E 113 -3.01 -17.76 -6.49
CA ASP E 113 -3.15 -17.89 -5.04
C ASP E 113 -3.07 -16.49 -4.41
N GLY E 114 -4.10 -15.70 -4.67
CA GLY E 114 -4.17 -14.35 -4.16
C GLY E 114 -3.25 -13.38 -4.87
N LYS E 115 -2.96 -12.25 -4.23
CA LYS E 115 -2.12 -11.20 -4.82
C LYS E 115 -0.63 -11.46 -4.59
N ASP E 116 -0.27 -12.47 -3.77
CA ASP E 116 1.14 -12.75 -3.42
C ASP E 116 1.58 -14.20 -3.73
N GLY E 117 0.62 -15.12 -3.90
CA GLY E 117 0.94 -16.54 -4.07
C GLY E 117 1.21 -16.91 -5.51
N ILE E 118 1.27 -18.20 -5.79
CA ILE E 118 1.68 -18.67 -7.12
C ILE E 118 0.59 -18.50 -8.17
N ILE E 119 0.99 -18.20 -9.42
CA ILE E 119 0.09 -18.17 -10.57
C ILE E 119 0.05 -19.55 -11.22
N SER E 120 -1.16 -20.02 -11.55
CA SER E 120 -1.35 -21.38 -12.04
C SER E 120 -1.88 -21.33 -13.47
N TYR E 121 -1.07 -21.80 -14.43
CA TYR E 121 -1.45 -21.80 -15.84
C TYR E 121 -1.99 -23.15 -16.22
N GLY E 122 -2.69 -23.22 -17.33
CA GLY E 122 -3.25 -24.47 -17.80
C GLY E 122 -4.15 -24.31 -19.01
N TYR E 123 -4.89 -25.36 -19.33
CA TYR E 123 -5.66 -25.39 -20.57
C TYR E 123 -7.02 -24.72 -20.46
N LYS E 124 -7.48 -24.15 -21.55
CA LYS E 124 -8.81 -23.59 -21.67
C LYS E 124 -9.17 -23.59 -23.15
N PHE E 125 -10.40 -23.99 -23.47
CA PHE E 125 -10.71 -24.30 -24.86
C PHE E 125 -11.25 -23.11 -25.62
N VAL E 126 -10.95 -23.08 -26.91
CA VAL E 126 -11.40 -22.04 -27.81
C VAL E 126 -12.01 -22.68 -29.03
N PRO E 127 -13.12 -22.17 -29.54
CA PRO E 127 -13.69 -22.75 -30.75
C PRO E 127 -12.79 -22.62 -31.97
N ILE E 128 -13.05 -23.43 -32.99
CA ILE E 128 -12.27 -23.42 -34.23
C ILE E 128 -13.22 -23.46 -35.43
N VAL F 2 -1.61 24.92 4.51
CA VAL F 2 -1.75 24.69 5.95
C VAL F 2 -1.91 26.03 6.67
N VAL F 3 -0.82 26.76 6.95
CA VAL F 3 -1.00 28.02 7.66
C VAL F 3 -1.78 29.01 6.79
N ARG F 4 -1.48 29.09 5.47
CA ARG F 4 -2.16 30.04 4.57
C ARG F 4 -3.63 29.70 4.49
N SER F 5 -3.96 28.40 4.47
CA SER F 5 -5.35 27.94 4.46
C SER F 5 -6.05 28.43 5.72
N TRP F 6 -5.37 28.32 6.86
CA TRP F 6 -5.91 28.65 8.18
C TRP F 6 -6.30 30.12 8.31
N ARG F 7 -5.61 31.02 7.62
CA ARG F 7 -5.84 32.45 7.80
C ARG F 7 -7.13 32.92 7.10
N HIS F 8 -7.41 32.40 5.89
CA HIS F 8 -8.54 32.88 5.10
C HIS F 8 -9.70 31.90 5.12
N MET F 9 -9.90 31.22 6.25
CA MET F 9 -10.96 30.22 6.38
C MET F 9 -12.33 30.88 6.44
N LYS F 10 -12.51 31.91 7.29
CA LYS F 10 -13.81 32.54 7.44
C LYS F 10 -14.24 33.19 6.12
N GLU F 11 -13.26 33.60 5.31
CA GLU F 11 -13.57 34.15 3.99
C GLU F 11 -14.01 33.03 3.06
N ARG F 12 -13.17 32.01 2.88
CA ARG F 12 -13.47 30.89 1.98
C ARG F 12 -14.73 30.13 2.40
N TYR F 13 -14.89 29.88 3.71
CA TYR F 13 -16.01 29.11 4.23
C TYR F 13 -17.30 29.94 4.22
N ASN F 14 -17.26 31.15 4.79
CA ASN F 14 -18.48 31.89 5.12
C ASN F 14 -18.63 33.19 4.33
N LEU F 15 -17.68 33.50 3.44
CA LEU F 15 -17.74 34.76 2.69
C LEU F 15 -17.87 35.95 3.62
N ILE F 16 -16.94 36.10 4.57
CA ILE F 16 -16.96 37.26 5.45
C ILE F 16 -15.92 38.29 4.97
N GLY F 17 -16.41 39.40 4.47
CA GLY F 17 -15.58 40.50 3.98
C GLY F 17 -15.64 41.69 4.91
N THR F 18 -15.25 42.86 4.41
CA THR F 18 -15.27 44.08 5.21
C THR F 18 -16.07 45.17 4.52
N ARG F 19 -16.55 46.12 5.32
CA ARG F 19 -17.34 47.24 4.82
C ARG F 19 -16.71 48.55 5.31
N CYS F 20 -16.42 49.48 4.38
CA CYS F 20 -15.89 50.79 4.74
C CYS F 20 -17.06 51.73 5.08
N LYS F 21 -17.07 52.32 6.27
CA LYS F 21 -18.19 53.19 6.64
C LYS F 21 -18.05 54.55 5.98
N THR F 22 -16.81 55.01 5.79
CA THR F 22 -16.55 56.28 5.13
C THR F 22 -17.16 56.23 3.71
N CYS F 23 -16.88 55.14 2.98
CA CYS F 23 -17.38 54.96 1.62
C CYS F 23 -18.83 54.45 1.65
N GLY F 24 -19.02 53.31 2.32
CA GLY F 24 -20.23 52.50 2.25
C GLY F 24 -20.00 51.23 1.43
N LYS F 25 -18.83 51.16 0.80
CA LYS F 25 -18.46 50.10 -0.13
C LYS F 25 -18.18 48.82 0.61
N VAL F 26 -18.46 47.67 -0.02
CA VAL F 26 -18.17 46.36 0.54
C VAL F 26 -17.00 45.74 -0.19
N TYR F 27 -16.08 45.13 0.56
CA TYR F 27 -14.87 44.51 0.01
C TYR F 27 -14.84 43.03 0.34
N PHE F 28 -14.60 42.19 -0.68
CA PHE F 28 -14.32 40.77 -0.47
C PHE F 28 -13.37 40.27 -1.55
N PRO F 29 -12.20 39.73 -1.17
CA PRO F 29 -11.79 39.40 0.20
C PRO F 29 -11.55 40.63 1.06
N SER F 30 -11.69 40.45 2.38
CA SER F 30 -11.45 41.52 3.33
C SER F 30 -10.07 42.15 3.13
N ARG F 31 -10.01 43.48 3.18
CA ARG F 31 -8.75 44.21 2.97
C ARG F 31 -8.26 44.85 4.27
N THR F 32 -6.94 44.93 4.44
CA THR F 32 -6.33 45.55 5.62
C THR F 32 -6.29 47.06 5.43
N VAL F 33 -6.03 47.52 4.20
CA VAL F 33 -5.96 48.94 3.87
C VAL F 33 -6.91 49.25 2.72
N CYS F 34 -7.82 50.23 2.92
CA CYS F 34 -8.78 50.59 1.89
C CYS F 34 -8.07 51.27 0.72
N PRO F 35 -8.33 50.85 -0.53
CA PRO F 35 -7.60 51.45 -1.67
C PRO F 35 -7.92 52.92 -1.91
N ASP F 36 -9.10 53.40 -1.49
CA ASP F 36 -9.52 54.78 -1.71
C ASP F 36 -9.12 55.70 -0.55
N CYS F 37 -9.61 55.40 0.66
CA CYS F 37 -9.46 56.26 1.81
C CYS F 37 -8.14 56.02 2.55
N ARG F 38 -7.52 54.85 2.35
CA ARG F 38 -6.27 54.47 3.02
C ARG F 38 -6.48 54.30 4.53
N ARG F 39 -5.94 55.21 5.34
CA ARG F 39 -6.00 55.11 6.80
C ARG F 39 -7.32 55.71 7.31
N LYS F 40 -7.95 56.57 6.50
CA LYS F 40 -9.21 57.23 6.86
C LYS F 40 -10.36 56.22 6.93
N GLY F 41 -10.35 55.24 6.04
CA GLY F 41 -11.40 54.23 5.97
C GLY F 41 -11.57 53.45 7.25
N GLU F 42 -12.81 53.40 7.77
CA GLU F 42 -13.14 52.63 8.98
C GLU F 42 -13.74 51.29 8.56
N LEU F 43 -13.10 50.18 8.96
CA LEU F 43 -13.48 48.85 8.49
C LEU F 43 -14.20 48.03 9.55
N GLU F 44 -15.34 47.43 9.18
CA GLU F 44 -16.12 46.54 10.03
C GLU F 44 -16.37 45.24 9.29
N GLU F 45 -16.31 44.09 9.96
CA GLU F 45 -16.54 42.83 9.26
C GLU F 45 -18.00 42.73 8.81
N PHE F 46 -18.21 42.29 7.57
CA PHE F 46 -19.52 42.20 6.95
C PHE F 46 -19.71 40.83 6.30
N GLN F 47 -20.85 40.20 6.57
CA GLN F 47 -21.17 38.87 6.06
C GLN F 47 -21.91 38.99 4.74
N LEU F 48 -21.30 38.55 3.64
CA LEU F 48 -21.95 38.59 2.33
C LEU F 48 -22.86 37.39 2.18
N SER F 49 -23.97 37.58 1.49
CA SER F 49 -24.77 36.45 1.02
C SER F 49 -24.01 35.82 -0.13
N GLY F 50 -24.15 34.52 -0.28
CA GLY F 50 -23.45 33.81 -1.34
C GLY F 50 -24.01 34.06 -2.73
N LYS F 51 -25.06 34.88 -2.82
CA LYS F 51 -25.74 35.08 -4.09
C LYS F 51 -24.98 36.06 -4.97
N GLY F 52 -24.92 35.75 -6.26
CA GLY F 52 -24.19 36.54 -7.24
C GLY F 52 -24.59 36.18 -8.67
N LYS F 53 -23.94 36.80 -9.66
CA LYS F 53 -24.21 36.52 -11.07
C LYS F 53 -22.91 36.30 -11.85
N ILE F 54 -22.95 35.45 -12.88
CA ILE F 54 -21.77 35.23 -13.70
C ILE F 54 -21.45 36.51 -14.45
N TYR F 55 -20.23 37.02 -14.26
CA TYR F 55 -19.73 38.22 -14.96
C TYR F 55 -19.00 37.79 -16.24
N THR F 56 -18.21 36.72 -16.15
CA THR F 56 -17.53 36.12 -17.29
C THR F 56 -17.21 34.70 -16.90
N TYR F 57 -16.80 33.87 -17.86
CA TYR F 57 -16.54 32.47 -17.58
C TYR F 57 -15.65 31.84 -18.64
N SER F 58 -15.06 30.70 -18.33
CA SER F 58 -14.27 29.94 -19.28
C SER F 58 -14.40 28.46 -18.95
N ILE F 59 -14.15 27.60 -19.94
CA ILE F 59 -14.20 26.16 -19.74
C ILE F 59 -12.80 25.58 -19.88
N VAL F 60 -12.27 25.01 -18.80
CA VAL F 60 -10.92 24.49 -18.79
C VAL F 60 -10.88 23.06 -19.28
N TYR F 61 -10.29 22.83 -20.46
CA TYR F 61 -10.29 21.51 -21.07
C TYR F 61 -9.06 20.69 -20.72
N ALA F 62 -7.93 21.35 -20.41
CA ALA F 62 -6.69 20.65 -20.09
C ALA F 62 -6.06 21.22 -18.83
N PRO F 63 -6.59 20.85 -17.66
CA PRO F 63 -6.09 21.43 -16.42
C PRO F 63 -4.97 20.57 -15.83
N PRO F 64 -4.43 21.00 -14.68
CA PRO F 64 -3.44 20.15 -13.99
C PRO F 64 -3.99 18.75 -13.70
N LYS F 65 -3.08 17.77 -13.63
CA LYS F 65 -3.39 16.35 -13.44
C LYS F 65 -4.29 16.10 -12.22
N GLU F 66 -4.31 17.02 -11.25
CA GLU F 66 -5.11 16.85 -10.05
C GLU F 66 -6.61 17.04 -10.32
N PHE F 67 -6.96 17.88 -11.31
CA PHE F 67 -8.36 18.15 -11.62
C PHE F 67 -8.89 17.19 -12.69
N ASN F 68 -8.26 16.01 -12.85
CA ASN F 68 -8.62 15.02 -13.88
C ASN F 68 -10.09 14.60 -13.83
N LYS F 69 -10.65 14.45 -12.62
CA LYS F 69 -12.03 14.01 -12.46
C LYS F 69 -13.01 15.08 -12.93
N LEU F 70 -12.68 16.35 -12.70
CA LEU F 70 -13.60 17.46 -12.99
C LEU F 70 -13.59 17.87 -14.45
N THR F 71 -12.53 17.52 -15.19
CA THR F 71 -12.38 17.96 -16.57
C THR F 71 -13.57 17.52 -17.43
N PRO F 72 -14.07 18.41 -18.30
CA PRO F 72 -13.85 19.87 -18.36
C PRO F 72 -14.65 20.58 -17.27
N TYR F 73 -14.09 21.66 -16.71
CA TYR F 73 -14.81 22.39 -15.68
C TYR F 73 -14.97 23.86 -16.02
N VAL F 74 -16.00 24.46 -15.44
CA VAL F 74 -16.27 25.87 -15.61
C VAL F 74 -15.56 26.63 -14.53
N ILE F 75 -14.67 27.52 -14.93
CA ILE F 75 -14.13 28.54 -14.06
C ILE F 75 -14.85 29.85 -14.41
N ALA F 76 -15.10 30.71 -13.42
CA ALA F 76 -15.84 31.94 -13.69
C ALA F 76 -15.46 33.06 -12.76
N ILE F 77 -15.83 34.28 -13.14
CA ILE F 77 -15.76 35.41 -12.24
C ILE F 77 -17.18 35.80 -11.92
N VAL F 78 -17.54 35.72 -10.63
CA VAL F 78 -18.89 36.00 -10.19
C VAL F 78 -18.95 37.39 -9.58
N GLU F 79 -19.90 38.20 -10.05
CA GLU F 79 -20.21 39.46 -9.38
C GLU F 79 -21.23 39.19 -8.30
N LEU F 80 -20.83 39.36 -7.04
CA LEU F 80 -21.72 39.11 -5.91
C LEU F 80 -22.69 40.27 -5.77
N GLU F 81 -23.84 40.05 -5.16
CA GLU F 81 -24.87 41.07 -5.12
C GLU F 81 -24.46 42.29 -4.32
N GLU F 82 -23.52 42.13 -3.38
CA GLU F 82 -22.96 43.25 -2.63
C GLU F 82 -22.01 44.12 -3.47
N GLY F 83 -21.40 43.53 -4.51
CA GLY F 83 -20.53 44.27 -5.41
C GLY F 83 -19.23 43.58 -5.75
N PRO F 84 -18.53 43.05 -4.74
CA PRO F 84 -17.25 42.34 -5.02
C PRO F 84 -17.35 41.24 -6.08
N LYS F 85 -16.29 41.08 -6.85
CA LYS F 85 -16.20 39.95 -7.78
C LYS F 85 -15.18 38.93 -7.26
N VAL F 86 -15.47 37.65 -7.49
CA VAL F 86 -14.59 36.58 -7.07
C VAL F 86 -14.40 35.61 -8.23
N THR F 87 -13.25 34.93 -8.24
CA THR F 87 -12.96 33.86 -9.17
C THR F 87 -13.20 32.54 -8.45
N ALA F 88 -13.94 31.64 -9.10
CA ALA F 88 -14.32 30.36 -8.52
C ALA F 88 -14.82 29.42 -9.62
N GLN F 89 -14.89 28.12 -9.31
CA GLN F 89 -15.51 27.19 -10.25
C GLN F 89 -17.03 27.24 -10.13
N VAL F 90 -17.75 26.79 -11.16
CA VAL F 90 -19.20 26.69 -11.10
C VAL F 90 -19.64 25.25 -11.36
N ASP F 91 -20.45 24.67 -10.43
CA ASP F 91 -20.93 23.30 -10.58
C ASP F 91 -22.14 23.29 -11.48
N CYS F 92 -21.91 23.14 -12.78
CA CYS F 92 -22.98 23.09 -13.76
C CYS F 92 -22.44 22.47 -15.03
N ASP F 93 -23.34 22.05 -15.93
CA ASP F 93 -22.95 21.53 -17.23
C ASP F 93 -22.37 22.65 -18.08
N ILE F 94 -21.34 22.34 -18.87
CA ILE F 94 -20.63 23.35 -19.66
C ILE F 94 -21.53 24.02 -20.69
N ASN F 95 -22.60 23.33 -21.12
CA ASN F 95 -23.59 23.89 -22.04
C ASN F 95 -24.60 24.80 -21.32
N LYS F 96 -24.67 24.72 -19.99
CA LYS F 96 -25.69 25.46 -19.25
C LYS F 96 -25.16 26.80 -18.73
N ILE F 97 -23.87 27.08 -18.90
CA ILE F 97 -23.29 28.31 -18.38
C ILE F 97 -23.34 29.45 -19.41
N SER F 98 -23.62 30.67 -18.94
CA SER F 98 -23.63 31.88 -19.75
C SER F 98 -23.47 33.12 -18.84
N ILE F 99 -23.12 34.27 -19.42
CA ILE F 99 -22.96 35.47 -18.61
C ILE F 99 -24.32 35.95 -18.09
N GLY F 100 -24.36 36.23 -16.78
CA GLY F 100 -25.55 36.78 -16.14
C GLY F 100 -26.32 35.75 -15.35
N ILE F 101 -25.91 34.49 -15.43
CA ILE F 101 -26.61 33.42 -14.70
C ILE F 101 -26.51 33.67 -13.21
N PRO F 102 -27.65 33.70 -12.52
CA PRO F 102 -27.60 33.79 -11.06
C PRO F 102 -27.04 32.53 -10.42
N VAL F 103 -26.08 32.69 -9.52
CA VAL F 103 -25.45 31.56 -8.85
C VAL F 103 -25.41 31.81 -7.35
N GLU F 104 -25.05 30.77 -6.61
CA GLU F 104 -25.07 30.76 -5.16
C GLU F 104 -23.81 30.04 -4.65
N ALA F 105 -23.17 30.55 -3.61
CA ALA F 105 -21.95 29.91 -3.11
C ALA F 105 -22.28 28.60 -2.43
N ALA F 106 -21.37 27.63 -2.56
CA ALA F 106 -21.54 26.31 -1.98
C ALA F 106 -20.24 25.88 -1.34
N PHE F 107 -20.33 25.22 -0.21
CA PHE F 107 -19.15 24.76 0.51
C PHE F 107 -18.69 23.48 -0.13
N ARG F 108 -17.49 23.48 -0.72
CA ARG F 108 -16.99 22.28 -1.41
C ARG F 108 -15.54 22.01 -1.09
N ARG F 109 -15.07 20.82 -1.47
CA ARG F 109 -13.70 20.38 -1.32
C ARG F 109 -12.92 20.91 -2.53
N ILE F 110 -12.20 22.02 -2.34
CA ILE F 110 -11.55 22.75 -3.42
C ILE F 110 -10.29 22.04 -3.86
N LYS F 111 -9.53 21.53 -2.88
CA LYS F 111 -8.23 20.95 -3.15
C LYS F 111 -7.78 20.00 -2.07
N GLU F 112 -6.67 19.30 -2.32
CA GLU F 112 -6.00 18.51 -1.32
C GLU F 112 -4.50 18.50 -1.59
N ASP F 113 -3.70 18.53 -0.53
CA ASP F 113 -2.24 18.52 -0.65
C ASP F 113 -1.77 17.07 -0.75
N GLY F 114 -2.10 16.43 -1.85
CA GLY F 114 -1.72 15.05 -2.10
C GLY F 114 -2.53 14.07 -1.30
N LYS F 115 -2.00 12.87 -1.13
CA LYS F 115 -2.67 11.82 -0.38
C LYS F 115 -2.63 12.09 1.13
N ASP F 116 -1.57 12.75 1.60
CA ASP F 116 -1.26 12.81 3.03
C ASP F 116 -1.42 14.22 3.62
N GLY F 117 -1.53 15.22 2.77
CA GLY F 117 -1.54 16.59 3.22
C GLY F 117 -2.93 17.08 3.59
N ILE F 118 -3.09 18.38 3.75
CA ILE F 118 -4.34 18.95 4.23
C ILE F 118 -5.38 19.04 3.11
N ILE F 119 -6.66 18.86 3.46
CA ILE F 119 -7.75 19.07 2.54
C ILE F 119 -8.22 20.53 2.66
N SER F 120 -8.46 21.18 1.53
CA SER F 120 -8.76 22.60 1.50
C SER F 120 -10.16 22.83 0.98
N TYR F 121 -11.04 23.36 1.84
CA TYR F 121 -12.43 23.60 1.49
C TYR F 121 -12.62 25.05 1.13
N GLY F 122 -13.72 25.35 0.46
CA GLY F 122 -13.97 26.72 0.07
C GLY F 122 -15.19 26.84 -0.82
N TYR F 123 -15.35 27.99 -1.44
CA TYR F 123 -16.57 28.27 -2.18
C TYR F 123 -16.50 27.78 -3.61
N LYS F 124 -17.64 27.33 -4.08
CA LYS F 124 -17.81 26.94 -5.46
C LYS F 124 -19.26 27.29 -5.79
N PHE F 125 -19.53 27.89 -6.94
CA PHE F 125 -20.88 28.39 -7.18
C PHE F 125 -21.78 27.39 -7.84
N VAL F 126 -23.05 27.45 -7.50
CA VAL F 126 -24.05 26.56 -8.06
C VAL F 126 -25.21 27.40 -8.55
N PRO F 127 -25.77 27.06 -9.71
CA PRO F 127 -26.90 27.84 -10.20
C PRO F 127 -28.10 27.74 -9.26
N ILE F 128 -28.93 28.78 -9.20
CA ILE F 128 -30.13 28.73 -8.39
C ILE F 128 -31.19 27.92 -9.12
N THR F 129 -32.02 27.19 -8.38
CA THR F 129 -33.09 26.37 -8.95
C THR F 129 -34.03 27.21 -9.85
N GLU F 130 -34.37 28.44 -9.45
CA GLU F 130 -35.41 29.24 -10.08
C GLU F 130 -35.05 29.63 -11.52
N VAL G 2 -15.64 -15.83 12.53
CA VAL G 2 -16.66 -14.79 12.63
C VAL G 2 -17.75 -15.21 13.60
N VAL G 3 -18.51 -16.25 13.28
CA VAL G 3 -19.62 -16.63 14.15
C VAL G 3 -19.11 -17.38 15.38
N ARG G 4 -18.08 -18.22 15.21
CA ARG G 4 -17.51 -19.05 16.27
C ARG G 4 -16.92 -18.20 17.40
N SER G 5 -16.32 -17.05 17.06
CA SER G 5 -15.81 -16.09 18.05
C SER G 5 -16.97 -15.47 18.82
N TRP G 6 -18.04 -15.13 18.09
CA TRP G 6 -19.20 -14.44 18.62
C TRP G 6 -19.93 -15.24 19.71
N ARG G 7 -19.89 -16.57 19.64
CA ARG G 7 -20.66 -17.38 20.57
C ARG G 7 -20.01 -17.48 21.94
N HIS G 8 -18.68 -17.60 22.00
CA HIS G 8 -18.00 -17.80 23.27
C HIS G 8 -17.35 -16.53 23.79
N MET G 9 -17.98 -15.38 23.53
CA MET G 9 -17.41 -14.09 23.94
C MET G 9 -17.51 -13.92 25.43
N LYS G 10 -18.69 -14.18 25.98
CA LYS G 10 -18.91 -13.97 27.41
C LYS G 10 -18.05 -14.88 28.25
N GLU G 11 -17.67 -16.03 27.69
CA GLU G 11 -16.72 -16.94 28.32
C GLU G 11 -15.30 -16.41 28.22
N ARG G 12 -14.82 -16.14 27.00
CA ARG G 12 -13.47 -15.61 26.78
C ARG G 12 -13.26 -14.26 27.47
N TYR G 13 -14.25 -13.37 27.37
CA TYR G 13 -14.13 -12.02 27.93
C TYR G 13 -14.27 -12.04 29.44
N ASN G 14 -15.36 -12.66 29.95
CA ASN G 14 -15.75 -12.47 31.34
C ASN G 14 -15.67 -13.76 32.17
N LEU G 15 -15.18 -14.84 31.59
CA LEU G 15 -15.08 -16.10 32.33
C LEU G 15 -16.42 -16.44 32.96
N ILE G 16 -17.48 -16.44 32.15
CA ILE G 16 -18.78 -16.92 32.57
C ILE G 16 -18.91 -18.42 32.27
N GLY G 17 -19.01 -19.23 33.31
CA GLY G 17 -19.27 -20.65 33.16
C GLY G 17 -20.62 -21.02 33.71
N THR G 18 -20.82 -22.31 33.99
CA THR G 18 -22.09 -22.80 34.56
C THR G 18 -21.84 -23.56 35.86
N ARG G 19 -22.87 -23.64 36.70
CA ARG G 19 -22.80 -24.38 37.96
C ARG G 19 -23.99 -25.35 38.05
N CYS G 20 -23.71 -26.63 38.31
CA CYS G 20 -24.75 -27.64 38.48
C CYS G 20 -25.34 -27.56 39.89
N LYS G 21 -26.68 -27.49 39.97
CA LYS G 21 -27.40 -27.41 41.24
C LYS G 21 -27.45 -28.79 41.92
N THR G 22 -27.47 -29.88 41.11
CA THR G 22 -27.59 -31.24 41.63
C THR G 22 -26.41 -31.61 42.54
N CYS G 23 -25.22 -31.07 42.23
CA CYS G 23 -24.03 -31.31 43.06
C CYS G 23 -23.45 -30.01 43.65
N GLY G 24 -23.32 -28.98 42.83
CA GLY G 24 -22.63 -27.76 43.27
C GLY G 24 -21.36 -27.48 42.48
N LYS G 25 -21.02 -28.40 41.56
CA LYS G 25 -19.78 -28.35 40.77
C LYS G 25 -19.84 -27.19 39.79
N VAL G 26 -18.69 -26.56 39.52
CA VAL G 26 -18.60 -25.46 38.56
C VAL G 26 -17.90 -25.94 37.29
N TYR G 27 -18.42 -25.52 36.13
CA TYR G 27 -17.87 -25.92 34.84
C TYR G 27 -17.46 -24.70 34.04
N PHE G 28 -16.24 -24.71 33.50
CA PHE G 28 -15.81 -23.70 32.55
C PHE G 28 -14.82 -24.30 31.53
N PRO G 29 -15.11 -24.21 30.23
CA PRO G 29 -16.23 -23.47 29.62
C PRO G 29 -17.58 -24.06 29.93
N SER G 30 -18.61 -23.21 29.87
CA SER G 30 -19.98 -23.63 30.13
C SER G 30 -20.36 -24.83 29.27
N ARG G 31 -21.05 -25.80 29.87
CA ARG G 31 -21.46 -27.00 29.16
C ARG G 31 -22.98 -27.00 28.94
N THR G 32 -23.43 -27.56 27.81
CA THR G 32 -24.84 -27.65 27.47
C THR G 32 -25.45 -28.92 28.09
N VAL G 33 -24.62 -29.97 28.28
CA VAL G 33 -25.04 -31.21 28.92
C VAL G 33 -24.03 -31.58 30.02
N CYS G 34 -24.53 -31.79 31.25
CA CYS G 34 -23.65 -32.13 32.37
C CYS G 34 -23.13 -33.56 32.19
N PRO G 35 -21.80 -33.78 32.32
CA PRO G 35 -21.27 -35.14 32.08
C PRO G 35 -21.75 -36.19 33.08
N ASP G 36 -22.15 -35.79 34.29
CA ASP G 36 -22.53 -36.73 35.34
C ASP G 36 -24.01 -37.15 35.26
N CYS G 37 -24.96 -36.21 35.28
CA CYS G 37 -26.36 -36.54 35.03
C CYS G 37 -26.86 -35.76 33.83
N ARG G 38 -26.75 -36.35 32.65
CA ARG G 38 -26.91 -35.63 31.39
C ARG G 38 -28.29 -34.99 31.25
N ARG G 39 -29.35 -35.81 31.27
CA ARG G 39 -30.72 -35.34 31.01
C ARG G 39 -31.22 -34.39 32.10
N LYS G 40 -31.01 -34.74 33.38
CA LYS G 40 -31.49 -33.92 34.49
C LYS G 40 -30.31 -33.34 35.27
N GLY G 41 -29.45 -32.62 34.58
CA GLY G 41 -28.40 -31.83 35.20
C GLY G 41 -28.76 -30.36 35.18
N GLU G 42 -29.12 -29.80 36.34
CA GLU G 42 -29.52 -28.38 36.40
C GLU G 42 -28.33 -27.49 36.09
N LEU G 43 -28.57 -26.40 35.35
CA LEU G 43 -27.48 -25.53 34.92
C LEU G 43 -27.76 -24.09 35.35
N GLU G 44 -26.78 -23.46 36.00
CA GLU G 44 -26.92 -22.09 36.48
C GLU G 44 -25.71 -21.28 36.03
N GLU G 45 -25.97 -20.16 35.35
CA GLU G 45 -24.91 -19.24 34.96
C GLU G 45 -24.04 -18.93 36.19
N PHE G 46 -22.71 -18.94 36.04
CA PHE G 46 -21.84 -18.60 37.16
C PHE G 46 -20.61 -17.83 36.70
N GLN G 47 -20.33 -16.69 37.37
CA GLN G 47 -19.20 -15.82 37.07
C GLN G 47 -18.00 -16.26 37.89
N LEU G 48 -16.96 -16.77 37.23
CA LEU G 48 -15.76 -17.18 37.94
C LEU G 48 -14.90 -15.96 38.17
N SER G 49 -14.17 -15.94 39.28
CA SER G 49 -13.08 -14.99 39.46
C SER G 49 -11.97 -15.41 38.52
N GLY G 50 -11.21 -14.44 38.03
CA GLY G 50 -10.10 -14.77 37.14
C GLY G 50 -8.95 -15.47 37.83
N LYS G 51 -9.04 -15.64 39.15
CA LYS G 51 -7.92 -16.14 39.93
C LYS G 51 -7.73 -17.65 39.74
N GLY G 52 -6.49 -18.08 39.71
CA GLY G 52 -6.12 -19.48 39.53
C GLY G 52 -4.65 -19.76 39.80
N LYS G 53 -4.19 -20.98 39.58
CA LYS G 53 -2.80 -21.36 39.79
C LYS G 53 -2.27 -22.16 38.59
N ILE G 54 -0.97 -22.05 38.32
CA ILE G 54 -0.35 -22.82 37.24
C ILE G 54 -0.41 -24.29 37.61
N TYR G 55 -1.06 -25.09 36.74
CA TYR G 55 -1.09 -26.54 36.92
C TYR G 55 0.07 -27.17 36.14
N THR G 56 0.26 -26.74 34.90
CA THR G 56 1.42 -27.15 34.11
C THR G 56 1.72 -26.05 33.09
N TYR G 57 2.88 -26.10 32.50
CA TYR G 57 3.28 -25.03 31.60
C TYR G 57 4.31 -25.50 30.59
N SER G 58 4.47 -24.76 29.52
CA SER G 58 5.51 -25.03 28.54
C SER G 58 5.96 -23.71 27.92
N ILE G 59 7.16 -23.69 27.35
CA ILE G 59 7.69 -22.50 26.70
C ILE G 59 7.82 -22.76 25.23
N VAL G 60 7.07 -22.03 24.41
CA VAL G 60 7.03 -22.29 22.98
C VAL G 60 8.12 -21.50 22.28
N TYR G 61 9.12 -22.20 21.75
CA TYR G 61 10.27 -21.55 21.14
C TYR G 61 10.10 -21.34 19.63
N ALA G 62 9.28 -22.19 18.97
CA ALA G 62 9.11 -22.10 17.53
C ALA G 62 7.63 -22.14 17.16
N PRO G 63 6.90 -21.04 17.35
CA PRO G 63 5.46 -21.07 17.12
C PRO G 63 5.13 -20.68 15.70
N PRO G 64 3.83 -20.65 15.36
CA PRO G 64 3.44 -20.12 14.05
C PRO G 64 3.95 -18.71 13.85
N LYS G 65 4.28 -18.34 12.60
CA LYS G 65 4.89 -17.04 12.29
C LYS G 65 4.05 -15.85 12.81
N GLU G 66 2.76 -16.04 13.09
CA GLU G 66 1.95 -14.94 13.61
C GLU G 66 2.36 -14.53 15.03
N PHE G 67 2.86 -15.49 15.82
CA PHE G 67 3.29 -15.20 17.17
C PHE G 67 4.79 -14.82 17.23
N ASN G 68 5.36 -14.35 16.10
CA ASN G 68 6.77 -14.00 16.02
C ASN G 68 7.21 -12.98 17.06
N LYS G 69 6.35 -12.00 17.38
CA LYS G 69 6.69 -10.95 18.35
C LYS G 69 6.80 -11.52 19.77
N LEU G 70 5.94 -12.49 20.10
CA LEU G 70 5.84 -13.00 21.46
C LEU G 70 6.92 -14.04 21.77
N THR G 71 7.54 -14.63 20.73
CA THR G 71 8.49 -15.72 20.92
C THR G 71 9.68 -15.31 21.77
N PRO G 72 10.12 -16.18 22.69
CA PRO G 72 9.43 -17.35 23.25
C PRO G 72 8.32 -16.96 24.22
N TYR G 73 7.21 -17.70 24.23
CA TYR G 73 6.13 -17.40 25.17
C TYR G 73 5.78 -18.57 26.05
N VAL G 74 5.17 -18.27 27.19
CA VAL G 74 4.70 -19.28 28.11
C VAL G 74 3.26 -19.61 27.77
N ILE G 75 3.01 -20.87 27.45
CA ILE G 75 1.67 -21.43 27.42
C ILE G 75 1.48 -22.25 28.69
N ALA G 76 0.26 -22.26 29.24
CA ALA G 76 0.04 -23.01 30.48
C ALA G 76 -1.36 -23.54 30.61
N ILE G 77 -1.55 -24.50 31.51
CA ILE G 77 -2.87 -24.90 31.94
C ILE G 77 -3.07 -24.38 33.35
N VAL G 78 -4.08 -23.52 33.54
CA VAL G 78 -4.33 -22.90 34.81
C VAL G 78 -5.48 -23.59 35.50
N GLU G 79 -5.28 -24.01 36.77
CA GLU G 79 -6.38 -24.49 37.60
C GLU G 79 -7.01 -23.29 38.27
N LEU G 80 -8.26 -23.00 37.96
CA LEU G 80 -8.93 -21.83 38.54
C LEU G 80 -9.30 -22.13 39.99
N GLU G 81 -9.44 -21.09 40.78
CA GLU G 81 -9.92 -21.21 42.15
C GLU G 81 -11.18 -22.11 42.24
N GLU G 82 -12.13 -21.94 41.31
CA GLU G 82 -13.40 -22.66 41.37
C GLU G 82 -13.27 -24.16 41.03
N GLY G 83 -12.22 -24.52 40.30
CA GLY G 83 -12.00 -25.92 39.95
C GLY G 83 -11.66 -26.17 38.50
N PRO G 84 -12.45 -25.60 37.56
CA PRO G 84 -12.10 -25.77 36.14
C PRO G 84 -10.65 -25.43 35.80
N LYS G 85 -10.10 -26.11 34.79
CA LYS G 85 -8.77 -25.80 34.25
C LYS G 85 -8.93 -25.25 32.86
N VAL G 86 -8.06 -24.32 32.48
CA VAL G 86 -8.08 -23.72 31.15
C VAL G 86 -6.67 -23.64 30.60
N THR G 87 -6.56 -23.65 29.27
CA THR G 87 -5.30 -23.44 28.57
C THR G 87 -5.25 -22.01 28.11
N ALA G 88 -4.13 -21.33 28.38
CA ALA G 88 -3.96 -19.92 28.06
C ALA G 88 -2.48 -19.53 28.14
N GLN G 89 -2.09 -18.39 27.56
CA GLN G 89 -0.71 -17.92 27.71
C GLN G 89 -0.58 -17.23 29.04
N VAL G 90 0.66 -17.08 29.52
CA VAL G 90 0.92 -16.32 30.74
C VAL G 90 1.93 -15.22 30.47
N ASP G 91 1.61 -13.99 30.91
CA ASP G 91 2.49 -12.84 30.71
C ASP G 91 3.45 -12.74 31.87
N CYS G 92 4.62 -13.38 31.75
CA CYS G 92 5.63 -13.34 32.79
C CYS G 92 6.97 -13.72 32.19
N ASP G 93 8.05 -13.50 32.95
CA ASP G 93 9.38 -13.87 32.49
C ASP G 93 9.52 -15.38 32.50
N ILE G 94 10.23 -15.91 31.50
CA ILE G 94 10.37 -17.34 31.30
C ILE G 94 10.95 -17.96 32.55
N ASN G 95 11.89 -17.25 33.16
CA ASN G 95 12.58 -17.76 34.33
C ASN G 95 11.69 -17.74 35.58
N LYS G 96 10.59 -16.98 35.56
CA LYS G 96 9.75 -16.81 36.74
C LYS G 96 8.59 -17.78 36.77
N ILE G 97 8.30 -18.46 35.65
CA ILE G 97 7.17 -19.38 35.60
C ILE G 97 7.51 -20.72 36.24
N SER G 98 6.56 -21.27 37.00
CA SER G 98 6.72 -22.57 37.66
C SER G 98 5.35 -23.08 38.09
N ILE G 99 5.21 -24.39 38.34
CA ILE G 99 3.92 -24.94 38.75
C ILE G 99 3.53 -24.42 40.13
N GLY G 100 2.30 -23.96 40.25
CA GLY G 100 1.75 -23.49 41.52
C GLY G 100 1.69 -21.98 41.66
N ILE G 101 2.23 -21.26 40.68
CA ILE G 101 2.22 -19.79 40.71
C ILE G 101 0.79 -19.29 40.65
N PRO G 102 0.39 -18.41 41.57
CA PRO G 102 -0.93 -17.80 41.47
C PRO G 102 -1.01 -16.79 40.34
N VAL G 103 -2.05 -16.87 39.52
CA VAL G 103 -2.19 -15.99 38.37
C VAL G 103 -3.61 -15.45 38.34
N GLU G 104 -3.85 -14.51 37.44
CA GLU G 104 -5.09 -13.76 37.34
C GLU G 104 -5.40 -13.53 35.86
N ALA G 105 -6.67 -13.67 35.47
CA ALA G 105 -7.01 -13.50 34.07
C ALA G 105 -6.91 -12.04 33.65
N ALA G 106 -6.51 -11.81 32.40
CA ALA G 106 -6.36 -10.48 31.85
C ALA G 106 -6.97 -10.43 30.46
N PHE G 107 -7.61 -9.34 30.12
CA PHE G 107 -8.24 -9.20 28.82
C PHE G 107 -7.17 -8.80 27.80
N ARG G 108 -6.92 -9.63 26.79
CA ARG G 108 -5.85 -9.35 25.84
C ARG G 108 -6.26 -9.66 24.42
N ARG G 109 -5.45 -9.19 23.47
CA ARG G 109 -5.65 -9.42 22.06
C ARG G 109 -5.00 -10.76 21.67
N ILE G 110 -5.83 -11.80 21.58
CA ILE G 110 -5.34 -13.18 21.46
C ILE G 110 -4.89 -13.47 20.05
N LYS G 111 -5.62 -12.96 19.07
CA LYS G 111 -5.46 -13.40 17.69
C LYS G 111 -5.99 -12.33 16.75
N GLU G 112 -5.60 -12.40 15.49
CA GLU G 112 -6.19 -11.59 14.45
C GLU G 112 -6.23 -12.39 13.16
N ASP G 113 -7.30 -12.23 12.39
CA ASP G 113 -7.45 -12.92 11.11
C ASP G 113 -6.77 -12.08 10.03
N GLY G 114 -5.44 -12.03 10.09
CA GLY G 114 -4.66 -11.28 9.12
C GLY G 114 -4.75 -9.79 9.30
N LYS G 115 -4.47 -9.06 8.24
CA LYS G 115 -4.44 -7.59 8.26
C LYS G 115 -5.88 -7.01 8.13
N ASP G 116 -6.79 -7.82 7.55
CA ASP G 116 -8.10 -7.34 7.16
C ASP G 116 -9.25 -7.98 7.95
N GLY G 117 -8.97 -9.08 8.63
CA GLY G 117 -10.01 -9.86 9.28
C GLY G 117 -10.31 -9.43 10.71
N ILE G 118 -11.04 -10.25 11.44
CA ILE G 118 -11.49 -9.90 12.78
C ILE G 118 -10.37 -10.04 13.80
N ILE G 119 -10.36 -9.16 14.80
CA ILE G 119 -9.46 -9.26 15.95
C ILE G 119 -10.16 -10.04 17.06
N SER G 120 -9.46 -11.00 17.66
CA SER G 120 -10.06 -11.93 18.62
C SER G 120 -9.45 -11.72 19.99
N TYR G 121 -10.27 -11.24 20.93
CA TYR G 121 -9.81 -10.96 22.30
C TYR G 121 -10.13 -12.14 23.22
N GLY G 122 -9.50 -12.17 24.36
CA GLY G 122 -9.75 -13.24 25.31
C GLY G 122 -8.82 -13.19 26.50
N TYR G 123 -8.80 -14.27 27.26
CA TYR G 123 -8.09 -14.29 28.52
C TYR G 123 -6.63 -14.66 28.34
N LYS G 124 -5.81 -14.07 29.18
CA LYS G 124 -4.39 -14.34 29.23
C LYS G 124 -3.98 -14.09 30.69
N PHE G 125 -3.19 -14.99 31.28
CA PHE G 125 -2.96 -14.88 32.72
C PHE G 125 -1.74 -14.08 33.08
N VAL G 126 -1.84 -13.38 34.19
CA VAL G 126 -0.76 -12.55 34.69
C VAL G 126 -0.55 -12.90 36.15
N PRO G 127 0.70 -12.91 36.61
CA PRO G 127 0.91 -13.24 38.02
C PRO G 127 0.25 -12.22 38.93
N ILE G 128 -0.52 -12.73 39.89
CA ILE G 128 -1.34 -11.89 40.75
C ILE G 128 -0.44 -11.05 41.65
N THR G 129 -0.87 -9.82 41.97
CA THR G 129 -0.12 -8.95 42.90
C THR G 129 -1.07 -7.98 43.59
N VAL H 2 13.29 17.10 -14.52
CA VAL H 2 14.28 16.16 -13.98
C VAL H 2 15.37 15.90 -15.03
N VAL H 3 15.54 16.89 -15.92
CA VAL H 3 16.50 16.96 -17.04
C VAL H 3 17.86 17.46 -16.50
N ARG H 4 17.85 18.18 -15.37
CA ARG H 4 19.05 18.74 -14.76
C ARG H 4 20.04 17.65 -14.39
N SER H 5 19.52 16.55 -13.80
CA SER H 5 20.35 15.41 -13.43
C SER H 5 21.03 14.83 -14.67
N TRP H 6 20.26 14.76 -15.76
CA TRP H 6 20.69 14.14 -17.01
C TRP H 6 21.88 14.87 -17.65
N ARG H 7 22.00 16.19 -17.44
CA ARG H 7 23.03 16.98 -18.11
C ARG H 7 24.41 16.82 -17.45
N HIS H 8 24.47 16.74 -16.11
CA HIS H 8 25.75 16.70 -15.40
C HIS H 8 26.07 15.29 -14.91
N MET H 9 25.68 14.27 -15.68
CA MET H 9 25.91 12.88 -15.31
C MET H 9 27.38 12.52 -15.44
N LYS H 10 27.96 12.77 -16.61
CA LYS H 10 29.37 12.47 -16.86
C LYS H 10 30.29 13.15 -15.84
N GLU H 11 29.88 14.31 -15.31
CA GLU H 11 30.63 14.97 -14.25
C GLU H 11 30.46 14.24 -12.91
N ARG H 12 29.22 14.10 -12.45
CA ARG H 12 28.91 13.45 -11.18
C ARG H 12 29.40 11.99 -11.15
N TYR H 13 29.19 11.26 -12.25
CA TYR H 13 29.52 9.84 -12.30
C TYR H 13 31.02 9.66 -12.46
N ASN H 14 31.59 10.26 -13.51
CA ASN H 14 32.94 9.94 -13.95
C ASN H 14 33.96 11.02 -13.62
N LEU H 15 33.51 12.16 -13.08
CA LEU H 15 34.45 13.20 -12.65
C LEU H 15 35.17 13.78 -13.88
N ILE H 16 34.41 14.10 -14.93
CA ILE H 16 34.96 14.66 -16.16
C ILE H 16 34.80 16.19 -16.14
N GLY H 17 35.93 16.88 -16.06
CA GLY H 17 35.95 18.33 -16.15
C GLY H 17 36.56 18.79 -17.45
N THR H 18 37.01 20.05 -17.49
CA THR H 18 37.66 20.60 -18.68
C THR H 18 39.04 21.12 -18.31
N ARG H 19 39.98 21.08 -19.26
CA ARG H 19 41.29 21.66 -19.06
C ARG H 19 41.48 22.81 -20.04
N CYS H 20 42.00 23.93 -19.55
CA CYS H 20 42.24 25.07 -20.42
C CYS H 20 43.63 24.92 -21.04
N LYS H 21 43.70 24.87 -22.38
CA LYS H 21 44.96 24.68 -23.07
C LYS H 21 45.79 25.97 -23.10
N THR H 22 45.13 27.13 -23.01
CA THR H 22 45.82 28.42 -22.92
C THR H 22 46.55 28.52 -21.57
N CYS H 23 45.85 28.21 -20.47
CA CYS H 23 46.41 28.28 -19.12
C CYS H 23 47.26 27.04 -18.84
N GLY H 24 46.63 25.88 -18.98
CA GLY H 24 47.15 24.61 -18.53
C GLY H 24 46.44 24.12 -17.28
N LYS H 25 45.64 25.00 -16.65
CA LYS H 25 44.92 24.66 -15.43
C LYS H 25 43.66 23.85 -15.73
N VAL H 26 43.20 23.09 -14.74
CA VAL H 26 42.01 22.25 -14.87
C VAL H 26 40.91 22.80 -13.98
N TYR H 27 39.67 22.87 -14.50
CA TYR H 27 38.51 23.36 -13.77
C TYR H 27 37.38 22.32 -13.71
N PHE H 28 36.87 22.02 -12.51
CA PHE H 28 35.73 21.10 -12.32
C PHE H 28 34.77 21.65 -11.28
N PRO H 29 33.45 21.66 -11.53
CA PRO H 29 32.77 21.18 -12.75
C PRO H 29 33.22 21.87 -14.02
N SER H 30 33.03 21.20 -15.15
CA SER H 30 33.37 21.78 -16.45
C SER H 30 32.70 23.13 -16.66
N ARG H 31 33.46 24.10 -17.17
CA ARG H 31 32.95 25.46 -17.40
C ARG H 31 32.82 25.75 -18.89
N THR H 32 31.81 26.55 -19.26
CA THR H 32 31.60 26.95 -20.66
C THR H 32 32.52 28.13 -20.99
N VAL H 33 32.73 29.03 -20.01
CA VAL H 33 33.58 30.20 -20.17
C VAL H 33 34.65 30.23 -19.08
N CYS H 34 35.92 30.31 -19.48
CA CYS H 34 37.03 30.30 -18.52
C CYS H 34 37.06 31.62 -17.75
N PRO H 35 37.16 31.58 -16.42
CA PRO H 35 37.14 32.84 -15.66
C PRO H 35 38.34 33.75 -15.90
N ASP H 36 39.49 33.18 -16.30
CA ASP H 36 40.72 33.94 -16.53
C ASP H 36 40.83 34.38 -17.99
N CYS H 37 40.65 33.43 -18.94
CA CYS H 37 40.71 33.73 -20.36
C CYS H 37 39.38 34.29 -20.85
N ARG H 38 38.27 33.58 -20.52
CA ARG H 38 36.91 33.94 -20.92
C ARG H 38 36.67 33.65 -22.40
N ARG H 39 36.87 34.65 -23.28
CA ARG H 39 36.59 34.51 -24.70
C ARG H 39 37.83 34.07 -25.49
N LYS H 40 39.03 34.38 -24.96
CA LYS H 40 40.31 34.03 -25.61
C LYS H 40 40.90 32.72 -25.08
N GLY H 41 40.04 31.84 -24.59
CA GLY H 41 40.45 30.53 -24.11
C GLY H 41 39.55 29.43 -24.63
N GLU H 42 40.14 28.28 -24.99
CA GLU H 42 39.39 27.14 -25.51
C GLU H 42 39.49 25.95 -24.55
N LEU H 43 38.46 25.09 -24.51
CA LEU H 43 38.36 24.03 -23.50
C LEU H 43 38.36 22.63 -24.13
N GLU H 44 39.08 21.69 -23.50
CA GLU H 44 39.06 20.27 -23.90
C GLU H 44 38.67 19.39 -22.68
N GLU H 45 37.97 18.28 -22.92
CA GLU H 45 37.49 17.42 -21.83
C GLU H 45 38.65 16.73 -21.12
N PHE H 46 38.60 16.66 -19.78
CA PHE H 46 39.66 16.06 -18.99
C PHE H 46 39.08 15.22 -17.85
N GLN H 47 39.54 13.96 -17.70
CA GLN H 47 39.13 13.11 -16.59
C GLN H 47 40.05 13.31 -15.40
N LEU H 48 39.47 13.72 -14.28
CA LEU H 48 40.23 13.88 -13.04
C LEU H 48 40.33 12.55 -12.32
N SER H 49 41.43 12.34 -11.59
CA SER H 49 41.50 11.26 -10.63
C SER H 49 40.63 11.64 -9.44
N GLY H 50 39.99 10.65 -8.83
CA GLY H 50 39.13 10.88 -7.68
C GLY H 50 39.89 11.28 -6.44
N LYS H 51 41.23 11.30 -6.52
CA LYS H 51 42.06 11.58 -5.35
C LYS H 51 42.04 13.05 -5.00
N GLY H 52 42.02 13.32 -3.70
CA GLY H 52 41.98 14.67 -3.16
C GLY H 52 42.22 14.69 -1.66
N LYS H 53 42.16 15.87 -1.06
CA LYS H 53 42.39 16.04 0.37
C LYS H 53 41.32 16.94 0.99
N ILE H 54 41.06 16.74 2.30
CA ILE H 54 40.05 17.53 3.01
C ILE H 54 40.55 18.95 3.21
N TYR H 55 39.88 19.91 2.55
CA TYR H 55 40.24 21.33 2.72
C TYR H 55 39.52 21.89 3.94
N THR H 56 38.24 21.55 4.09
CA THR H 56 37.49 21.87 5.30
C THR H 56 36.33 20.90 5.43
N TYR H 57 35.67 20.90 6.57
CA TYR H 57 34.61 19.93 6.83
C TYR H 57 33.66 20.40 7.92
N SER H 58 32.48 19.77 7.97
CA SER H 58 31.51 20.03 9.02
C SER H 58 30.73 18.76 9.27
N ILE H 59 30.13 18.65 10.45
CA ILE H 59 29.31 17.50 10.78
C ILE H 59 27.86 17.95 10.93
N VAL H 60 26.98 17.44 10.07
CA VAL H 60 25.60 17.87 10.06
C VAL H 60 24.77 17.05 11.03
N TYR H 61 24.29 17.67 12.11
CA TYR H 61 23.58 16.94 13.15
C TYR H 61 22.07 16.93 12.95
N ALA H 62 21.53 17.95 12.26
CA ALA H 62 20.08 18.03 12.06
C ALA H 62 19.75 18.34 10.60
N PRO H 63 19.87 17.35 9.71
CA PRO H 63 19.66 17.62 8.30
C PRO H 63 18.19 17.44 7.90
N PRO H 64 17.89 17.63 6.62
CA PRO H 64 16.53 17.36 6.15
C PRO H 64 16.09 15.93 6.46
N LYS H 65 14.77 15.74 6.62
CA LYS H 65 14.14 14.47 6.99
C LYS H 65 14.60 13.30 6.12
N GLU H 66 15.04 13.58 4.90
CA GLU H 66 15.43 12.54 3.96
C GLU H 66 16.77 11.90 4.33
N PHE H 67 17.68 12.67 4.95
CA PHE H 67 18.99 12.15 5.35
C PHE H 67 18.98 11.56 6.76
N ASN H 68 17.80 11.16 7.26
CA ASN H 68 17.63 10.64 8.62
C ASN H 68 18.55 9.45 8.92
N LYS H 69 18.76 8.56 7.92
CA LYS H 69 19.58 7.35 8.11
C LYS H 69 21.06 7.71 8.28
N LEU H 70 21.53 8.75 7.59
CA LEU H 70 22.94 9.11 7.57
C LEU H 70 23.35 9.94 8.77
N THR H 71 22.38 10.56 9.47
CA THR H 71 22.68 11.46 10.58
C THR H 71 23.45 10.78 11.69
N PRO H 72 24.47 11.46 12.25
CA PRO H 72 25.17 12.65 11.74
C PRO H 72 26.11 12.31 10.60
N TYR H 73 26.23 13.18 9.61
CA TYR H 73 27.14 12.93 8.49
C TYR H 73 28.18 14.02 8.32
N VAL H 74 29.28 13.63 7.68
CA VAL H 74 30.41 14.53 7.41
C VAL H 74 30.24 15.13 6.01
N ILE H 75 29.95 16.43 5.94
CA ILE H 75 30.02 17.19 4.69
C ILE H 75 31.38 17.88 4.63
N ALA H 76 31.97 17.97 3.44
CA ALA H 76 33.31 18.54 3.34
C ALA H 76 33.55 19.21 2.00
N ILE H 77 34.58 20.07 1.96
CA ILE H 77 35.09 20.58 0.70
C ILE H 77 36.44 19.92 0.44
N VAL H 78 36.54 19.18 -0.66
CA VAL H 78 37.73 18.42 -0.98
C VAL H 78 38.53 19.16 -2.04
N GLU H 79 39.83 19.38 -1.77
CA GLU H 79 40.73 19.86 -2.80
C GLU H 79 41.28 18.68 -3.57
N LEU H 80 40.93 18.58 -4.85
CA LEU H 80 41.36 17.46 -5.67
C LEU H 80 42.81 17.68 -6.09
N GLU H 81 43.52 16.60 -6.43
CA GLU H 81 44.92 16.69 -6.84
C GLU H 81 45.10 17.74 -7.94
N GLU H 82 44.21 17.72 -8.94
CA GLU H 82 44.32 18.59 -10.10
C GLU H 82 44.16 20.07 -9.76
N GLY H 83 43.51 20.36 -8.65
CA GLY H 83 43.34 21.73 -8.20
C GLY H 83 41.92 22.08 -7.79
N PRO H 84 40.92 21.76 -8.64
CA PRO H 84 39.55 22.14 -8.28
C PRO H 84 39.12 21.61 -6.91
N LYS H 85 38.23 22.37 -6.26
CA LYS H 85 37.63 21.96 -5.00
C LYS H 85 36.17 21.62 -5.24
N VAL H 86 35.67 20.61 -4.54
CA VAL H 86 34.27 20.19 -4.65
C VAL H 86 33.72 20.01 -3.25
N THR H 87 32.41 20.15 -3.08
CA THR H 87 31.79 19.84 -1.80
C THR H 87 31.04 18.53 -1.96
N ALA H 88 31.32 17.60 -1.05
CA ALA H 88 30.66 16.29 -1.04
C ALA H 88 30.66 15.72 0.37
N GLN H 89 29.90 14.65 0.58
CA GLN H 89 29.92 13.98 1.88
C GLN H 89 31.14 13.09 1.97
N VAL H 90 31.54 12.70 3.18
CA VAL H 90 32.67 11.78 3.35
C VAL H 90 32.24 10.57 4.19
N ASP H 91 32.45 9.36 3.68
CA ASP H 91 32.08 8.15 4.41
C ASP H 91 33.18 7.77 5.39
N CYS H 92 33.07 8.27 6.62
CA CYS H 92 34.04 7.99 7.66
C CYS H 92 33.43 8.31 9.00
N ASP H 93 34.06 7.87 10.09
CA ASP H 93 33.60 8.19 11.43
C ASP H 93 33.83 9.66 11.72
N ILE H 94 32.88 10.30 12.40
CA ILE H 94 32.91 11.74 12.64
C ILE H 94 34.16 12.12 13.45
N ASN H 95 34.67 11.20 14.26
CA ASN H 95 35.87 11.45 15.07
C ASN H 95 37.15 11.29 14.24
N LYS H 96 37.05 10.65 13.06
CA LYS H 96 38.25 10.36 12.25
C LYS H 96 38.52 11.44 11.21
N ILE H 97 37.60 12.38 11.03
CA ILE H 97 37.77 13.40 9.99
C ILE H 97 38.57 14.57 10.51
N SER H 98 39.45 15.10 9.65
CA SER H 98 40.25 16.28 9.97
C SER H 98 40.76 16.90 8.67
N ILE H 99 41.18 18.16 8.72
CA ILE H 99 41.67 18.83 7.51
C ILE H 99 42.99 18.19 7.04
N GLY H 100 43.05 17.88 5.75
CA GLY H 100 44.25 17.34 5.13
C GLY H 100 44.20 15.84 4.87
N ILE H 101 43.13 15.19 5.33
CA ILE H 101 42.99 13.74 5.15
C ILE H 101 42.88 13.42 3.66
N PRO H 102 43.71 12.49 3.16
CA PRO H 102 43.55 12.05 1.77
C PRO H 102 42.28 11.22 1.57
N VAL H 103 41.56 11.47 0.47
CA VAL H 103 40.28 10.83 0.17
C VAL H 103 40.24 10.36 -1.27
N GLU H 104 39.26 9.48 -1.58
CA GLU H 104 39.03 9.01 -2.94
C GLU H 104 37.54 9.02 -3.26
N ALA H 105 37.19 9.48 -4.46
CA ALA H 105 35.80 9.54 -4.87
C ALA H 105 35.20 8.14 -4.98
N ALA H 106 33.91 8.02 -4.69
CA ALA H 106 33.18 6.76 -4.75
C ALA H 106 31.82 7.00 -5.37
N PHE H 107 31.33 6.05 -6.16
CA PHE H 107 30.02 6.17 -6.80
C PHE H 107 28.94 5.78 -5.81
N ARG H 108 28.05 6.71 -5.46
CA ARG H 108 27.04 6.44 -4.44
C ARG H 108 25.69 7.00 -4.81
N ARG H 109 24.67 6.57 -4.08
CA ARG H 109 23.30 7.04 -4.26
C ARG H 109 23.13 8.33 -3.44
N ILE H 110 23.21 9.47 -4.12
CA ILE H 110 23.29 10.77 -3.46
C ILE H 110 21.93 11.18 -2.93
N LYS H 111 20.90 11.11 -3.78
CA LYS H 111 19.55 11.44 -3.33
C LYS H 111 18.49 10.83 -4.24
N GLU H 112 17.24 10.89 -3.78
CA GLU H 112 16.10 10.32 -4.48
C GLU H 112 14.92 11.27 -4.37
N ASP H 113 14.13 11.38 -5.45
CA ASP H 113 12.95 12.23 -5.48
C ASP H 113 11.76 11.45 -4.92
N GLY H 114 11.80 11.20 -3.63
CA GLY H 114 10.73 10.49 -2.94
C GLY H 114 10.71 9.01 -3.25
N LYS H 115 9.56 8.38 -3.09
CA LYS H 115 9.46 6.94 -3.31
C LYS H 115 9.13 6.61 -4.76
N ASP H 116 8.66 7.60 -5.53
CA ASP H 116 8.28 7.38 -6.93
C ASP H 116 9.18 8.08 -7.95
N GLY H 117 9.98 9.04 -7.50
CA GLY H 117 10.76 9.87 -8.42
C GLY H 117 12.11 9.28 -8.79
N ILE H 118 12.95 10.10 -9.41
CA ILE H 118 14.23 9.64 -9.95
C ILE H 118 15.27 9.49 -8.84
N ILE H 119 16.15 8.49 -8.97
CA ILE H 119 17.29 8.30 -8.08
C ILE H 119 18.50 9.03 -8.68
N SER H 120 19.24 9.75 -7.83
CA SER H 120 20.34 10.59 -8.29
C SER H 120 21.66 10.09 -7.72
N TYR H 121 22.54 9.60 -8.60
CA TYR H 121 23.84 9.06 -8.18
C TYR H 121 24.92 10.11 -8.36
N GLY H 122 26.04 9.91 -7.71
CA GLY H 122 27.14 10.84 -7.81
C GLY H 122 28.29 10.52 -6.88
N TYR H 123 29.21 11.46 -6.73
CA TYR H 123 30.45 11.21 -6.00
C TYR H 123 30.29 11.40 -4.49
N LYS H 124 30.99 10.58 -3.74
CA LYS H 124 31.14 10.75 -2.30
C LYS H 124 32.53 10.29 -1.97
N PHE H 125 33.14 10.81 -0.90
CA PHE H 125 34.54 10.55 -0.68
C PHE H 125 34.77 9.57 0.43
N VAL H 126 35.78 8.73 0.26
CA VAL H 126 36.14 7.72 1.24
C VAL H 126 37.61 7.85 1.53
N PRO H 127 38.02 7.72 2.79
CA PRO H 127 39.45 7.80 3.10
C PRO H 127 40.24 6.66 2.47
N ILE H 128 41.51 6.89 2.20
CA ILE H 128 42.39 5.86 1.66
C ILE H 128 43.03 5.06 2.80
N THR H 129 43.36 3.78 2.56
CA THR H 129 44.10 2.97 3.54
C THR H 129 45.42 3.67 3.91
N LYS I 2 -23.16 20.69 41.48
CA LYS I 2 -23.54 19.75 42.55
C LYS I 2 -24.23 18.50 41.97
N ASP I 3 -25.10 18.66 40.98
CA ASP I 3 -25.87 17.54 40.47
C ASP I 3 -24.96 16.39 39.98
N ILE I 4 -23.90 16.71 39.22
CA ILE I 4 -23.16 15.69 38.45
C ILE I 4 -21.74 15.55 39.01
N GLY I 5 -21.23 14.32 39.01
CA GLY I 5 -19.91 14.06 39.56
C GLY I 5 -19.35 12.70 39.22
N ILE I 6 -18.04 12.53 39.46
CA ILE I 6 -17.37 11.26 39.26
C ILE I 6 -17.63 10.33 40.44
N VAL I 7 -18.16 9.14 40.17
CA VAL I 7 -18.40 8.15 41.21
C VAL I 7 -17.29 7.09 41.22
N GLY I 8 -16.60 6.94 40.12
CA GLY I 8 -15.49 5.99 40.01
C GLY I 8 -14.54 6.34 38.90
N TYR I 9 -13.24 6.09 39.12
CA TYR I 9 -12.22 6.31 38.08
C TYR I 9 -11.18 5.19 38.13
N GLY I 10 -10.56 4.94 36.99
CA GLY I 10 -9.59 3.87 36.85
C GLY I 10 -8.57 4.14 35.77
N SER I 11 -7.44 3.44 35.81
CA SER I 11 -6.36 3.71 34.87
C SER I 11 -5.52 2.47 34.59
N TYR I 12 -4.87 2.46 33.42
CA TYR I 12 -3.99 1.38 33.05
C TYR I 12 -2.81 1.89 32.22
N ILE I 13 -1.62 1.35 32.50
CA ILE I 13 -0.41 1.65 31.74
C ILE I 13 0.31 0.33 31.48
N PRO I 14 0.69 0.03 30.24
CA PRO I 14 1.45 -1.20 30.00
C PRO I 14 2.83 -1.18 30.65
N LYS I 15 3.47 -2.34 30.80
CA LYS I 15 4.70 -2.46 31.60
C LYS I 15 5.95 -2.03 30.88
N TYR I 16 5.98 -2.15 29.56
CA TYR I 16 7.22 -1.94 28.83
C TYR I 16 7.52 -0.47 28.70
N ARG I 17 8.81 -0.11 28.83
CA ARG I 17 9.27 1.26 28.62
C ARG I 17 10.41 1.26 27.63
N ILE I 18 10.68 2.43 27.05
CA ILE I 18 11.91 2.66 26.30
C ILE I 18 12.43 4.05 26.62
N LYS I 19 13.70 4.10 27.07
CA LYS I 19 14.35 5.36 27.43
C LYS I 19 14.66 6.15 26.16
N VAL I 20 14.63 7.49 26.28
CA VAL I 20 15.04 8.39 25.19
C VAL I 20 16.40 7.97 24.64
N GLU I 21 17.31 7.59 25.53
CA GLU I 21 18.67 7.23 25.19
C GLU I 21 18.70 6.12 24.15
N GLU I 22 17.77 5.17 24.25
CA GLU I 22 17.73 4.01 23.36
C GLU I 22 17.31 4.39 21.94
N ILE I 23 16.44 5.41 21.81
CA ILE I 23 15.93 5.86 20.52
C ILE I 23 16.97 6.76 19.88
N ALA I 24 17.48 7.72 20.66
CA ALA I 24 18.47 8.69 20.18
C ALA I 24 19.67 7.96 19.63
N LYS I 25 20.10 6.92 20.34
CA LYS I 25 21.27 6.11 19.97
C LYS I 25 21.15 5.65 18.51
N VAL I 26 19.95 5.24 18.12
CA VAL I 26 19.70 4.66 16.80
C VAL I 26 19.74 5.74 15.72
N TRP I 27 19.28 6.95 16.05
CA TRP I 27 19.08 8.00 15.07
C TRP I 27 20.18 9.07 15.08
N GLY I 28 21.17 8.89 15.94
CA GLY I 28 22.34 9.75 15.95
C GLY I 28 22.07 11.10 16.57
N LYS I 29 21.27 11.12 17.63
CA LYS I 29 20.92 12.37 18.33
C LYS I 29 21.50 12.37 19.73
N ASP I 30 21.62 13.56 20.33
CA ASP I 30 22.09 13.70 21.70
C ASP I 30 20.91 13.51 22.65
N PRO I 31 20.96 12.46 23.47
CA PRO I 31 19.81 12.19 24.34
C PRO I 31 19.56 13.30 25.35
N GLU I 32 20.62 13.91 25.88
CA GLU I 32 20.47 14.94 26.90
C GLU I 32 19.80 16.17 26.32
N ALA I 33 20.07 16.46 25.05
CA ALA I 33 19.44 17.56 24.34
C ALA I 33 17.94 17.33 24.23
N ILE I 34 17.55 16.12 23.84
CA ILE I 34 16.15 15.73 23.72
C ILE I 34 15.49 15.82 25.09
N LYS I 35 16.09 15.16 26.07
CA LYS I 35 15.51 15.09 27.40
C LYS I 35 15.29 16.50 27.96
N LYS I 36 16.26 17.40 27.79
CA LYS I 36 16.15 18.75 28.31
C LYS I 36 15.11 19.54 27.54
N GLY I 37 15.11 19.35 26.23
CA GLY I 37 14.21 20.06 25.33
C GLY I 37 12.76 19.67 25.49
N LEU I 38 12.50 18.38 25.51
CA LEU I 38 11.12 17.90 25.53
C LEU I 38 10.62 17.64 26.94
N VAL I 39 11.54 17.61 27.89
CA VAL I 39 11.22 17.28 29.27
C VAL I 39 10.58 15.89 29.29
N VAL I 40 11.32 14.90 28.78
CA VAL I 40 10.84 13.52 28.76
C VAL I 40 12.04 12.58 28.90
N ASN I 41 11.90 11.53 29.72
CA ASN I 41 12.99 10.61 30.04
C ASN I 41 12.77 9.26 29.39
N GLU I 42 11.51 8.79 29.41
CA GLU I 42 11.13 7.48 28.87
C GLU I 42 9.63 7.48 28.55
N LYS I 43 9.12 6.40 27.95
CA LYS I 43 7.70 6.30 27.61
C LYS I 43 7.19 4.86 27.67
N SER I 44 5.86 4.71 27.77
CA SER I 44 5.21 3.39 27.83
C SER I 44 5.14 2.73 26.47
N VAL I 45 5.31 1.42 26.45
CA VAL I 45 5.24 0.64 25.23
C VAL I 45 4.27 -0.52 25.47
N PRO I 46 3.20 -0.61 24.66
CA PRO I 46 2.27 -1.71 24.84
C PRO I 46 2.89 -3.03 24.39
N SER I 47 2.50 -4.11 25.05
CA SER I 47 2.86 -5.46 24.63
C SER I 47 2.23 -5.71 23.28
N PRO I 48 2.79 -6.61 22.48
CA PRO I 48 2.16 -6.93 21.19
C PRO I 48 0.77 -7.52 21.31
N ASP I 49 0.38 -8.03 22.50
CA ASP I 49 -0.97 -8.56 22.71
C ASP I 49 -1.89 -7.53 23.40
N GLU I 50 -1.47 -6.27 23.41
CA GLU I 50 -2.27 -5.18 23.96
C GLU I 50 -2.60 -4.17 22.87
N ASP I 51 -3.75 -3.52 23.00
CA ASP I 51 -4.13 -2.43 22.12
C ASP I 51 -5.04 -1.43 22.86
N THR I 52 -5.64 -0.48 22.14
CA THR I 52 -6.48 0.52 22.78
C THR I 52 -7.69 -0.13 23.46
N ALA I 53 -8.23 -1.20 22.85
CA ALA I 53 -9.37 -1.91 23.43
C ALA I 53 -9.00 -2.55 24.77
N THR I 54 -7.86 -3.27 24.82
CA THR I 54 -7.48 -3.95 26.07
C THR I 54 -7.17 -2.92 27.14
N ILE I 55 -6.50 -1.84 26.74
CA ILE I 55 -6.13 -0.80 27.68
C ILE I 55 -7.38 -0.20 28.25
N ALA I 56 -8.34 0.10 27.38
CA ALA I 56 -9.61 0.68 27.80
C ALA I 56 -10.35 -0.25 28.76
N VAL I 57 -10.31 -1.55 28.49
CA VAL I 57 -10.97 -2.55 29.34
C VAL I 57 -10.32 -2.61 30.73
N GLU I 58 -8.99 -2.64 30.80
CA GLU I 58 -8.30 -2.65 32.07
C GLU I 58 -8.68 -1.43 32.89
N ALA I 59 -8.68 -0.25 32.26
CA ALA I 59 -9.03 0.99 32.97
C ALA I 59 -10.50 0.98 33.37
N ALA I 60 -11.37 0.54 32.46
CA ALA I 60 -12.81 0.50 32.74
C ALA I 60 -13.07 -0.38 33.94
N ARG I 61 -12.45 -1.55 33.97
CA ARG I 61 -12.62 -2.52 35.05
C ARG I 61 -12.13 -1.96 36.38
N ASN I 62 -11.01 -1.23 36.36
CA ASN I 62 -10.51 -0.58 37.56
C ASN I 62 -11.47 0.51 38.05
N ALA I 63 -12.11 1.23 37.12
CA ALA I 63 -13.06 2.27 37.49
C ALA I 63 -14.29 1.66 38.15
N VAL I 64 -14.68 0.47 37.72
CA VAL I 64 -15.84 -0.19 38.29
C VAL I 64 -15.55 -0.62 39.72
N LYS I 65 -14.32 -1.08 39.97
CA LYS I 65 -13.91 -1.47 41.30
C LYS I 65 -14.02 -0.29 42.26
N ARG I 66 -13.53 0.89 41.83
CA ARG I 66 -13.57 2.10 42.65
C ARG I 66 -15.00 2.59 42.83
N ALA I 67 -15.83 2.45 41.80
CA ALA I 67 -17.23 2.87 41.88
C ALA I 67 -18.01 1.94 42.80
N GLY I 68 -17.66 0.67 42.78
CA GLY I 68 -18.35 -0.32 43.59
C GLY I 68 -19.80 -0.49 43.19
N ILE I 69 -20.09 -0.33 41.89
CA ILE I 69 -21.44 -0.49 41.38
C ILE I 69 -21.48 -1.62 40.36
N ASN I 70 -22.68 -2.19 40.16
CA ASN I 70 -22.87 -3.24 39.16
C ASN I 70 -22.89 -2.62 37.77
N ALA I 71 -22.08 -3.17 36.86
CA ALA I 71 -21.91 -2.60 35.51
C ALA I 71 -23.20 -2.64 34.72
N GLU I 72 -24.17 -3.48 35.13
CA GLU I 72 -25.46 -3.54 34.47
C GLU I 72 -26.18 -2.19 34.55
N LYS I 73 -25.76 -1.33 35.49
CA LYS I 73 -26.37 -0.02 35.68
C LYS I 73 -25.79 1.04 34.73
N ILE I 74 -24.64 0.74 34.08
CA ILE I 74 -24.03 1.68 33.13
C ILE I 74 -24.84 1.76 31.84
N GLY I 75 -25.31 2.96 31.53
CA GLY I 75 -26.24 3.19 30.44
C GLY I 75 -25.61 3.77 29.19
N ALA I 76 -24.31 4.14 29.27
CA ALA I 76 -23.57 4.59 28.09
C ALA I 76 -22.07 4.34 28.30
N VAL I 77 -21.40 3.80 27.27
CA VAL I 77 -19.94 3.67 27.26
C VAL I 77 -19.36 4.40 26.05
N TYR I 78 -18.51 5.42 26.29
CA TYR I 78 -17.83 6.14 25.21
C TYR I 78 -16.33 5.95 25.32
N VAL I 79 -15.69 5.63 24.18
CA VAL I 79 -14.24 5.46 24.12
C VAL I 79 -13.67 6.44 23.14
N GLY I 80 -12.83 7.32 23.64
CA GLY I 80 -12.18 8.33 22.82
C GLY I 80 -10.75 7.92 22.56
N SER I 81 -10.43 7.74 21.28
CA SER I 81 -9.09 7.30 20.90
C SER I 81 -8.72 7.80 19.53
N GLU I 82 -7.43 7.73 19.27
CA GLU I 82 -6.81 8.10 18.02
C GLU I 82 -6.31 6.82 17.37
N SER I 83 -6.47 5.70 18.09
CA SER I 83 -5.92 4.42 17.67
C SER I 83 -6.89 3.31 18.02
N HIS I 84 -8.15 3.46 17.62
CA HIS I 84 -9.13 2.40 17.72
C HIS I 84 -8.67 1.23 16.84
N PRO I 85 -8.69 0.00 17.35
CA PRO I 85 -8.26 -1.15 16.54
C PRO I 85 -8.96 -1.29 15.18
N TYR I 86 -10.27 -1.01 15.13
CA TYR I 86 -11.01 -1.10 13.88
C TYR I 86 -11.33 0.31 13.37
N ALA I 87 -11.35 0.47 12.05
CA ALA I 87 -11.86 1.69 11.43
C ALA I 87 -13.38 1.71 11.43
N VAL I 88 -14.06 0.55 11.53
CA VAL I 88 -15.51 0.59 11.55
C VAL I 88 -16.11 -0.08 12.80
N LYS I 89 -15.73 -1.29 13.12
CA LYS I 89 -16.28 -1.88 14.36
C LYS I 89 -15.86 -1.11 15.68
N PRO I 90 -16.82 -0.72 16.56
CA PRO I 90 -16.47 0.13 17.71
C PRO I 90 -15.77 -0.56 18.87
N THR I 91 -14.81 0.15 19.46
CA THR I 91 -14.12 -0.26 20.66
C THR I 91 -15.07 -0.26 21.85
N SER I 92 -15.87 0.79 21.96
CA SER I 92 -16.76 0.96 23.10
C SER I 92 -17.67 -0.26 23.27
N ALA I 93 -18.06 -0.90 22.17
CA ALA I 93 -18.93 -2.09 22.24
C ALA I 93 -18.19 -3.26 22.89
N THR I 94 -16.90 -3.42 22.59
CA THR I 94 -16.07 -4.43 23.21
C THR I 94 -15.94 -4.15 24.71
N VAL I 95 -15.67 -2.91 25.07
CA VAL I 95 -15.51 -2.54 26.47
C VAL I 95 -16.81 -2.79 27.23
N ALA I 96 -17.93 -2.46 26.62
CA ALA I 96 -19.23 -2.72 27.24
C ALA I 96 -19.44 -4.21 27.49
N GLU I 97 -19.16 -5.06 26.50
CA GLU I 97 -19.25 -6.51 26.64
C GLU I 97 -18.29 -7.02 27.72
N ALA I 98 -17.10 -6.44 27.79
CA ALA I 98 -16.04 -6.88 28.69
C ALA I 98 -16.29 -6.50 30.15
N ILE I 99 -17.25 -5.61 30.39
CA ILE I 99 -17.57 -5.19 31.75
C ILE I 99 -18.99 -5.63 32.09
N GLY I 100 -19.62 -6.29 31.15
CA GLY I 100 -20.95 -6.81 31.35
C GLY I 100 -21.95 -5.70 31.56
N ALA I 101 -21.82 -4.62 30.79
CA ALA I 101 -22.79 -3.53 30.83
C ALA I 101 -23.90 -3.79 29.78
N THR I 102 -23.59 -4.64 28.79
CA THR I 102 -24.50 -4.98 27.69
C THR I 102 -25.73 -5.69 28.21
N PRO I 103 -26.87 -5.61 27.48
CA PRO I 103 -27.10 -4.89 26.22
C PRO I 103 -27.81 -3.57 26.39
N ASP I 104 -28.37 -3.28 27.57
CA ASP I 104 -29.18 -2.08 27.76
C ASP I 104 -28.30 -0.86 27.97
N LEU I 105 -27.70 -0.36 26.88
CA LEU I 105 -26.86 0.84 26.93
C LEU I 105 -26.67 1.42 25.52
N THR I 106 -26.15 2.64 25.47
CA THR I 106 -25.71 3.24 24.23
C THR I 106 -24.19 3.39 24.29
N ALA I 107 -23.56 3.44 23.12
CA ALA I 107 -22.13 3.57 23.05
C ALA I 107 -21.72 4.25 21.74
N ALA I 108 -20.47 4.72 21.68
CA ALA I 108 -19.92 5.34 20.48
C ALA I 108 -18.43 5.51 20.62
N ASP I 109 -17.73 5.42 19.48
CA ASP I 109 -16.29 5.64 19.46
C ASP I 109 -16.05 7.08 19.08
N LEU I 110 -15.16 7.74 19.83
CA LEU I 110 -14.99 9.17 19.71
C LEU I 110 -13.68 9.46 19.02
N GLU I 111 -13.67 10.46 18.15
CA GLU I 111 -12.46 10.93 17.50
C GLU I 111 -12.41 12.46 17.58
N PHE I 112 -11.30 12.98 18.13
CA PHE I 112 -10.96 14.40 18.13
C PHE I 112 -9.51 14.57 18.61
N ALA I 113 -8.56 13.96 17.89
CA ALA I 113 -7.18 13.91 18.31
C ALA I 113 -7.08 13.54 19.79
N CYS I 114 -6.31 14.30 20.58
CA CYS I 114 -6.07 13.96 21.99
C CYS I 114 -7.15 14.52 22.94
N LYS I 115 -8.21 15.13 22.39
CA LYS I 115 -9.31 15.70 23.18
C LYS I 115 -10.51 14.73 23.28
N ALA I 116 -10.47 13.63 22.50
CA ALA I 116 -11.55 12.65 22.44
C ALA I 116 -11.97 12.07 23.82
N GLY I 117 -11.02 11.82 24.71
CA GLY I 117 -11.34 11.19 25.98
C GLY I 117 -12.29 12.04 26.83
N THR I 118 -11.95 13.33 26.93
CA THR I 118 -12.69 14.29 27.72
C THR I 118 -14.00 14.68 27.03
N ALA I 119 -14.03 14.59 25.70
CA ALA I 119 -15.25 14.85 24.98
C ALA I 119 -16.36 13.99 25.52
N GLY I 120 -16.04 12.75 25.82
CA GLY I 120 -17.02 11.79 26.29
C GLY I 120 -17.39 12.00 27.73
N ILE I 121 -16.47 12.54 28.53
CA ILE I 121 -16.81 12.90 29.91
C ILE I 121 -17.97 13.87 29.90
N GLN I 122 -17.90 14.85 29.00
CA GLN I 122 -18.94 15.85 28.84
C GLN I 122 -20.23 15.20 28.40
N MET I 123 -20.14 14.21 27.50
CA MET I 123 -21.31 13.49 27.01
C MET I 123 -21.99 12.75 28.16
N CYS I 124 -21.20 12.09 29.00
CA CYS I 124 -21.74 11.38 30.17
C CYS I 124 -22.35 12.36 31.15
N MET I 125 -21.69 13.48 31.37
CA MET I 125 -22.24 14.52 32.25
C MET I 125 -23.66 14.89 31.83
N GLY I 126 -23.83 15.17 30.55
CA GLY I 126 -25.15 15.53 30.03
C GLY I 126 -26.18 14.46 30.27
N LEU I 127 -25.85 13.21 29.94
CA LEU I 127 -26.84 12.13 29.95
C LEU I 127 -27.30 11.79 31.36
N VAL I 128 -26.37 11.81 32.31
CA VAL I 128 -26.67 11.57 33.71
C VAL I 128 -27.47 12.74 34.29
N GLY I 129 -27.03 13.96 33.98
CA GLY I 129 -27.65 15.19 34.45
C GLY I 129 -29.06 15.37 33.92
N SER I 130 -29.30 14.98 32.65
CA SER I 130 -30.62 15.09 32.04
C SER I 130 -31.56 14.01 32.56
N GLY I 131 -30.99 12.95 33.14
CA GLY I 131 -31.75 11.84 33.68
C GLY I 131 -31.95 10.71 32.69
N LEU I 132 -31.37 10.84 31.50
CA LEU I 132 -31.50 9.81 30.47
C LEU I 132 -30.80 8.50 30.85
N ILE I 133 -29.77 8.56 31.69
CA ILE I 133 -29.15 7.36 32.25
C ILE I 133 -28.82 7.60 33.71
N GLU I 134 -28.37 6.54 34.41
CA GLU I 134 -28.03 6.61 35.83
C GLU I 134 -26.52 6.75 35.96
N TYR I 135 -25.79 5.93 35.20
CA TYR I 135 -24.33 6.01 35.16
C TYR I 135 -23.85 5.96 33.72
N GLY I 136 -22.83 6.75 33.42
CA GLY I 136 -22.17 6.71 32.13
C GLY I 136 -20.68 6.54 32.29
N MET I 137 -20.03 5.81 31.38
CA MET I 137 -18.58 5.70 31.40
C MET I 137 -17.93 6.41 30.22
N ALA I 138 -16.86 7.14 30.50
CA ALA I 138 -16.06 7.78 29.46
C ALA I 138 -14.63 7.31 29.58
N ILE I 139 -14.04 6.87 28.46
CA ILE I 139 -12.68 6.39 28.45
C ILE I 139 -11.85 7.15 27.44
N GLY I 140 -10.66 7.53 27.86
CA GLY I 140 -9.66 8.05 26.97
C GLY I 140 -8.45 7.15 26.99
N ALA I 141 -8.19 6.49 25.85
CA ALA I 141 -7.10 5.54 25.74
C ALA I 141 -6.46 5.61 24.37
N ASP I 142 -5.16 5.27 24.29
CA ASP I 142 -4.45 5.30 23.02
C ASP I 142 -3.17 4.44 23.05
N THR I 143 -2.82 3.87 21.91
CA THR I 143 -1.56 3.18 21.68
C THR I 143 -0.79 3.93 20.59
N ALA I 144 -0.44 5.17 20.89
CA ALA I 144 0.13 6.11 19.93
C ALA I 144 1.34 5.54 19.21
N GLN I 145 1.54 5.93 17.95
CA GLN I 145 2.71 5.54 17.18
C GLN I 145 3.39 6.77 16.59
N GLY I 146 4.64 7.00 17.00
CA GLY I 146 5.44 8.05 16.41
C GLY I 146 6.23 7.55 15.22
N ALA I 147 6.43 8.40 14.20
CA ALA I 147 7.22 8.03 13.04
C ALA I 147 8.67 7.73 13.44
N PRO I 148 9.25 6.66 12.89
CA PRO I 148 10.56 6.21 13.38
C PRO I 148 11.63 7.30 13.49
N GLY I 149 11.82 8.07 12.44
CA GLY I 149 12.81 9.14 12.47
C GLY I 149 12.41 10.34 13.30
N ASP I 150 11.10 10.56 13.51
CA ASP I 150 10.55 11.80 14.03
C ASP I 150 10.76 11.98 15.54
N ALA I 151 10.55 13.20 16.02
CA ALA I 151 10.61 13.51 17.44
C ALA I 151 9.43 12.94 18.19
N LEU I 152 8.31 12.69 17.50
CA LEU I 152 7.13 12.17 18.16
C LEU I 152 7.41 10.77 18.64
N GLU I 153 8.45 10.15 18.11
CA GLU I 153 8.87 8.85 18.56
C GLU I 153 9.30 8.86 20.03
N TYR I 154 9.82 9.98 20.52
CA TYR I 154 10.26 10.04 21.90
C TYR I 154 9.08 10.12 22.88
N THR I 155 7.91 10.59 22.43
CA THR I 155 6.80 10.83 23.36
C THR I 155 5.59 9.89 23.13
N ALA I 156 5.25 9.60 21.88
CA ALA I 156 4.03 8.86 21.58
C ALA I 156 4.02 7.56 22.34
N SER I 157 3.01 7.34 23.17
CA SER I 157 3.01 6.21 24.11
C SER I 157 1.62 5.62 24.32
N ALA I 158 1.54 4.57 25.14
CA ALA I 158 0.31 3.84 25.37
C ALA I 158 -0.21 4.01 26.80
N GLY I 159 -1.50 4.28 26.94
CA GLY I 159 -2.13 4.42 28.25
C GLY I 159 -3.60 4.77 28.11
N GLY I 160 -4.33 4.69 29.22
CA GLY I 160 -5.75 5.03 29.23
C GLY I 160 -6.29 5.19 30.62
N ALA I 161 -7.37 5.96 30.75
CA ALA I 161 -8.06 6.05 32.03
C ALA I 161 -9.56 6.18 31.81
N ALA I 162 -10.33 5.70 32.78
CA ALA I 162 -11.78 5.62 32.63
C ALA I 162 -12.48 6.31 33.79
N TYR I 163 -13.62 6.93 33.49
CA TYR I 163 -14.37 7.67 34.51
C TYR I 163 -15.84 7.30 34.46
N ILE I 164 -16.41 6.97 35.63
CA ILE I 164 -17.84 6.71 35.72
C ILE I 164 -18.55 7.90 36.36
N ILE I 165 -19.54 8.43 35.67
CA ILE I 165 -20.22 9.64 36.10
C ILE I 165 -21.57 9.27 36.70
N GLY I 166 -21.89 9.86 37.84
CA GLY I 166 -23.09 9.51 38.59
C GLY I 166 -23.83 10.72 39.15
N ASN I 167 -24.92 10.45 39.88
CA ASN I 167 -25.81 11.50 40.37
C ASN I 167 -25.99 11.43 41.89
N LYS I 168 -25.39 10.41 42.53
CA LYS I 168 -25.63 10.08 43.94
C LYS I 168 -24.56 10.68 44.81
N LYS I 169 -24.94 11.63 45.67
CA LYS I 169 -24.01 12.31 46.54
C LYS I 169 -23.21 11.32 47.39
N ASP I 170 -23.85 10.21 47.75
CA ASP I 170 -23.23 9.18 48.58
C ASP I 170 -22.14 8.40 47.82
N GLU I 171 -22.22 8.42 46.48
CA GLU I 171 -21.26 7.70 45.66
C GLU I 171 -20.26 8.64 44.97
N MET I 172 -20.55 9.95 44.89
CA MET I 172 -19.62 10.86 44.22
C MET I 172 -18.34 11.02 45.04
N ILE I 173 -17.20 10.86 44.39
CA ILE I 173 -15.90 11.14 45.01
C ILE I 173 -15.40 12.51 44.55
N ALA I 174 -16.04 13.07 43.51
CA ALA I 174 -15.69 14.38 42.99
C ALA I 174 -16.89 14.96 42.28
N VAL I 175 -16.99 16.29 42.24
CA VAL I 175 -18.18 16.96 41.73
C VAL I 175 -17.84 17.95 40.64
N PHE I 176 -18.56 17.90 39.52
CA PHE I 176 -18.36 18.86 38.47
C PHE I 176 -19.02 20.19 38.86
N ASN I 177 -18.23 21.26 38.90
CA ASN I 177 -18.75 22.59 39.15
C ASN I 177 -19.15 23.21 37.82
N GLY I 178 -18.47 22.80 36.76
CA GLY I 178 -18.77 23.30 35.43
C GLY I 178 -17.77 22.86 34.38
N THR I 179 -18.17 22.92 33.11
CA THR I 179 -17.29 22.60 31.99
C THR I 179 -17.37 23.68 30.92
N TYR I 180 -16.31 23.82 30.13
CA TYR I 180 -16.27 24.81 29.06
C TYR I 180 -15.41 24.27 27.94
N SER I 181 -15.73 24.63 26.69
CA SER I 181 -14.97 24.16 25.55
C SER I 181 -14.73 25.28 24.57
N TYR I 182 -13.52 25.29 24.00
CA TYR I 182 -13.11 26.26 22.99
C TYR I 182 -12.70 25.46 21.76
N THR I 183 -13.37 25.67 20.63
CA THR I 183 -13.10 24.89 19.43
C THR I 183 -13.01 25.76 18.18
N THR I 184 -11.96 25.53 17.38
CA THR I 184 -11.85 26.14 16.05
C THR I 184 -11.40 25.11 15.01
N ASP I 185 -11.35 25.52 13.72
CA ASP I 185 -10.80 24.66 12.67
C ASP I 185 -9.34 25.07 12.42
N THR I 186 -8.39 24.18 12.78
CA THR I 186 -6.97 24.50 12.68
C THR I 186 -6.19 23.32 12.07
N PRO I 187 -5.41 23.58 11.01
CA PRO I 187 -4.65 22.48 10.39
C PRO I 187 -3.24 22.35 10.99
N ASP I 188 -3.14 22.27 12.31
CA ASP I 188 -1.84 22.13 12.95
C ASP I 188 -1.32 20.70 12.83
N PHE I 189 -2.20 19.72 12.96
CA PHE I 189 -1.82 18.33 12.93
C PHE I 189 -3.01 17.49 12.48
N TRP I 190 -2.74 16.46 11.69
CA TRP I 190 -3.79 15.65 11.11
C TRP I 190 -3.22 14.32 10.61
N ARG I 191 -4.09 13.39 10.25
CA ARG I 191 -3.68 12.19 9.54
C ARG I 191 -4.77 11.81 8.55
N ARG I 192 -4.41 11.58 7.30
CA ARG I 192 -5.44 11.26 6.31
C ARG I 192 -5.75 9.78 6.30
N GLU I 193 -6.98 9.42 5.92
CA GLU I 193 -7.46 8.06 6.07
C GLU I 193 -6.45 7.00 5.62
N GLY I 194 -5.78 7.25 4.51
CA GLY I 194 -4.81 6.29 3.96
C GLY I 194 -3.59 6.08 4.84
N GLN I 195 -3.02 7.17 5.37
CA GLN I 195 -1.70 7.15 5.99
C GLN I 195 -1.70 6.51 7.39
N SER I 196 -0.61 5.80 7.70
CA SER I 196 -0.40 5.13 8.98
C SER I 196 0.24 6.07 9.98
N TYR I 197 1.11 6.98 9.49
CA TYR I 197 1.74 7.99 10.34
C TYR I 197 1.22 9.40 10.00
N PRO I 198 1.09 10.25 11.03
CA PRO I 198 0.53 11.58 10.79
C PRO I 198 1.51 12.59 10.20
N LYS I 199 0.99 13.75 9.80
CA LYS I 199 1.79 14.89 9.34
C LYS I 199 1.49 16.10 10.24
N HIS I 200 2.51 16.88 10.59
CA HIS I 200 2.35 18.03 11.49
C HIS I 200 2.91 19.31 10.86
N GLY I 201 2.49 20.46 11.38
CA GLY I 201 2.90 21.76 10.85
C GLY I 201 4.14 22.33 11.53
N GLY I 202 4.70 21.59 12.48
CA GLY I 202 5.93 21.98 13.13
C GLY I 202 5.73 23.01 14.22
N ARG I 203 6.22 24.25 14.02
CA ARG I 203 6.11 25.28 15.06
C ARG I 203 4.71 25.87 15.14
N PHE I 204 3.91 25.67 14.08
CA PHE I 204 2.54 26.16 14.03
C PHE I 204 1.66 25.39 15.02
N THR I 205 2.15 24.23 15.51
CA THR I 205 1.41 23.41 16.47
C THR I 205 1.40 24.06 17.86
N GLY I 206 2.44 24.79 18.18
CA GLY I 206 2.58 25.39 19.49
C GLY I 206 1.71 26.61 19.71
N GLU I 207 2.29 27.80 19.58
CA GLU I 207 1.61 29.02 20.01
C GLU I 207 0.19 29.12 19.43
N PRO I 208 0.06 29.03 18.09
CA PRO I 208 -1.24 29.34 17.47
C PRO I 208 -2.31 28.27 17.69
N ALA I 209 -1.91 27.06 18.11
CA ALA I 209 -2.85 25.97 18.27
C ALA I 209 -2.97 25.55 19.72
N TYR I 210 -1.90 24.95 20.28
CA TYR I 210 -1.94 24.36 21.62
C TYR I 210 -2.19 25.44 22.68
N PHE I 211 -1.40 26.51 22.66
CA PHE I 211 -1.54 27.55 23.68
C PHE I 211 -2.84 28.30 23.50
N LYS I 212 -3.13 28.68 22.25
CA LYS I 212 -4.35 29.41 21.93
C LYS I 212 -5.57 28.74 22.53
N HIS I 213 -5.70 27.43 22.36
CA HIS I 213 -6.91 26.71 22.74
C HIS I 213 -6.90 26.32 24.22
N VAL I 214 -5.74 25.93 24.75
CA VAL I 214 -5.64 25.56 26.16
C VAL I 214 -5.88 26.77 27.05
N LEU I 215 -5.22 27.88 26.75
CA LEU I 215 -5.31 29.05 27.62
C LEU I 215 -6.68 29.71 27.50
N ASN I 216 -7.25 29.76 26.29
CA ASN I 216 -8.58 30.32 26.12
C ASN I 216 -9.62 29.50 26.89
N ALA I 217 -9.46 28.18 26.88
CA ALA I 217 -10.38 27.31 27.58
C ALA I 217 -10.22 27.44 29.08
N ALA I 218 -8.98 27.63 29.54
CA ALA I 218 -8.71 27.83 30.96
C ALA I 218 -9.30 29.16 31.42
N LYS I 219 -9.14 30.21 30.60
CA LYS I 219 -9.67 31.52 30.95
C LYS I 219 -11.19 31.55 30.84
N GLY I 220 -11.73 30.83 29.88
CA GLY I 220 -13.17 30.74 29.73
C GLY I 220 -13.86 30.07 30.91
N ILE I 221 -13.29 28.98 31.43
CA ILE I 221 -13.92 28.26 32.53
C ILE I 221 -13.81 29.09 33.80
N MET I 222 -12.67 29.77 33.99
CA MET I 222 -12.48 30.59 35.18
C MET I 222 -13.36 31.83 35.14
N GLU I 223 -13.67 32.32 33.93
CA GLU I 223 -14.63 33.38 33.76
C GLU I 223 -16.03 32.84 34.05
N LYS I 224 -16.34 31.65 33.56
CA LYS I 224 -17.64 31.03 33.77
C LYS I 224 -17.90 30.78 35.26
N MET I 225 -16.85 30.42 36.01
CA MET I 225 -16.98 30.05 37.41
C MET I 225 -16.70 31.24 38.33
N GLY I 226 -16.22 32.32 37.73
CA GLY I 226 -15.80 33.52 38.45
C GLY I 226 -14.63 33.23 39.37
N THR I 227 -13.58 32.65 38.79
CA THR I 227 -12.52 32.01 39.57
C THR I 227 -11.16 32.50 39.14
N THR I 228 -10.17 32.32 40.03
CA THR I 228 -8.79 32.69 39.76
C THR I 228 -7.89 31.49 40.03
N VAL I 229 -6.64 31.64 39.66
CA VAL I 229 -5.62 30.61 39.80
C VAL I 229 -5.42 30.24 41.26
N LYS I 230 -5.64 31.20 42.17
CA LYS I 230 -5.48 30.98 43.60
C LYS I 230 -6.57 30.07 44.18
N ASP I 231 -7.73 30.01 43.53
CA ASP I 231 -8.87 29.19 44.00
C ASP I 231 -8.64 27.69 43.80
N TYR I 232 -7.76 27.31 42.85
CA TYR I 232 -7.55 25.89 42.50
C TYR I 232 -6.40 25.28 43.29
N ASP I 233 -6.61 24.05 43.78
CA ASP I 233 -5.60 23.34 44.56
C ASP I 233 -4.63 22.60 43.65
N TYR I 234 -5.16 21.96 42.59
CA TYR I 234 -4.33 21.24 41.61
C TYR I 234 -4.79 21.57 40.19
N CYS I 235 -3.94 21.31 39.19
CA CYS I 235 -4.29 21.52 37.79
C CYS I 235 -3.69 20.42 36.90
N VAL I 236 -4.37 20.12 35.79
CA VAL I 236 -3.84 19.21 34.77
C VAL I 236 -4.15 19.75 33.38
N PHE I 237 -3.10 19.87 32.56
CA PHE I 237 -3.20 20.34 31.19
C PHE I 237 -2.77 19.22 30.25
N HIS I 238 -2.99 19.43 28.95
CA HIS I 238 -2.51 18.48 27.97
C HIS I 238 -0.99 18.53 27.93
N GLN I 239 -0.35 17.38 27.73
CA GLN I 239 1.08 17.26 27.88
C GLN I 239 1.67 16.51 26.70
N PRO I 240 1.74 17.18 25.54
CA PRO I 240 2.45 16.58 24.39
C PRO I 240 3.91 16.35 24.75
N ASN I 241 4.45 17.27 25.54
CA ASN I 241 5.77 17.15 26.14
C ASN I 241 5.75 17.98 27.43
N GLY I 242 6.74 17.82 28.29
CA GLY I 242 6.75 18.54 29.56
C GLY I 242 6.89 20.03 29.38
N LYS I 243 7.63 20.44 28.33
CA LYS I 243 7.84 21.84 27.98
C LYS I 243 6.51 22.63 27.84
N PHE I 244 5.60 22.14 26.99
CA PHE I 244 4.33 22.81 26.73
C PHE I 244 3.50 22.87 27.98
N TYR I 245 3.42 21.76 28.71
CA TYR I 245 2.61 21.69 29.90
C TYR I 245 3.02 22.74 30.91
N ILE I 246 4.31 22.84 31.21
CA ILE I 246 4.78 23.76 32.23
C ILE I 246 4.59 25.21 31.79
N LYS I 247 4.95 25.54 30.55
CA LYS I 247 4.76 26.89 30.04
C LYS I 247 3.31 27.34 30.23
N ALA I 248 2.36 26.47 29.91
CA ALA I 248 0.95 26.78 30.07
C ALA I 248 0.61 27.02 31.53
N ALA I 249 1.04 26.13 32.40
CA ALA I 249 0.76 26.22 33.82
C ALA I 249 1.33 27.51 34.39
N LYS I 250 2.61 27.77 34.10
CA LYS I 250 3.31 28.96 34.57
C LYS I 250 2.67 30.22 34.01
N SER I 251 2.25 30.16 32.73
CA SER I 251 1.59 31.29 32.07
C SER I 251 0.35 31.70 32.84
N LEU I 252 -0.40 30.72 33.35
CA LEU I 252 -1.65 31.02 34.03
C LEU I 252 -1.41 31.39 35.49
N GLY I 253 -0.22 31.12 35.99
CA GLY I 253 0.13 31.45 37.36
C GLY I 253 0.06 30.28 38.32
N PHE I 254 0.22 29.05 37.82
CA PHE I 254 0.19 27.87 38.68
C PHE I 254 1.58 27.54 39.17
N THR I 255 1.71 27.20 40.45
CA THR I 255 3.01 26.81 40.99
C THR I 255 3.24 25.33 40.79
N ASN I 256 4.50 24.89 40.94
CA ASN I 256 4.87 23.49 40.79
C ASN I 256 3.98 22.61 41.65
N GLU I 257 3.69 23.02 42.89
CA GLU I 257 2.91 22.20 43.81
C GLU I 257 1.51 21.98 43.27
N GLN I 258 1.00 22.92 42.45
CA GLN I 258 -0.33 22.80 41.87
C GLN I 258 -0.33 21.91 40.64
N TYR I 259 0.73 21.92 39.83
CA TYR I 259 0.72 21.21 38.56
C TYR I 259 1.52 19.91 38.55
N LYS I 260 2.26 19.59 39.62
CA LYS I 260 3.20 18.47 39.56
C LYS I 260 2.50 17.11 39.39
N TYR I 261 1.40 16.87 40.12
CA TYR I 261 0.67 15.60 40.03
C TYR I 261 0.11 15.34 38.65
N GLY I 262 -0.36 16.37 37.98
CA GLY I 262 -0.93 16.23 36.65
C GLY I 262 0.07 15.87 35.58
N LEU I 263 1.35 16.25 35.76
CA LEU I 263 2.35 16.02 34.72
C LEU I 263 2.98 14.64 34.83
N LEU I 264 2.66 13.74 33.88
CA LEU I 264 3.19 12.37 33.88
C LEU I 264 4.11 12.11 32.69
N THR I 265 4.11 12.99 31.69
CA THR I 265 4.75 12.72 30.42
C THR I 265 6.24 12.40 30.55
N PRO I 266 6.97 13.05 31.45
CA PRO I 266 8.40 12.77 31.57
C PRO I 266 8.76 11.29 31.74
N TYR I 267 7.89 10.50 32.38
CA TYR I 267 8.16 9.08 32.55
C TYR I 267 7.12 8.16 31.90
N LEU I 268 6.08 8.74 31.28
CA LEU I 268 5.01 7.97 30.66
C LEU I 268 4.96 8.23 29.16
N GLY I 269 5.30 9.45 28.76
CA GLY I 269 5.11 9.88 27.39
C GLY I 269 3.73 10.45 27.16
N ASN I 270 3.42 10.76 25.90
CA ASN I 270 2.12 11.30 25.51
C ASN I 270 1.18 10.16 25.12
N THR I 271 0.16 9.91 25.94
CA THR I 271 -0.82 8.87 25.64
C THR I 271 -1.99 9.45 24.87
N TYR I 272 -1.85 10.67 24.36
CA TYR I 272 -2.85 11.27 23.51
C TYR I 272 -4.18 11.41 24.26
N SER I 273 -5.18 10.62 23.93
CA SER I 273 -6.49 10.76 24.58
C SER I 273 -6.51 10.26 26.03
N GLY I 274 -5.52 9.50 26.44
CA GLY I 274 -5.37 9.08 27.83
C GLY I 274 -4.63 10.09 28.70
N ALA I 275 -3.96 11.06 28.05
CA ALA I 275 -3.03 11.97 28.74
C ALA I 275 -3.66 12.66 29.95
N VAL I 276 -4.62 13.56 29.70
CA VAL I 276 -5.23 14.32 30.78
C VAL I 276 -6.02 13.40 31.73
N PRO I 277 -6.78 12.45 31.19
CA PRO I 277 -7.47 11.47 32.04
C PRO I 277 -6.54 10.76 33.00
N LEU I 278 -5.35 10.35 32.51
CA LEU I 278 -4.36 9.71 33.38
C LEU I 278 -3.80 10.71 34.40
N GLY I 279 -3.56 11.94 33.97
CA GLY I 279 -3.08 12.98 34.88
C GLY I 279 -4.06 13.25 35.99
N LEU I 280 -5.32 13.47 35.60
CA LEU I 280 -6.42 13.70 36.55
C LEU I 280 -6.56 12.53 37.52
N SER I 281 -6.34 11.31 37.04
CA SER I 281 -6.47 10.15 37.92
C SER I 281 -5.40 10.15 38.97
N ASN I 282 -4.18 10.62 38.63
CA ASN I 282 -3.09 10.70 39.59
C ASN I 282 -3.35 11.81 40.59
N ILE I 283 -3.97 12.90 40.14
CA ILE I 283 -4.37 13.96 41.04
C ILE I 283 -5.37 13.42 42.04
N LEU I 284 -6.35 12.63 41.58
CA LEU I 284 -7.37 12.06 42.45
C LEU I 284 -6.78 11.02 43.41
N ASP I 285 -5.68 10.35 43.02
CA ASP I 285 -5.04 9.36 43.89
C ASP I 285 -4.43 10.08 45.11
N HIS I 286 -4.01 11.34 44.95
CA HIS I 286 -3.34 12.09 46.01
C HIS I 286 -4.25 13.09 46.72
N ALA I 287 -5.37 13.47 46.08
CA ALA I 287 -6.16 14.62 46.50
C ALA I 287 -6.86 14.39 47.83
N GLU I 288 -7.08 15.49 48.58
CA GLU I 288 -7.80 15.47 49.85
C GLU I 288 -9.20 16.01 49.64
N GLU I 289 -10.08 15.77 50.61
CA GLU I 289 -11.44 16.27 50.54
C GLU I 289 -11.44 17.80 50.37
N GLY I 290 -12.29 18.27 49.46
CA GLY I 290 -12.46 19.70 49.24
C GLY I 290 -11.46 20.30 48.27
N ALA I 291 -10.62 19.48 47.67
CA ALA I 291 -9.62 19.99 46.72
C ALA I 291 -10.29 20.38 45.40
N ARG I 292 -9.91 21.53 44.86
CA ARG I 292 -10.47 21.98 43.59
C ARG I 292 -9.45 21.77 42.48
N ILE I 293 -9.88 21.09 41.41
CA ILE I 293 -9.02 20.75 40.29
C ILE I 293 -9.44 21.52 39.05
N LEU I 294 -8.45 22.07 38.31
CA LEU I 294 -8.67 22.58 36.97
C LEU I 294 -8.05 21.61 35.97
N ALA I 295 -8.87 21.08 35.05
CA ALA I 295 -8.38 20.15 34.04
C ALA I 295 -8.70 20.67 32.65
N VAL I 296 -7.68 20.92 31.82
CA VAL I 296 -7.90 21.42 30.45
C VAL I 296 -7.23 20.49 29.43
N SER I 297 -8.02 19.95 28.50
CA SER I 297 -7.47 19.06 27.49
C SER I 297 -7.23 19.81 26.20
N TYR I 298 -6.57 19.17 25.22
CA TYR I 298 -6.36 19.76 23.91
C TYR I 298 -6.34 18.69 22.82
N GLY I 299 -6.94 19.03 21.68
CA GLY I 299 -6.97 18.18 20.50
C GLY I 299 -6.55 18.92 19.26
N SER I 300 -5.69 18.34 18.44
CA SER I 300 -5.37 18.97 17.15
C SER I 300 -6.60 18.87 16.22
N GLY I 301 -6.58 19.65 15.16
CA GLY I 301 -7.80 20.06 14.47
C GLY I 301 -8.44 21.21 15.21
N ALA I 302 -8.03 21.34 16.51
CA ALA I 302 -8.21 22.46 17.41
C ALA I 302 -9.46 22.37 18.26
N GLY I 303 -9.26 21.92 19.47
CA GLY I 303 -10.28 21.94 20.50
C GLY I 303 -9.66 21.80 21.88
N SER I 304 -10.33 22.32 22.92
CA SER I 304 -9.94 22.10 24.30
C SER I 304 -11.18 22.00 25.19
N ASP I 305 -11.16 21.08 26.16
CA ASP I 305 -12.25 20.88 27.12
C ASP I 305 -11.71 21.22 28.49
N ALA I 306 -12.41 22.10 29.21
CA ALA I 306 -12.01 22.52 30.54
C ALA I 306 -12.96 21.98 31.59
N PHE I 307 -12.44 21.60 32.75
CA PHE I 307 -13.29 21.11 33.84
C PHE I 307 -12.93 21.78 35.16
N ASP I 308 -13.96 22.06 35.98
CA ASP I 308 -13.79 22.55 37.33
C ASP I 308 -14.36 21.49 38.29
N ILE I 309 -13.49 20.84 39.07
CA ILE I 309 -13.91 19.69 39.86
C ILE I 309 -13.56 19.91 41.33
N THR I 310 -14.42 19.40 42.22
CA THR I 310 -14.14 19.46 43.65
C THR I 310 -14.17 18.05 44.24
N VAL I 311 -13.18 17.74 45.07
CA VAL I 311 -13.03 16.40 45.63
C VAL I 311 -13.91 16.25 46.89
N THR I 312 -14.43 15.04 47.12
CA THR I 312 -15.43 14.75 48.15
C THR I 312 -14.84 13.87 49.25
N GLU I 313 -15.54 13.81 50.39
CA GLU I 313 -15.22 12.94 51.52
C GLU I 313 -14.94 11.48 51.09
N ARG I 314 -15.63 10.99 50.04
CA ARG I 314 -15.58 9.57 49.67
C ARG I 314 -14.28 9.20 48.93
N ILE I 315 -13.39 10.17 48.74
CA ILE I 315 -12.20 9.94 47.94
C ILE I 315 -11.29 8.84 48.50
N LYS I 316 -10.84 8.95 49.74
CA LYS I 316 -9.84 8.01 50.24
C LYS I 316 -10.42 6.58 50.35
N GLU I 317 -11.75 6.49 50.51
CA GLU I 317 -12.42 5.21 50.57
C GLU I 317 -12.14 4.33 49.33
N VAL I 318 -12.03 4.96 48.15
CA VAL I 318 -11.99 4.23 46.88
C VAL I 318 -10.58 4.10 46.28
N VAL I 319 -9.68 5.04 46.58
CA VAL I 319 -8.36 5.06 45.96
C VAL I 319 -7.69 3.67 45.94
N ASP I 320 -7.73 2.96 47.07
CA ASP I 320 -6.98 1.72 47.19
C ASP I 320 -7.73 0.51 46.59
N LYS I 321 -8.96 0.74 46.09
CA LYS I 321 -9.80 -0.34 45.55
C LYS I 321 -9.28 -0.86 44.20
N ALA I 322 -8.35 -0.11 43.59
CA ALA I 322 -7.75 -0.48 42.31
C ALA I 322 -6.32 0.04 42.26
N PRO I 323 -5.54 -0.32 41.22
CA PRO I 323 -4.14 0.13 41.18
C PRO I 323 -3.99 1.63 40.98
N LYS I 324 -3.14 2.28 41.79
CA LYS I 324 -2.87 3.70 41.65
C LYS I 324 -2.10 3.93 40.36
N THR I 325 -2.36 5.07 39.71
CA THR I 325 -1.72 5.44 38.45
C THR I 325 -0.19 5.38 38.59
N LEU I 326 0.31 5.90 39.71
CA LEU I 326 1.74 5.98 39.93
C LEU I 326 2.36 4.59 40.11
N ASP I 327 1.59 3.63 40.64
CA ASP I 327 2.07 2.25 40.84
C ASP I 327 2.18 1.53 39.49
N LEU I 328 1.17 1.70 38.63
CA LEU I 328 1.22 1.15 37.28
C LEU I 328 2.39 1.74 36.52
N LEU I 329 2.67 3.03 36.76
CA LEU I 329 3.74 3.76 36.07
C LEU I 329 5.14 3.29 36.51
N ASN I 330 5.25 2.72 37.71
CA ASN I 330 6.55 2.31 38.25
C ASN I 330 6.76 0.80 38.16
N ARG I 331 5.70 0.04 37.90
CA ARG I 331 5.87 -1.38 37.59
C ARG I 331 6.21 -1.52 36.12
N LYS I 332 7.51 -1.56 35.82
CA LYS I 332 7.96 -1.41 34.44
C LYS I 332 9.09 -2.33 34.05
N LYS I 333 9.22 -2.57 32.74
CA LYS I 333 10.29 -3.37 32.18
C LYS I 333 10.86 -2.68 30.94
N TYR I 334 12.14 -2.30 30.98
CA TYR I 334 12.76 -1.55 29.88
C TYR I 334 13.09 -2.45 28.68
N ILE I 335 13.01 -1.88 27.48
CA ILE I 335 13.35 -2.57 26.26
C ILE I 335 14.25 -1.69 25.40
N ASP I 336 15.00 -2.31 24.49
CA ASP I 336 15.80 -1.57 23.53
C ASP I 336 14.93 -1.22 22.32
N TYR I 337 15.52 -0.54 21.34
CA TYR I 337 14.78 -0.10 20.17
C TYR I 337 14.37 -1.29 19.31
N ALA I 338 15.28 -2.24 19.10
CA ALA I 338 14.95 -3.37 18.24
C ALA I 338 13.67 -4.03 18.71
N VAL I 339 13.59 -4.38 19.99
CA VAL I 339 12.40 -5.01 20.55
C VAL I 339 11.21 -4.08 20.43
N TYR I 340 11.46 -2.80 20.60
CA TYR I 340 10.41 -1.79 20.52
C TYR I 340 9.79 -1.77 19.12
N VAL I 341 10.61 -1.68 18.06
CA VAL I 341 10.05 -1.70 16.71
C VAL I 341 9.36 -3.03 16.42
N LYS I 342 9.91 -4.13 16.94
CA LYS I 342 9.26 -5.43 16.85
C LYS I 342 7.87 -5.38 17.48
N TYR I 343 7.80 -4.98 18.75
CA TYR I 343 6.52 -4.92 19.44
C TYR I 343 5.51 -4.06 18.69
N ARG I 344 5.94 -2.91 18.17
CA ARG I 344 5.01 -1.94 17.64
C ARG I 344 4.54 -2.26 16.22
N GLY I 345 5.13 -3.29 15.63
CA GLY I 345 4.84 -3.65 14.25
C GLY I 345 5.37 -2.59 13.30
N LYS I 346 6.37 -1.83 13.76
CA LYS I 346 7.04 -0.83 12.93
C LYS I 346 7.91 -1.53 11.87
N ILE I 347 8.11 -2.86 12.02
CA ILE I 347 8.81 -3.69 11.04
C ILE I 347 7.93 -3.89 9.81
N LYS I 348 8.56 -3.85 8.64
CA LYS I 348 7.85 -4.05 7.37
C LYS I 348 7.53 -5.53 7.15
N LYS J 2 28.89 -18.55 -38.27
CA LYS J 2 29.43 -17.51 -39.14
C LYS J 2 28.28 -16.69 -39.73
N ASP J 3 27.28 -17.37 -40.33
CA ASP J 3 26.08 -16.71 -40.81
C ASP J 3 24.90 -17.02 -39.90
N ILE J 4 24.19 -15.98 -39.45
CA ILE J 4 23.10 -16.08 -38.50
C ILE J 4 21.81 -15.54 -39.12
N GLY J 5 20.68 -16.12 -38.76
CA GLY J 5 19.41 -15.73 -39.34
C GLY J 5 18.20 -16.26 -38.63
N ILE J 6 17.02 -15.76 -39.01
CA ILE J 6 15.76 -16.14 -38.39
C ILE J 6 15.23 -17.36 -39.09
N VAL J 7 15.10 -18.48 -38.36
CA VAL J 7 14.55 -19.71 -38.94
C VAL J 7 13.02 -19.78 -38.79
N GLY J 8 12.48 -19.13 -37.75
CA GLY J 8 11.05 -19.10 -37.48
C GLY J 8 10.62 -17.88 -36.68
N TYR J 9 9.40 -17.38 -36.94
CA TYR J 9 8.84 -16.27 -36.17
C TYR J 9 7.34 -16.47 -35.97
N GLY J 10 6.81 -15.98 -34.85
CA GLY J 10 5.41 -16.15 -34.48
C GLY J 10 4.89 -15.00 -33.65
N SER J 11 3.58 -14.72 -33.71
CA SER J 11 3.02 -13.55 -33.03
C SER J 11 1.65 -13.83 -32.42
N TYR J 12 1.27 -13.05 -31.40
CA TYR J 12 -0.05 -13.18 -30.80
C TYR J 12 -0.58 -11.83 -30.35
N ILE J 13 -1.89 -11.60 -30.58
CA ILE J 13 -2.57 -10.41 -30.13
C ILE J 13 -3.92 -10.83 -29.52
N PRO J 14 -4.26 -10.39 -28.30
CA PRO J 14 -5.57 -10.75 -27.74
C PRO J 14 -6.74 -10.15 -28.53
N LYS J 15 -7.97 -10.66 -28.32
CA LYS J 15 -9.11 -10.28 -29.14
C LYS J 15 -9.75 -8.95 -28.77
N TYR J 16 -9.69 -8.57 -27.50
CA TYR J 16 -10.43 -7.41 -27.06
C TYR J 16 -9.77 -6.11 -27.48
N ARG J 17 -10.58 -5.12 -27.87
CA ARG J 17 -10.10 -3.78 -28.22
C ARG J 17 -10.88 -2.74 -27.46
N ILE J 18 -10.32 -1.54 -27.36
CA ILE J 18 -11.08 -0.39 -26.89
C ILE J 18 -10.71 0.82 -27.76
N LYS J 19 -11.74 1.45 -28.33
CA LYS J 19 -11.56 2.63 -29.18
C LYS J 19 -11.17 3.82 -28.33
N VAL J 20 -10.38 4.74 -28.91
CA VAL J 20 -10.04 6.01 -28.27
C VAL J 20 -11.31 6.71 -27.76
N GLU J 21 -12.37 6.67 -28.58
CA GLU J 21 -13.63 7.34 -28.28
C GLU J 21 -14.17 6.92 -26.93
N GLU J 22 -13.98 5.64 -26.56
CA GLU J 22 -14.53 5.09 -25.33
C GLU J 22 -13.80 5.62 -24.09
N ILE J 23 -12.49 5.85 -24.24
CA ILE J 23 -11.66 6.35 -23.14
C ILE J 23 -11.87 7.84 -22.98
N ALA J 24 -11.81 8.57 -24.09
CA ALA J 24 -11.96 10.02 -24.11
C ALA J 24 -13.29 10.40 -23.47
N LYS J 25 -14.34 9.67 -23.83
CA LYS J 25 -15.69 9.90 -23.32
C LYS J 25 -15.69 10.01 -21.79
N VAL J 26 -14.91 9.15 -21.14
CA VAL J 26 -14.89 9.04 -19.69
C VAL J 26 -14.13 10.21 -19.06
N TRP J 27 -13.09 10.68 -19.75
CA TRP J 27 -12.18 11.67 -19.18
C TRP J 27 -12.41 13.08 -19.71
N GLY J 28 -13.43 13.25 -20.53
CA GLY J 28 -13.86 14.56 -20.97
C GLY J 28 -12.92 15.17 -21.99
N LYS J 29 -12.41 14.34 -22.90
CA LYS J 29 -11.51 14.79 -23.96
C LYS J 29 -12.18 14.64 -25.33
N ASP J 30 -11.67 15.41 -26.32
CA ASP J 30 -12.14 15.31 -27.70
C ASP J 30 -11.45 14.14 -28.38
N PRO J 31 -12.19 13.12 -28.78
CA PRO J 31 -11.54 11.93 -29.37
C PRO J 31 -10.81 12.24 -30.66
N GLU J 32 -11.40 13.12 -31.49
CA GLU J 32 -10.80 13.44 -32.78
C GLU J 32 -9.45 14.12 -32.60
N ALA J 33 -9.32 14.90 -31.53
CA ALA J 33 -8.07 15.58 -31.21
C ALA J 33 -6.98 14.58 -30.87
N ILE J 34 -7.30 13.63 -29.96
CA ILE J 34 -6.37 12.59 -29.52
C ILE J 34 -6.07 11.66 -30.69
N LYS J 35 -7.14 11.28 -31.40
CA LYS J 35 -7.09 10.39 -32.56
C LYS J 35 -6.16 10.98 -33.62
N LYS J 36 -6.30 12.27 -33.91
CA LYS J 36 -5.49 12.97 -34.91
C LYS J 36 -4.05 13.06 -34.44
N GLY J 37 -3.86 13.58 -33.24
CA GLY J 37 -2.54 13.79 -32.67
C GLY J 37 -1.65 12.55 -32.73
N LEU J 38 -2.08 11.48 -32.09
CA LEU J 38 -1.24 10.29 -31.96
C LEU J 38 -1.42 9.34 -33.14
N VAL J 39 -2.41 9.60 -34.00
CA VAL J 39 -2.83 8.67 -35.03
C VAL J 39 -3.00 7.28 -34.41
N VAL J 40 -3.83 7.23 -33.37
CA VAL J 40 -4.27 5.99 -32.75
C VAL J 40 -5.78 5.95 -32.83
N ASN J 41 -6.33 4.84 -33.28
CA ASN J 41 -7.78 4.69 -33.38
C ASN J 41 -8.32 3.80 -32.27
N GLU J 42 -7.56 2.75 -31.92
CA GLU J 42 -7.93 1.76 -30.91
C GLU J 42 -6.71 0.98 -30.43
N LYS J 43 -6.89 0.09 -29.46
CA LYS J 43 -5.80 -0.72 -28.94
C LYS J 43 -6.30 -2.08 -28.46
N SER J 44 -5.38 -3.04 -28.33
CA SER J 44 -5.73 -4.37 -27.83
C SER J 44 -5.74 -4.46 -26.29
N VAL J 45 -6.63 -5.31 -25.79
CA VAL J 45 -6.87 -5.48 -24.36
C VAL J 45 -6.83 -6.97 -24.06
N PRO J 46 -5.94 -7.40 -23.15
CA PRO J 46 -5.88 -8.82 -22.84
C PRO J 46 -7.10 -9.26 -22.04
N SER J 47 -7.52 -10.51 -22.24
CA SER J 47 -8.56 -11.10 -21.43
C SER J 47 -8.06 -11.19 -19.99
N PRO J 48 -8.96 -11.23 -19.00
CA PRO J 48 -8.51 -11.38 -17.61
C PRO J 48 -7.76 -12.67 -17.34
N ASP J 49 -7.89 -13.68 -18.22
CA ASP J 49 -7.16 -14.94 -18.09
C ASP J 49 -5.92 -14.98 -18.98
N GLU J 50 -5.48 -13.81 -19.47
CA GLU J 50 -4.27 -13.72 -20.28
C GLU J 50 -3.26 -12.81 -19.58
N ASP J 51 -1.98 -13.08 -19.80
CA ASP J 51 -0.90 -12.21 -19.32
C ASP J 51 0.31 -12.32 -20.26
N THR J 52 1.43 -11.67 -19.93
CA THR J 52 2.61 -11.73 -20.77
C THR J 52 3.07 -13.18 -20.99
N ALA J 53 2.99 -14.02 -19.96
CA ALA J 53 3.40 -15.42 -20.11
C ALA J 53 2.56 -16.16 -21.17
N THR J 54 1.22 -16.01 -21.12
CA THR J 54 0.36 -16.70 -22.07
C THR J 54 0.59 -16.15 -23.46
N ILE J 55 0.72 -14.84 -23.55
CA ILE J 55 0.95 -14.15 -24.82
C ILE J 55 2.28 -14.60 -25.43
N ALA J 56 3.31 -14.71 -24.59
CA ALA J 56 4.61 -15.21 -25.02
C ALA J 56 4.51 -16.66 -25.52
N VAL J 57 3.73 -17.49 -24.81
CA VAL J 57 3.56 -18.90 -25.16
C VAL J 57 2.85 -19.05 -26.50
N GLU J 58 1.78 -18.30 -26.72
CA GLU J 58 1.07 -18.33 -27.99
C GLU J 58 2.00 -17.95 -29.14
N ALA J 59 2.78 -16.88 -28.98
CA ALA J 59 3.71 -16.45 -30.01
C ALA J 59 4.83 -17.46 -30.19
N ALA J 60 5.39 -17.97 -29.09
CA ALA J 60 6.47 -18.96 -29.15
C ALA J 60 6.02 -20.17 -29.93
N ARG J 61 4.81 -20.65 -29.63
CA ARG J 61 4.25 -21.84 -30.28
C ARG J 61 4.06 -21.62 -31.77
N ASN J 62 3.60 -20.43 -32.14
CA ASN J 62 3.44 -20.07 -33.55
C ASN J 62 4.81 -20.02 -34.25
N ALA J 63 5.86 -19.54 -33.55
CA ALA J 63 7.19 -19.48 -34.14
C ALA J 63 7.74 -20.88 -34.38
N VAL J 64 7.41 -21.84 -33.51
CA VAL J 64 7.87 -23.21 -33.67
C VAL J 64 7.21 -23.85 -34.88
N LYS J 65 5.92 -23.54 -35.11
CA LYS J 65 5.21 -24.03 -36.28
C LYS J 65 5.91 -23.57 -37.56
N ARG J 66 6.24 -22.27 -37.63
CA ARG J 66 6.89 -21.71 -38.81
C ARG J 66 8.30 -22.27 -38.97
N ALA J 67 9.01 -22.50 -37.86
CA ALA J 67 10.35 -23.08 -37.91
C ALA J 67 10.30 -24.53 -38.34
N GLY J 68 9.28 -25.25 -37.90
CA GLY J 68 9.12 -26.66 -38.23
C GLY J 68 10.19 -27.53 -37.61
N ILE J 69 10.72 -27.11 -36.46
CA ILE J 69 11.78 -27.86 -35.79
C ILE J 69 11.31 -28.32 -34.42
N ASN J 70 11.96 -29.37 -33.89
CA ASN J 70 11.62 -29.91 -32.58
C ASN J 70 12.14 -28.99 -31.49
N ALA J 71 11.26 -28.60 -30.55
CA ALA J 71 11.60 -27.63 -29.52
C ALA J 71 12.71 -28.14 -28.60
N GLU J 72 12.94 -29.46 -28.57
CA GLU J 72 14.02 -30.02 -27.79
C GLU J 72 15.36 -29.47 -28.23
N LYS J 73 15.43 -28.93 -29.46
CA LYS J 73 16.68 -28.40 -30.01
C LYS J 73 16.95 -26.94 -29.58
N ILE J 74 15.92 -26.27 -29.01
CA ILE J 74 16.09 -24.89 -28.54
C ILE J 74 16.94 -24.87 -27.27
N GLY J 75 18.06 -24.15 -27.34
CA GLY J 75 19.08 -24.18 -26.30
C GLY J 75 19.07 -22.95 -25.42
N ALA J 76 18.27 -21.93 -25.79
CA ALA J 76 18.08 -20.75 -24.95
C ALA J 76 16.75 -20.10 -25.24
N VAL J 77 16.07 -19.68 -24.17
CA VAL J 77 14.84 -18.92 -24.31
C VAL J 77 14.96 -17.64 -23.51
N TYR J 78 14.74 -16.50 -24.18
CA TYR J 78 14.80 -15.20 -23.55
C TYR J 78 13.49 -14.46 -23.77
N VAL J 79 12.89 -13.96 -22.67
CA VAL J 79 11.64 -13.19 -22.73
C VAL J 79 11.88 -11.77 -22.28
N GLY J 80 11.67 -10.83 -23.20
CA GLY J 80 11.80 -9.41 -22.93
C GLY J 80 10.45 -8.78 -22.67
N SER J 81 10.27 -8.28 -21.45
CA SER J 81 8.99 -7.70 -21.09
C SER J 81 9.19 -6.61 -20.06
N GLU J 82 8.15 -5.80 -19.91
CA GLU J 82 8.05 -4.73 -18.92
C GLU J 82 6.99 -5.13 -17.89
N SER J 83 6.33 -6.27 -18.15
CA SER J 83 5.19 -6.71 -17.37
C SER J 83 5.24 -8.22 -17.19
N HIS J 84 6.39 -8.74 -16.78
CA HIS J 84 6.51 -10.13 -16.38
C HIS J 84 5.58 -10.38 -15.19
N PRO J 85 4.78 -11.47 -15.24
CA PRO J 85 3.86 -11.76 -14.12
C PRO J 85 4.52 -11.79 -12.74
N TYR J 86 5.72 -12.36 -12.63
CA TYR J 86 6.41 -12.43 -11.34
C TYR J 86 7.58 -11.44 -11.31
N ALA J 87 7.86 -10.90 -10.13
CA ALA J 87 9.05 -10.09 -9.91
C ALA J 87 10.28 -10.97 -9.73
N VAL J 88 10.12 -12.25 -9.39
CA VAL J 88 11.29 -13.11 -9.22
C VAL J 88 11.24 -14.36 -10.11
N LYS J 89 10.15 -15.13 -10.07
CA LYS J 89 10.07 -16.32 -10.93
C LYS J 89 10.04 -15.96 -12.45
N PRO J 90 10.91 -16.55 -13.28
CA PRO J 90 11.00 -16.14 -14.69
C PRO J 90 9.88 -16.63 -15.62
N THR J 91 9.48 -15.74 -16.54
CA THR J 91 8.52 -16.05 -17.58
C THR J 91 9.12 -17.01 -18.59
N SER J 92 10.39 -16.78 -18.94
CA SER J 92 11.07 -17.59 -19.95
C SER J 92 11.03 -19.08 -19.59
N ALA J 93 11.11 -19.39 -18.29
CA ALA J 93 11.04 -20.78 -17.85
C ALA J 93 9.66 -21.39 -18.11
N THR J 94 8.59 -20.63 -17.87
CA THR J 94 7.25 -21.17 -18.11
C THR J 94 7.05 -21.35 -19.63
N VAL J 95 7.63 -20.45 -20.44
CA VAL J 95 7.51 -20.56 -21.89
C VAL J 95 8.29 -21.78 -22.39
N ALA J 96 9.50 -21.99 -21.88
CA ALA J 96 10.31 -23.18 -22.22
C ALA J 96 9.56 -24.48 -21.90
N GLU J 97 8.93 -24.56 -20.71
CA GLU J 97 8.15 -25.72 -20.33
C GLU J 97 6.97 -25.91 -21.27
N ALA J 98 6.35 -24.82 -21.71
CA ALA J 98 5.15 -24.87 -22.54
C ALA J 98 5.45 -25.21 -24.01
N ILE J 99 6.71 -25.15 -24.42
CA ILE J 99 7.09 -25.55 -25.77
C ILE J 99 7.78 -26.91 -25.74
N GLY J 100 8.07 -27.41 -24.53
CA GLY J 100 8.79 -28.67 -24.36
C GLY J 100 10.24 -28.56 -24.78
N ALA J 101 10.86 -27.42 -24.47
CA ALA J 101 12.28 -27.22 -24.75
C ALA J 101 13.09 -27.66 -23.54
N THR J 102 12.45 -27.73 -22.38
CA THR J 102 13.07 -28.13 -21.11
C THR J 102 13.59 -29.57 -21.16
N PRO J 103 14.65 -29.92 -20.40
CA PRO J 103 15.41 -29.09 -19.46
C PRO J 103 16.77 -28.61 -20.00
N ASP J 104 17.21 -29.14 -21.15
CA ASP J 104 18.54 -28.82 -21.67
C ASP J 104 18.52 -27.48 -22.39
N LEU J 105 18.52 -26.38 -21.62
CA LEU J 105 18.55 -25.02 -22.17
C LEU J 105 18.91 -24.00 -21.09
N THR J 106 19.25 -22.79 -21.53
CA THR J 106 19.41 -21.66 -20.62
C THR J 106 18.31 -20.67 -20.91
N ALA J 107 17.96 -19.86 -19.92
CA ALA J 107 16.90 -18.87 -20.09
C ALA J 107 17.14 -17.68 -19.17
N ALA J 108 16.46 -16.57 -19.45
CA ALA J 108 16.52 -15.37 -18.62
C ALA J 108 15.40 -14.41 -18.99
N ASP J 109 14.90 -13.68 -17.99
CA ASP J 109 13.89 -12.65 -18.24
C ASP J 109 14.61 -11.34 -18.43
N LEU J 110 14.21 -10.60 -19.45
CA LEU J 110 14.92 -9.39 -19.84
C LEU J 110 14.13 -8.16 -19.46
N GLU J 111 14.82 -7.15 -18.94
CA GLU J 111 14.20 -5.85 -18.68
C GLU J 111 15.05 -4.74 -19.32
N PHE J 112 14.39 -3.94 -20.17
CA PHE J 112 14.97 -2.71 -20.72
C PHE J 112 13.85 -1.94 -21.42
N ALA J 113 12.85 -1.52 -20.64
CA ALA J 113 11.66 -0.88 -21.20
C ALA J 113 11.19 -1.61 -22.45
N CYS J 114 10.96 -0.91 -23.57
CA CYS J 114 10.36 -1.52 -24.75
C CYS J 114 11.42 -2.13 -25.69
N LYS J 115 12.70 -2.03 -25.31
CA LYS J 115 13.81 -2.60 -26.07
C LYS J 115 14.06 -4.06 -25.65
N ALA J 116 13.48 -4.49 -24.52
CA ALA J 116 13.79 -5.81 -23.96
C ALA J 116 13.74 -6.91 -25.00
N GLY J 117 12.74 -6.85 -25.87
CA GLY J 117 12.51 -7.92 -26.84
C GLY J 117 13.66 -8.10 -27.80
N THR J 118 14.11 -6.99 -28.41
CA THR J 118 15.20 -7.00 -29.37
C THR J 118 16.56 -7.24 -28.72
N ALA J 119 16.67 -6.98 -27.42
CA ALA J 119 17.90 -7.27 -26.69
C ALA J 119 18.22 -8.76 -26.75
N GLY J 120 17.18 -9.57 -26.62
CA GLY J 120 17.33 -11.01 -26.60
C GLY J 120 17.60 -11.58 -27.97
N ILE J 121 17.11 -10.91 -29.02
CA ILE J 121 17.41 -11.34 -30.39
C ILE J 121 18.91 -11.31 -30.58
N GLN J 122 19.54 -10.23 -30.10
CA GLN J 122 20.99 -10.08 -30.15
C GLN J 122 21.68 -11.17 -29.33
N MET J 123 21.12 -11.52 -28.16
CA MET J 123 21.69 -12.57 -27.33
C MET J 123 21.66 -13.91 -28.04
N CYS J 124 20.53 -14.23 -28.69
CA CYS J 124 20.39 -15.47 -29.45
C CYS J 124 21.36 -15.47 -30.62
N MET J 125 21.48 -14.33 -31.32
CA MET J 125 22.43 -14.20 -32.42
C MET J 125 23.82 -14.63 -31.98
N GLY J 126 24.28 -14.10 -30.85
CA GLY J 126 25.61 -14.42 -30.34
C GLY J 126 25.82 -15.88 -30.03
N LEU J 127 24.86 -16.49 -29.33
CA LEU J 127 25.02 -17.87 -28.86
C LEU J 127 24.97 -18.88 -30.00
N VAL J 128 24.15 -18.62 -31.02
CA VAL J 128 24.05 -19.49 -32.20
C VAL J 128 25.32 -19.30 -33.07
N GLY J 129 25.72 -18.05 -33.25
CA GLY J 129 26.89 -17.68 -34.04
C GLY J 129 28.19 -18.20 -33.46
N SER J 130 28.30 -18.20 -32.13
CA SER J 130 29.49 -18.72 -31.46
C SER J 130 29.50 -20.25 -31.48
N GLY J 131 28.34 -20.86 -31.71
CA GLY J 131 28.19 -22.31 -31.75
C GLY J 131 27.78 -22.90 -30.41
N LEU J 132 27.57 -22.06 -29.41
CA LEU J 132 27.22 -22.55 -28.08
C LEU J 132 25.84 -23.23 -28.05
N ILE J 133 24.91 -22.78 -28.91
CA ILE J 133 23.59 -23.41 -29.03
C ILE J 133 23.28 -23.58 -30.51
N GLU J 134 22.28 -24.40 -30.83
CA GLU J 134 21.90 -24.65 -32.22
C GLU J 134 20.78 -23.69 -32.59
N TYR J 135 19.78 -23.57 -31.71
CA TYR J 135 18.68 -22.64 -31.88
C TYR J 135 18.43 -21.90 -30.57
N GLY J 136 18.12 -20.62 -30.68
CA GLY J 136 17.71 -19.79 -29.56
C GLY J 136 16.41 -19.08 -29.84
N MET J 137 15.58 -18.90 -28.81
CA MET J 137 14.34 -18.15 -29.00
C MET J 137 14.37 -16.84 -28.23
N ALA J 138 13.92 -15.77 -28.87
CA ALA J 138 13.81 -14.45 -28.24
C ALA J 138 12.37 -13.96 -28.35
N ILE J 139 11.77 -13.54 -27.24
CA ILE J 139 10.39 -13.09 -27.25
C ILE J 139 10.27 -11.67 -26.72
N GLY J 140 9.46 -10.87 -27.39
CA GLY J 140 9.07 -9.55 -26.95
C GLY J 140 7.58 -9.53 -26.72
N ALA J 141 7.15 -9.44 -25.46
CA ALA J 141 5.74 -9.46 -25.13
C ALA J 141 5.46 -8.53 -23.96
N ASP J 142 4.24 -8.00 -23.88
CA ASP J 142 3.87 -7.12 -22.78
C ASP J 142 2.35 -7.00 -22.67
N THR J 143 1.86 -6.75 -21.44
CA THR J 143 0.45 -6.45 -21.18
C THR J 143 0.37 -5.07 -20.56
N ALA J 144 0.84 -4.08 -21.32
CA ALA J 144 1.06 -2.72 -20.82
C ALA J 144 -0.19 -2.17 -20.18
N GLN J 145 -0.02 -1.31 -19.18
CA GLN J 145 -1.14 -0.63 -18.58
C GLN J 145 -0.80 0.85 -18.41
N GLY J 146 -1.65 1.69 -18.98
CA GLY J 146 -1.53 3.14 -18.89
C GLY J 146 -2.32 3.67 -17.72
N ALA J 147 -1.85 4.76 -17.11
CA ALA J 147 -2.55 5.37 -15.97
C ALA J 147 -3.92 5.86 -16.39
N PRO J 148 -4.95 5.61 -15.58
CA PRO J 148 -6.32 5.91 -16.02
C PRO J 148 -6.54 7.29 -16.62
N GLY J 149 -6.09 8.33 -15.95
CA GLY J 149 -6.26 9.68 -16.45
C GLY J 149 -5.34 10.04 -17.61
N ASP J 150 -4.23 9.30 -17.76
CA ASP J 150 -3.11 9.73 -18.61
C ASP J 150 -3.36 9.46 -20.09
N ALA J 151 -2.52 10.05 -20.93
CA ALA J 151 -2.54 9.84 -22.37
C ALA J 151 -2.02 8.46 -22.75
N LEU J 152 -1.20 7.86 -21.88
CA LEU J 152 -0.62 6.56 -22.18
C LEU J 152 -1.72 5.53 -22.18
N GLU J 153 -2.88 5.90 -21.63
CA GLU J 153 -4.03 5.02 -21.58
C GLU J 153 -4.61 4.79 -22.98
N TYR J 154 -4.34 5.70 -23.92
CA TYR J 154 -4.86 5.54 -25.28
C TYR J 154 -4.01 4.56 -26.08
N THR J 155 -2.74 4.40 -25.72
CA THR J 155 -1.82 3.55 -26.48
C THR J 155 -1.46 2.23 -25.78
N ALA J 156 -1.29 2.24 -24.45
CA ALA J 156 -0.78 1.07 -23.72
C ALA J 156 -1.57 -0.18 -24.09
N SER J 157 -0.88 -1.23 -24.57
CA SER J 157 -1.59 -2.40 -25.11
C SER J 157 -0.83 -3.69 -24.89
N ALA J 158 -1.50 -4.84 -25.10
CA ALA J 158 -0.87 -6.14 -24.96
C ALA J 158 -0.66 -6.82 -26.32
N GLY J 159 0.49 -7.46 -26.45
CA GLY J 159 0.84 -8.18 -27.66
C GLY J 159 2.22 -8.79 -27.50
N GLY J 160 2.54 -9.76 -28.34
CA GLY J 160 3.81 -10.46 -28.25
C GLY J 160 4.32 -10.96 -29.58
N ALA J 161 5.60 -11.31 -29.61
CA ALA J 161 6.20 -11.88 -30.82
C ALA J 161 7.50 -12.59 -30.50
N ALA J 162 7.66 -13.80 -31.05
CA ALA J 162 8.83 -14.63 -30.80
C ALA J 162 9.60 -14.88 -32.10
N TYR J 163 10.90 -15.06 -31.97
CA TYR J 163 11.79 -15.29 -33.09
C TYR J 163 12.76 -16.42 -32.74
N ILE J 164 12.88 -17.41 -33.63
CA ILE J 164 13.85 -18.49 -33.45
C ILE J 164 15.04 -18.28 -34.37
N ILE J 165 16.24 -18.26 -33.79
CA ILE J 165 17.46 -17.94 -34.52
C ILE J 165 18.26 -19.20 -34.76
N GLY J 166 18.75 -19.38 -35.98
CA GLY J 166 19.50 -20.58 -36.38
C GLY J 166 20.70 -20.29 -37.25
N ASN J 167 21.51 -21.33 -37.55
CA ASN J 167 22.71 -21.16 -38.37
C ASN J 167 22.67 -21.98 -39.66
N LYS J 168 21.72 -22.93 -39.78
CA LYS J 168 21.56 -23.74 -40.98
C LYS J 168 21.02 -22.89 -42.13
N LYS J 169 21.73 -22.90 -43.27
CA LYS J 169 21.41 -22.06 -44.44
C LYS J 169 20.03 -22.39 -45.00
N ASP J 170 19.70 -23.68 -45.09
CA ASP J 170 18.48 -24.17 -45.72
C ASP J 170 17.23 -23.92 -44.85
N GLU J 171 17.43 -23.53 -43.57
CA GLU J 171 16.32 -23.32 -42.64
C GLU J 171 15.96 -21.82 -42.48
N MET J 172 16.86 -20.92 -42.89
CA MET J 172 16.68 -19.48 -42.70
C MET J 172 15.64 -18.89 -43.65
N ILE J 173 14.74 -18.05 -43.13
CA ILE J 173 13.77 -17.30 -43.93
C ILE J 173 14.22 -15.85 -43.99
N ALA J 174 15.20 -15.51 -43.16
CA ALA J 174 15.78 -14.18 -43.18
C ALA J 174 17.17 -14.23 -42.56
N VAL J 175 18.04 -13.29 -42.96
CA VAL J 175 19.44 -13.35 -42.57
C VAL J 175 19.90 -12.03 -41.95
N PHE J 176 20.59 -12.11 -40.82
CA PHE J 176 21.16 -10.93 -40.18
C PHE J 176 22.41 -10.50 -40.92
N ASN J 177 22.40 -9.27 -41.44
CA ASN J 177 23.58 -8.69 -42.08
C ASN J 177 24.44 -8.00 -41.02
N GLY J 178 23.79 -7.52 -39.97
CA GLY J 178 24.48 -6.88 -38.87
C GLY J 178 23.55 -6.23 -37.87
N THR J 179 24.07 -5.96 -36.67
CA THR J 179 23.30 -5.28 -35.62
C THR J 179 24.13 -4.17 -35.02
N TYR J 180 23.46 -3.16 -34.47
CA TYR J 180 24.13 -2.04 -33.82
C TYR J 180 23.26 -1.53 -32.68
N SER J 181 23.88 -1.02 -31.61
CA SER J 181 23.12 -0.52 -30.47
C SER J 181 23.69 0.80 -29.96
N TYR J 182 22.80 1.71 -29.60
CA TYR J 182 23.15 3.00 -29.04
C TYR J 182 22.49 3.11 -27.68
N THR J 183 23.29 3.23 -26.61
CA THR J 183 22.74 3.23 -25.26
C THR J 183 23.37 4.32 -24.40
N THR J 184 22.53 5.07 -23.68
CA THR J 184 23.00 6.04 -22.69
C THR J 184 22.18 5.93 -21.39
N ASP J 185 22.49 6.78 -20.39
CA ASP J 185 21.67 6.86 -19.19
C ASP J 185 20.75 8.08 -19.32
N THR J 186 19.43 7.85 -19.45
CA THR J 186 18.48 8.95 -19.65
C THR J 186 17.24 8.79 -18.77
N PRO J 187 16.91 9.84 -18.00
CA PRO J 187 15.73 9.74 -17.12
C PRO J 187 14.46 10.25 -17.78
N ASP J 188 14.15 9.77 -18.99
CA ASP J 188 12.94 10.22 -19.68
C ASP J 188 11.70 9.53 -19.14
N PHE J 189 11.83 8.24 -18.81
CA PHE J 189 10.70 7.46 -18.34
C PHE J 189 11.21 6.32 -17.49
N TRP J 190 10.50 6.01 -16.41
CA TRP J 190 10.94 4.98 -15.49
C TRP J 190 9.76 4.52 -14.62
N ARG J 191 9.97 3.45 -13.86
CA ARG J 191 9.01 3.05 -12.84
C ARG J 191 9.78 2.42 -11.70
N ARG J 192 9.57 2.90 -10.48
CA ARG J 192 10.34 2.38 -9.37
C ARG J 192 9.65 1.21 -8.69
N GLU J 193 10.46 0.25 -8.19
CA GLU J 193 9.98 -1.05 -7.72
C GLU J 193 8.61 -1.00 -7.06
N GLY J 194 8.39 -0.03 -6.19
CA GLY J 194 7.13 0.08 -5.47
C GLY J 194 5.93 0.35 -6.36
N GLN J 195 6.08 1.30 -7.30
CA GLN J 195 4.93 1.87 -8.00
C GLN J 195 4.33 0.93 -9.05
N SER J 196 2.99 1.01 -9.18
CA SER J 196 2.20 0.21 -10.12
C SER J 196 2.15 0.89 -11.48
N TYR J 197 2.10 2.24 -11.48
CA TYR J 197 2.10 3.01 -12.72
C TYR J 197 3.39 3.82 -12.86
N PRO J 198 3.86 4.01 -14.10
CA PRO J 198 5.14 4.71 -14.29
C PRO J 198 5.02 6.22 -14.22
N LYS J 199 6.17 6.90 -14.16
CA LYS J 199 6.25 8.36 -14.20
C LYS J 199 7.08 8.74 -15.42
N HIS J 200 6.69 9.81 -16.13
CA HIS J 200 7.39 10.24 -17.34
C HIS J 200 7.79 11.72 -17.25
N GLY J 201 8.72 12.13 -18.10
CA GLY J 201 9.23 13.50 -18.13
C GLY J 201 8.49 14.41 -19.09
N GLY J 202 7.49 13.87 -19.79
CA GLY J 202 6.65 14.66 -20.67
C GLY J 202 7.26 14.88 -22.04
N ARG J 203 7.61 16.13 -22.37
CA ARG J 203 8.17 16.43 -23.70
C ARG J 203 9.63 16.04 -23.79
N PHE J 204 10.28 15.79 -22.65
CA PHE J 204 11.67 15.35 -22.63
C PHE J 204 11.80 13.92 -23.18
N THR J 205 10.67 13.19 -23.28
CA THR J 205 10.65 11.82 -23.78
C THR J 205 10.88 11.77 -25.28
N GLY J 206 10.44 12.81 -25.98
CA GLY J 206 10.51 12.84 -27.43
C GLY J 206 11.89 13.16 -27.94
N GLU J 207 12.15 14.41 -28.30
CA GLU J 207 13.33 14.77 -29.08
C GLU J 207 14.62 14.26 -28.42
N PRO J 208 14.82 14.56 -27.12
CA PRO J 208 16.13 14.24 -26.51
C PRO J 208 16.35 12.76 -26.23
N ALA J 209 15.29 11.96 -26.28
CA ALA J 209 15.39 10.55 -25.88
C ALA J 209 15.04 9.62 -27.02
N TYR J 210 13.77 9.63 -27.45
CA TYR J 210 13.30 8.71 -28.48
C TYR J 210 14.02 8.98 -29.79
N PHE J 211 14.03 10.23 -30.26
CA PHE J 211 14.63 10.55 -31.55
C PHE J 211 16.13 10.42 -31.48
N LYS J 212 16.73 10.94 -30.41
CA LYS J 212 18.18 10.86 -30.22
C LYS J 212 18.70 9.43 -30.41
N HIS J 213 18.06 8.45 -29.75
CA HIS J 213 18.57 7.08 -29.74
C HIS J 213 18.18 6.34 -31.01
N VAL J 214 16.93 6.51 -31.47
CA VAL J 214 16.46 5.81 -32.66
C VAL J 214 17.24 6.23 -33.89
N LEU J 215 17.42 7.54 -34.08
CA LEU J 215 18.08 8.04 -35.28
C LEU J 215 19.57 7.75 -35.23
N ASN J 216 20.20 7.87 -34.06
CA ASN J 216 21.62 7.55 -33.93
C ASN J 216 21.86 6.08 -34.23
N ALA J 217 20.95 5.21 -33.78
CA ALA J 217 21.10 3.77 -34.02
C ALA J 217 20.86 3.46 -35.50
N ALA J 218 19.92 4.16 -36.13
CA ALA J 218 19.67 3.97 -37.56
C ALA J 218 20.87 4.45 -38.38
N LYS J 219 21.40 5.62 -38.03
CA LYS J 219 22.59 6.16 -38.68
C LYS J 219 23.78 5.22 -38.45
N GLY J 220 23.94 4.71 -37.24
CA GLY J 220 25.07 3.87 -36.88
C GLY J 220 25.11 2.56 -37.64
N ILE J 221 23.95 1.91 -37.82
CA ILE J 221 23.89 0.63 -38.53
C ILE J 221 24.16 0.84 -40.02
N MET J 222 23.65 1.94 -40.58
CA MET J 222 23.84 2.24 -42.00
C MET J 222 25.29 2.65 -42.28
N GLU J 223 25.97 3.25 -41.31
CA GLU J 223 27.40 3.50 -41.40
C GLU J 223 28.17 2.18 -41.27
N LYS J 224 27.73 1.30 -40.38
CA LYS J 224 28.38 0.01 -40.19
C LYS J 224 28.26 -0.87 -41.45
N MET J 225 27.12 -0.77 -42.15
CA MET J 225 26.82 -1.62 -43.29
C MET J 225 27.16 -0.90 -44.60
N GLY J 226 27.50 0.38 -44.50
CA GLY J 226 27.79 1.20 -45.66
C GLY J 226 26.59 1.32 -46.58
N THR J 227 25.42 1.64 -46.02
CA THR J 227 24.19 1.67 -46.78
C THR J 227 23.50 3.02 -46.70
N THR J 228 22.40 3.15 -47.44
CA THR J 228 21.57 4.34 -47.45
C THR J 228 20.10 3.95 -47.36
N VAL J 229 19.23 4.94 -47.18
CA VAL J 229 17.79 4.71 -47.06
C VAL J 229 17.20 4.13 -48.34
N LYS J 230 17.87 4.32 -49.48
CA LYS J 230 17.41 3.76 -50.76
C LYS J 230 17.64 2.25 -50.82
N ASP J 231 18.62 1.73 -50.07
CA ASP J 231 18.98 0.32 -50.11
C ASP J 231 17.93 -0.57 -49.43
N TYR J 232 17.14 -0.02 -48.50
CA TYR J 232 16.19 -0.81 -47.72
C TYR J 232 14.80 -0.84 -48.35
N ASP J 233 14.17 -2.02 -48.36
CA ASP J 233 12.86 -2.21 -48.98
C ASP J 233 11.76 -1.85 -47.98
N TYR J 234 11.92 -2.27 -46.71
CA TYR J 234 10.96 -1.95 -45.64
C TYR J 234 11.70 -1.50 -44.38
N CYS J 235 11.00 -0.83 -43.48
CA CYS J 235 11.58 -0.38 -42.21
C CYS J 235 10.57 -0.51 -41.08
N VAL J 236 11.06 -0.77 -39.86
CA VAL J 236 10.23 -0.74 -38.67
C VAL J 236 10.96 -0.05 -37.53
N PHE J 237 10.30 0.96 -36.95
CA PHE J 237 10.83 1.71 -35.82
C PHE J 237 9.95 1.47 -34.62
N HIS J 238 10.40 1.94 -33.45
CA HIS J 238 9.57 1.87 -32.27
C HIS J 238 8.38 2.80 -32.41
N GLN J 239 7.21 2.35 -31.92
CA GLN J 239 5.94 3.03 -32.13
C GLN J 239 5.25 3.33 -30.82
N PRO J 240 5.80 4.23 -29.98
CA PRO J 240 5.03 4.68 -28.83
C PRO J 240 3.74 5.34 -29.30
N ASN J 241 3.88 6.25 -30.26
CA ASN J 241 2.76 6.93 -30.90
C ASN J 241 2.94 6.77 -32.40
N GLY J 242 1.85 6.90 -33.15
CA GLY J 242 1.95 6.90 -34.61
C GLY J 242 2.79 8.05 -35.11
N LYS J 243 2.58 9.23 -34.53
CA LYS J 243 3.35 10.43 -34.87
C LYS J 243 4.86 10.18 -34.78
N PHE J 244 5.36 9.69 -33.63
CA PHE J 244 6.80 9.52 -33.43
C PHE J 244 7.37 8.63 -34.52
N TYR J 245 6.68 7.53 -34.80
CA TYR J 245 7.14 6.56 -35.78
C TYR J 245 7.34 7.21 -37.15
N ILE J 246 6.31 7.93 -37.62
CA ILE J 246 6.35 8.53 -38.95
C ILE J 246 7.42 9.62 -39.00
N LYS J 247 7.46 10.51 -38.01
CA LYS J 247 8.46 11.56 -37.99
C LYS J 247 9.86 10.97 -38.14
N ALA J 248 10.15 9.86 -37.44
CA ALA J 248 11.46 9.22 -37.51
C ALA J 248 11.71 8.68 -38.91
N ALA J 249 10.71 8.00 -39.48
CA ALA J 249 10.83 7.41 -40.81
C ALA J 249 11.06 8.50 -41.84
N LYS J 250 10.22 9.53 -41.81
CA LYS J 250 10.31 10.66 -42.73
C LYS J 250 11.65 11.39 -42.56
N SER J 251 12.10 11.53 -41.32
CA SER J 251 13.37 12.18 -41.02
C SER J 251 14.54 11.48 -41.73
N LEU J 252 14.52 10.14 -41.76
CA LEU J 252 15.60 9.39 -42.37
C LEU J 252 15.43 9.27 -43.89
N GLY J 253 14.25 9.62 -44.38
CA GLY J 253 13.97 9.61 -45.81
C GLY J 253 13.24 8.37 -46.29
N PHE J 254 12.45 7.75 -45.41
CA PHE J 254 11.68 6.58 -45.80
C PHE J 254 10.31 7.00 -46.30
N THR J 255 9.85 6.38 -47.40
CA THR J 255 8.52 6.68 -47.92
C THR J 255 7.47 5.81 -47.26
N ASN J 256 6.19 6.18 -47.40
CA ASN J 256 5.08 5.43 -46.82
C ASN J 256 5.16 3.95 -47.20
N GLU J 257 5.49 3.66 -48.47
CA GLU J 257 5.54 2.29 -48.94
C GLU J 257 6.57 1.48 -48.15
N GLN J 258 7.62 2.16 -47.66
CA GLN J 258 8.69 1.47 -46.92
C GLN J 258 8.30 1.24 -45.46
N TYR J 259 7.57 2.18 -44.85
CA TYR J 259 7.31 2.10 -43.42
C TYR J 259 5.91 1.65 -43.07
N LYS J 260 5.03 1.57 -44.07
CA LYS J 260 3.60 1.29 -43.88
C LYS J 260 3.35 -0.07 -43.19
N TYR J 261 4.17 -1.07 -43.50
CA TYR J 261 3.95 -2.44 -43.02
C TYR J 261 4.33 -2.59 -41.53
N GLY J 262 5.34 -1.85 -41.11
CA GLY J 262 5.85 -1.93 -39.74
C GLY J 262 4.99 -1.19 -38.71
N LEU J 263 4.23 -0.18 -39.15
CA LEU J 263 3.43 0.62 -38.23
C LEU J 263 2.08 -0.05 -37.93
N LEU J 264 1.90 -0.56 -36.70
CA LEU J 264 0.67 -1.23 -36.28
C LEU J 264 -0.09 -0.46 -35.20
N THR J 265 0.52 0.58 -34.64
CA THR J 265 0.03 1.25 -33.44
C THR J 265 -1.34 1.90 -33.61
N PRO J 266 -1.72 2.38 -34.79
CA PRO J 266 -3.04 3.02 -34.89
C PRO J 266 -4.20 2.08 -34.56
N TYR J 267 -4.02 0.75 -34.76
CA TYR J 267 -5.10 -0.19 -34.48
C TYR J 267 -4.73 -1.24 -33.42
N LEU J 268 -3.47 -1.24 -32.97
CA LEU J 268 -2.99 -2.20 -31.99
C LEU J 268 -2.62 -1.51 -30.67
N GLY J 269 -2.13 -0.29 -30.76
CA GLY J 269 -1.55 0.41 -29.63
C GLY J 269 -0.09 0.07 -29.45
N ASN J 270 0.51 0.58 -28.37
CA ASN J 270 1.92 0.33 -28.05
C ASN J 270 2.04 -0.92 -27.20
N THR J 271 2.57 -2.00 -27.78
CA THR J 271 2.77 -3.25 -27.05
C THR J 271 4.17 -3.28 -26.43
N TYR J 272 4.79 -2.11 -26.27
CA TYR J 272 6.03 -1.98 -25.54
C TYR J 272 7.07 -2.96 -26.07
N SER J 273 7.37 -4.04 -25.34
CA SER J 273 8.46 -4.93 -25.76
C SER J 273 8.08 -5.75 -26.99
N GLY J 274 6.79 -5.85 -27.28
CA GLY J 274 6.29 -6.55 -28.45
C GLY J 274 6.17 -5.69 -29.70
N ALA J 275 6.32 -4.37 -29.56
CA ALA J 275 6.01 -3.42 -30.63
C ALA J 275 6.78 -3.71 -31.91
N VAL J 276 8.11 -3.54 -31.89
CA VAL J 276 8.92 -3.73 -33.08
C VAL J 276 8.87 -5.19 -33.55
N PRO J 277 9.02 -6.14 -32.61
CA PRO J 277 8.86 -7.56 -32.98
C PRO J 277 7.57 -7.83 -33.74
N LEU J 278 6.45 -7.24 -33.30
CA LEU J 278 5.18 -7.45 -33.98
C LEU J 278 5.21 -6.76 -35.34
N GLY J 279 5.81 -5.58 -35.41
CA GLY J 279 5.91 -4.85 -36.66
C GLY J 279 6.73 -5.62 -37.67
N LEU J 280 7.90 -6.06 -37.24
CA LEU J 280 8.79 -6.89 -38.07
C LEU J 280 8.10 -8.15 -38.55
N SER J 281 7.26 -8.75 -37.69
CA SER J 281 6.56 -9.97 -38.08
C SER J 281 5.58 -9.68 -39.21
N ASN J 282 4.95 -8.51 -39.20
CA ASN J 282 4.00 -8.15 -40.25
C ASN J 282 4.73 -7.85 -41.55
N ILE J 283 5.90 -7.24 -41.47
CA ILE J 283 6.72 -7.03 -42.65
C ILE J 283 7.09 -8.40 -43.24
N LEU J 284 7.51 -9.36 -42.40
CA LEU J 284 7.87 -10.70 -42.87
C LEU J 284 6.67 -11.44 -43.46
N ASP J 285 5.46 -11.14 -43.00
CA ASP J 285 4.26 -11.79 -43.53
C ASP J 285 4.03 -11.36 -44.99
N HIS J 286 4.45 -10.13 -45.34
CA HIS J 286 4.21 -9.58 -46.67
C HIS J 286 5.46 -9.63 -47.56
N ALA J 287 6.64 -9.77 -46.97
CA ALA J 287 7.89 -9.55 -47.67
C ALA J 287 8.15 -10.59 -48.75
N GLU J 288 8.88 -10.18 -49.80
CA GLU J 288 9.27 -11.04 -50.91
C GLU J 288 10.75 -11.42 -50.77
N GLU J 289 11.20 -12.41 -51.53
CA GLU J 289 12.59 -12.84 -51.45
C GLU J 289 13.55 -11.69 -51.79
N GLY J 290 14.61 -11.56 -50.99
CA GLY J 290 15.64 -10.56 -51.23
C GLY J 290 15.32 -9.19 -50.68
N ALA J 291 14.21 -9.06 -49.95
CA ALA J 291 13.83 -7.77 -49.36
C ALA J 291 14.78 -7.40 -48.21
N ARG J 292 15.27 -6.15 -48.23
CA ARG J 292 16.16 -5.61 -47.20
C ARG J 292 15.34 -4.83 -46.17
N ILE J 293 15.51 -5.16 -44.87
CA ILE J 293 14.71 -4.57 -43.80
C ILE J 293 15.60 -3.84 -42.81
N LEU J 294 15.17 -2.65 -42.40
CA LEU J 294 15.81 -1.93 -41.30
C LEU J 294 14.87 -1.92 -40.11
N ALA J 295 15.31 -2.49 -38.98
CA ALA J 295 14.50 -2.51 -37.77
C ALA J 295 15.24 -1.82 -36.63
N VAL J 296 14.66 -0.75 -36.07
CA VAL J 296 15.29 -0.05 -34.95
C VAL J 296 14.33 0.02 -33.76
N SER J 297 14.74 -0.52 -32.61
CA SER J 297 13.90 -0.48 -31.41
C SER J 297 14.32 0.67 -30.50
N TYR J 298 13.53 0.94 -29.46
CA TYR J 298 13.85 1.96 -28.47
C TYR J 298 13.34 1.58 -27.09
N GLY J 299 14.13 1.87 -26.07
CA GLY J 299 13.78 1.59 -24.69
C GLY J 299 14.01 2.80 -23.80
N SER J 300 13.02 3.10 -22.96
CA SER J 300 12.95 4.33 -22.17
C SER J 300 14.21 4.64 -21.36
N GLY J 301 14.86 3.63 -20.81
CA GLY J 301 16.05 3.88 -20.01
C GLY J 301 17.17 4.59 -20.76
N ALA J 302 17.08 4.51 -22.09
CA ALA J 302 17.95 5.18 -23.06
C ALA J 302 18.74 4.13 -23.84
N GLY J 303 18.03 3.39 -24.69
CA GLY J 303 18.65 2.38 -25.53
C GLY J 303 17.94 2.15 -26.85
N SER J 304 18.70 1.71 -27.84
CA SER J 304 18.17 1.37 -29.16
C SER J 304 18.93 0.18 -29.75
N ASP J 305 18.20 -0.74 -30.40
CA ASP J 305 18.82 -1.86 -31.12
C ASP J 305 18.44 -1.76 -32.59
N ALA J 306 19.44 -1.77 -33.47
CA ALA J 306 19.20 -1.69 -34.91
C ALA J 306 19.52 -3.02 -35.56
N PHE J 307 18.74 -3.42 -36.57
CA PHE J 307 18.99 -4.66 -37.30
C PHE J 307 18.96 -4.44 -38.80
N ASP J 308 19.85 -5.12 -39.53
CA ASP J 308 19.84 -5.15 -40.98
C ASP J 308 19.52 -6.58 -41.43
N ILE J 309 18.32 -6.76 -41.98
CA ILE J 309 17.78 -8.09 -42.28
C ILE J 309 17.64 -8.26 -43.79
N THR J 310 17.83 -9.48 -44.31
CA THR J 310 17.48 -9.80 -45.70
C THR J 310 16.59 -11.05 -45.76
N VAL J 311 15.49 -10.96 -46.51
CA VAL J 311 14.53 -12.06 -46.66
C VAL J 311 15.09 -13.16 -47.55
N THR J 312 14.62 -14.39 -47.33
CA THR J 312 15.07 -15.56 -48.08
C THR J 312 13.87 -16.18 -48.84
N GLU J 313 14.14 -16.97 -49.92
CA GLU J 313 13.11 -17.62 -50.73
C GLU J 313 12.19 -18.55 -49.91
N ARG J 314 12.66 -19.01 -48.73
CA ARG J 314 11.89 -19.92 -47.88
C ARG J 314 10.69 -19.20 -47.25
N ILE J 315 10.62 -17.87 -47.40
CA ILE J 315 9.53 -17.08 -46.84
C ILE J 315 8.15 -17.63 -47.26
N LYS J 316 7.94 -17.86 -48.56
CA LYS J 316 6.63 -18.28 -49.07
C LYS J 316 6.10 -19.52 -48.36
N GLU J 317 7.00 -20.39 -47.89
CA GLU J 317 6.61 -21.69 -47.34
C GLU J 317 6.06 -21.59 -45.93
N VAL J 318 6.67 -20.73 -45.09
CA VAL J 318 6.37 -20.72 -43.65
C VAL J 318 5.25 -19.76 -43.27
N VAL J 319 5.05 -18.68 -44.05
CA VAL J 319 4.10 -17.62 -43.73
C VAL J 319 2.73 -18.16 -43.28
N ASP J 320 2.21 -19.18 -43.96
CA ASP J 320 0.85 -19.66 -43.70
C ASP J 320 0.82 -20.76 -42.63
N LYS J 321 1.99 -21.16 -42.12
CA LYS J 321 2.10 -22.24 -41.12
C LYS J 321 1.51 -21.82 -39.76
N ALA J 322 1.32 -20.51 -39.56
CA ALA J 322 0.78 -19.97 -38.32
C ALA J 322 -0.04 -18.72 -38.63
N PRO J 323 -0.78 -18.18 -37.64
CA PRO J 323 -1.62 -17.00 -37.93
C PRO J 323 -0.80 -15.75 -38.27
N LYS J 324 -1.17 -15.07 -39.36
CA LYS J 324 -0.54 -13.81 -39.74
C LYS J 324 -0.86 -12.73 -38.70
N THR J 325 0.10 -11.85 -38.46
CA THR J 325 -0.06 -10.76 -37.51
C THR J 325 -1.32 -9.95 -37.80
N LEU J 326 -1.56 -9.66 -39.08
CA LEU J 326 -2.68 -8.82 -39.49
C LEU J 326 -4.02 -9.53 -39.25
N ASP J 327 -4.02 -10.87 -39.33
CA ASP J 327 -5.24 -11.66 -39.09
C ASP J 327 -5.60 -11.64 -37.61
N LEU J 328 -4.60 -11.79 -36.73
CA LEU J 328 -4.81 -11.71 -35.29
C LEU J 328 -5.32 -10.32 -34.93
N LEU J 329 -4.79 -9.29 -35.62
CA LEU J 329 -5.12 -7.90 -35.37
C LEU J 329 -6.57 -7.56 -35.78
N ASN J 330 -7.14 -8.32 -36.71
CA ASN J 330 -8.49 -8.01 -37.22
C ASN J 330 -9.52 -8.94 -36.64
N ARG J 331 -9.08 -10.03 -36.03
CA ARG J 331 -9.97 -10.85 -35.23
C ARG J 331 -10.14 -10.14 -33.89
N LYS J 332 -11.26 -9.42 -33.71
CA LYS J 332 -11.37 -8.55 -32.55
C LYS J 332 -12.77 -8.40 -31.96
N LYS J 333 -12.83 -8.06 -30.66
CA LYS J 333 -14.06 -7.76 -29.95
C LYS J 333 -13.91 -6.42 -29.23
N TYR J 334 -14.80 -5.47 -29.49
CA TYR J 334 -14.69 -4.17 -28.84
C TYR J 334 -15.35 -4.19 -27.47
N ILE J 335 -14.78 -3.41 -26.53
CA ILE J 335 -15.34 -3.29 -25.19
C ILE J 335 -15.44 -1.82 -24.81
N ASP J 336 -16.29 -1.52 -23.84
CA ASP J 336 -16.36 -0.16 -23.30
C ASP J 336 -15.33 0.01 -22.19
N TYR J 337 -15.29 1.20 -21.60
CA TYR J 337 -14.25 1.54 -20.63
C TYR J 337 -14.49 0.80 -19.30
N ALA J 338 -15.75 0.66 -18.88
CA ALA J 338 -16.07 -0.08 -17.66
C ALA J 338 -15.51 -1.49 -17.70
N VAL J 339 -15.85 -2.25 -18.74
CA VAL J 339 -15.36 -3.62 -18.90
C VAL J 339 -13.85 -3.62 -18.98
N TYR J 340 -13.29 -2.60 -19.64
CA TYR J 340 -11.86 -2.49 -19.78
C TYR J 340 -11.18 -2.36 -18.41
N VAL J 341 -11.63 -1.43 -17.55
CA VAL J 341 -11.02 -1.31 -16.22
C VAL J 341 -11.24 -2.57 -15.40
N LYS J 342 -12.40 -3.23 -15.58
CA LYS J 342 -12.64 -4.53 -14.96
C LYS J 342 -11.60 -5.54 -15.40
N TYR J 343 -11.47 -5.74 -16.70
CA TYR J 343 -10.51 -6.71 -17.22
C TYR J 343 -9.11 -6.44 -16.70
N ARG J 344 -8.70 -5.17 -16.66
CA ARG J 344 -7.30 -4.83 -16.39
C ARG J 344 -6.95 -4.85 -14.92
N GLY J 345 -7.97 -5.01 -14.06
CA GLY J 345 -7.78 -4.92 -12.62
C GLY J 345 -7.42 -3.52 -12.18
N LYS J 346 -7.84 -2.53 -12.98
CA LYS J 346 -7.58 -1.12 -12.69
C LYS J 346 -8.48 -0.65 -11.55
N ILE J 347 -9.60 -1.33 -11.32
CA ILE J 347 -10.47 -0.95 -10.20
C ILE J 347 -10.02 -1.64 -8.91
N LYS J 348 -10.04 -0.87 -7.81
CA LYS J 348 -9.62 -1.37 -6.50
C LYS J 348 -10.59 -2.44 -6.01
N ILE J 349 -10.05 -3.57 -5.53
CA ILE J 349 -10.88 -4.70 -5.12
C ILE J 349 -10.36 -5.27 -3.81
N LYS K 2 -36.59 19.93 31.36
CA LYS K 2 -37.96 19.45 31.51
C LYS K 2 -38.38 18.66 30.26
N ASP K 3 -38.43 19.31 29.10
CA ASP K 3 -38.74 18.64 27.83
C ASP K 3 -37.64 18.92 26.81
N ILE K 4 -37.18 17.86 26.13
CA ILE K 4 -36.16 17.98 25.09
C ILE K 4 -36.84 17.73 23.75
N GLY K 5 -36.37 18.40 22.71
CA GLY K 5 -36.98 18.27 21.39
C GLY K 5 -36.16 18.82 20.25
N ILE K 6 -36.55 18.49 19.02
CA ILE K 6 -35.91 19.00 17.82
C ILE K 6 -36.44 20.38 17.52
N VAL K 7 -35.55 21.38 17.39
CA VAL K 7 -35.95 22.74 17.04
C VAL K 7 -35.70 23.01 15.56
N GLY K 8 -34.78 22.26 14.96
CA GLY K 8 -34.47 22.40 13.55
C GLY K 8 -33.83 21.16 12.96
N TYR K 9 -34.16 20.87 11.69
CA TYR K 9 -33.57 19.74 10.98
C TYR K 9 -33.31 20.09 9.54
N GLY K 10 -32.33 19.42 8.94
CA GLY K 10 -31.91 19.70 7.58
C GLY K 10 -31.30 18.49 6.93
N SER K 11 -31.20 18.50 5.61
CA SER K 11 -30.71 17.33 4.88
C SER K 11 -30.06 17.71 3.56
N TYR K 12 -29.18 16.83 3.07
CA TYR K 12 -28.52 17.05 1.79
C TYR K 12 -28.27 15.73 1.10
N ILE K 13 -28.49 15.70 -0.22
CA ILE K 13 -28.21 14.56 -1.07
C ILE K 13 -27.53 15.06 -2.33
N PRO K 14 -26.36 14.52 -2.71
CA PRO K 14 -25.73 14.95 -3.97
C PRO K 14 -26.58 14.62 -5.20
N LYS K 15 -26.29 15.27 -6.34
CA LYS K 15 -27.17 15.16 -7.50
C LYS K 15 -26.97 13.88 -8.29
N TYR K 16 -25.77 13.32 -8.30
CA TYR K 16 -25.47 12.21 -9.19
C TYR K 16 -26.10 10.91 -8.72
N ARG K 17 -26.62 10.11 -9.67
CA ARG K 17 -27.17 8.78 -9.39
C ARG K 17 -26.53 7.76 -10.29
N ILE K 18 -26.59 6.49 -9.90
CA ILE K 18 -26.28 5.40 -10.79
C ILE K 18 -27.30 4.29 -10.58
N LYS K 19 -27.96 3.91 -11.69
CA LYS K 19 -28.98 2.85 -11.66
C LYS K 19 -28.29 1.50 -11.42
N VAL K 20 -29.00 0.58 -10.78
CA VAL K 20 -28.54 -0.79 -10.61
C VAL K 20 -28.13 -1.39 -11.96
N GLU K 21 -28.92 -1.09 -12.99
CA GLU K 21 -28.71 -1.62 -14.33
C GLU K 21 -27.29 -1.33 -14.83
N GLU K 22 -26.75 -0.15 -14.49
CA GLU K 22 -25.45 0.28 -14.97
C GLU K 22 -24.32 -0.52 -14.32
N ILE K 23 -24.50 -0.92 -13.06
CA ILE K 23 -23.50 -1.66 -12.30
C ILE K 23 -23.56 -3.12 -12.72
N ALA K 24 -24.76 -3.68 -12.73
CA ALA K 24 -24.99 -5.08 -13.08
C ALA K 24 -24.42 -5.39 -14.45
N LYS K 25 -24.66 -4.49 -15.40
CA LYS K 25 -24.19 -4.61 -16.77
C LYS K 25 -22.70 -4.93 -16.80
N VAL K 26 -21.94 -4.28 -15.95
CA VAL K 26 -20.48 -4.40 -15.93
C VAL K 26 -20.04 -5.73 -15.35
N TRP K 27 -20.80 -6.23 -14.37
CA TRP K 27 -20.37 -7.39 -13.59
C TRP K 27 -21.09 -8.67 -13.99
N GLY K 28 -21.94 -8.59 -15.00
CA GLY K 28 -22.57 -9.77 -15.58
C GLY K 28 -23.67 -10.34 -14.71
N LYS K 29 -24.44 -9.45 -14.07
CA LYS K 29 -25.55 -9.85 -13.20
C LYS K 29 -26.87 -9.42 -13.80
N ASP K 30 -27.96 -10.05 -13.35
CA ASP K 30 -29.30 -9.70 -13.82
C ASP K 30 -29.80 -8.54 -12.98
N PRO K 31 -30.03 -7.37 -13.59
CA PRO K 31 -30.46 -6.22 -12.82
C PRO K 31 -31.80 -6.43 -12.13
N GLU K 32 -32.74 -7.08 -12.80
CA GLU K 32 -34.08 -7.28 -12.25
C GLU K 32 -34.01 -8.15 -11.00
N ALA K 33 -33.10 -9.13 -11.00
CA ALA K 33 -32.90 -10.00 -9.86
C ALA K 33 -32.42 -9.19 -8.66
N ILE K 34 -31.43 -8.31 -8.89
CA ILE K 34 -30.89 -7.44 -7.85
C ILE K 34 -31.99 -6.52 -7.34
N LYS K 35 -32.67 -5.84 -8.25
CA LYS K 35 -33.66 -4.84 -7.90
C LYS K 35 -34.75 -5.47 -7.04
N LYS K 36 -35.22 -6.65 -7.45
CA LYS K 36 -36.26 -7.35 -6.70
C LYS K 36 -35.73 -7.74 -5.35
N GLY K 37 -34.53 -8.32 -5.35
CA GLY K 37 -33.94 -8.89 -4.14
C GLY K 37 -33.63 -7.87 -3.08
N LEU K 38 -32.95 -6.78 -3.49
CA LEU K 38 -32.46 -5.76 -2.57
C LEU K 38 -33.50 -4.67 -2.36
N VAL K 39 -34.51 -4.63 -3.22
CA VAL K 39 -35.47 -3.54 -3.21
C VAL K 39 -34.74 -2.21 -3.37
N VAL K 40 -33.97 -2.08 -4.44
CA VAL K 40 -33.25 -0.86 -4.72
C VAL K 40 -33.19 -0.66 -6.23
N ASN K 41 -33.37 0.58 -6.69
CA ASN K 41 -33.43 0.91 -8.11
C ASN K 41 -32.19 1.70 -8.54
N GLU K 42 -31.73 2.61 -7.67
CA GLU K 42 -30.59 3.49 -7.95
C GLU K 42 -30.05 4.06 -6.63
N LYS K 43 -28.91 4.79 -6.69
CA LYS K 43 -28.30 5.36 -5.48
C LYS K 43 -27.63 6.71 -5.73
N SER K 44 -27.43 7.47 -4.67
CA SER K 44 -26.75 8.75 -4.78
C SER K 44 -25.23 8.61 -4.88
N VAL K 45 -24.62 9.47 -5.68
CA VAL K 45 -23.19 9.45 -5.92
C VAL K 45 -22.69 10.86 -5.69
N PRO K 46 -21.68 11.02 -4.84
CA PRO K 46 -21.18 12.36 -4.57
C PRO K 46 -20.29 12.85 -5.71
N SER K 47 -20.29 14.17 -5.93
CA SER K 47 -19.38 14.78 -6.88
C SER K 47 -17.97 14.59 -6.37
N PRO K 48 -16.97 14.56 -7.26
CA PRO K 48 -15.58 14.45 -6.79
C PRO K 48 -15.13 15.61 -5.89
N ASP K 49 -15.85 16.75 -5.90
CA ASP K 49 -15.52 17.86 -5.01
C ASP K 49 -16.40 17.89 -3.75
N GLU K 50 -17.10 16.80 -3.48
CA GLU K 50 -17.94 16.67 -2.29
C GLU K 50 -17.40 15.54 -1.44
N ASP K 51 -17.53 15.68 -0.12
CA ASP K 51 -17.21 14.60 0.81
C ASP K 51 -18.14 14.68 2.03
N THR K 52 -17.89 13.87 3.03
CA THR K 52 -18.74 13.87 4.21
C THR K 52 -18.77 15.22 4.89
N ALA K 53 -17.64 15.96 4.91
CA ALA K 53 -17.61 17.31 5.48
C ALA K 53 -18.56 18.28 4.75
N THR K 54 -18.51 18.31 3.41
CA THR K 54 -19.35 19.24 2.66
C THR K 54 -20.81 18.85 2.82
N ILE K 55 -21.08 17.56 2.79
CA ILE K 55 -22.43 17.06 2.91
C ILE K 55 -22.98 17.43 4.27
N ALA K 56 -22.17 17.26 5.32
CA ALA K 56 -22.54 17.65 6.68
C ALA K 56 -22.80 19.14 6.78
N VAL K 57 -21.99 19.96 6.12
CA VAL K 57 -22.15 21.41 6.12
C VAL K 57 -23.46 21.83 5.43
N GLU K 58 -23.74 21.26 4.26
CA GLU K 58 -25.00 21.55 3.59
C GLU K 58 -26.19 21.20 4.51
N ALA K 59 -26.15 20.02 5.14
CA ALA K 59 -27.22 19.62 6.05
C ALA K 59 -27.32 20.61 7.18
N ALA K 60 -26.19 20.82 7.84
CA ALA K 60 -26.13 21.65 9.03
C ALA K 60 -26.74 23.01 8.74
N ARG K 61 -26.38 23.58 7.58
CA ARG K 61 -26.84 24.92 7.17
C ARG K 61 -28.34 24.94 6.95
N ASN K 62 -28.89 23.86 6.41
CA ASN K 62 -30.33 23.76 6.17
C ASN K 62 -31.06 23.54 7.49
N ALA K 63 -30.41 22.93 8.47
CA ALA K 63 -31.04 22.78 9.78
C ALA K 63 -31.10 24.11 10.49
N VAL K 64 -30.10 24.96 10.27
CA VAL K 64 -30.08 26.27 10.92
C VAL K 64 -31.19 27.14 10.36
N LYS K 65 -31.43 27.06 9.04
CA LYS K 65 -32.51 27.80 8.41
C LYS K 65 -33.84 27.42 9.04
N ARG K 66 -34.05 26.13 9.24
CA ARG K 66 -35.32 25.65 9.78
C ARG K 66 -35.45 26.06 11.24
N ALA K 67 -34.34 26.05 11.99
CA ALA K 67 -34.32 26.42 13.40
C ALA K 67 -34.53 27.90 13.57
N GLY K 68 -33.96 28.69 12.67
CA GLY K 68 -34.09 30.14 12.69
C GLY K 68 -33.37 30.74 13.87
N ILE K 69 -32.29 30.11 14.29
CA ILE K 69 -31.51 30.59 15.43
C ILE K 69 -30.10 30.96 14.97
N ASN K 70 -29.44 31.82 15.74
CA ASN K 70 -28.06 32.19 15.48
C ASN K 70 -27.13 31.04 15.88
N ALA K 71 -26.25 30.63 14.96
CA ALA K 71 -25.38 29.48 15.18
C ALA K 71 -24.42 29.71 16.34
N GLU K 72 -24.20 30.96 16.73
CA GLU K 72 -23.35 31.24 17.88
C GLU K 72 -23.91 30.58 19.14
N LYS K 73 -25.20 30.21 19.12
CA LYS K 73 -25.86 29.62 20.30
C LYS K 73 -25.67 28.12 20.36
N ILE K 74 -25.20 27.50 19.26
CA ILE K 74 -24.95 26.07 19.23
C ILE K 74 -23.75 25.73 20.09
N GLY K 75 -24.00 24.87 21.08
CA GLY K 75 -23.06 24.60 22.16
C GLY K 75 -22.18 23.41 21.90
N ALA K 76 -22.69 22.41 21.16
CA ALA K 76 -21.82 21.36 20.62
C ALA K 76 -22.23 20.93 19.20
N VAL K 77 -21.26 20.50 18.41
CA VAL K 77 -21.51 19.90 17.12
C VAL K 77 -20.90 18.49 17.05
N TYR K 78 -21.73 17.47 16.81
CA TYR K 78 -21.27 16.09 16.69
C TYR K 78 -21.56 15.55 15.30
N VAL K 79 -20.55 14.96 14.66
CA VAL K 79 -20.69 14.41 13.32
C VAL K 79 -20.41 12.94 13.37
N GLY K 80 -21.43 12.16 13.04
CA GLY K 80 -21.33 10.71 13.04
C GLY K 80 -21.17 10.21 11.63
N SER K 81 -20.04 9.59 11.34
CA SER K 81 -19.75 9.14 10.00
C SER K 81 -18.86 7.94 10.03
N GLU K 82 -18.85 7.25 8.90
CA GLU K 82 -18.06 6.06 8.65
C GLU K 82 -17.02 6.43 7.63
N SER K 83 -17.07 7.69 7.14
CA SER K 83 -16.20 8.17 6.07
C SER K 83 -15.76 9.61 6.30
N HIS K 84 -15.30 9.91 7.52
CA HIS K 84 -14.73 11.21 7.83
C HIS K 84 -13.50 11.41 6.96
N PRO K 85 -13.35 12.58 6.33
CA PRO K 85 -12.20 12.81 5.45
C PRO K 85 -10.86 12.55 6.10
N TYR K 86 -10.70 12.93 7.36
CA TYR K 86 -9.42 12.72 8.04
C TYR K 86 -9.55 11.57 9.02
N ALA K 87 -8.46 10.81 9.18
CA ALA K 87 -8.38 9.80 10.21
C ALA K 87 -8.17 10.45 11.57
N VAL K 88 -7.61 11.68 11.63
CA VAL K 88 -7.40 12.32 12.93
C VAL K 88 -8.07 13.70 13.05
N LYS K 89 -7.81 14.61 12.13
CA LYS K 89 -8.48 15.93 12.22
C LYS K 89 -10.05 15.83 12.14
N PRO K 90 -10.79 16.44 13.09
CA PRO K 90 -12.26 16.25 13.11
C PRO K 90 -13.07 17.03 12.07
N THR K 91 -14.10 16.36 11.54
CA THR K 91 -15.05 16.94 10.61
C THR K 91 -15.90 17.94 11.34
N SER K 92 -16.32 17.57 12.55
CA SER K 92 -17.25 18.41 13.30
C SER K 92 -16.69 19.82 13.50
N ALA K 93 -15.35 19.98 13.53
CA ALA K 93 -14.77 21.32 13.70
C ALA K 93 -14.95 22.12 12.42
N THR K 94 -14.68 21.49 11.28
CA THR K 94 -14.90 22.15 10.00
C THR K 94 -16.35 22.58 9.90
N VAL K 95 -17.26 21.67 10.22
CA VAL K 95 -18.68 21.98 10.24
C VAL K 95 -18.98 23.17 11.17
N ALA K 96 -18.43 23.14 12.39
CA ALA K 96 -18.63 24.24 13.34
C ALA K 96 -18.14 25.56 12.76
N GLU K 97 -16.96 25.55 12.13
CA GLU K 97 -16.41 26.76 11.51
C GLU K 97 -17.29 27.24 10.35
N ALA K 98 -17.84 26.29 9.59
CA ALA K 98 -18.61 26.62 8.39
C ALA K 98 -20.01 27.13 8.71
N ILE K 99 -20.52 26.88 9.93
CA ILE K 99 -21.80 27.46 10.33
C ILE K 99 -21.61 28.63 11.31
N GLY K 100 -20.36 28.93 11.63
CA GLY K 100 -20.07 30.04 12.53
C GLY K 100 -20.58 29.79 13.94
N ALA K 101 -20.42 28.56 14.41
CA ALA K 101 -20.74 28.23 15.80
C ALA K 101 -19.50 28.39 16.67
N THR K 102 -18.31 28.48 16.03
CA THR K 102 -17.04 28.62 16.71
C THR K 102 -16.94 29.97 17.43
N PRO K 103 -16.16 30.05 18.51
CA PRO K 103 -15.31 29.03 19.12
C PRO K 103 -15.87 28.44 20.43
N ASP K 104 -16.92 29.07 20.97
CA ASP K 104 -17.47 28.65 22.25
C ASP K 104 -18.37 27.43 22.07
N LEU K 105 -17.77 26.25 21.86
CA LEU K 105 -18.52 25.00 21.73
C LEU K 105 -17.64 23.77 21.95
N THR K 106 -18.30 22.60 22.10
CA THR K 106 -17.66 21.31 22.14
C THR K 106 -17.98 20.61 20.85
N ALA K 107 -17.11 19.72 20.41
CA ALA K 107 -17.40 18.92 19.25
C ALA K 107 -16.67 17.59 19.36
N ALA K 108 -17.07 16.62 18.53
CA ALA K 108 -16.44 15.31 18.46
C ALA K 108 -16.94 14.57 17.23
N ASP K 109 -16.12 13.67 16.69
CA ASP K 109 -16.51 12.92 15.50
C ASP K 109 -16.85 11.54 15.97
N LEU K 110 -18.09 11.09 15.73
CA LEU K 110 -18.57 9.83 16.27
C LEU K 110 -18.43 8.70 15.27
N GLU K 111 -18.00 7.54 15.76
CA GLU K 111 -17.85 6.33 14.97
C GLU K 111 -18.64 5.18 15.63
N PHE K 112 -19.59 4.60 14.87
CA PHE K 112 -20.31 3.40 15.28
C PHE K 112 -21.09 2.88 14.08
N ALA K 113 -20.36 2.50 13.03
CA ALA K 113 -20.97 2.10 11.78
C ALA K 113 -22.10 3.03 11.40
N CYS K 114 -23.28 2.47 11.07
CA CYS K 114 -24.39 3.24 10.54
C CYS K 114 -25.24 3.86 11.64
N LYS K 115 -24.84 3.73 12.92
CA LYS K 115 -25.62 4.29 14.04
C LYS K 115 -24.98 5.52 14.69
N ALA K 116 -23.89 6.03 14.12
CA ALA K 116 -23.14 7.11 14.74
C ALA K 116 -23.94 8.39 14.74
N GLY K 117 -24.79 8.55 13.74
CA GLY K 117 -25.61 9.75 13.62
C GLY K 117 -26.57 9.89 14.78
N THR K 118 -27.33 8.84 15.03
CA THR K 118 -28.30 8.82 16.10
C THR K 118 -27.63 8.79 17.48
N ALA K 119 -26.37 8.35 17.54
CA ALA K 119 -25.64 8.38 18.80
C ALA K 119 -25.49 9.81 19.29
N GLY K 120 -25.23 10.71 18.36
CA GLY K 120 -25.00 12.11 18.69
C GLY K 120 -26.28 12.84 19.02
N ILE K 121 -27.41 12.40 18.46
CA ILE K 121 -28.71 12.96 18.82
C ILE K 121 -28.93 12.76 20.29
N GLN K 122 -28.60 11.54 20.79
CA GLN K 122 -28.70 11.22 22.20
C GLN K 122 -27.77 12.09 23.03
N MET K 123 -26.57 12.37 22.51
CA MET K 123 -25.60 13.20 23.20
C MET K 123 -26.15 14.61 23.35
N CYS K 124 -26.72 15.15 22.28
CA CYS K 124 -27.30 16.48 22.31
C CYS K 124 -28.50 16.51 23.24
N MET K 125 -29.26 15.42 23.28
CA MET K 125 -30.42 15.30 24.17
C MET K 125 -30.01 15.44 25.63
N GLY K 126 -28.96 14.75 26.01
CA GLY K 126 -28.43 14.83 27.35
C GLY K 126 -27.90 16.21 27.72
N LEU K 127 -27.08 16.80 26.86
CA LEU K 127 -26.46 18.07 27.20
C LEU K 127 -27.49 19.17 27.32
N VAL K 128 -28.45 19.18 26.39
CA VAL K 128 -29.49 20.20 26.41
C VAL K 128 -30.37 20.01 27.66
N GLY K 129 -30.78 18.78 27.89
CA GLY K 129 -31.63 18.42 29.02
C GLY K 129 -31.00 18.68 30.36
N SER K 130 -29.68 18.45 30.48
CA SER K 130 -28.96 18.70 31.73
C SER K 130 -28.75 20.20 31.95
N GLY K 131 -28.87 20.98 30.88
CA GLY K 131 -28.68 22.42 30.95
C GLY K 131 -27.26 22.85 30.61
N LEU K 132 -26.40 21.89 30.23
CA LEU K 132 -25.01 22.21 29.94
C LEU K 132 -24.87 23.05 28.68
N ILE K 133 -25.77 22.85 27.70
CA ILE K 133 -25.83 23.72 26.52
C ILE K 133 -27.29 24.09 26.18
N GLU K 134 -27.49 25.17 25.42
CA GLU K 134 -28.82 25.63 25.04
C GLU K 134 -29.27 24.84 23.83
N TYR K 135 -28.36 24.75 22.85
CA TYR K 135 -28.60 24.03 21.61
C TYR K 135 -27.39 23.16 21.27
N GLY K 136 -27.67 21.96 20.77
CA GLY K 136 -26.65 21.07 20.25
C GLY K 136 -27.01 20.58 18.87
N MET K 137 -26.01 20.39 18.00
CA MET K 137 -26.27 19.82 16.67
C MET K 137 -25.70 18.40 16.52
N ALA K 138 -26.50 17.52 15.93
CA ALA K 138 -26.07 16.17 15.67
C ALA K 138 -26.23 15.88 14.19
N ILE K 139 -25.15 15.48 13.54
CA ILE K 139 -25.18 15.17 12.13
C ILE K 139 -24.88 13.69 11.87
N GLY K 140 -25.61 13.12 10.93
CA GLY K 140 -25.29 11.82 10.38
C GLY K 140 -25.07 11.94 8.89
N ALA K 141 -23.82 11.73 8.46
CA ALA K 141 -23.48 11.88 7.05
C ALA K 141 -22.47 10.85 6.64
N ASP K 142 -22.44 10.52 5.34
CA ASP K 142 -21.48 9.54 4.83
C ASP K 142 -21.36 9.61 3.31
N THR K 143 -20.19 9.27 2.79
CA THR K 143 -19.99 9.00 1.37
C THR K 143 -19.49 7.58 1.26
N ALA K 144 -20.42 6.67 1.44
CA ALA K 144 -20.13 5.25 1.55
C ALA K 144 -19.42 4.69 0.34
N GLN K 145 -18.66 3.60 0.60
CA GLN K 145 -17.90 2.86 -0.41
C GLN K 145 -18.36 1.41 -0.48
N GLY K 146 -18.87 1.01 -1.64
CA GLY K 146 -19.08 -0.40 -1.93
C GLY K 146 -17.93 -0.99 -2.73
N ALA K 147 -17.48 -2.18 -2.37
CA ALA K 147 -16.45 -2.86 -3.14
C ALA K 147 -16.91 -3.07 -4.59
N PRO K 148 -16.03 -2.87 -5.59
CA PRO K 148 -16.47 -2.98 -6.99
C PRO K 148 -17.25 -4.23 -7.37
N GLY K 149 -16.73 -5.40 -7.06
CA GLY K 149 -17.44 -6.62 -7.41
C GLY K 149 -18.65 -6.92 -6.54
N ASP K 150 -18.69 -6.36 -5.33
CA ASP K 150 -19.63 -6.78 -4.29
C ASP K 150 -21.04 -6.25 -4.51
N ALA K 151 -21.98 -6.81 -3.74
CA ALA K 151 -23.36 -6.35 -3.71
C ALA K 151 -23.52 -5.00 -3.02
N LEU K 152 -22.57 -4.64 -2.14
CA LEU K 152 -22.68 -3.38 -1.43
C LEU K 152 -22.51 -2.24 -2.39
N GLU K 153 -21.99 -2.54 -3.56
CA GLU K 153 -21.84 -1.54 -4.59
C GLU K 153 -23.20 -1.03 -5.06
N TYR K 154 -24.26 -1.86 -4.97
CA TYR K 154 -25.56 -1.43 -5.44
C TYR K 154 -26.23 -0.48 -4.46
N THR K 155 -25.84 -0.50 -3.17
CA THR K 155 -26.53 0.32 -2.17
C THR K 155 -25.67 1.47 -1.60
N ALA K 156 -24.39 1.22 -1.33
CA ALA K 156 -23.55 2.19 -0.63
C ALA K 156 -23.62 3.52 -1.33
N SER K 157 -24.05 4.57 -0.61
CA SER K 157 -24.37 5.86 -1.22
C SER K 157 -24.03 7.04 -0.29
N ALA K 158 -24.20 8.27 -0.81
CA ALA K 158 -23.82 9.50 -0.13
C ALA K 158 -25.03 10.33 0.28
N GLY K 159 -25.02 10.81 1.52
CA GLY K 159 -26.11 11.65 2.03
C GLY K 159 -25.87 12.09 3.45
N GLY K 160 -26.68 13.03 3.92
CA GLY K 160 -26.55 13.54 5.27
C GLY K 160 -27.80 14.24 5.77
N ALA K 161 -27.94 14.33 7.10
CA ALA K 161 -29.02 15.08 7.75
C ALA K 161 -28.54 15.59 9.08
N ALA K 162 -29.02 16.74 9.47
CA ALA K 162 -28.57 17.37 10.69
C ALA K 162 -29.78 17.68 11.54
N TYR K 163 -29.61 17.62 12.85
CA TYR K 163 -30.68 17.94 13.77
C TYR K 163 -30.19 18.88 14.87
N ILE K 164 -30.94 19.95 15.14
CA ILE K 164 -30.62 20.85 16.24
C ILE K 164 -31.58 20.61 17.41
N ILE K 165 -31.02 20.44 18.61
CA ILE K 165 -31.83 20.08 19.77
C ILE K 165 -31.96 21.28 20.69
N GLY K 166 -33.19 21.57 21.10
CA GLY K 166 -33.47 22.64 22.03
C GLY K 166 -34.37 22.20 23.15
N ASN K 167 -34.41 23.00 24.23
CA ASN K 167 -35.27 22.75 25.39
C ASN K 167 -36.60 23.48 25.27
N LYS K 168 -36.62 24.60 24.51
CA LYS K 168 -37.75 25.52 24.55
C LYS K 168 -38.95 25.05 23.72
N LYS K 169 -40.10 24.91 24.38
CA LYS K 169 -41.31 24.39 23.75
C LYS K 169 -41.73 25.24 22.56
N ASP K 170 -41.63 26.57 22.68
CA ASP K 170 -42.06 27.46 21.60
C ASP K 170 -41.21 27.28 20.34
N GLU K 171 -39.94 26.82 20.48
CA GLU K 171 -39.06 26.62 19.33
C GLU K 171 -39.10 25.18 18.78
N MET K 172 -39.57 24.21 19.59
CA MET K 172 -39.55 22.81 19.18
C MET K 172 -40.58 22.52 18.11
N ILE K 173 -40.18 21.76 17.08
CA ILE K 173 -41.07 21.26 16.04
C ILE K 173 -41.40 19.78 16.30
N ALA K 174 -40.67 19.15 17.23
CA ALA K 174 -40.90 17.77 17.62
C ALA K 174 -40.33 17.53 19.01
N VAL K 175 -40.90 16.58 19.75
CA VAL K 175 -40.55 16.38 21.15
C VAL K 175 -40.12 14.95 21.41
N PHE K 176 -39.00 14.78 22.10
CA PHE K 176 -38.56 13.44 22.47
C PHE K 176 -39.37 12.95 23.65
N ASN K 177 -40.06 11.83 23.49
CA ASN K 177 -40.79 11.18 24.58
C ASN K 177 -39.86 10.25 25.31
N GLY K 178 -38.88 9.73 24.59
CA GLY K 178 -37.87 8.87 25.19
C GLY K 178 -36.96 8.20 24.18
N THR K 179 -35.82 7.71 24.66
CA THR K 179 -34.87 6.99 23.83
C THR K 179 -34.45 5.69 24.51
N TYR K 180 -34.00 4.72 23.73
CA TYR K 180 -33.52 3.45 24.28
C TYR K 180 -32.45 2.89 23.36
N SER K 181 -31.47 2.17 23.90
CA SER K 181 -30.40 1.61 23.09
C SER K 181 -30.08 0.17 23.48
N TYR K 182 -29.81 -0.66 22.46
CA TYR K 182 -29.46 -2.07 22.64
C TYR K 182 -28.12 -2.28 22.00
N THR K 183 -27.10 -2.66 22.77
CA THR K 183 -25.76 -2.78 22.24
C THR K 183 -25.07 -4.05 22.70
N THR K 184 -24.41 -4.75 21.76
CA THR K 184 -23.57 -5.91 22.08
C THR K 184 -22.24 -5.85 21.30
N ASP K 185 -21.37 -6.83 21.48
CA ASP K 185 -20.18 -6.98 20.63
C ASP K 185 -20.45 -8.05 19.57
N THR K 186 -20.54 -7.65 18.30
CA THR K 186 -20.89 -8.58 17.22
C THR K 186 -19.99 -8.37 15.99
N PRO K 187 -19.35 -9.44 15.53
CA PRO K 187 -18.46 -9.31 14.37
C PRO K 187 -19.18 -9.52 13.03
N ASP K 188 -20.33 -8.87 12.84
CA ASP K 188 -21.11 -9.08 11.63
C ASP K 188 -20.47 -8.34 10.44
N PHE K 189 -19.91 -7.17 10.71
CA PHE K 189 -19.31 -6.33 9.68
C PHE K 189 -18.31 -5.38 10.33
N TRP K 190 -17.19 -5.14 9.67
CA TRP K 190 -16.13 -4.33 10.24
C TRP K 190 -15.19 -3.84 9.15
N ARG K 191 -14.27 -2.96 9.50
CA ARG K 191 -13.19 -2.59 8.59
C ARG K 191 -11.97 -2.28 9.43
N ARG K 192 -10.87 -2.96 9.18
CA ARG K 192 -9.64 -2.71 9.92
C ARG K 192 -9.07 -1.35 9.54
N GLU K 193 -8.25 -0.75 10.42
CA GLU K 193 -7.70 0.58 10.16
C GLU K 193 -7.01 0.70 8.78
N GLY K 194 -6.24 -0.30 8.41
CA GLY K 194 -5.50 -0.26 7.14
C GLY K 194 -6.39 -0.29 5.91
N GLN K 195 -7.42 -1.13 5.89
CA GLN K 195 -8.17 -1.45 4.68
C GLN K 195 -9.10 -0.32 4.23
N SER K 196 -9.24 -0.17 2.90
CA SER K 196 -10.09 0.85 2.28
C SER K 196 -11.52 0.33 2.12
N TYR K 197 -11.65 -0.98 1.86
CA TYR K 197 -12.96 -1.62 1.75
C TYR K 197 -13.21 -2.57 2.93
N PRO K 198 -14.46 -2.64 3.38
CA PRO K 198 -14.77 -3.47 4.54
C PRO K 198 -14.90 -4.96 4.22
N LYS K 199 -15.04 -5.76 5.26
CA LYS K 199 -15.33 -7.18 5.13
C LYS K 199 -16.59 -7.49 5.92
N HIS K 200 -17.40 -8.43 5.42
CA HIS K 200 -18.68 -8.77 6.05
C HIS K 200 -18.80 -10.28 6.24
N GLY K 201 -19.70 -10.70 7.11
CA GLY K 201 -19.93 -12.10 7.42
C GLY K 201 -20.99 -12.78 6.57
N GLY K 202 -21.61 -12.01 5.68
CA GLY K 202 -22.58 -12.56 4.73
C GLY K 202 -23.97 -12.69 5.30
N ARG K 203 -24.45 -13.93 5.51
CA ARG K 203 -25.81 -14.15 6.04
C ARG K 203 -25.88 -13.87 7.55
N PHE K 204 -24.72 -13.88 8.22
CA PHE K 204 -24.65 -13.62 9.65
C PHE K 204 -25.00 -12.14 9.96
N THR K 205 -25.01 -11.29 8.92
CA THR K 205 -25.32 -9.87 9.07
C THR K 205 -26.80 -9.64 9.30
N GLY K 206 -27.62 -10.50 8.73
CA GLY K 206 -29.07 -10.34 8.80
C GLY K 206 -29.63 -10.72 10.15
N GLU K 207 -30.19 -11.92 10.25
CA GLU K 207 -31.02 -12.28 11.39
C GLU K 207 -30.28 -12.10 12.72
N PRO K 208 -29.05 -12.60 12.85
CA PRO K 208 -28.41 -12.54 14.18
C PRO K 208 -27.96 -11.15 14.59
N ALA K 209 -27.90 -10.22 13.64
CA ALA K 209 -27.29 -8.93 13.92
C ALA K 209 -28.27 -7.77 13.69
N TYR K 210 -28.69 -7.58 12.46
CA TYR K 210 -29.58 -6.48 12.13
C TYR K 210 -30.94 -6.65 12.81
N PHE K 211 -31.57 -7.80 12.66
CA PHE K 211 -32.90 -8.00 13.23
C PHE K 211 -32.83 -8.09 14.74
N LYS K 212 -31.84 -8.82 15.25
CA LYS K 212 -31.67 -8.96 16.69
C LYS K 212 -31.65 -7.61 17.38
N HIS K 213 -30.85 -6.66 16.87
CA HIS K 213 -30.66 -5.39 17.56
C HIS K 213 -31.81 -4.43 17.28
N VAL K 214 -32.30 -4.37 16.03
CA VAL K 214 -33.37 -3.44 15.65
C VAL K 214 -34.65 -3.79 16.38
N LEU K 215 -35.03 -5.06 16.39
CA LEU K 215 -36.29 -5.46 16.99
C LEU K 215 -36.23 -5.40 18.51
N ASN K 216 -35.10 -5.76 19.10
CA ASN K 216 -34.94 -5.63 20.56
C ASN K 216 -35.03 -4.18 20.98
N ALA K 217 -34.45 -3.26 20.20
CA ALA K 217 -34.48 -1.84 20.52
C ALA K 217 -35.88 -1.28 20.34
N ALA K 218 -36.60 -1.76 19.32
CA ALA K 218 -37.98 -1.33 19.08
C ALA K 218 -38.89 -1.84 20.19
N LYS K 219 -38.72 -3.11 20.53
CA LYS K 219 -39.49 -3.70 21.61
C LYS K 219 -39.18 -2.95 22.92
N GLY K 220 -37.91 -2.65 23.13
CA GLY K 220 -37.44 -2.01 24.36
C GLY K 220 -37.96 -0.62 24.57
N ILE K 221 -37.97 0.17 23.52
CA ILE K 221 -38.48 1.53 23.61
C ILE K 221 -39.98 1.46 23.93
N MET K 222 -40.70 0.57 23.25
CA MET K 222 -42.15 0.50 23.41
C MET K 222 -42.52 0.02 24.81
N GLU K 223 -41.68 -0.83 25.42
CA GLU K 223 -41.85 -1.22 26.81
C GLU K 223 -41.59 -0.03 27.72
N LYS K 224 -40.55 0.75 27.42
CA LYS K 224 -40.17 1.87 28.25
C LYS K 224 -41.27 2.92 28.22
N MET K 225 -41.89 3.09 27.07
CA MET K 225 -42.80 4.20 26.88
C MET K 225 -44.24 3.73 26.98
N GLY K 226 -44.41 2.42 27.14
CA GLY K 226 -45.73 1.82 27.26
C GLY K 226 -46.57 2.05 26.02
N THR K 227 -46.09 1.61 24.85
CA THR K 227 -46.78 1.84 23.58
C THR K 227 -46.99 0.51 22.86
N THR K 228 -47.64 0.57 21.69
CA THR K 228 -47.81 -0.55 20.76
C THR K 228 -47.69 0.03 19.35
N VAL K 229 -47.40 -0.82 18.38
CA VAL K 229 -47.38 -0.43 16.98
C VAL K 229 -48.62 0.43 16.60
N LYS K 230 -49.77 0.21 17.27
CA LYS K 230 -50.98 0.99 16.95
C LYS K 230 -50.84 2.45 17.38
N ASP K 231 -50.02 2.72 18.42
CA ASP K 231 -49.85 4.07 18.96
C ASP K 231 -49.05 4.99 18.03
N TYR K 232 -48.23 4.42 17.15
CA TYR K 232 -47.34 5.21 16.30
C TYR K 232 -47.96 5.53 14.95
N ASP K 233 -47.79 6.78 14.49
CA ASP K 233 -48.33 7.23 13.21
C ASP K 233 -47.39 6.88 12.06
N TYR K 234 -46.08 7.07 12.27
CA TYR K 234 -45.05 6.73 11.28
C TYR K 234 -43.89 6.00 11.94
N CYS K 235 -43.05 5.33 11.13
CA CYS K 235 -41.86 4.64 11.63
C CYS K 235 -40.71 4.75 10.65
N VAL K 236 -39.48 4.75 11.16
CA VAL K 236 -38.28 4.68 10.33
C VAL K 236 -37.27 3.73 10.95
N PHE K 237 -36.82 2.76 10.16
CA PHE K 237 -35.82 1.80 10.60
C PHE K 237 -34.57 1.97 9.75
N HIS K 238 -33.48 1.30 10.15
CA HIS K 238 -32.28 1.27 9.33
C HIS K 238 -32.57 0.51 8.03
N GLN K 239 -31.96 0.95 6.92
CA GLN K 239 -32.32 0.45 5.61
C GLN K 239 -31.07 0.14 4.81
N PRO K 240 -30.39 -0.95 5.17
CA PRO K 240 -29.24 -1.38 4.36
C PRO K 240 -29.70 -1.73 2.95
N ASN K 241 -30.93 -2.28 2.87
CA ASN K 241 -31.67 -2.51 1.63
C ASN K 241 -33.18 -2.49 1.98
N GLY K 242 -34.03 -2.39 0.97
CA GLY K 242 -35.47 -2.29 1.22
C GLY K 242 -36.03 -3.55 1.86
N LYS K 243 -35.45 -4.71 1.51
CA LYS K 243 -35.87 -6.01 2.04
C LYS K 243 -35.85 -6.03 3.58
N PHE K 244 -34.69 -5.69 4.18
CA PHE K 244 -34.52 -5.71 5.64
C PHE K 244 -35.47 -4.76 6.32
N TYR K 245 -35.58 -3.54 5.78
CA TYR K 245 -36.42 -2.52 6.36
C TYR K 245 -37.85 -2.98 6.46
N ILE K 246 -38.41 -3.50 5.35
CA ILE K 246 -39.82 -3.88 5.33
C ILE K 246 -40.05 -5.09 6.23
N LYS K 247 -39.18 -6.10 6.14
CA LYS K 247 -39.30 -7.25 7.03
C LYS K 247 -39.44 -6.80 8.48
N ALA K 248 -38.57 -5.92 8.92
CA ALA K 248 -38.59 -5.42 10.30
C ALA K 248 -39.91 -4.71 10.61
N ALA K 249 -40.35 -3.83 9.71
CA ALA K 249 -41.58 -3.07 9.89
C ALA K 249 -42.77 -4.02 9.98
N LYS K 250 -42.87 -4.93 9.01
CA LYS K 250 -43.95 -5.91 8.97
C LYS K 250 -43.91 -6.81 10.22
N SER K 251 -42.70 -7.20 10.64
CA SER K 251 -42.52 -8.04 11.82
C SER K 251 -43.11 -7.40 13.06
N LEU K 252 -42.96 -6.08 13.21
CA LEU K 252 -43.47 -5.39 14.39
C LEU K 252 -44.96 -5.04 14.24
N GLY K 253 -45.48 -5.17 13.04
CA GLY K 253 -46.89 -4.92 12.75
C GLY K 253 -47.19 -3.56 12.17
N PHE K 254 -46.21 -2.97 11.46
CA PHE K 254 -46.42 -1.66 10.84
C PHE K 254 -46.96 -1.82 9.44
N THR K 255 -47.95 -0.99 9.06
CA THR K 255 -48.50 -1.03 7.71
C THR K 255 -47.68 -0.14 6.77
N ASN K 256 -47.83 -0.33 5.46
CA ASN K 256 -47.14 0.46 4.45
C ASN K 256 -47.32 1.95 4.70
N GLU K 257 -48.52 2.39 5.08
CA GLU K 257 -48.78 3.81 5.30
C GLU K 257 -47.94 4.34 6.45
N GLN K 258 -47.57 3.48 7.41
CA GLN K 258 -46.77 3.89 8.55
C GLN K 258 -45.27 3.97 8.20
N TYR K 259 -44.79 3.06 7.34
CA TYR K 259 -43.36 2.96 7.09
C TYR K 259 -42.91 3.56 5.75
N LYS K 260 -43.83 3.97 4.88
CA LYS K 260 -43.45 4.33 3.52
C LYS K 260 -42.54 5.57 3.44
N TYR K 261 -42.84 6.61 4.24
CA TYR K 261 -42.05 7.85 4.24
C TYR K 261 -40.60 7.62 4.70
N GLY K 262 -40.43 6.77 5.70
CA GLY K 262 -39.11 6.47 6.22
C GLY K 262 -38.19 5.75 5.25
N LEU K 263 -38.76 4.96 4.33
CA LEU K 263 -37.94 4.16 3.43
C LEU K 263 -37.52 4.96 2.19
N LEU K 264 -36.23 5.30 2.10
CA LEU K 264 -35.69 6.06 0.97
C LEU K 264 -34.68 5.25 0.16
N THR K 265 -34.25 4.08 0.65
CA THR K 265 -33.14 3.34 0.05
C THR K 265 -33.39 2.96 -1.41
N PRO K 266 -34.62 2.62 -1.79
CA PRO K 266 -34.86 2.21 -3.18
C PRO K 266 -34.38 3.20 -4.23
N TYR K 267 -34.40 4.50 -3.90
CA TYR K 267 -33.94 5.51 -4.86
C TYR K 267 -32.75 6.33 -4.35
N LEU K 268 -32.33 6.10 -3.11
CA LEU K 268 -31.24 6.86 -2.51
C LEU K 268 -30.04 5.96 -2.23
N GLY K 269 -30.32 4.70 -1.92
CA GLY K 269 -29.28 3.79 -1.46
C GLY K 269 -29.08 3.88 0.03
N ASN K 270 -28.06 3.18 0.54
CA ASN K 270 -27.74 3.20 1.96
C ASN K 270 -26.71 4.28 2.25
N THR K 271 -27.14 5.37 2.91
CA THR K 271 -26.23 6.48 3.26
C THR K 271 -25.64 6.25 4.63
N TYR K 272 -25.65 5.01 5.10
CA TYR K 272 -24.98 4.63 6.33
C TYR K 272 -25.40 5.53 7.50
N SER K 273 -24.52 6.39 7.97
CA SER K 273 -24.85 7.13 9.18
C SER K 273 -25.95 8.15 8.93
N GLY K 274 -26.28 8.37 7.66
CA GLY K 274 -27.30 9.33 7.26
C GLY K 274 -28.66 8.72 6.99
N ALA K 275 -28.74 7.40 7.14
CA ALA K 275 -29.90 6.65 6.63
C ALA K 275 -31.20 6.98 7.37
N VAL K 276 -31.23 6.75 8.70
CA VAL K 276 -32.40 7.05 9.51
C VAL K 276 -32.56 8.57 9.68
N PRO K 277 -31.48 9.33 9.88
CA PRO K 277 -31.62 10.78 9.88
C PRO K 277 -32.31 11.30 8.63
N LEU K 278 -31.94 10.78 7.46
CA LEU K 278 -32.58 11.22 6.22
C LEU K 278 -34.02 10.74 6.14
N GLY K 279 -34.26 9.51 6.57
CA GLY K 279 -35.62 8.96 6.60
C GLY K 279 -36.52 9.76 7.51
N LEU K 280 -36.05 9.99 8.74
CA LEU K 280 -36.76 10.79 9.74
C LEU K 280 -37.03 12.20 9.21
N SER K 281 -36.09 12.76 8.45
CA SER K 281 -36.29 14.11 7.92
C SER K 281 -37.44 14.11 6.92
N ASN K 282 -37.57 13.05 6.12
CA ASN K 282 -38.65 12.96 5.15
C ASN K 282 -39.98 12.76 5.85
N ILE K 283 -39.98 12.04 6.97
CA ILE K 283 -41.19 11.88 7.76
C ILE K 283 -41.61 13.24 8.29
N LEU K 284 -40.64 14.03 8.77
CA LEU K 284 -40.94 15.35 9.32
C LEU K 284 -41.41 16.31 8.23
N ASP K 285 -40.96 16.11 6.97
CA ASP K 285 -41.39 16.97 5.88
C ASP K 285 -42.89 16.77 5.61
N HIS K 286 -43.41 15.57 5.89
CA HIS K 286 -44.80 15.23 5.58
C HIS K 286 -45.69 15.25 6.82
N ALA K 287 -45.10 15.16 8.01
CA ALA K 287 -45.85 14.90 9.23
C ALA K 287 -46.76 16.05 9.63
N GLU K 288 -47.85 15.71 10.31
CA GLU K 288 -48.82 16.68 10.83
C GLU K 288 -48.63 16.83 12.33
N GLU K 289 -49.18 17.90 12.90
CA GLU K 289 -49.08 18.12 14.34
C GLU K 289 -49.64 16.93 15.11
N GLY K 290 -48.92 16.51 16.14
CA GLY K 290 -49.35 15.43 17.02
C GLY K 290 -49.02 14.04 16.53
N ALA K 291 -48.28 13.94 15.43
CA ALA K 291 -47.88 12.64 14.90
C ALA K 291 -46.80 11.99 15.76
N ARG K 292 -46.91 10.70 16.04
CA ARG K 292 -45.91 9.99 16.82
C ARG K 292 -45.05 9.13 15.91
N ILE K 293 -43.73 9.30 16.03
CA ILE K 293 -42.78 8.61 15.18
C ILE K 293 -41.97 7.62 16.01
N LEU K 294 -41.77 6.40 15.48
CA LEU K 294 -40.80 5.46 16.03
C LEU K 294 -39.60 5.40 15.09
N ALA K 295 -38.41 5.74 15.58
CA ALA K 295 -37.19 5.72 14.79
C ALA K 295 -36.17 4.78 15.44
N VAL K 296 -35.77 3.71 14.72
CA VAL K 296 -34.76 2.78 15.24
C VAL K 296 -33.57 2.66 14.29
N SER K 297 -32.37 2.96 14.78
CA SER K 297 -31.18 2.88 13.94
C SER K 297 -30.42 1.59 14.21
N TYR K 298 -29.41 1.29 13.39
CA TYR K 298 -28.60 0.09 13.58
C TYR K 298 -27.18 0.34 13.13
N GLY K 299 -26.23 -0.22 13.86
CA GLY K 299 -24.82 -0.12 13.54
C GLY K 299 -24.13 -1.47 13.59
N SER K 300 -23.30 -1.74 12.60
CA SER K 300 -22.69 -3.04 12.38
C SER K 300 -21.95 -3.60 13.58
N GLY K 301 -21.25 -2.76 14.33
CA GLY K 301 -20.49 -3.27 15.46
C GLY K 301 -21.32 -4.00 16.49
N ALA K 302 -22.61 -3.62 16.56
CA ALA K 302 -23.60 -4.26 17.44
C ALA K 302 -24.43 -3.21 18.16
N GLY K 303 -25.13 -2.38 17.42
CA GLY K 303 -25.81 -1.27 18.06
C GLY K 303 -27.16 -0.94 17.47
N SER K 304 -28.06 -0.40 18.30
CA SER K 304 -29.32 0.18 17.84
C SER K 304 -29.81 1.29 18.80
N ASP K 305 -30.22 2.43 18.24
CA ASP K 305 -30.78 3.55 19.00
C ASP K 305 -32.24 3.72 18.61
N ALA K 306 -33.13 3.76 19.59
CA ALA K 306 -34.54 3.91 19.32
C ALA K 306 -35.07 5.23 19.86
N PHE K 307 -35.96 5.90 19.10
CA PHE K 307 -36.53 7.19 19.51
C PHE K 307 -38.06 7.17 19.42
N ASP K 308 -38.70 7.83 20.38
CA ASP K 308 -40.13 8.04 20.39
C ASP K 308 -40.38 9.54 20.29
N ILE K 309 -40.89 10.01 19.16
CA ILE K 309 -40.97 11.46 18.91
C ILE K 309 -42.41 11.85 18.62
N THR K 310 -42.79 13.06 19.06
CA THR K 310 -44.10 13.60 18.75
C THR K 310 -43.96 14.94 18.04
N VAL K 311 -44.72 15.13 16.97
CA VAL K 311 -44.61 16.31 16.14
C VAL K 311 -45.46 17.45 16.73
N THR K 312 -44.95 18.68 16.66
CA THR K 312 -45.64 19.81 17.28
C THR K 312 -46.19 20.77 16.23
N GLU K 313 -47.04 21.70 16.69
CA GLU K 313 -47.68 22.76 15.90
C GLU K 313 -46.70 23.46 14.96
N ARG K 314 -45.47 23.73 15.45
CA ARG K 314 -44.49 24.56 14.75
C ARG K 314 -43.95 23.90 13.46
N ILE K 315 -44.37 22.65 13.17
CA ILE K 315 -43.81 21.89 12.06
C ILE K 315 -44.04 22.57 10.69
N LYS K 316 -45.28 22.98 10.39
CA LYS K 316 -45.58 23.53 9.08
C LYS K 316 -44.89 24.87 8.86
N GLU K 317 -44.51 25.53 9.96
CA GLU K 317 -43.80 26.80 9.87
C GLU K 317 -42.44 26.65 9.20
N VAL K 318 -41.73 25.55 9.47
CA VAL K 318 -40.30 25.45 9.13
C VAL K 318 -40.00 24.62 7.90
N VAL K 319 -40.85 23.63 7.57
CA VAL K 319 -40.58 22.70 6.48
C VAL K 319 -40.05 23.41 5.23
N ASP K 320 -40.69 24.51 4.83
CA ASP K 320 -40.39 25.15 3.56
C ASP K 320 -39.20 26.09 3.65
N LYS K 321 -38.63 26.25 4.86
CA LYS K 321 -37.50 27.16 5.08
C LYS K 321 -36.20 26.62 4.48
N ALA K 322 -36.19 25.35 4.10
CA ALA K 322 -35.03 24.72 3.49
C ALA K 322 -35.48 23.66 2.50
N PRO K 323 -34.56 23.06 1.73
CA PRO K 323 -34.98 22.04 0.75
C PRO K 323 -35.51 20.77 1.40
N LYS K 324 -36.68 20.31 0.95
CA LYS K 324 -37.25 19.06 1.41
C LYS K 324 -36.38 17.90 0.95
N THR K 325 -36.29 16.86 1.77
CA THR K 325 -35.51 15.67 1.47
C THR K 325 -35.89 15.08 0.10
N LEU K 326 -37.21 14.97 -0.16
CA LEU K 326 -37.72 14.42 -1.41
C LEU K 326 -37.34 15.26 -2.61
N ASP K 327 -37.20 16.58 -2.44
CA ASP K 327 -36.82 17.47 -3.54
C ASP K 327 -35.36 17.27 -3.90
N LEU K 328 -34.49 17.19 -2.89
CA LEU K 328 -33.08 16.90 -3.12
C LEU K 328 -32.93 15.55 -3.81
N LEU K 329 -33.77 14.58 -3.41
CA LEU K 329 -33.71 13.22 -3.92
C LEU K 329 -34.13 13.14 -5.38
N ASN K 330 -34.95 14.09 -5.86
CA ASN K 330 -35.48 14.04 -7.22
C ASN K 330 -34.76 15.01 -8.15
N ARG K 331 -34.03 15.95 -7.60
CA ARG K 331 -33.11 16.77 -8.38
C ARG K 331 -31.86 15.93 -8.62
N LYS K 332 -31.78 15.25 -9.77
CA LYS K 332 -30.72 14.25 -9.99
C LYS K 332 -30.18 14.20 -11.40
N LYS K 333 -28.97 13.65 -11.54
CA LYS K 333 -28.32 13.45 -12.82
C LYS K 333 -27.69 12.08 -12.87
N TYR K 334 -28.11 11.23 -13.81
CA TYR K 334 -27.63 9.85 -13.89
C TYR K 334 -26.27 9.76 -14.53
N ILE K 335 -25.45 8.80 -14.07
CA ILE K 335 -24.12 8.56 -14.62
C ILE K 335 -23.95 7.07 -14.91
N ASP K 336 -23.05 6.75 -15.85
CA ASP K 336 -22.74 5.36 -16.15
C ASP K 336 -21.74 4.86 -15.14
N TYR K 337 -21.34 3.61 -15.28
CA TYR K 337 -20.38 3.03 -14.35
C TYR K 337 -18.98 3.62 -14.51
N ALA K 338 -18.53 3.87 -15.73
CA ALA K 338 -17.22 4.48 -15.97
C ALA K 338 -17.08 5.76 -15.18
N VAL K 339 -18.04 6.66 -15.39
CA VAL K 339 -18.04 7.97 -14.74
C VAL K 339 -18.06 7.78 -13.25
N TYR K 340 -18.90 6.85 -12.78
CA TYR K 340 -19.03 6.59 -11.36
C TYR K 340 -17.70 6.19 -10.73
N VAL K 341 -16.99 5.24 -11.32
CA VAL K 341 -15.72 4.80 -10.76
C VAL K 341 -14.68 5.92 -10.85
N LYS K 342 -14.77 6.76 -11.89
CA LYS K 342 -13.91 7.95 -12.00
C LYS K 342 -14.14 8.88 -10.83
N TYR K 343 -15.39 9.28 -10.65
CA TYR K 343 -15.80 10.18 -9.57
C TYR K 343 -15.37 9.63 -8.22
N ARG K 344 -15.69 8.37 -7.93
CA ARG K 344 -15.46 7.83 -6.60
C ARG K 344 -13.98 7.50 -6.31
N GLY K 345 -13.10 7.68 -7.28
CA GLY K 345 -11.68 7.36 -7.12
C GLY K 345 -11.44 5.87 -7.00
N LYS K 346 -12.39 5.05 -7.51
CA LYS K 346 -12.23 3.60 -7.54
C LYS K 346 -11.14 3.19 -8.52
N ILE K 347 -10.75 4.12 -9.40
CA ILE K 347 -9.65 3.90 -10.33
C ILE K 347 -8.31 3.87 -9.57
N LYS K 348 -7.41 2.97 -9.96
CA LYS K 348 -6.07 2.92 -9.42
C LYS K 348 -5.10 3.67 -10.33
N LYS L 2 36.13 -20.36 -32.38
CA LYS L 2 36.87 -19.33 -31.64
C LYS L 2 36.87 -19.63 -30.14
N ASP L 3 38.00 -19.35 -29.45
CA ASP L 3 38.10 -19.58 -28.01
C ASP L 3 37.75 -18.33 -27.21
N ILE L 4 36.94 -18.52 -26.14
CA ILE L 4 36.36 -17.45 -25.34
C ILE L 4 36.89 -17.56 -23.91
N GLY L 5 37.04 -16.42 -23.23
CA GLY L 5 37.61 -16.42 -21.89
C GLY L 5 37.44 -15.12 -21.14
N ILE L 6 37.71 -15.17 -19.83
CA ILE L 6 37.65 -13.98 -18.98
C ILE L 6 38.96 -13.20 -19.11
N VAL L 7 38.86 -11.92 -19.47
CA VAL L 7 40.03 -11.05 -19.57
C VAL L 7 40.18 -10.18 -18.31
N GLY L 8 39.09 -9.97 -17.60
CA GLY L 8 39.09 -9.19 -16.36
C GLY L 8 37.93 -9.53 -15.46
N TYR L 9 38.15 -9.48 -14.13
CA TYR L 9 37.09 -9.69 -13.16
C TYR L 9 37.28 -8.76 -11.97
N GLY L 10 36.18 -8.44 -11.31
CA GLY L 10 36.17 -7.51 -10.20
C GLY L 10 35.04 -7.76 -9.24
N SER L 11 35.16 -7.27 -8.01
CA SER L 11 34.17 -7.54 -6.98
C SER L 11 34.04 -6.40 -5.98
N TYR L 12 32.88 -6.33 -5.31
CA TYR L 12 32.65 -5.33 -4.28
C TYR L 12 31.75 -5.87 -3.17
N ILE L 13 32.10 -5.58 -1.93
CA ILE L 13 31.30 -5.93 -0.76
C ILE L 13 31.22 -4.70 0.15
N PRO L 14 30.02 -4.28 0.57
CA PRO L 14 29.93 -3.13 1.49
C PRO L 14 30.58 -3.43 2.85
N LYS L 15 30.87 -2.38 3.64
CA LYS L 15 31.65 -2.55 4.86
C LYS L 15 30.85 -3.08 6.04
N TYR L 16 29.55 -2.79 6.10
CA TYR L 16 28.78 -3.09 7.29
C TYR L 16 28.45 -4.56 7.39
N ARG L 17 28.50 -5.12 8.61
CA ARG L 17 28.11 -6.50 8.88
C ARG L 17 27.11 -6.53 10.01
N ILE L 18 26.38 -7.63 10.10
CA ILE L 18 25.58 -7.92 11.29
C ILE L 18 25.72 -9.41 11.61
N LYS L 19 26.12 -9.70 12.86
CA LYS L 19 26.29 -11.07 13.32
C LYS L 19 24.93 -11.71 13.50
N VAL L 20 24.86 -13.04 13.30
CA VAL L 20 23.66 -13.82 13.59
C VAL L 20 23.15 -13.52 15.00
N GLU L 21 24.08 -13.42 15.96
CA GLU L 21 23.76 -13.19 17.36
C GLU L 21 22.88 -11.96 17.55
N GLU L 22 23.12 -10.92 16.73
CA GLU L 22 22.40 -9.65 16.87
C GLU L 22 20.94 -9.76 16.42
N ILE L 23 20.69 -10.61 15.41
CA ILE L 23 19.36 -10.81 14.86
C ILE L 23 18.58 -11.75 15.76
N ALA L 24 19.20 -12.87 16.13
CA ALA L 24 18.58 -13.88 16.99
C ALA L 24 18.12 -13.25 18.27
N LYS L 25 18.96 -12.41 18.85
CA LYS L 25 18.69 -11.72 20.11
C LYS L 25 17.32 -11.06 20.08
N VAL L 26 16.99 -10.44 18.94
CA VAL L 26 15.77 -9.65 18.79
C VAL L 26 14.55 -10.55 18.68
N TRP L 27 14.71 -11.72 18.06
CA TRP L 27 13.59 -12.59 17.70
C TRP L 27 13.45 -13.80 18.63
N GLY L 28 14.31 -13.88 19.64
CA GLY L 28 14.17 -14.88 20.68
C GLY L 28 14.60 -16.26 20.23
N LYS L 29 15.66 -16.31 19.42
CA LYS L 29 16.19 -17.57 18.90
C LYS L 29 17.58 -17.85 19.47
N ASP L 30 18.00 -19.12 19.44
CA ASP L 30 19.33 -19.51 19.89
C ASP L 30 20.31 -19.29 18.75
N PRO L 31 21.28 -18.38 18.93
CA PRO L 31 22.20 -18.08 17.83
C PRO L 31 23.04 -19.29 17.43
N GLU L 32 23.47 -20.09 18.40
CA GLU L 32 24.33 -21.24 18.10
C GLU L 32 23.58 -22.26 17.25
N ALA L 33 22.29 -22.42 17.51
CA ALA L 33 21.44 -23.30 16.72
C ALA L 33 21.38 -22.85 15.27
N ILE L 34 21.18 -21.55 15.05
CA ILE L 34 21.15 -20.96 13.72
C ILE L 34 22.51 -21.14 13.04
N LYS L 35 23.58 -20.75 13.73
CA LYS L 35 24.92 -20.77 13.17
C LYS L 35 25.28 -22.18 12.74
N LYS L 36 25.01 -23.16 13.60
CA LYS L 36 25.29 -24.55 13.28
C LYS L 36 24.42 -24.98 12.09
N GLY L 37 23.15 -24.68 12.18
CA GLY L 37 22.18 -25.12 11.17
C GLY L 37 22.50 -24.64 9.77
N LEU L 38 22.61 -23.33 9.58
CA LEU L 38 22.80 -22.78 8.24
C LEU L 38 24.27 -22.73 7.86
N VAL L 39 25.17 -22.78 8.86
CA VAL L 39 26.59 -22.57 8.59
C VAL L 39 26.81 -21.11 8.18
N VAL L 40 26.46 -20.19 9.09
CA VAL L 40 26.49 -18.77 8.84
C VAL L 40 26.87 -18.07 10.14
N ASN L 41 27.80 -17.11 10.08
CA ASN L 41 28.23 -16.40 11.28
C ASN L 41 27.79 -14.94 11.22
N GLU L 42 27.94 -14.32 10.04
CA GLU L 42 27.57 -12.92 9.83
C GLU L 42 27.33 -12.64 8.34
N LYS L 43 26.67 -11.51 8.05
CA LYS L 43 26.38 -11.14 6.67
C LYS L 43 26.68 -9.67 6.44
N SER L 44 27.05 -9.32 5.20
CA SER L 44 27.31 -7.92 4.88
C SER L 44 26.00 -7.15 4.70
N VAL L 45 26.05 -5.86 5.02
CA VAL L 45 24.93 -4.95 4.89
C VAL L 45 25.36 -3.76 4.04
N PRO L 46 24.52 -3.29 3.12
CA PRO L 46 24.87 -2.09 2.36
C PRO L 46 24.60 -0.81 3.15
N SER L 47 25.39 0.22 2.91
CA SER L 47 25.14 1.55 3.47
C SER L 47 23.83 2.08 2.90
N PRO L 48 23.17 3.00 3.59
CA PRO L 48 21.94 3.58 3.02
C PRO L 48 22.16 4.34 1.71
N ASP L 49 23.41 4.70 1.41
CA ASP L 49 23.72 5.37 0.13
C ASP L 49 24.26 4.39 -0.89
N GLU L 50 24.15 3.08 -0.60
CA GLU L 50 24.57 2.04 -1.53
C GLU L 50 23.35 1.26 -2.00
N ASP L 51 23.39 0.85 -3.26
CA ASP L 51 22.32 0.04 -3.81
C ASP L 51 22.90 -0.94 -4.83
N THR L 52 22.05 -1.68 -5.51
CA THR L 52 22.55 -2.66 -6.46
C THR L 52 23.42 -2.00 -7.51
N ALA L 53 22.95 -0.88 -8.09
CA ALA L 53 23.73 -0.12 -9.08
C ALA L 53 25.13 0.20 -8.58
N THR L 54 25.23 0.85 -7.41
CA THR L 54 26.54 1.28 -6.92
C THR L 54 27.48 0.10 -6.79
N ILE L 55 26.99 -1.00 -6.23
CA ILE L 55 27.81 -2.19 -6.07
C ILE L 55 28.27 -2.66 -7.43
N ALA L 56 27.33 -2.73 -8.39
CA ALA L 56 27.67 -3.16 -9.75
C ALA L 56 28.74 -2.26 -10.34
N VAL L 57 28.64 -0.95 -10.10
CA VAL L 57 29.63 0.01 -10.61
C VAL L 57 31.00 -0.21 -9.98
N GLU L 58 31.06 -0.39 -8.65
CA GLU L 58 32.31 -0.66 -7.97
C GLU L 58 32.96 -1.93 -8.52
N ALA L 59 32.17 -2.99 -8.72
CA ALA L 59 32.73 -4.24 -9.22
C ALA L 59 33.10 -4.13 -10.69
N ALA L 60 32.29 -3.41 -11.47
CA ALA L 60 32.59 -3.19 -12.88
C ALA L 60 33.92 -2.47 -13.02
N ARG L 61 34.10 -1.42 -12.23
CA ARG L 61 35.29 -0.59 -12.27
C ARG L 61 36.53 -1.40 -11.88
N ASN L 62 36.41 -2.26 -10.88
CA ASN L 62 37.50 -3.12 -10.48
C ASN L 62 37.84 -4.11 -11.58
N ALA L 63 36.83 -4.59 -12.33
CA ALA L 63 37.07 -5.55 -13.41
C ALA L 63 37.83 -4.88 -14.55
N VAL L 64 37.56 -3.59 -14.77
CA VAL L 64 38.23 -2.84 -15.83
C VAL L 64 39.71 -2.65 -15.47
N LYS L 65 39.99 -2.41 -14.18
CA LYS L 65 41.37 -2.28 -13.72
C LYS L 65 42.15 -3.56 -14.01
N ARG L 66 41.57 -4.72 -13.69
CA ARG L 66 42.22 -6.00 -13.92
C ARG L 66 42.36 -6.32 -15.41
N ALA L 67 41.36 -5.91 -16.21
CA ALA L 67 41.42 -6.12 -17.65
C ALA L 67 42.46 -5.22 -18.29
N GLY L 68 42.59 -4.00 -17.76
CA GLY L 68 43.55 -3.04 -18.25
C GLY L 68 43.22 -2.53 -19.64
N ILE L 69 41.93 -2.52 -19.98
CA ILE L 69 41.49 -2.10 -21.30
C ILE L 69 40.58 -0.87 -21.19
N ASN L 70 40.46 -0.13 -22.29
CA ASN L 70 39.62 1.07 -22.33
C ASN L 70 38.16 0.65 -22.41
N ALA L 71 37.32 1.22 -21.53
CA ALA L 71 35.92 0.82 -21.44
C ALA L 71 35.15 1.16 -22.72
N GLU L 72 35.67 2.06 -23.55
CA GLU L 72 35.05 2.38 -24.82
C GLU L 72 34.95 1.14 -25.72
N LYS L 73 35.76 0.12 -25.43
CA LYS L 73 35.79 -1.11 -26.23
C LYS L 73 34.71 -2.10 -25.80
N ILE L 74 34.08 -1.88 -24.63
CA ILE L 74 33.01 -2.76 -24.16
C ILE L 74 31.74 -2.55 -24.98
N GLY L 75 31.28 -3.62 -25.61
CA GLY L 75 30.17 -3.56 -26.56
C GLY L 75 28.86 -4.04 -26.01
N ALA L 76 28.87 -4.60 -24.79
CA ALA L 76 27.63 -5.00 -24.11
C ALA L 76 27.83 -5.00 -22.59
N VAL L 77 26.88 -4.44 -21.85
CA VAL L 77 26.88 -4.52 -20.39
C VAL L 77 25.56 -5.15 -19.91
N TYR L 78 25.66 -6.30 -19.22
CA TYR L 78 24.50 -6.97 -18.66
C TYR L 78 24.59 -7.01 -17.15
N VAL L 79 23.51 -6.59 -16.48
CA VAL L 79 23.43 -6.60 -15.02
C VAL L 79 22.30 -7.55 -14.61
N GLY L 80 22.67 -8.62 -13.93
CA GLY L 80 21.71 -9.58 -13.37
C GLY L 80 21.47 -9.32 -11.90
N SER L 81 20.21 -9.10 -11.53
CA SER L 81 19.87 -8.78 -10.16
C SER L 81 18.43 -9.16 -9.84
N GLU L 82 18.13 -9.29 -8.54
CA GLU L 82 16.77 -9.43 -8.03
C GLU L 82 16.30 -8.11 -7.45
N SER L 83 17.21 -7.13 -7.38
CA SER L 83 16.94 -5.86 -6.69
C SER L 83 17.43 -4.67 -7.50
N HIS L 84 16.97 -4.56 -8.76
CA HIS L 84 17.28 -3.41 -9.60
C HIS L 84 16.57 -2.18 -9.04
N PRO L 85 17.30 -1.08 -8.78
CA PRO L 85 16.65 0.09 -8.16
C PRO L 85 15.34 0.50 -8.82
N TYR L 86 15.27 0.39 -10.16
CA TYR L 86 14.04 0.71 -10.88
C TYR L 86 13.37 -0.54 -11.38
N ALA L 87 12.04 -0.52 -11.42
CA ALA L 87 11.28 -1.57 -12.06
C ALA L 87 11.33 -1.47 -13.59
N VAL L 88 11.63 -0.27 -14.14
CA VAL L 88 11.66 -0.14 -15.60
C VAL L 88 13.00 0.41 -16.10
N LYS L 89 13.50 1.54 -15.57
CA LYS L 89 14.80 2.06 -16.01
C LYS L 89 15.97 1.09 -15.69
N PRO L 90 16.80 0.72 -16.69
CA PRO L 90 17.81 -0.32 -16.45
C PRO L 90 19.05 0.12 -15.65
N THR L 91 19.52 -0.79 -14.80
CA THR L 91 20.76 -0.61 -14.03
C THR L 91 21.95 -0.66 -14.96
N SER L 92 21.94 -1.59 -15.91
CA SER L 92 23.06 -1.79 -16.82
C SER L 92 23.42 -0.50 -17.55
N ALA L 93 22.42 0.35 -17.85
CA ALA L 93 22.67 1.63 -18.54
C ALA L 93 23.43 2.60 -17.64
N THR L 94 23.13 2.59 -16.34
CA THR L 94 23.84 3.41 -15.38
C THR L 94 25.28 2.93 -15.26
N VAL L 95 25.48 1.61 -15.20
CA VAL L 95 26.82 1.06 -15.07
C VAL L 95 27.63 1.41 -16.31
N ALA L 96 27.02 1.28 -17.50
CA ALA L 96 27.69 1.63 -18.75
C ALA L 96 28.14 3.09 -18.74
N GLU L 97 27.26 4.00 -18.33
CA GLU L 97 27.59 5.41 -18.21
C GLU L 97 28.71 5.62 -17.18
N ALA L 98 28.64 4.87 -16.06
CA ALA L 98 29.54 5.06 -14.92
C ALA L 98 30.95 4.54 -15.17
N ILE L 99 31.16 3.86 -16.28
CA ILE L 99 32.50 3.40 -16.63
C ILE L 99 32.95 3.97 -17.96
N GLY L 100 32.04 4.69 -18.61
CA GLY L 100 32.34 5.36 -19.87
C GLY L 100 32.43 4.42 -21.05
N ALA L 101 31.57 3.42 -21.09
CA ALA L 101 31.49 2.53 -22.25
C ALA L 101 30.47 3.09 -23.26
N THR L 102 29.58 3.95 -22.77
CA THR L 102 28.55 4.59 -23.60
C THR L 102 29.18 5.38 -24.74
N PRO L 103 28.47 5.56 -25.87
CA PRO L 103 27.12 5.07 -26.19
C PRO L 103 27.11 3.85 -27.10
N ASP L 104 28.25 3.48 -27.68
CA ASP L 104 28.28 2.40 -28.67
C ASP L 104 28.29 1.04 -27.98
N LEU L 105 27.13 0.61 -27.47
CA LEU L 105 26.99 -0.70 -26.82
C LEU L 105 25.53 -1.11 -26.71
N THR L 106 25.31 -2.38 -26.39
CA THR L 106 24.00 -2.88 -26.03
C THR L 106 24.01 -3.27 -24.56
N ALA L 107 22.85 -3.24 -23.92
CA ALA L 107 22.75 -3.58 -22.51
C ALA L 107 21.37 -4.14 -22.20
N ALA L 108 21.24 -4.80 -21.05
CA ALA L 108 19.96 -5.34 -20.58
C ALA L 108 20.05 -5.73 -19.12
N ASP L 109 18.93 -5.56 -18.40
CA ASP L 109 18.82 -5.97 -17.01
C ASP L 109 18.22 -7.34 -16.99
N LEU L 110 18.78 -8.23 -16.19
CA LEU L 110 18.39 -9.62 -16.25
C LEU L 110 17.76 -10.03 -14.96
N GLU L 111 16.65 -10.75 -15.06
CA GLU L 111 15.98 -11.31 -13.89
C GLU L 111 15.93 -12.84 -14.08
N PHE L 112 16.45 -13.56 -13.07
CA PHE L 112 16.31 -15.03 -12.95
C PHE L 112 16.79 -15.45 -11.57
N ALA L 113 16.15 -14.93 -10.53
CA ALA L 113 16.59 -15.14 -9.15
C ALA L 113 18.11 -14.99 -9.04
N CYS L 114 18.78 -15.95 -8.40
CA CYS L 114 20.19 -15.89 -8.05
C CYS L 114 21.09 -16.40 -9.19
N LYS L 115 20.48 -16.75 -10.34
CA LYS L 115 21.26 -17.24 -11.47
C LYS L 115 21.49 -16.14 -12.53
N ALA L 116 20.68 -15.09 -12.51
CA ALA L 116 20.80 -13.97 -13.44
C ALA L 116 22.25 -13.61 -13.75
N GLY L 117 23.07 -13.42 -12.73
CA GLY L 117 24.44 -12.99 -12.93
C GLY L 117 25.19 -13.85 -13.92
N THR L 118 25.13 -15.17 -13.72
CA THR L 118 25.82 -16.14 -14.57
C THR L 118 25.14 -16.32 -15.92
N ALA L 119 23.87 -15.95 -16.04
CA ALA L 119 23.15 -16.00 -17.31
C ALA L 119 23.72 -14.99 -18.32
N GLY L 120 24.19 -13.85 -17.81
CA GLY L 120 24.79 -12.81 -18.62
C GLY L 120 26.19 -13.16 -19.04
N ILE L 121 26.89 -13.93 -18.22
CA ILE L 121 28.21 -14.42 -18.60
C ILE L 121 28.08 -15.22 -19.89
N GLN L 122 27.07 -16.08 -19.96
CA GLN L 122 26.78 -16.88 -21.14
C GLN L 122 26.46 -15.97 -22.32
N MET L 123 25.70 -14.90 -22.08
CA MET L 123 25.33 -13.96 -23.13
C MET L 123 26.58 -13.30 -23.71
N CYS L 124 27.48 -12.85 -22.85
CA CYS L 124 28.73 -12.23 -23.27
C CYS L 124 29.59 -13.24 -24.03
N MET L 125 29.64 -14.49 -23.54
CA MET L 125 30.37 -15.55 -24.22
C MET L 125 29.94 -15.65 -25.69
N GLY L 126 28.64 -15.72 -25.92
CA GLY L 126 28.09 -15.79 -27.27
C GLY L 126 28.46 -14.61 -28.15
N LEU L 127 28.37 -13.38 -27.62
CA LEU L 127 28.55 -12.17 -28.43
C LEU L 127 29.99 -11.95 -28.86
N VAL L 128 30.97 -12.25 -28.00
CA VAL L 128 32.36 -12.16 -28.42
C VAL L 128 32.72 -13.35 -29.30
N GLY L 129 32.25 -14.53 -28.93
CA GLY L 129 32.52 -15.74 -29.70
C GLY L 129 31.99 -15.64 -31.12
N SER L 130 30.85 -14.99 -31.31
CA SER L 130 30.27 -14.81 -32.63
C SER L 130 30.99 -13.69 -33.39
N GLY L 131 31.71 -12.84 -32.66
CA GLY L 131 32.45 -11.73 -33.23
C GLY L 131 31.64 -10.45 -33.28
N LEU L 132 30.41 -10.46 -32.72
CA LEU L 132 29.54 -9.28 -32.74
C LEU L 132 30.10 -8.15 -31.89
N ILE L 133 30.81 -8.49 -30.81
CA ILE L 133 31.52 -7.50 -30.00
C ILE L 133 32.93 -8.01 -29.71
N GLU L 134 33.80 -7.15 -29.18
CA GLU L 134 35.15 -7.56 -28.83
C GLU L 134 35.27 -7.79 -27.34
N TYR L 135 34.55 -6.98 -26.53
CA TYR L 135 34.45 -7.24 -25.10
C TYR L 135 33.01 -7.05 -24.61
N GLY L 136 32.59 -7.93 -23.71
CA GLY L 136 31.30 -7.82 -23.05
C GLY L 136 31.46 -7.92 -21.56
N MET L 137 30.64 -7.17 -20.81
CA MET L 137 30.68 -7.26 -19.36
C MET L 137 29.40 -7.89 -18.81
N ALA L 138 29.57 -8.81 -17.85
CA ALA L 138 28.44 -9.41 -17.16
C ALA L 138 28.59 -9.17 -15.68
N ILE L 139 27.54 -8.65 -15.06
CA ILE L 139 27.57 -8.38 -13.64
C ILE L 139 26.47 -9.13 -12.93
N GLY L 140 26.81 -9.72 -11.80
CA GLY L 140 25.84 -10.24 -10.84
C GLY L 140 25.96 -9.49 -9.54
N ALA L 141 24.90 -8.80 -9.16
CA ALA L 141 24.90 -8.06 -7.90
C ALA L 141 23.48 -7.90 -7.37
N ASP L 142 23.35 -7.89 -6.04
CA ASP L 142 22.05 -7.79 -5.41
C ASP L 142 22.16 -7.17 -4.02
N THR L 143 21.15 -6.40 -3.61
CA THR L 143 21.04 -5.93 -2.23
C THR L 143 19.91 -6.69 -1.59
N ALA L 144 20.25 -7.72 -0.83
CA ALA L 144 19.28 -8.72 -0.45
C ALA L 144 18.49 -8.30 0.76
N GLN L 145 17.20 -8.56 0.74
CA GLN L 145 16.34 -8.26 1.88
C GLN L 145 15.67 -9.53 2.33
N GLY L 146 15.78 -9.82 3.62
CA GLY L 146 15.08 -10.94 4.21
C GLY L 146 13.97 -10.44 5.10
N ALA L 147 12.87 -11.17 5.15
CA ALA L 147 11.75 -10.74 5.97
C ALA L 147 12.17 -10.68 7.44
N PRO L 148 11.77 -9.63 8.16
CA PRO L 148 12.31 -9.45 9.53
C PRO L 148 12.23 -10.65 10.46
N GLY L 149 11.09 -11.29 10.54
CA GLY L 149 10.98 -12.48 11.38
C GLY L 149 11.67 -13.71 10.83
N ASP L 150 11.90 -13.76 9.51
CA ASP L 150 12.21 -14.99 8.80
C ASP L 150 13.65 -15.41 8.99
N ALA L 151 13.96 -16.65 8.58
CA ALA L 151 15.31 -17.17 8.61
C ALA L 151 16.15 -16.58 7.49
N LEU L 152 15.52 -16.08 6.43
CA LEU L 152 16.27 -15.49 5.32
C LEU L 152 16.94 -14.21 5.76
N GLU L 153 16.49 -13.68 6.89
CA GLU L 153 17.10 -12.51 7.47
C GLU L 153 18.55 -12.78 7.89
N TYR L 154 18.87 -14.02 8.26
CA TYR L 154 20.23 -14.35 8.68
C TYR L 154 21.18 -14.40 7.50
N THR L 155 20.69 -14.66 6.28
CA THR L 155 21.60 -14.86 5.14
C THR L 155 21.53 -13.75 4.09
N ALA L 156 20.33 -13.26 3.78
CA ALA L 156 20.17 -12.29 2.69
C ALA L 156 21.14 -11.10 2.86
N SER L 157 21.97 -10.83 1.86
CA SER L 157 23.08 -9.90 2.00
C SER L 157 23.35 -9.10 0.70
N ALA L 158 24.29 -8.13 0.79
CA ALA L 158 24.68 -7.28 -0.34
C ALA L 158 26.07 -7.63 -0.86
N GLY L 159 26.28 -7.42 -2.15
CA GLY L 159 27.57 -7.64 -2.80
C GLY L 159 27.39 -7.87 -4.28
N GLY L 160 28.50 -7.88 -5.01
CA GLY L 160 28.47 -8.12 -6.45
C GLY L 160 29.81 -8.43 -7.07
N ALA L 161 29.80 -9.00 -8.27
CA ALA L 161 31.04 -9.26 -8.99
C ALA L 161 30.84 -9.14 -10.51
N ALA L 162 31.87 -8.64 -11.21
CA ALA L 162 31.77 -8.33 -12.63
C ALA L 162 32.81 -9.11 -13.39
N TYR L 163 32.48 -9.49 -14.63
CA TYR L 163 33.40 -10.24 -15.47
C TYR L 163 33.44 -9.65 -16.87
N ILE L 164 34.64 -9.40 -17.40
CA ILE L 164 34.79 -8.95 -18.77
C ILE L 164 35.27 -10.10 -19.64
N ILE L 165 34.52 -10.38 -20.71
CA ILE L 165 34.79 -11.53 -21.55
C ILE L 165 35.46 -11.06 -22.84
N GLY L 166 36.52 -11.75 -23.22
CA GLY L 166 37.31 -11.33 -24.37
C GLY L 166 37.64 -12.43 -25.35
N ASN L 167 38.16 -12.02 -26.51
CA ASN L 167 38.40 -12.90 -27.65
C ASN L 167 39.89 -13.21 -27.77
N LYS L 168 40.76 -12.28 -27.35
CA LYS L 168 42.20 -12.39 -27.54
C LYS L 168 42.83 -13.39 -26.58
N LYS L 169 43.84 -14.13 -27.05
CA LYS L 169 44.48 -15.18 -26.25
C LYS L 169 45.34 -14.60 -25.13
N ASP L 170 46.23 -13.66 -25.47
CA ASP L 170 47.20 -13.13 -24.51
C ASP L 170 46.52 -12.38 -23.35
N GLU L 171 45.32 -11.82 -23.58
CA GLU L 171 44.63 -10.99 -22.60
C GLU L 171 43.77 -11.81 -21.63
N MET L 172 43.45 -13.07 -22.00
CA MET L 172 42.64 -13.95 -21.17
C MET L 172 43.41 -14.42 -19.94
N ILE L 173 42.76 -14.34 -18.76
CA ILE L 173 43.30 -14.85 -17.51
C ILE L 173 42.64 -16.18 -17.16
N ALA L 174 41.58 -16.53 -17.90
CA ALA L 174 40.89 -17.79 -17.74
C ALA L 174 40.10 -18.11 -19.02
N VAL L 175 39.92 -19.39 -19.31
CA VAL L 175 39.34 -19.81 -20.59
C VAL L 175 38.14 -20.69 -20.38
N PHE L 176 37.05 -20.39 -21.09
CA PHE L 176 35.86 -21.24 -21.02
C PHE L 176 36.07 -22.49 -21.87
N ASN L 177 35.99 -23.66 -21.23
CA ASN L 177 36.05 -24.93 -21.93
C ASN L 177 34.66 -25.33 -22.41
N GLY L 178 33.64 -24.88 -21.68
CA GLY L 178 32.27 -25.14 -22.05
C GLY L 178 31.28 -24.73 -20.98
N THR L 179 30.02 -24.57 -21.37
CA THR L 179 28.95 -24.21 -20.44
C THR L 179 27.76 -25.11 -20.66
N TYR L 180 26.94 -25.29 -19.63
CA TYR L 180 25.74 -26.11 -19.73
C TYR L 180 24.69 -25.53 -18.79
N SER L 181 23.41 -25.66 -19.15
CA SER L 181 22.32 -25.16 -18.31
C SER L 181 21.18 -26.16 -18.20
N TYR L 182 20.63 -26.28 -17.00
CA TYR L 182 19.48 -27.13 -16.72
C TYR L 182 18.36 -26.24 -16.19
N THR L 183 17.24 -26.17 -16.92
CA THR L 183 16.16 -25.28 -16.54
C THR L 183 14.81 -25.98 -16.62
N THR L 184 13.97 -25.82 -15.59
CA THR L 184 12.57 -26.23 -15.68
C THR L 184 11.69 -25.23 -14.91
N ASP L 185 10.37 -25.46 -14.86
CA ASP L 185 9.46 -24.54 -14.19
C ASP L 185 9.20 -25.06 -12.76
N THR L 186 9.71 -24.37 -11.73
CA THR L 186 9.59 -24.84 -10.36
C THR L 186 9.11 -23.72 -9.43
N PRO L 187 8.01 -23.98 -8.71
CA PRO L 187 7.51 -22.95 -7.78
C PRO L 187 8.10 -23.05 -6.37
N ASP L 188 9.43 -23.18 -6.26
CA ASP L 188 10.05 -23.30 -4.95
C ASP L 188 10.14 -21.96 -4.25
N PHE L 189 10.39 -20.89 -5.00
CA PHE L 189 10.55 -19.55 -4.44
C PHE L 189 10.22 -18.52 -5.50
N TRP L 190 9.56 -17.44 -5.11
CA TRP L 190 9.11 -16.43 -6.05
C TRP L 190 8.78 -15.14 -5.32
N ARG L 191 8.54 -14.06 -6.05
CA ARG L 191 8.00 -12.83 -5.50
C ARG L 191 7.13 -12.17 -6.54
N ARG L 192 5.93 -11.79 -6.17
CA ARG L 192 5.00 -11.19 -7.10
C ARG L 192 5.27 -9.70 -7.24
N GLU L 193 4.93 -9.11 -8.40
CA GLU L 193 5.26 -7.71 -8.69
C GLU L 193 4.92 -6.74 -7.54
N GLY L 194 3.76 -6.92 -6.93
CA GLY L 194 3.33 -6.05 -5.85
C GLY L 194 4.18 -6.15 -4.59
N GLN L 195 4.54 -7.37 -4.18
CA GLN L 195 5.13 -7.62 -2.86
C GLN L 195 6.60 -7.18 -2.75
N SER L 196 6.98 -6.69 -1.55
CA SER L 196 8.33 -6.25 -1.24
C SER L 196 9.17 -7.42 -0.74
N TYR L 197 8.55 -8.37 -0.01
CA TYR L 197 9.22 -9.56 0.48
C TYR L 197 8.72 -10.82 -0.25
N PRO L 198 9.61 -11.79 -0.47
CA PRO L 198 9.23 -12.98 -1.23
C PRO L 198 8.51 -14.01 -0.38
N LYS L 199 7.91 -15.02 -1.05
CA LYS L 199 7.31 -16.18 -0.40
C LYS L 199 8.07 -17.44 -0.86
N HIS L 200 8.26 -18.43 0.04
CA HIS L 200 9.05 -19.64 -0.27
C HIS L 200 8.33 -20.96 0.02
N GLY L 201 8.87 -22.03 -0.58
CA GLY L 201 8.38 -23.39 -0.47
C GLY L 201 8.74 -24.08 0.84
N GLY L 202 9.75 -23.55 1.52
CA GLY L 202 10.29 -24.13 2.74
C GLY L 202 11.21 -25.30 2.44
N ARG L 203 10.75 -26.49 2.82
CA ARG L 203 11.50 -27.72 2.62
C ARG L 203 11.53 -28.11 1.15
N PHE L 204 10.51 -27.69 0.37
CA PHE L 204 10.44 -28.01 -1.06
C PHE L 204 11.57 -27.32 -1.87
N THR L 205 12.12 -26.22 -1.36
CA THR L 205 13.21 -25.58 -2.08
C THR L 205 14.48 -26.41 -1.98
N GLY L 206 14.68 -27.03 -0.83
CA GLY L 206 15.88 -27.83 -0.60
C GLY L 206 16.12 -28.91 -1.63
N GLU L 207 15.83 -30.15 -1.25
CA GLU L 207 16.22 -31.32 -2.02
C GLU L 207 15.63 -31.31 -3.44
N PRO L 208 14.33 -31.03 -3.59
CA PRO L 208 13.74 -31.19 -4.91
C PRO L 208 14.23 -30.16 -5.93
N ALA L 209 14.52 -28.95 -5.48
CA ALA L 209 14.74 -27.85 -6.42
C ALA L 209 16.21 -27.48 -6.51
N TYR L 210 16.84 -27.11 -5.39
CA TYR L 210 18.21 -26.66 -5.44
C TYR L 210 19.15 -27.80 -5.80
N PHE L 211 19.03 -28.93 -5.09
CA PHE L 211 19.90 -30.08 -5.35
C PHE L 211 19.63 -30.65 -6.74
N LYS L 212 18.37 -30.83 -7.10
CA LYS L 212 18.08 -31.39 -8.41
C LYS L 212 18.76 -30.61 -9.53
N HIS L 213 18.60 -29.29 -9.56
CA HIS L 213 19.10 -28.50 -10.69
C HIS L 213 20.61 -28.37 -10.64
N VAL L 214 21.19 -28.14 -9.45
CA VAL L 214 22.63 -27.98 -9.31
C VAL L 214 23.36 -29.25 -9.72
N LEU L 215 22.88 -30.39 -9.24
CA LEU L 215 23.55 -31.67 -9.47
C LEU L 215 23.41 -32.07 -10.93
N ASN L 216 22.21 -31.91 -11.49
CA ASN L 216 21.98 -32.23 -12.90
C ASN L 216 22.86 -31.36 -13.80
N ALA L 217 23.01 -30.09 -13.46
CA ALA L 217 23.86 -29.18 -14.24
C ALA L 217 25.34 -29.56 -14.08
N ALA L 218 25.73 -30.12 -12.92
CA ALA L 218 27.08 -30.61 -12.69
C ALA L 218 27.38 -31.85 -13.53
N LYS L 219 26.46 -32.82 -13.56
CA LYS L 219 26.68 -34.00 -14.39
C LYS L 219 26.59 -33.62 -15.86
N GLY L 220 25.76 -32.63 -16.16
CA GLY L 220 25.58 -32.17 -17.53
C GLY L 220 26.87 -31.62 -18.13
N ILE L 221 27.57 -30.78 -17.36
CA ILE L 221 28.83 -30.20 -17.84
C ILE L 221 29.92 -31.27 -17.85
N MET L 222 29.92 -32.18 -16.86
CA MET L 222 30.97 -33.19 -16.78
C MET L 222 30.77 -34.29 -17.82
N GLU L 223 29.51 -34.55 -18.19
CA GLU L 223 29.19 -35.43 -19.31
C GLU L 223 29.57 -34.75 -20.63
N LYS L 224 29.27 -33.46 -20.75
CA LYS L 224 29.58 -32.70 -21.95
C LYS L 224 31.09 -32.60 -22.17
N MET L 225 31.87 -32.50 -21.08
CA MET L 225 33.32 -32.30 -21.17
C MET L 225 34.05 -33.63 -21.02
N GLY L 226 33.32 -34.68 -20.68
CA GLY L 226 33.89 -35.99 -20.42
C GLY L 226 34.86 -35.98 -19.27
N THR L 227 34.44 -35.40 -18.14
CA THR L 227 35.34 -35.23 -17.00
C THR L 227 34.78 -35.89 -15.74
N THR L 228 35.58 -35.84 -14.68
CA THR L 228 35.19 -36.34 -13.37
C THR L 228 35.61 -35.32 -12.31
N VAL L 229 35.20 -35.55 -11.06
CA VAL L 229 35.45 -34.60 -9.97
C VAL L 229 36.93 -34.51 -9.61
N LYS L 230 37.73 -35.52 -9.98
CA LYS L 230 39.18 -35.48 -9.73
C LYS L 230 39.86 -34.52 -10.73
N ASP L 231 39.25 -34.31 -11.91
CA ASP L 231 39.84 -33.46 -12.94
C ASP L 231 39.85 -31.98 -12.52
N TYR L 232 38.93 -31.58 -11.63
CA TYR L 232 38.79 -30.17 -11.25
C TYR L 232 39.63 -29.82 -10.03
N ASP L 233 40.29 -28.67 -10.07
CA ASP L 233 41.16 -28.22 -8.99
C ASP L 233 40.34 -27.51 -7.91
N TYR L 234 39.39 -26.66 -8.34
CA TYR L 234 38.49 -25.96 -7.41
C TYR L 234 37.05 -26.01 -7.92
N CYS L 235 36.09 -25.73 -7.03
CA CYS L 235 34.67 -25.72 -7.39
C CYS L 235 33.94 -24.61 -6.66
N VAL L 236 32.88 -24.07 -7.29
CA VAL L 236 32.00 -23.12 -6.63
C VAL L 236 30.55 -23.43 -7.01
N PHE L 237 29.71 -23.60 -5.99
CA PHE L 237 28.28 -23.84 -6.16
C PHE L 237 27.49 -22.68 -5.59
N HIS L 238 26.19 -22.67 -5.82
CA HIS L 238 25.33 -21.68 -5.19
C HIS L 238 25.27 -21.94 -3.69
N GLN L 239 25.22 -20.87 -2.89
CA GLN L 239 25.36 -20.97 -1.44
C GLN L 239 24.27 -20.16 -0.75
N PRO L 240 23.04 -20.65 -0.77
CA PRO L 240 21.98 -20.01 0.01
C PRO L 240 22.33 -20.04 1.50
N ASN L 241 22.98 -21.11 1.91
CA ASN L 241 23.60 -21.25 3.23
C ASN L 241 24.78 -22.22 3.08
N GLY L 242 25.63 -22.33 4.09
CA GLY L 242 26.79 -23.21 4.00
C GLY L 242 26.41 -24.68 3.93
N LYS L 243 25.32 -25.05 4.61
CA LYS L 243 24.83 -26.43 4.65
C LYS L 243 24.61 -26.97 3.23
N PHE L 244 23.86 -26.24 2.40
CA PHE L 244 23.50 -26.70 1.05
C PHE L 244 24.75 -26.83 0.20
N TYR L 245 25.61 -25.83 0.27
CA TYR L 245 26.79 -25.78 -0.56
C TYR L 245 27.65 -27.01 -0.35
N ILE L 246 27.95 -27.35 0.91
CA ILE L 246 28.84 -28.49 1.21
C ILE L 246 28.17 -29.82 0.82
N LYS L 247 26.87 -29.96 1.11
CA LYS L 247 26.15 -31.20 0.83
C LYS L 247 26.16 -31.49 -0.66
N ALA L 248 26.16 -30.44 -1.47
CA ALA L 248 26.27 -30.58 -2.92
C ALA L 248 27.69 -30.97 -3.28
N ALA L 249 28.67 -30.27 -2.72
CA ALA L 249 30.08 -30.53 -3.03
C ALA L 249 30.45 -31.95 -2.61
N LYS L 250 30.10 -32.32 -1.37
CA LYS L 250 30.39 -33.64 -0.84
C LYS L 250 29.66 -34.72 -1.65
N SER L 251 28.42 -34.44 -2.05
CA SER L 251 27.63 -35.38 -2.85
C SER L 251 28.34 -35.72 -4.16
N LEU L 252 28.96 -34.72 -4.80
CA LEU L 252 29.63 -34.94 -6.07
C LEU L 252 31.04 -35.53 -5.88
N GLY L 253 31.54 -35.48 -4.65
CA GLY L 253 32.84 -36.04 -4.32
C GLY L 253 33.95 -35.01 -4.30
N PHE L 254 33.62 -33.75 -3.97
CA PHE L 254 34.64 -32.71 -3.86
C PHE L 254 35.14 -32.63 -2.43
N THR L 255 36.46 -32.48 -2.26
CA THR L 255 37.03 -32.38 -0.93
C THR L 255 37.02 -30.94 -0.48
N ASN L 256 37.21 -30.72 0.83
CA ASN L 256 37.25 -29.37 1.39
C ASN L 256 38.26 -28.49 0.65
N GLU L 257 39.42 -29.04 0.28
CA GLU L 257 40.45 -28.26 -0.40
C GLU L 257 39.95 -27.76 -1.75
N GLN L 258 39.02 -28.47 -2.37
CA GLN L 258 38.49 -28.09 -3.67
C GLN L 258 37.40 -27.02 -3.53
N TYR L 259 36.58 -27.09 -2.48
CA TYR L 259 35.42 -26.21 -2.38
C TYR L 259 35.57 -25.04 -1.40
N LYS L 260 36.66 -24.99 -0.62
CA LYS L 260 36.76 -24.01 0.46
C LYS L 260 36.78 -22.56 -0.03
N TYR L 261 37.52 -22.28 -1.12
CA TYR L 261 37.63 -20.91 -1.66
C TYR L 261 36.29 -20.38 -2.16
N GLY L 262 35.51 -21.24 -2.79
CA GLY L 262 34.22 -20.85 -3.34
C GLY L 262 33.19 -20.48 -2.30
N LEU L 263 33.29 -21.06 -1.09
CA LEU L 263 32.28 -20.83 -0.06
C LEU L 263 32.58 -19.57 0.76
N LEU L 264 31.75 -18.52 0.58
CA LEU L 264 31.92 -17.24 1.29
C LEU L 264 30.77 -16.96 2.25
N THR L 265 29.66 -17.69 2.12
CA THR L 265 28.42 -17.33 2.81
C THR L 265 28.58 -17.25 4.33
N PRO L 266 29.40 -18.10 4.95
CA PRO L 266 29.50 -18.05 6.41
C PRO L 266 29.85 -16.67 6.98
N TYR L 267 30.58 -15.84 6.22
CA TYR L 267 30.96 -14.51 6.69
C TYR L 267 30.45 -13.39 5.78
N LEU L 268 29.81 -13.73 4.67
CA LEU L 268 29.30 -12.75 3.71
C LEU L 268 27.77 -12.80 3.65
N GLY L 269 27.20 -13.98 3.84
CA GLY L 269 25.79 -14.20 3.60
C GLY L 269 25.51 -14.52 2.15
N ASN L 270 24.21 -14.65 1.81
CA ASN L 270 23.78 -14.95 0.46
C ASN L 270 23.57 -13.66 -0.33
N THR L 271 24.48 -13.36 -1.27
CA THR L 271 24.37 -12.17 -2.11
C THR L 271 23.59 -12.49 -3.37
N TYR L 272 22.82 -13.57 -3.35
CA TYR L 272 21.89 -13.88 -4.42
C TYR L 272 22.61 -13.92 -5.77
N SER L 273 22.37 -12.97 -6.67
CA SER L 273 22.99 -13.04 -8.00
C SER L 273 24.52 -12.94 -7.92
N GLY L 274 25.02 -12.25 -6.91
CA GLY L 274 26.45 -12.05 -6.71
C GLY L 274 27.18 -13.23 -6.09
N ALA L 275 26.42 -14.21 -5.54
CA ALA L 275 26.98 -15.32 -4.75
C ALA L 275 28.08 -16.09 -5.50
N VAL L 276 27.70 -16.79 -6.59
CA VAL L 276 28.63 -17.59 -7.39
C VAL L 276 29.74 -16.71 -8.01
N PRO L 277 29.37 -15.58 -8.65
CA PRO L 277 30.41 -14.66 -9.14
C PRO L 277 31.41 -14.28 -8.07
N LEU L 278 30.94 -13.92 -6.88
CA LEU L 278 31.86 -13.54 -5.81
C LEU L 278 32.73 -14.72 -5.41
N GLY L 279 32.14 -15.91 -5.34
CA GLY L 279 32.89 -17.10 -5.01
C GLY L 279 33.97 -17.39 -6.04
N LEU L 280 33.58 -17.38 -7.32
CA LEU L 280 34.49 -17.57 -8.43
C LEU L 280 35.62 -16.53 -8.41
N SER L 281 35.29 -15.29 -8.05
CA SER L 281 36.31 -14.25 -8.00
C SER L 281 37.36 -14.57 -6.94
N ASN L 282 36.93 -15.14 -5.79
CA ASN L 282 37.86 -15.51 -4.73
C ASN L 282 38.71 -16.70 -5.16
N ILE L 283 38.13 -17.61 -5.94
CA ILE L 283 38.90 -18.73 -6.47
C ILE L 283 39.98 -18.20 -7.38
N LEU L 284 39.63 -17.22 -8.24
CA LEU L 284 40.59 -16.64 -9.18
C LEU L 284 41.66 -15.82 -8.45
N ASP L 285 41.34 -15.26 -7.28
CA ASP L 285 42.33 -14.51 -6.50
C ASP L 285 43.44 -15.45 -6.00
N HIS L 286 43.11 -16.73 -5.76
CA HIS L 286 44.05 -17.69 -5.20
C HIS L 286 44.61 -18.65 -6.25
N ALA L 287 43.94 -18.77 -7.40
CA ALA L 287 44.23 -19.84 -8.35
C ALA L 287 45.59 -19.68 -9.01
N GLU L 288 46.19 -20.82 -9.39
CA GLU L 288 47.46 -20.88 -10.10
C GLU L 288 47.21 -21.17 -11.58
N GLU L 289 48.20 -20.95 -12.43
CA GLU L 289 48.08 -21.22 -13.86
C GLU L 289 47.72 -22.70 -14.09
N GLY L 290 46.77 -22.94 -14.98
CA GLY L 290 46.37 -24.29 -15.35
C GLY L 290 45.35 -24.92 -14.43
N ALA L 291 44.82 -24.15 -13.46
CA ALA L 291 43.80 -24.67 -12.56
C ALA L 291 42.45 -24.80 -13.28
N ARG L 292 41.88 -26.01 -13.24
CA ARG L 292 40.58 -26.26 -13.83
C ARG L 292 39.53 -26.14 -12.74
N ILE L 293 38.55 -25.27 -12.93
CA ILE L 293 37.53 -25.03 -11.92
C ILE L 293 36.15 -25.35 -12.46
N LEU L 294 35.23 -25.73 -11.58
CA LEU L 294 33.83 -26.01 -11.93
C LEU L 294 32.92 -25.04 -11.18
N ALA L 295 32.13 -24.26 -11.91
CA ALA L 295 31.22 -23.30 -11.30
C ALA L 295 29.78 -23.60 -11.68
N VAL L 296 28.92 -23.88 -10.71
CA VAL L 296 27.51 -24.13 -11.00
C VAL L 296 26.60 -23.22 -10.19
N SER L 297 25.73 -22.46 -10.88
CA SER L 297 24.85 -21.51 -10.21
C SER L 297 23.45 -22.08 -10.08
N TYR L 298 22.59 -21.35 -9.36
CA TYR L 298 21.20 -21.76 -9.19
C TYR L 298 20.31 -20.53 -9.17
N GLY L 299 19.11 -20.68 -9.70
CA GLY L 299 18.08 -19.65 -9.62
C GLY L 299 16.73 -20.22 -9.28
N SER L 300 16.06 -19.62 -8.30
CA SER L 300 14.86 -20.16 -7.69
C SER L 300 13.78 -20.56 -8.67
N GLY L 301 13.61 -19.83 -9.76
CA GLY L 301 12.56 -20.15 -10.71
C GLY L 301 12.71 -21.55 -11.29
N ALA L 302 13.95 -22.10 -11.20
CA ALA L 302 14.31 -23.47 -11.59
C ALA L 302 15.25 -23.45 -12.79
N GLY L 303 16.41 -22.85 -12.63
CA GLY L 303 17.43 -22.99 -13.65
C GLY L 303 18.80 -23.07 -13.03
N SER L 304 19.80 -23.53 -13.79
CA SER L 304 21.17 -23.51 -13.31
C SER L 304 22.14 -23.33 -14.45
N ASP L 305 23.28 -22.71 -14.17
CA ASP L 305 24.32 -22.52 -15.17
C ASP L 305 25.62 -23.15 -14.70
N ALA L 306 26.20 -24.02 -15.53
CA ALA L 306 27.46 -24.67 -15.20
C ALA L 306 28.58 -24.12 -16.08
N PHE L 307 29.78 -23.97 -15.52
CA PHE L 307 30.94 -23.51 -16.28
C PHE L 307 32.16 -24.40 -16.04
N ASP L 308 32.92 -24.65 -17.10
CA ASP L 308 34.21 -25.34 -17.01
C ASP L 308 35.29 -24.35 -17.42
N ILE L 309 36.12 -23.91 -16.47
CA ILE L 309 37.07 -22.84 -16.73
C ILE L 309 38.49 -23.29 -16.42
N THR L 310 39.45 -22.80 -17.20
CA THR L 310 40.86 -23.09 -16.95
C THR L 310 41.63 -21.78 -16.78
N VAL L 311 42.48 -21.73 -15.75
CA VAL L 311 43.20 -20.52 -15.41
C VAL L 311 44.46 -20.40 -16.26
N THR L 312 44.84 -19.15 -16.61
CA THR L 312 45.91 -18.86 -17.56
C THR L 312 47.08 -18.19 -16.86
N GLU L 313 48.22 -18.11 -17.56
CA GLU L 313 49.42 -17.44 -17.08
C GLU L 313 49.17 -16.01 -16.58
N ARG L 314 48.22 -15.30 -17.20
CA ARG L 314 48.06 -13.86 -17.01
C ARG L 314 47.47 -13.51 -15.64
N ILE L 315 47.01 -14.51 -14.86
CA ILE L 315 46.41 -14.20 -13.55
C ILE L 315 47.39 -13.50 -12.62
N LYS L 316 48.64 -13.95 -12.56
CA LYS L 316 49.61 -13.40 -11.61
C LYS L 316 49.72 -11.88 -11.77
N GLU L 317 49.42 -11.37 -12.97
CA GLU L 317 49.51 -9.94 -13.25
C GLU L 317 48.30 -9.18 -12.71
N VAL L 318 47.08 -9.71 -12.95
CA VAL L 318 45.84 -8.95 -12.74
C VAL L 318 45.39 -8.90 -11.28
N VAL L 319 45.62 -9.97 -10.52
CA VAL L 319 45.01 -10.12 -9.20
C VAL L 319 45.18 -8.86 -8.35
N ASP L 320 46.39 -8.30 -8.30
CA ASP L 320 46.67 -7.20 -7.38
C ASP L 320 46.25 -5.84 -7.95
N LYS L 321 45.75 -5.81 -9.20
CA LYS L 321 45.37 -4.55 -9.85
C LYS L 321 44.10 -3.95 -9.26
N ALA L 322 43.37 -4.74 -8.46
CA ALA L 322 42.15 -4.27 -7.80
C ALA L 322 42.00 -4.99 -6.45
N PRO L 323 41.03 -4.58 -5.62
CA PRO L 323 40.91 -5.23 -4.30
C PRO L 323 40.50 -6.70 -4.39
N LYS L 324 41.20 -7.56 -3.65
CA LYS L 324 40.85 -8.97 -3.58
C LYS L 324 39.53 -9.13 -2.83
N THR L 325 38.73 -10.12 -3.24
CA THR L 325 37.43 -10.39 -2.64
C THR L 325 37.56 -10.57 -1.13
N LEU L 326 38.59 -11.30 -0.71
CA LEU L 326 38.78 -11.60 0.71
C LEU L 326 39.15 -10.35 1.50
N ASP L 327 39.83 -9.38 0.86
CA ASP L 327 40.20 -8.14 1.52
C ASP L 327 38.96 -7.26 1.74
N LEU L 328 38.08 -7.17 0.73
CA LEU L 328 36.83 -6.44 0.87
C LEU L 328 35.98 -7.08 1.97
N LEU L 329 36.02 -8.41 2.05
CA LEU L 329 35.23 -9.18 3.00
C LEU L 329 35.70 -8.97 4.44
N ASN L 330 36.98 -8.62 4.64
CA ASN L 330 37.54 -8.45 5.98
C ASN L 330 37.64 -6.97 6.36
N ARG L 331 37.41 -6.08 5.39
CA ARG L 331 37.29 -4.64 5.64
C ARG L 331 35.88 -4.33 6.12
N LYS L 332 35.63 -4.46 7.44
CA LYS L 332 34.25 -4.48 7.90
C LYS L 332 33.98 -3.68 9.16
N LYS L 333 32.70 -3.31 9.34
CA LYS L 333 32.22 -2.60 10.52
C LYS L 333 30.89 -3.21 10.98
N TYR L 334 30.87 -3.77 12.20
CA TYR L 334 29.68 -4.44 12.70
C TYR L 334 28.62 -3.44 13.15
N ILE L 335 27.34 -3.81 12.99
CA ILE L 335 26.23 -2.99 13.44
C ILE L 335 25.25 -3.84 14.24
N ASP L 336 24.43 -3.20 15.06
CA ASP L 336 23.37 -3.90 15.75
C ASP L 336 22.13 -3.97 14.86
N TYR L 337 21.06 -4.58 15.36
CA TYR L 337 19.85 -4.83 14.57
C TYR L 337 19.08 -3.53 14.32
N ALA L 338 19.04 -2.64 15.32
CA ALA L 338 18.35 -1.35 15.17
C ALA L 338 18.92 -0.57 13.99
N VAL L 339 20.23 -0.38 13.97
CA VAL L 339 20.90 0.34 12.89
C VAL L 339 20.66 -0.38 11.57
N TYR L 340 20.67 -1.71 11.63
CA TYR L 340 20.47 -2.54 10.44
C TYR L 340 19.07 -2.28 9.83
N VAL L 341 18.00 -2.32 10.63
CA VAL L 341 16.67 -2.06 10.09
C VAL L 341 16.56 -0.61 9.60
N LYS L 342 17.21 0.32 10.29
CA LYS L 342 17.30 1.69 9.83
C LYS L 342 17.95 1.76 8.45
N TYR L 343 19.16 1.21 8.32
CA TYR L 343 19.87 1.23 7.05
C TYR L 343 19.02 0.65 5.93
N ARG L 344 18.33 -0.47 6.19
CA ARG L 344 17.69 -1.24 5.13
C ARG L 344 16.35 -0.66 4.71
N GLY L 345 15.87 0.33 5.45
CA GLY L 345 14.54 0.89 5.23
C GLY L 345 13.46 -0.11 5.58
N LYS L 346 13.80 -1.06 6.47
CA LYS L 346 12.85 -2.06 6.97
C LYS L 346 11.84 -1.40 7.93
N ILE L 347 12.12 -0.16 8.34
CA ILE L 347 11.20 0.66 9.13
C ILE L 347 9.99 1.09 8.24
N LYS L 348 8.77 1.16 8.83
CA LYS L 348 7.57 1.58 8.08
C LYS L 348 7.76 2.96 7.44
N1A COA M . 0.65 26.97 -30.40
C2A COA M . 0.80 26.24 -31.50
N3A COA M . 1.47 25.10 -31.67
C4A COA M . 2.05 24.71 -30.52
C5A COA M . 1.99 25.36 -29.30
C6A COA M . 1.24 26.56 -29.25
N6A COA M . 1.08 27.29 -28.15
N7A COA M . 2.75 24.69 -28.35
C8A COA M . 3.25 23.67 -29.01
N9A COA M . 2.86 23.62 -30.32
C1B COA M . 3.18 22.57 -31.29
C2B COA M . 3.68 21.28 -30.66
O2B COA M . 5.10 21.26 -30.58
C3B COA M . 3.17 20.24 -31.66
O3B COA M . 4.03 20.14 -32.82
P3B COA M . 4.34 18.77 -33.60
O7A COA M . 5.10 19.04 -34.85
O8A COA M . 5.11 17.89 -32.61
O9A COA M . 2.97 18.11 -33.87
C4B COA M . 1.84 20.82 -32.12
O4B COA M . 1.99 22.25 -31.99
C5B COA M . 0.62 20.37 -31.35
O5B COA M . 0.91 20.35 -29.94
P1A COA M . 1.52 19.02 -29.23
O1A COA M . 2.98 19.10 -28.98
O2A COA M . 1.23 17.81 -30.12
O3A COA M . 0.80 18.79 -27.83
P2A COA M . 1.47 18.53 -26.41
O4A COA M . 0.53 17.81 -25.53
O5A COA M . 2.71 17.67 -26.64
O6A COA M . 1.98 19.97 -25.87
CBP COA M . -0.08 21.16 -25.30
CCP COA M . 1.19 21.14 -26.17
CDP COA M . -1.22 20.43 -26.03
CEP COA M . 0.15 20.49 -23.94
CAP COA M . -0.51 22.62 -25.05
OAP COA M . -1.70 22.66 -24.29
C9P COA M . 0.54 23.53 -24.42
O9P COA M . 1.65 23.09 -24.13
N8P COA M . 0.19 24.79 -24.21
H2A COA M . 0.30 26.61 -32.40
H61A COA M . 0.53 28.14 -28.16
H62A COA M . 1.52 27.01 -27.27
H8A COA M . 3.92 22.94 -28.56
H1B COA M . 3.88 22.99 -32.01
H2B COA M . 3.28 21.10 -29.66
HO2A COA M . 5.45 20.97 -31.46
H3B COA M . 3.07 19.24 -31.23
H4B COA M . 1.70 20.68 -33.19
H51A COA M . 0.34 19.36 -31.61
H52A COA M . -0.25 21.00 -31.58
H121 COA M . 0.93 21.07 -27.23
H122 COA M . 1.81 22.02 -26.03
H131 COA M . -2.15 20.44 -25.45
H132 COA M . -0.99 19.40 -26.22
H133 COA M . -1.44 20.88 -26.99
H141 COA M . -0.74 20.50 -23.32
H142 COA M . 0.93 20.96 -23.35
H143 COA M . 0.45 19.45 -24.03
H10 COA M . -0.88 23.04 -26.00
HO1 COA M . -2.11 23.55 -24.35
N1A COA N . 14.02 -35.80 14.87
C2A COA N . 15.29 -35.84 14.45
N3A COA N . 15.87 -35.15 13.46
C4A COA N . 14.99 -34.33 12.87
C5A COA N . 13.65 -34.20 13.18
C6A COA N . 13.15 -34.97 14.24
N6A COA N . 11.89 -34.93 14.67
N7A COA N . 13.04 -33.27 12.35
C8A COA N . 14.02 -32.85 11.57
N9A COA N . 15.23 -33.45 11.83
C1B COA N . 16.49 -33.21 11.15
C2B COA N . 16.36 -33.13 9.63
O2B COA N . 16.50 -34.42 9.06
C3B COA N . 17.55 -32.23 9.28
O3B COA N . 18.77 -33.01 9.33
P3B COA N . 20.19 -32.61 8.67
O7A COA N . 20.93 -31.68 9.59
O8A COA N . 20.94 -33.93 8.43
O9A COA N . 19.89 -31.99 7.29
C4B COA N . 17.59 -31.26 10.45
O4B COA N . 16.99 -31.95 11.57
C5B COA N . 16.88 -29.95 10.22
O5B COA N . 15.51 -30.03 10.67
P1A COA N . 14.39 -28.98 10.14
O1A COA N . 13.92 -29.26 8.77
O2A COA N . 14.99 -27.56 10.18
O3A COA N . 13.17 -29.04 11.16
P2A COA N . 12.34 -27.97 12.01
O4A COA N . 13.14 -27.54 13.19
O5A COA N . 12.07 -26.77 11.12
O6A COA N . 10.90 -28.64 12.41
CBP COA N . 9.81 -30.65 13.25
CCP COA N . 10.82 -29.53 13.53
CDP COA N . 8.58 -30.09 12.53
CEP COA N . 10.44 -31.74 12.39
CAP COA N . 9.36 -31.28 14.59
OAP COA N . 10.29 -31.00 15.64
C9P COA N . 7.96 -30.91 15.03
O9P COA N . 7.73 -29.80 15.50
N8P COA N . 7.04 -31.88 14.97
H2A COA N . 15.95 -36.52 14.99
H61A COA N . 11.56 -35.52 15.43
H62A COA N . 11.23 -34.31 14.22
H8A COA N . 13.91 -32.08 10.82
H1B COA N . 17.20 -33.96 11.47
H2B COA N . 15.43 -32.69 9.30
HO2A COA N . 17.47 -34.60 8.94
H3B COA N . 17.46 -31.76 8.31
H4B COA N . 18.61 -31.08 10.78
H51A COA N . 16.80 -29.71 9.16
H52A COA N . 17.40 -29.11 10.69
H121 COA N . 10.52 -28.91 14.38
H122 COA N . 11.82 -29.91 13.74
H131 COA N . 7.82 -30.85 12.39
H132 COA N . 8.83 -29.73 11.53
H133 COA N . 8.12 -29.25 13.04
H141 COA N . 9.73 -32.50 12.09
H142 COA N . 11.25 -32.26 12.91
H143 COA N . 10.87 -31.34 11.47
H10 COA N . 9.48 -32.37 14.53
HO1 COA N . 9.94 -31.38 16.49
K K O . 5.44 -61.67 3.32
K K P . -10.94 -67.84 18.90
N1A COA Q . 18.62 31.12 18.28
C2A COA Q . 18.07 31.06 19.50
N3A COA Q . 16.96 30.45 19.88
C4A COA Q . 16.36 29.82 18.86
C5A COA Q . 16.81 29.80 17.55
C6A COA Q . 18.00 30.49 17.25
N6A COA Q . 18.49 30.65 16.03
N7A COA Q . 15.92 29.10 16.74
C8A COA Q . 14.98 28.73 17.57
N9A COA Q . 15.20 29.11 18.86
C1B COA Q . 14.44 28.67 20.04
C2B COA Q . 12.93 28.75 19.86
O2B COA Q . 12.45 30.06 20.16
C3B COA Q . 12.46 27.71 20.89
O3B COA Q . 12.34 28.34 22.19
P3B COA Q . 11.90 27.57 23.54
O7A COA Q . 11.66 26.11 23.25
O8A COA Q . 13.04 27.80 24.54
O9A COA Q . 10.64 28.29 24.05
C4B COA Q . 13.61 26.72 20.98
O4B COA Q . 14.72 27.31 20.27
C5B COA Q . 13.32 25.34 20.44
O5B COA Q . 13.92 25.18 19.14
P1A COA Q . 13.13 24.44 17.93
O1A COA Q . 12.18 23.39 18.37
O2A COA Q . 12.35 25.53 17.15
O3A COA Q . 14.21 23.82 16.94
P2A COA Q . 14.52 24.10 15.40
O4A COA Q . 13.66 23.23 14.56
O5A COA Q . 14.14 25.56 15.13
O6A COA Q . 16.10 23.90 15.09
CBP COA Q . 16.95 25.72 13.70
CCP COA Q . 16.97 25.06 15.07
CDP COA Q . 18.32 25.62 13.02
CEP COA Q . 15.90 25.12 12.77
CAP COA Q . 16.62 27.22 13.92
OAP COA Q . 17.59 27.86 14.74
C9P COA Q . 16.47 28.01 12.61
O9P COA Q . 15.37 28.08 12.07
N8P COA Q . 17.55 28.66 12.18
H2A COA Q . 18.65 31.51 20.30
H61A COA Q . 19.35 31.16 15.86
H62A COA Q . 17.98 30.31 15.22
H8A COA Q . 14.09 28.18 17.27
H1B COA Q . 14.80 29.24 20.89
H2B COA Q . 12.60 28.47 18.86
HO2A COA Q . 12.25 30.09 21.13
H3B COA Q . 11.50 27.26 20.63
H4B COA Q . 13.99 26.65 22.00
H51A COA Q . 12.25 25.19 20.27
H52A COA Q . 13.63 24.56 21.12
H121 COA Q . 17.96 24.67 15.31
H122 COA Q . 16.66 25.72 15.87
H131 COA Q . 18.32 26.04 12.01
H132 COA Q . 18.63 24.58 12.91
H133 COA Q . 19.11 26.12 13.57
H141 COA Q . 15.96 25.50 11.75
H142 COA Q . 14.87 25.32 13.09
H143 COA Q . 15.98 24.03 12.69
H10 COA Q . 15.73 27.32 14.55
HO1 COA Q . 17.13 28.25 15.53
N1A COA R . -33.85 -23.03 -2.19
C2A COA R . -34.83 -22.14 -1.99
N3A COA R . -34.75 -20.88 -1.57
C4A COA R . -33.47 -20.52 -1.37
C5A COA R . -32.36 -21.33 -1.48
C6A COA R . -32.57 -22.64 -1.95
N6A COA R . -31.59 -23.50 -2.24
N7A COA R . -31.20 -20.63 -1.20
C8A COA R . -31.63 -19.42 -0.95
N9A COA R . -32.99 -19.27 -1.06
C1B COA R . -33.75 -18.05 -0.78
C2B COA R . -33.63 -17.60 0.68
O2B COA R . -34.73 -18.08 1.42
C3B COA R . -33.69 -16.07 0.54
O3B COA R . -35.05 -15.60 0.62
P3B COA R . -35.51 -14.44 1.64
O7A COA R . -34.66 -13.23 1.41
O8A COA R . -37.00 -14.19 1.36
O9A COA R . -35.34 -15.00 3.05
C4B COA R . -33.18 -15.78 -0.87
O4B COA R . -33.22 -17.02 -1.59
C5B COA R . -31.78 -15.21 -0.93
O5B COA R . -30.83 -16.24 -0.61
P1A COA R . -29.29 -16.05 -1.11
O1A COA R . -28.48 -15.26 -0.15
O2A COA R . -29.33 -15.33 -2.45
O3A COA R . -28.60 -17.47 -1.35
P2A COA R . -27.54 -18.04 -2.40
O4A COA R . -27.78 -17.45 -3.74
O5A COA R . -26.14 -17.64 -1.92
O6A COA R . -27.64 -19.67 -2.39
CBP COA R . -27.33 -21.87 -3.39
CCP COA R . -26.84 -20.42 -3.33
CDP COA R . -27.25 -22.54 -2.01
CEP COA R . -28.77 -21.91 -3.88
CAP COA R . -26.45 -22.67 -4.40
OAP COA R . -25.95 -21.84 -5.44
C9P COA R . -25.33 -23.47 -3.77
O9P COA R . -25.38 -24.70 -3.74
N8P COA R . -24.29 -22.78 -3.29
H2A COA R . -35.83 -22.49 -2.22
H61A COA R . -31.78 -24.44 -2.58
H62A COA R . -30.62 -23.24 -2.09
H8A COA R . -30.99 -18.60 -0.63
H1B COA R . -34.78 -18.22 -1.10
H2B COA R . -32.70 -17.91 1.15
HO2A COA R . -34.92 -19.00 1.12
H3B COA R . -33.11 -15.56 1.31
H4B COA R . -33.88 -15.14 -1.42
H51A COA R . -31.64 -14.44 -0.16
H52A COA R . -31.59 -14.71 -1.88
H121 COA R . -25.81 -20.35 -2.97
H122 COA R . -26.90 -19.92 -4.29
H131 COA R . -26.28 -22.40 -1.53
H132 COA R . -27.40 -23.62 -2.09
H133 COA R . -28.01 -22.19 -1.32
H141 COA R . -28.89 -21.52 -4.88
H142 COA R . -29.45 -21.34 -3.24
H143 COA R . -29.17 -22.93 -3.90
H10 COA R . -27.11 -23.32 -4.99
HO1 COA R . -25.18 -21.31 -5.09
ZN ZN S . -4.95 -50.94 -20.18
CL CL T . -4.66 -56.78 -9.94
ZN ZN U . -12.50 53.90 1.42
CL CL V . -2.24 58.09 3.03
ZN ZN W . -24.36 -32.72 37.32
CL CL X . -28.69 -40.34 29.98
ZN ZN Y . 41.84 30.23 -18.87
K K Z . -11.45 6.36 12.05
NA NA AA . -17.34 2.39 14.55
K K BA . 10.77 -6.70 -12.35
#